data_7VPD
#
_entry.id   7VPD
#
_cell.length_a   1.00
_cell.length_b   1.00
_cell.length_c   1.00
_cell.angle_alpha   90.00
_cell.angle_beta   90.00
_cell.angle_gamma   90.00
#
_symmetry.space_group_name_H-M   'P 1'
#
loop_
_entity.id
_entity.type
_entity.pdbx_description
1 polymer 'DNA-directed RNA polymerase subunit alpha'
2 polymer 'DNA-directed RNA polymerase subunit beta'
3 polymer "DNA-directed RNA polymerase subunit beta'"
4 polymer 'DNA-directed RNA polymerase subunit omega'
5 polymer 'RNA polymerase sigma factor SigA'
6 polymer 'Putative metal uptake regulation protein'
7 polymer 'DNA (84-MER)'
8 polymer 'DNA (84-MER)'
9 non-polymer 'MAGNESIUM ION'
10 non-polymer 'ZINC ION'
#
loop_
_entity_poly.entity_id
_entity_poly.type
_entity_poly.pdbx_seq_one_letter_code
_entity_poly.pdbx_strand_id
1 'polypeptide(L)'
;MLIAQRPSLTEEVVDEFRSRFVIEPLEPGFGYTLGNSLRRTLLSSIPGAAVTSIRIDGVLHEFTTVPGVKEDVTDLILNI
KQLVVSSEHDEPVVMYLRKQGPGLVTAADIAPPAGVEVHNPDLVLATLNGKGKLEMELTVERGRGYVSAVQNKQVGQEIG
RIPVDSIYSPVLKVTYKVEATRVEQRTDFDKLIVDVETKQAMRPRDAMASAGKTLVELFGLARELNIDAEGIDMGPSPTD
AALAADLALPIEELELTVRSYNCLKREGIHSVGELVARSEADLLDIRNFGAKSIDEVKAKLAGMGLALKDSPPGFDPTAA
ADAFGADDDADAGFVETEQY
;
A,B,S
2 'polypeptide(L)'
;MAASRNASTANTNNAASTAPLRISFAKIKEPLEVPNLLALQTESFDWLLGNDAWKARVESALESGQDVPTKSGLEEIFEE
ISPIEDFSGSMSLTFRDHRFEPPKNSIDECKDRDFTYAAPLFVTAEFTNNETGEIKSQTVFMGDFPLMTNKGTFVINGTE
RVVVSQLVRSPGVYFDSSIDKTSDKDIFSAKIIPSRGAWLEMEIDKRDMVGVRIDRKRKQSVTVLLKALGWTTEQILEEF
GEYESMRATLEKDHTQGQDDALLDIYRKLRPGEPPTREAAQTLLENLYFNPKRYDLAKVGRYKVNKKLGADEPLDAGVLT
TDDVIATIKYLVKLHAGETETVGESGREIVVETDDIDHFGNRRIRNVGELIQNQVRTGLARMERVVRERMTTQDVEAITP
QTLINIRPVVASIKEFFGTSQLSQFMDQNNPLSGLTHKRRLNALGPGGLSRERAGFEVRDVHPSHYGRMCPIETPEGPNI
GLIGSLASYGRINPFGFIETPYRKVVEGQVTDDVDYLTADEEDRFVIAQANAALGDDMRFAEARVLVRRRGGEVDYVPGD
DVDYMDVSPRQMVSVATAMIPFLEHDDANRALMGANMMRQAVPLIKSESPLVGTGMEYRSAADAGDVVKAEKAGVVQEVS
ADYITTTNDDGTYITYRLAKFSRSNQGTSVNQKVIVAEGDRIIEGQVLADGPATENGEMALGKNLLVAFMPWEGHNYEDA
IILSQRLVQDDVLSSIHIEEHEVDARDTKLGPEEITRDIPNVSEEVLADLDERGIIRIGAEVVAGDILVGKVTPKGETEL
TPEERLLRAIFGEKAREVRDTSLKVPHGEIGKVIGVRVFDREEGDELPPGVNQLVRVYVAQKRKITDGDKLAGRHGNKGV
ISKINPIEDMPFLEDGTPVDIILNPLAVPSRMNPGQVLEIHLGWLASRGWDVSGLAEEWAQRLQVIGADKVEPGTNVATP
VFDGAREDELAGLLQHTIPNRDGERMVLPSGKARLFDGRSGEPFPEPISVGYMYILKLHHLVDDKLHARSTGPYSMITQQ
PLGGKAQFGGQRFGEMEVWALEAYGAAYALQELLTIKSDDVTGRVKVYEAIVKGENIPEPGIPESFKVLIKEMQSLCLNV
EVLSSDGMSIEMRDTDEDVFRAAEELGIDLSRREPSSVEEV
;
C
3 'polypeptide(L)'
;MLDVNFFDELRIGLATADDIRQWSHGEVKKPETINYRTLKPEKDGLFCEKIFGPTRDWECYCGKYKRVRFKGIICERCGV
EVTRAKVRRERMGHIELAAPVTHIWYFKGVPSRLGYLLDLAPKDLEKVIYFAAYMITFVDEERRTRDLPSLEAHVSVERQ
QIEQRRDSDLEARAKKLETDLAELEAEGAKADVRRKVREGAEREMKQLRDRAQREIDRLDEVWNRFKNLKVQDLEGDELL
YRELRDRFGTYFDGSMGAAALQKRLESFDLDEEAERLREIIRTGKGQKKTRALKRLKVVSAFLQTSNSPKGMVLDCVPVI
PPDLRPMVQLDGGRFATSDLNDLYRRVINRNNRLKRLLDLGAPEIIVNNEKRMLQEAVDALFDNGRRGRPVTGPGNRPLK
SLSDMLKGKQGRFRQNLLGKRVDYSARSVIVVGPQLKLHQCGLPKAMALELFKPFVMKRLVDLNHAQNIKSAKRMVERGR
TVVYDVLEEVIAEHPVLLNRAPTLHRLGIQAFEPQLVEGKAIQIHPLVCTAFNADFDGDQMAVHLPLSAEAQAEARILML
SSNNILKPADGRPVTMPTQDMVLGLFFLTTDSEGRSPKGEGRAFGSSAEAIMAFDAGDLTLQAKIDIRFPVGTIPPRGFE
PPAREEGEPEWQQGDTFTLKTTLGRALFNELLPEDYPFVDYEVGKKQLSEIVNDLAERYPKVIVAATLDNLKAAGFFWAT
RSGVTVAISDIVVPDAKKEIVKGYEGQDEKVQKQYERGLITKEERTQELIAIWTKATNEVAEAMNDNFPKTNPVSMMVNS
GARGNMMQMRQIAGMRGLVSNAKNETIPRPIKASFREGLSVLEYFISTHGARKGLADTALRTADSGYLTRRLVDVSQDVI
IREEDCGTERGLKLPIATRDADGTLRKAEDVETSVYARMLAEDVVIDGKVIAPANVDLGDVLIDALVAHGVEEVKTRSIL
TCESQVGTCAMCYGRSLATGKLVDIGEAVGIIAAQSIGEPGTQLTMRTFHTGGVAGDDITQGLPRVVELFEARTPKGVAP
ISEASGRVRIEETEKTKKIVVTPDDGSDETAFPISKRARLLVGEGDHVEVGQKLTVGATNPHDVLRILGQRAVQVHLVGE
VQKVYNSQGVSIHDKHIEIIIRQMLRRVTIIESGDAELLPGELVERTKFETENRRVVQEGGHPASGRPQLMGITKASLAT
ESWLSAASFQETTRVLTDAAINAKSDSLIGLKENVIIGKLIPAGTGLSRYRNIRVEPTEEAKAAMYSAVGYDDIDYSPFG
TGSGQAVPLEDYDYGPYNQHHHHHHHH
;
D
4 'polypeptide(L)'
;MSSSISAPEGIINPPIDELLEATDSKYSLVIYAAKRARQINAYYSQLGEGLLEYVGPLVDTHVHEKPLSIALREINAGLL
TSEAIEGPAQ
;
E
5 'polypeptide(L)'
;MGSSHHHHHHSSGLVPRGSHMVSASTSRTLPPEIAESVSVMALIERGKAEGQIAGDDVRRAFEADQIPATQWKNVLRSLN
QILEEEGVTLMVSAAEPKRTRKSVAAKSPAKRTATKAVAAKPVTSRKATAPAAPAAPATEPAAVEEEAPAKKAAAKKTTA
KKATAKKTTAKKAAAKKTTAKKEDGELLEDEATEEPKAATEEPEGTENAGFVLSDEDEDDAPAQQVAAAGATADPVKDYL
KQIGKVPLLNAEQEVELAKRIEAGLFAEDKLANSDKLAPKLKRELEIIAEDGRRAKNHLLEANLRLVVSLAKRYTGRGML
FLDLIQEGNLGLIRAVEKFDYTKGYKFSTYATWWIRQAITRAMADQARTIRIPVHMVEVINKLARVQRQMLQDLGREPTP
EELAKELDMTPEKVIEVQKYGREPISLHTPLGEDGDSEFGDLIEDSEAVVPADAVSFTLLQEQLHSVLDTLSEREAGVVS
MRFGLTDGQPKTLDEIGKVYGVTRERIRQIESKTMSKLRHPSRSQVLRDYLD
;
F
6 'polypeptide(L)'
;MGSSHHHHHHSSGLVPRGSHMTTAGPPVKGRATRQRAAVSAALQEVEEFRSAQELHDMLKHKGDAVGLTTVYRTLQSLAD
AGEVDVLRTAEGESVYRRCSTGDHHHHLVCRACGKAVEVEGPAVEKWAEAIAAEHGYVNVAHTVEIFGTCADCAGASGG
;
M,N
7 'polydeoxyribonucleotide'
;(DC)(DA)(DA)(DG)(DG)(DC)(DA)(DC)(DA)(DT)(DG)(DA)(DC)(DA)(DA)(DC)(DG)(DG)(DT)(DG)
(DT)(DT)(DC)(DA)(DG)(DT)(DG)(DC)(DC)(DG)(DC)(DG)(DT)(DT)(DG)(DC)(DC)(DC)(DG)(DA)
(DT)(DA)(DC)(DC)(DC)(DC)(DC)(DT)(DA)(DC)(DC)(DC)(DG)(DT)(DA)(DG)(DT)(DT)(DG)(DA)
(DC)(DT)(DG)(DG)(DC)(DA)(DT)(DC)(DC)(DG)(DG)(DG)(DC)(DG)(DC)(DC)(DG)(DG)(DG)(DT)
(DC)(DG)(DC)(DC)
;
O
8 'polydeoxyribonucleotide'
;(DG)(DG)(DC)(DG)(DA)(DC)(DC)(DC)(DG)(DG)(DC)(DG)(DC)(DC)(DC)(DG)(DC)(DT)(DA)(DC)
(DG)(DG)(DA)(DG)(DT)(DC)(DA)(DA)(DC)(DT)(DA)(DC)(DG)(DG)(DG)(DT)(DA)(DG)(DG)(DG)
(DG)(DG)(DT)(DA)(DT)(DC)(DG)(DG)(DG)(DC)(DA)(DA)(DC)(DG)(DC)(DG)(DG)(DC)(DA)(DC)
(DT)(DG)(DA)(DA)(DC)(DA)(DC)(DC)(DG)(DT)(DT)(DG)(DT)(DC)(DA)(DT)(DG)(DT)(DG)(DC)
(DC)(DT)(DT)(DG)
;
P
#
loop_
_chem_comp.id
_chem_comp.type
_chem_comp.name
_chem_comp.formula
DA DNA linking 2'-DEOXYADENOSINE-5'-MONOPHOSPHATE 'C10 H14 N5 O6 P'
DC DNA linking 2'-DEOXYCYTIDINE-5'-MONOPHOSPHATE 'C9 H14 N3 O7 P'
DG DNA linking 2'-DEOXYGUANOSINE-5'-MONOPHOSPHATE 'C10 H14 N5 O7 P'
DT DNA linking THYMIDINE-5'-MONOPHOSPHATE 'C10 H15 N2 O8 P'
MG non-polymer 'MAGNESIUM ION' 'Mg 2'
ZN non-polymer 'ZINC ION' 'Zn 2'
#
# COMPACT_ATOMS: atom_id res chain seq x y z
N LEU A 2 55.64 24.74 22.47
CA LEU A 2 56.74 25.75 22.37
C LEU A 2 57.82 25.30 21.38
N ILE A 3 58.20 24.02 21.49
CA ILE A 3 59.21 23.49 20.59
C ILE A 3 58.64 23.41 19.18
N ALA A 4 59.48 23.78 18.20
CA ALA A 4 59.11 23.74 16.79
C ALA A 4 59.85 22.58 16.13
N GLN A 5 59.09 21.64 15.58
CA GLN A 5 59.64 20.51 14.86
C GLN A 5 58.72 20.19 13.69
N ARG A 6 59.25 20.29 12.47
CA ARG A 6 58.40 20.13 11.31
C ARG A 6 58.21 18.65 10.97
N PRO A 7 57.09 18.29 10.36
CA PRO A 7 56.87 16.87 10.02
C PRO A 7 57.89 16.38 9.01
N SER A 8 58.22 15.09 9.10
CA SER A 8 59.16 14.45 8.19
C SER A 8 58.69 13.02 7.91
N LEU A 9 58.68 12.65 6.63
CA LEU A 9 58.19 11.36 6.19
C LEU A 9 59.34 10.40 5.95
N THR A 10 59.18 9.15 6.40
CA THR A 10 60.13 8.09 6.11
C THR A 10 59.37 6.87 5.62
N GLU A 11 60.00 6.10 4.73
CA GLU A 11 59.33 5.01 4.02
C GLU A 11 60.04 3.70 4.29
N GLU A 12 59.27 2.61 4.24
CA GLU A 12 59.80 1.26 4.32
C GLU A 12 58.86 0.35 3.54
N VAL A 13 59.42 -0.73 2.99
CA VAL A 13 58.67 -1.68 2.17
C VAL A 13 58.59 -3.00 2.93
N VAL A 14 57.38 -3.55 3.06
CA VAL A 14 57.20 -4.86 3.66
C VAL A 14 56.89 -5.92 2.62
N ASP A 15 56.47 -5.52 1.42
CA ASP A 15 56.15 -6.46 0.35
C ASP A 15 56.20 -5.67 -0.94
N GLU A 16 56.34 -6.40 -2.06
CA GLU A 16 56.44 -5.75 -3.37
C GLU A 16 55.25 -4.83 -3.64
N PHE A 17 54.14 -4.99 -2.93
CA PHE A 17 53.00 -4.10 -3.08
C PHE A 17 52.40 -3.71 -1.72
N ARG A 18 53.22 -3.62 -0.67
CA ARG A 18 52.77 -3.10 0.61
C ARG A 18 53.93 -2.36 1.29
N SER A 19 53.61 -1.18 1.83
CA SER A 19 54.65 -0.32 2.40
C SER A 19 54.11 0.43 3.59
N ARG A 20 55.00 0.72 4.53
CA ARG A 20 54.70 1.48 5.74
C ARG A 20 55.42 2.83 5.69
N PHE A 21 54.66 3.89 5.95
CA PHE A 21 55.17 5.25 5.93
C PHE A 21 54.96 5.85 7.31
N VAL A 22 56.03 6.40 7.89
CA VAL A 22 56.00 6.92 9.26
C VAL A 22 56.22 8.41 9.22
N ILE A 23 55.50 9.12 10.08
CA ILE A 23 55.58 10.57 10.23
C ILE A 23 55.61 10.83 11.73
N GLU A 24 56.82 11.07 12.26
CA GLU A 24 57.00 11.08 13.71
C GLU A 24 56.62 12.39 14.41
N PRO A 25 56.95 13.60 13.90
CA PRO A 25 56.84 14.78 14.75
C PRO A 25 55.44 15.39 14.83
N LEU A 26 54.41 14.62 14.47
CA LEU A 26 53.05 15.16 14.49
C LEU A 26 52.64 15.59 15.90
N GLU A 27 51.75 16.59 15.95
CA GLU A 27 51.28 17.11 17.21
C GLU A 27 50.47 16.05 17.96
N PRO A 28 50.31 16.19 19.29
CA PRO A 28 49.52 15.21 20.02
C PRO A 28 48.08 15.19 19.55
N GLY A 29 47.48 14.00 19.54
CA GLY A 29 46.12 13.85 19.07
C GLY A 29 45.94 14.24 17.62
N PHE A 30 47.02 14.27 16.85
CA PHE A 30 46.99 14.71 15.45
C PHE A 30 47.22 13.56 14.48
N GLY A 31 47.82 12.46 14.93
CA GLY A 31 48.08 11.37 14.02
C GLY A 31 46.81 10.73 13.49
N TYR A 32 45.80 10.57 14.34
CA TYR A 32 44.60 9.84 13.94
C TYR A 32 43.87 10.57 12.83
N THR A 33 43.65 11.87 12.99
CA THR A 33 42.96 12.63 11.95
C THR A 33 43.74 12.64 10.66
N LEU A 34 45.05 12.81 10.73
CA LEU A 34 45.87 12.77 9.53
C LEU A 34 45.71 11.44 8.80
N GLY A 35 45.86 10.34 9.55
CA GLY A 35 45.74 9.04 8.93
C GLY A 35 44.37 8.83 8.31
N ASN A 36 43.33 9.31 8.98
CA ASN A 36 41.98 9.10 8.45
C ASN A 36 41.75 9.90 7.18
N SER A 37 42.18 11.15 7.14
CA SER A 37 42.02 11.95 5.94
C SER A 37 42.81 11.33 4.79
N LEU A 38 44.05 10.92 5.08
CA LEU A 38 44.87 10.29 4.06
C LEU A 38 44.25 9.00 3.54
N ARG A 39 43.68 8.20 4.45
CA ARG A 39 43.04 6.95 4.06
C ARG A 39 41.83 7.16 3.18
N ARG A 40 40.94 8.05 3.58
CA ARG A 40 39.70 8.23 2.82
C ARG A 40 40.00 8.69 1.41
N THR A 41 40.95 9.60 1.28
CA THR A 41 41.33 10.08 -0.04
C THR A 41 42.03 8.99 -0.82
N LEU A 42 42.98 8.31 -0.17
CA LEU A 42 43.70 7.26 -0.87
C LEU A 42 42.75 6.21 -1.42
N LEU A 43 41.69 5.88 -0.70
CA LEU A 43 40.68 4.98 -1.26
C LEU A 43 39.84 5.65 -2.32
N SER A 44 39.39 6.88 -2.08
CA SER A 44 38.39 7.48 -2.97
C SER A 44 38.95 7.77 -4.35
N SER A 45 39.95 8.64 -4.44
CA SER A 45 40.40 9.21 -5.72
C SER A 45 41.84 8.80 -5.98
N ILE A 46 42.01 7.79 -6.83
CA ILE A 46 43.31 7.48 -7.41
C ILE A 46 43.08 7.25 -8.90
N PRO A 47 43.89 7.80 -9.80
CA PRO A 47 43.76 7.42 -11.20
C PRO A 47 44.16 5.96 -11.40
N GLY A 48 43.36 5.26 -12.18
CA GLY A 48 43.61 3.85 -12.47
C GLY A 48 42.91 3.51 -13.77
N ALA A 49 43.02 2.24 -14.16
CA ALA A 49 42.44 1.78 -15.40
C ALA A 49 41.59 0.53 -15.15
N ALA A 50 40.50 0.43 -15.89
CA ALA A 50 39.58 -0.70 -15.71
C ALA A 50 38.78 -0.91 -16.98
N VAL A 51 38.19 -2.09 -17.09
CA VAL A 51 37.36 -2.44 -18.23
C VAL A 51 35.98 -1.82 -18.01
N THR A 52 35.47 -1.17 -19.05
CA THR A 52 34.20 -0.46 -18.96
C THR A 52 33.11 -1.01 -19.87
N SER A 53 33.42 -1.97 -20.72
CA SER A 53 32.44 -2.62 -21.58
C SER A 53 33.17 -3.70 -22.37
N ILE A 54 32.40 -4.64 -22.92
CA ILE A 54 32.97 -5.70 -23.73
C ILE A 54 32.03 -6.02 -24.89
N ARG A 55 32.46 -6.97 -25.73
CA ARG A 55 31.67 -7.43 -26.86
C ARG A 55 32.00 -8.89 -27.11
N ILE A 56 30.96 -9.68 -27.42
CA ILE A 56 31.12 -11.09 -27.73
C ILE A 56 30.44 -11.39 -29.05
N ASP A 57 31.10 -12.16 -29.89
CA ASP A 57 30.49 -12.64 -31.12
C ASP A 57 29.34 -13.59 -30.82
N GLY A 58 28.24 -13.41 -31.54
CA GLY A 58 27.10 -14.29 -31.39
C GLY A 58 26.35 -14.15 -30.09
N VAL A 59 26.54 -13.04 -29.37
CA VAL A 59 25.87 -12.79 -28.10
C VAL A 59 25.35 -11.36 -28.11
N LEU A 60 24.08 -11.19 -27.75
CA LEU A 60 23.42 -9.90 -27.78
C LEU A 60 23.12 -9.35 -26.39
N HIS A 61 23.57 -10.02 -25.33
CA HIS A 61 23.32 -9.55 -23.97
C HIS A 61 24.13 -10.41 -23.02
N GLU A 62 24.22 -9.96 -21.77
CA GLU A 62 25.06 -10.64 -20.79
C GLU A 62 24.41 -11.88 -20.20
N PHE A 63 23.11 -12.09 -20.43
CA PHE A 63 22.41 -13.18 -19.75
C PHE A 63 22.68 -14.54 -20.40
N THR A 64 22.85 -14.57 -21.72
CA THR A 64 23.01 -15.84 -22.41
C THR A 64 24.36 -16.46 -22.07
N THR A 65 24.64 -17.59 -22.72
CA THR A 65 25.87 -18.35 -22.50
C THR A 65 26.60 -18.53 -23.82
N VAL A 66 27.91 -18.36 -23.76
CA VAL A 66 28.79 -18.60 -24.91
C VAL A 66 28.99 -20.10 -25.02
N PRO A 67 28.65 -20.74 -26.14
CA PRO A 67 28.88 -22.19 -26.25
C PRO A 67 30.35 -22.52 -26.11
N GLY A 68 30.63 -23.60 -25.39
CA GLY A 68 31.97 -24.13 -25.24
C GLY A 68 32.65 -23.83 -23.93
N VAL A 69 32.13 -22.88 -23.14
CA VAL A 69 32.73 -22.49 -21.87
C VAL A 69 31.71 -22.75 -20.77
N LYS A 70 32.14 -23.43 -19.70
CA LYS A 70 31.21 -23.77 -18.62
C LYS A 70 30.67 -22.55 -17.92
N GLU A 71 31.40 -21.43 -17.96
CA GLU A 71 30.97 -20.22 -17.29
C GLU A 71 30.00 -19.41 -18.15
N ASP A 72 28.87 -19.03 -17.57
CA ASP A 72 27.92 -18.19 -18.29
C ASP A 72 28.47 -16.79 -18.42
N VAL A 73 28.00 -16.05 -19.44
CA VAL A 73 28.53 -14.71 -19.66
C VAL A 73 28.53 -13.85 -18.38
N THR A 74 27.51 -13.96 -17.54
CA THR A 74 27.50 -13.12 -16.35
C THR A 74 28.67 -13.43 -15.43
N ASP A 75 29.02 -14.71 -15.29
CA ASP A 75 30.20 -15.04 -14.50
C ASP A 75 31.45 -14.49 -15.16
N LEU A 76 31.50 -14.44 -16.50
CA LEU A 76 32.62 -13.82 -17.17
C LEU A 76 32.68 -12.33 -16.88
N ILE A 77 31.53 -11.66 -16.81
CA ILE A 77 31.51 -10.27 -16.40
C ILE A 77 32.07 -10.13 -15.00
N LEU A 78 31.65 -11.02 -14.09
CA LEU A 78 32.16 -10.95 -12.72
C LEU A 78 33.67 -11.10 -12.69
N ASN A 79 34.20 -12.06 -13.43
CA ASN A 79 35.62 -12.32 -13.35
C ASN A 79 36.42 -11.21 -14.03
N ILE A 80 35.89 -10.66 -15.13
CA ILE A 80 36.55 -9.54 -15.78
C ILE A 80 36.54 -8.32 -14.87
N LYS A 81 35.47 -8.13 -14.09
CA LYS A 81 35.35 -6.95 -13.26
C LYS A 81 36.51 -6.82 -12.29
N GLN A 82 37.05 -7.95 -11.83
CA GLN A 82 38.21 -7.95 -10.93
C GLN A 82 39.52 -8.02 -11.69
N LEU A 83 39.48 -8.05 -13.01
CA LEU A 83 40.69 -7.84 -13.80
C LEU A 83 41.25 -6.45 -13.50
N VAL A 84 42.57 -6.37 -13.40
CA VAL A 84 43.26 -5.11 -13.11
C VAL A 84 44.18 -4.76 -14.28
N VAL A 85 44.04 -3.55 -14.79
CA VAL A 85 44.80 -3.08 -15.94
C VAL A 85 45.40 -1.72 -15.62
N SER A 86 46.41 -1.34 -16.39
CA SER A 86 46.98 0.00 -16.35
C SER A 86 46.98 0.55 -17.76
N SER A 87 46.34 1.70 -17.94
CA SER A 87 46.17 2.32 -19.25
C SER A 87 46.74 3.73 -19.22
N GLU A 88 47.68 4.00 -20.12
CA GLU A 88 48.28 5.32 -20.25
C GLU A 88 47.50 6.25 -21.16
N HIS A 89 46.70 5.71 -22.08
CA HIS A 89 45.95 6.50 -23.04
C HIS A 89 44.71 7.04 -22.36
N ASP A 90 44.51 8.36 -22.42
CA ASP A 90 43.34 8.97 -21.82
C ASP A 90 42.04 8.54 -22.48
N GLU A 91 42.10 8.07 -23.73
CA GLU A 91 40.92 7.66 -24.46
C GLU A 91 40.74 6.14 -24.37
N PRO A 92 39.52 5.64 -24.61
CA PRO A 92 39.30 4.19 -24.52
C PRO A 92 40.19 3.42 -25.49
N VAL A 93 40.63 2.25 -25.06
CA VAL A 93 41.53 1.40 -25.83
C VAL A 93 40.91 0.02 -25.93
N VAL A 94 40.89 -0.54 -27.12
CA VAL A 94 40.29 -1.84 -27.37
C VAL A 94 41.32 -2.93 -27.10
N MET A 95 40.83 -4.08 -26.64
CA MET A 95 41.65 -5.26 -26.39
C MET A 95 40.90 -6.48 -26.92
N TYR A 96 41.66 -7.43 -27.47
CA TYR A 96 41.09 -8.59 -28.14
C TYR A 96 41.56 -9.86 -27.45
N LEU A 97 40.60 -10.70 -27.06
CA LEU A 97 40.86 -11.99 -26.44
C LEU A 97 40.33 -13.08 -27.37
N ARG A 98 41.15 -14.09 -27.62
CA ARG A 98 40.83 -15.13 -28.59
C ARG A 98 41.40 -16.45 -28.11
N LYS A 99 40.56 -17.48 -28.03
CA LYS A 99 41.02 -18.79 -27.60
C LYS A 99 40.23 -19.89 -28.31
N GLN A 100 40.95 -20.90 -28.75
CA GLN A 100 40.41 -22.10 -29.38
C GLN A 100 40.93 -23.33 -28.66
N GLY A 101 40.15 -24.41 -28.72
CA GLY A 101 40.55 -25.67 -28.17
C GLY A 101 40.30 -25.74 -26.67
N PRO A 102 40.68 -26.85 -26.06
CA PRO A 102 40.44 -27.01 -24.62
C PRO A 102 41.54 -26.36 -23.80
N GLY A 103 41.19 -25.69 -22.70
CA GLY A 103 42.21 -25.11 -21.85
C GLY A 103 41.65 -24.04 -20.95
N LEU A 104 42.55 -23.43 -20.18
CA LEU A 104 42.20 -22.40 -19.23
C LEU A 104 42.48 -21.04 -19.86
N VAL A 105 41.44 -20.30 -20.26
CA VAL A 105 41.69 -18.96 -20.77
C VAL A 105 42.05 -18.07 -19.60
N THR A 106 43.16 -17.36 -19.70
CA THR A 106 43.62 -16.54 -18.58
C THR A 106 43.89 -15.12 -19.02
N ALA A 107 43.86 -14.19 -18.07
CA ALA A 107 44.17 -12.81 -18.38
C ALA A 107 45.53 -12.72 -19.07
N ALA A 108 46.41 -13.67 -18.78
CA ALA A 108 47.73 -13.67 -19.37
C ALA A 108 47.67 -13.68 -20.90
N ASP A 109 46.71 -14.41 -21.45
CA ASP A 109 46.59 -14.53 -22.90
C ASP A 109 46.11 -13.23 -23.53
N ILE A 110 45.33 -12.42 -22.81
CA ILE A 110 44.71 -11.23 -23.38
C ILE A 110 45.75 -10.38 -24.10
N ALA A 111 45.44 -10.01 -25.33
CA ALA A 111 46.38 -9.27 -26.17
C ALA A 111 46.53 -7.85 -25.62
N PRO A 112 47.73 -7.42 -25.22
CA PRO A 112 47.89 -6.05 -24.74
C PRO A 112 48.24 -5.11 -25.88
N PRO A 113 47.46 -4.05 -26.11
CA PRO A 113 47.93 -2.98 -26.99
C PRO A 113 49.09 -2.23 -26.37
N ALA A 114 49.90 -1.61 -27.22
CA ALA A 114 51.05 -0.84 -26.77
C ALA A 114 50.61 0.27 -25.82
N GLY A 115 51.03 0.18 -24.56
CA GLY A 115 50.72 1.18 -23.57
C GLY A 115 49.63 0.78 -22.59
N VAL A 116 48.94 -0.33 -22.81
CA VAL A 116 47.96 -0.87 -21.89
C VAL A 116 48.46 -2.22 -21.42
N GLU A 117 48.62 -2.39 -20.10
CA GLU A 117 49.27 -3.56 -19.53
C GLU A 117 48.38 -4.21 -18.50
N VAL A 118 48.19 -5.52 -18.61
CA VAL A 118 47.55 -6.30 -17.57
C VAL A 118 48.59 -6.69 -16.54
N HIS A 119 48.18 -6.75 -15.28
CA HIS A 119 49.11 -6.96 -14.17
C HIS A 119 48.84 -8.21 -13.36
N ASN A 120 47.79 -8.97 -13.68
CA ASN A 120 47.47 -10.22 -12.98
C ASN A 120 47.30 -11.32 -14.01
N PRO A 121 48.37 -11.68 -14.71
CA PRO A 121 48.26 -12.74 -15.72
C PRO A 121 47.83 -14.08 -15.14
N ASP A 122 48.16 -14.36 -13.89
CA ASP A 122 47.80 -15.64 -13.29
C ASP A 122 46.30 -15.82 -13.15
N LEU A 123 45.53 -14.74 -13.12
CA LEU A 123 44.09 -14.86 -12.95
C LEU A 123 43.48 -15.62 -14.12
N VAL A 124 42.54 -16.52 -13.81
CA VAL A 124 41.88 -17.33 -14.82
C VAL A 124 40.53 -16.70 -15.14
N LEU A 125 40.22 -16.60 -16.43
CA LEU A 125 38.95 -16.05 -16.88
C LEU A 125 37.88 -17.12 -17.01
N ALA A 126 38.19 -18.23 -17.67
CA ALA A 126 37.20 -19.28 -17.87
C ALA A 126 37.91 -20.54 -18.35
N THR A 127 37.12 -21.55 -18.69
CA THR A 127 37.64 -22.82 -19.17
C THR A 127 36.90 -23.21 -20.45
N LEU A 128 37.66 -23.64 -21.44
CA LEU A 128 37.11 -24.06 -22.73
C LEU A 128 37.28 -25.56 -22.89
N ASN A 129 36.28 -26.18 -23.52
CA ASN A 129 36.38 -27.56 -23.94
C ASN A 129 37.08 -27.64 -25.30
N GLY A 130 37.23 -28.85 -25.82
CA GLY A 130 37.87 -29.01 -27.12
C GLY A 130 37.12 -28.32 -28.24
N LYS A 131 35.79 -28.33 -28.16
CA LYS A 131 34.95 -27.75 -29.21
C LYS A 131 34.73 -26.25 -29.02
N GLY A 132 35.05 -25.70 -27.86
CA GLY A 132 34.70 -24.33 -27.57
C GLY A 132 35.50 -23.30 -28.33
N LYS A 133 35.05 -22.05 -28.20
CA LYS A 133 35.60 -20.91 -28.93
C LYS A 133 35.25 -19.69 -28.10
N LEU A 134 36.27 -18.92 -27.68
CA LEU A 134 36.05 -17.65 -27.00
C LEU A 134 36.66 -16.53 -27.83
N GLU A 135 35.85 -15.50 -28.11
CA GLU A 135 36.29 -14.34 -28.89
C GLU A 135 35.63 -13.11 -28.30
N MET A 136 36.43 -12.22 -27.72
CA MET A 136 35.93 -11.08 -26.96
C MET A 136 36.65 -9.81 -27.38
N GLU A 137 35.89 -8.72 -27.41
CA GLU A 137 36.42 -7.37 -27.46
C GLU A 137 36.12 -6.68 -26.13
N LEU A 138 37.13 -6.03 -25.55
CA LEU A 138 36.96 -5.27 -24.32
C LEU A 138 37.42 -3.84 -24.53
N THR A 139 36.76 -2.92 -23.84
CA THR A 139 37.14 -1.51 -23.84
C THR A 139 37.72 -1.18 -22.47
N VAL A 140 38.99 -0.77 -22.47
CA VAL A 140 39.70 -0.38 -21.25
C VAL A 140 39.73 1.13 -21.23
N GLU A 141 39.37 1.71 -20.09
CA GLU A 141 39.37 3.15 -19.89
C GLU A 141 40.19 3.46 -18.64
N ARG A 142 40.40 4.75 -18.40
CA ARG A 142 41.07 5.22 -17.19
C ARG A 142 40.18 6.21 -16.47
N GLY A 143 40.13 6.09 -15.16
CA GLY A 143 39.30 6.96 -14.35
C GLY A 143 39.62 6.76 -12.88
N ARG A 144 38.67 7.18 -12.04
CA ARG A 144 38.82 7.04 -10.60
C ARG A 144 37.47 6.74 -9.98
N GLY A 145 37.51 6.12 -8.81
CA GLY A 145 36.29 5.74 -8.12
C GLY A 145 35.63 4.54 -8.78
N TYR A 146 34.30 4.47 -8.68
CA TYR A 146 33.51 3.41 -9.27
C TYR A 146 32.42 4.04 -10.10
N VAL A 147 32.13 3.45 -11.26
CA VAL A 147 31.05 3.89 -12.13
C VAL A 147 30.23 2.68 -12.53
N SER A 148 28.93 2.73 -12.28
CA SER A 148 28.06 1.60 -12.56
C SER A 148 27.87 1.43 -14.07
N ALA A 149 27.46 0.23 -14.45
CA ALA A 149 27.26 -0.06 -15.87
C ALA A 149 26.21 0.84 -16.49
N VAL A 150 25.25 1.33 -15.70
CA VAL A 150 24.13 2.08 -16.27
C VAL A 150 24.62 3.33 -16.97
N GLN A 151 25.58 4.04 -16.38
CA GLN A 151 26.10 5.26 -16.97
C GLN A 151 27.20 5.01 -18.00
N ASN A 152 27.82 3.83 -18.00
CA ASN A 152 28.81 3.52 -19.02
C ASN A 152 28.19 3.28 -20.39
N LYS A 153 26.91 2.89 -20.45
CA LYS A 153 26.27 2.62 -21.73
C LYS A 153 26.17 3.94 -22.50
N GLN A 154 26.72 3.95 -23.71
CA GLN A 154 26.66 5.12 -24.58
C GLN A 154 26.38 4.78 -26.04
N VAL A 155 26.50 3.51 -26.45
CA VAL A 155 26.24 3.09 -27.82
C VAL A 155 24.98 2.24 -27.81
N GLY A 156 24.00 2.63 -28.61
CA GLY A 156 22.72 1.95 -28.64
C GLY A 156 22.57 1.03 -29.83
N GLN A 157 23.00 1.51 -31.00
CA GLN A 157 22.89 0.71 -32.21
C GLN A 157 23.71 -0.58 -32.10
N GLU A 158 24.87 -0.51 -31.45
CA GLU A 158 25.75 -1.68 -31.29
C GLU A 158 25.13 -2.59 -30.24
N ILE A 159 24.27 -3.50 -30.71
CA ILE A 159 23.59 -4.41 -29.79
C ILE A 159 24.59 -5.39 -29.20
N GLY A 160 25.61 -5.79 -29.97
CA GLY A 160 26.57 -6.76 -29.47
C GLY A 160 27.32 -6.27 -28.26
N ARG A 161 27.61 -4.97 -28.19
CA ARG A 161 28.31 -4.42 -27.04
C ARG A 161 27.47 -4.57 -25.78
N ILE A 162 28.14 -4.87 -24.67
CA ILE A 162 27.51 -5.00 -23.37
C ILE A 162 28.34 -4.25 -22.33
N PRO A 163 27.76 -3.34 -21.54
CA PRO A 163 28.55 -2.62 -20.56
C PRO A 163 28.74 -3.43 -19.28
N VAL A 164 29.76 -3.02 -18.52
CA VAL A 164 30.03 -3.59 -17.20
C VAL A 164 30.43 -2.45 -16.29
N ASP A 165 29.97 -2.49 -15.04
CA ASP A 165 30.46 -1.52 -14.08
C ASP A 165 31.94 -1.73 -13.85
N SER A 166 32.65 -0.66 -13.52
CA SER A 166 34.10 -0.68 -13.48
C SER A 166 34.61 -0.09 -12.17
N ILE A 167 35.66 -0.71 -11.66
CA ILE A 167 36.32 -0.29 -10.43
C ILE A 167 37.74 0.15 -10.81
N TYR A 168 38.00 1.45 -10.72
CA TYR A 168 39.30 2.00 -11.12
C TYR A 168 40.34 1.97 -10.01
N SER A 169 39.93 2.18 -8.76
CA SER A 169 40.88 2.39 -7.68
C SER A 169 41.79 1.18 -7.52
N PRO A 170 43.12 1.32 -7.54
CA PRO A 170 44.01 0.17 -7.40
C PRO A 170 44.49 -0.10 -5.98
N VAL A 171 43.99 0.60 -4.98
CA VAL A 171 44.40 0.41 -3.60
C VAL A 171 43.47 -0.60 -2.94
N LEU A 172 44.05 -1.49 -2.13
CA LEU A 172 43.31 -2.58 -1.52
C LEU A 172 42.88 -2.23 -0.09
N LYS A 173 43.84 -1.84 0.76
CA LYS A 173 43.46 -1.34 2.07
C LYS A 173 44.59 -0.52 2.66
N VAL A 174 44.25 0.20 3.72
CA VAL A 174 45.12 1.14 4.40
C VAL A 174 44.87 1.02 5.89
N THR A 175 45.91 1.19 6.69
CA THR A 175 45.79 1.06 8.13
C THR A 175 46.73 2.03 8.82
N TYR A 176 46.18 2.92 9.65
CA TYR A 176 47.00 3.90 10.34
C TYR A 176 46.99 3.64 11.83
N LYS A 177 48.16 3.76 12.44
CA LYS A 177 48.34 3.58 13.87
C LYS A 177 49.13 4.77 14.40
N VAL A 178 49.11 4.94 15.71
CA VAL A 178 49.85 6.01 16.36
C VAL A 178 50.53 5.44 17.60
N GLU A 179 51.51 6.19 18.10
CA GLU A 179 52.25 5.83 19.30
C GLU A 179 52.65 7.12 20.00
N ALA A 180 53.61 7.04 20.92
CA ALA A 180 54.11 8.20 21.65
C ALA A 180 55.60 8.36 21.37
N THR A 181 56.04 9.60 21.18
CA THR A 181 57.44 9.89 20.95
C THR A 181 58.25 9.81 22.23
N ARG A 182 59.52 9.45 22.09
CA ARG A 182 60.42 9.35 23.23
C ARG A 182 60.79 10.71 23.81
N VAL A 183 60.66 11.78 23.01
CA VAL A 183 61.12 13.10 23.45
C VAL A 183 60.30 13.55 24.66
N GLU A 184 60.98 14.16 25.62
CA GLU A 184 60.45 14.32 26.97
C GLU A 184 59.76 15.68 27.13
N GLN A 185 58.48 15.73 26.79
CA GLN A 185 57.62 16.85 27.16
C GLN A 185 56.22 16.31 27.45
N ARG A 186 55.40 17.17 28.05
CA ARG A 186 54.04 16.77 28.42
C ARG A 186 53.16 16.56 27.20
N THR A 187 53.47 17.24 26.09
CA THR A 187 52.63 17.15 24.90
C THR A 187 52.59 15.73 24.37
N ASP A 188 53.72 15.02 24.41
CA ASP A 188 53.80 13.63 23.97
C ASP A 188 53.38 13.50 22.49
N PHE A 189 54.20 14.10 21.64
CA PHE A 189 53.96 14.03 20.20
C PHE A 189 53.88 12.58 19.75
N ASP A 190 52.92 12.30 18.87
CA ASP A 190 52.67 10.96 18.37
C ASP A 190 53.27 10.77 16.98
N LYS A 191 53.55 9.51 16.65
CA LYS A 191 54.21 9.13 15.41
C LYS A 191 53.25 8.31 14.55
N LEU A 192 52.61 8.97 13.59
CA LEU A 192 51.66 8.27 12.71
C LEU A 192 52.42 7.26 11.87
N ILE A 193 51.80 6.10 11.65
CA ILE A 193 52.37 5.07 10.79
C ILE A 193 51.24 4.49 9.95
N VAL A 194 51.31 4.70 8.65
CA VAL A 194 50.26 4.28 7.72
C VAL A 194 50.84 3.18 6.84
N ASP A 195 50.19 2.03 6.84
CA ASP A 195 50.55 0.89 6.01
C ASP A 195 49.54 0.84 4.88
N VAL A 196 50.03 0.85 3.64
CA VAL A 196 49.20 0.81 2.45
C VAL A 196 49.53 -0.47 1.70
N GLU A 197 48.49 -1.20 1.30
CA GLU A 197 48.68 -2.40 0.50
C GLU A 197 47.91 -2.11 -0.77
N THR A 198 48.51 -2.32 -1.93
CA THR A 198 47.86 -1.97 -3.18
C THR A 198 47.83 -3.11 -4.18
N LYS A 199 46.91 -3.05 -5.13
CA LYS A 199 46.87 -4.07 -6.17
C LYS A 199 48.10 -3.96 -7.04
N GLN A 200 48.28 -4.89 -7.96
CA GLN A 200 49.51 -4.90 -8.75
C GLN A 200 49.56 -3.77 -9.77
N ALA A 201 48.55 -2.90 -9.81
CA ALA A 201 48.54 -1.83 -10.81
C ALA A 201 49.70 -0.87 -10.62
N MET A 202 49.86 -0.35 -9.40
CA MET A 202 50.87 0.67 -9.14
C MET A 202 51.46 0.49 -7.75
N ARG A 203 52.70 0.97 -7.60
CA ARG A 203 53.37 0.94 -6.32
C ARG A 203 52.63 1.85 -5.32
N PRO A 204 52.60 1.48 -4.04
CA PRO A 204 51.95 2.37 -3.06
C PRO A 204 52.59 3.75 -2.97
N ARG A 205 53.88 3.86 -3.27
CA ARG A 205 54.54 5.16 -3.20
C ARG A 205 53.83 6.17 -4.09
N ASP A 206 53.64 5.82 -5.36
CA ASP A 206 52.95 6.71 -6.28
C ASP A 206 51.48 6.90 -5.91
N ALA A 207 50.86 5.86 -5.34
CA ALA A 207 49.47 5.99 -4.92
C ALA A 207 49.32 7.09 -3.88
N MET A 208 50.12 7.03 -2.81
CA MET A 208 50.01 8.09 -1.82
C MET A 208 50.58 9.38 -2.33
N ALA A 209 51.46 9.35 -3.32
CA ALA A 209 51.90 10.59 -3.95
C ALA A 209 50.72 11.31 -4.59
N SER A 210 49.89 10.57 -5.32
CA SER A 210 48.70 11.16 -5.90
C SER A 210 47.72 11.61 -4.81
N ALA A 211 47.62 10.84 -3.72
CA ALA A 211 46.77 11.26 -2.62
C ALA A 211 47.23 12.59 -2.04
N GLY A 212 48.54 12.71 -1.81
CA GLY A 212 49.09 13.96 -1.33
C GLY A 212 48.88 15.10 -2.31
N LYS A 213 48.99 14.83 -3.60
CA LYS A 213 48.71 15.86 -4.60
C LYS A 213 47.27 16.36 -4.44
N THR A 214 46.33 15.44 -4.35
CA THR A 214 44.93 15.84 -4.22
C THR A 214 44.72 16.67 -2.97
N LEU A 215 45.22 16.18 -1.83
CA LEU A 215 44.98 16.88 -0.57
C LEU A 215 45.66 18.24 -0.54
N VAL A 216 46.90 18.32 -1.03
CA VAL A 216 47.61 19.59 -0.99
C VAL A 216 46.96 20.59 -1.92
N GLU A 217 46.42 20.13 -3.06
CA GLU A 217 45.71 21.07 -3.93
C GLU A 217 44.45 21.58 -3.25
N LEU A 218 43.71 20.68 -2.60
CA LEU A 218 42.52 21.11 -1.85
C LEU A 218 42.86 22.18 -0.82
N PHE A 219 43.87 21.92 0.00
CA PHE A 219 44.16 22.86 1.08
C PHE A 219 44.86 24.11 0.56
N GLY A 220 45.54 24.03 -0.58
CA GLY A 220 46.04 25.23 -1.21
C GLY A 220 44.91 26.11 -1.72
N LEU A 221 43.86 25.50 -2.28
CA LEU A 221 42.66 26.24 -2.63
C LEU A 221 42.08 26.91 -1.40
N ALA A 222 42.06 26.17 -0.28
CA ALA A 222 41.53 26.74 0.96
C ALA A 222 42.35 27.95 1.40
N ARG A 223 43.67 27.82 1.41
CA ARG A 223 44.53 28.86 1.98
C ARG A 223 44.61 30.08 1.07
N GLU A 224 44.85 29.88 -0.22
CA GLU A 224 45.14 30.99 -1.11
C GLU A 224 43.97 31.94 -1.23
N LEU A 225 42.75 31.41 -1.30
CA LEU A 225 41.57 32.25 -1.48
C LEU A 225 41.35 33.22 -0.34
N ASN A 226 41.93 32.97 0.83
CA ASN A 226 41.89 33.89 1.95
C ASN A 226 43.13 34.76 1.96
N ILE A 227 42.99 35.94 2.56
CA ILE A 227 44.08 36.92 2.59
C ILE A 227 44.46 37.31 1.17
N MET B 1 37.51 13.70 -15.94
CA MET B 1 38.49 13.47 -14.84
C MET B 1 38.63 14.70 -13.95
N LEU B 2 38.50 15.88 -14.56
CA LEU B 2 38.52 17.11 -13.79
C LEU B 2 37.32 17.18 -12.86
N ILE B 3 37.53 17.80 -11.70
CA ILE B 3 36.42 18.03 -10.78
C ILE B 3 35.38 18.90 -11.47
N ALA B 4 34.11 18.51 -11.34
CA ALA B 4 33.06 19.16 -12.11
C ALA B 4 32.95 20.64 -11.77
N GLN B 5 33.01 20.98 -10.49
CA GLN B 5 32.95 22.36 -10.03
C GLN B 5 34.04 22.58 -9.00
N ARG B 6 34.97 23.47 -9.31
CA ARG B 6 36.07 23.74 -8.39
C ARG B 6 35.54 24.38 -7.12
N PRO B 7 36.07 24.04 -5.95
CA PRO B 7 35.62 24.69 -4.72
C PRO B 7 36.08 26.15 -4.69
N SER B 8 35.57 26.88 -3.70
CA SER B 8 36.04 28.24 -3.45
C SER B 8 35.61 28.63 -2.03
N LEU B 9 36.59 28.76 -1.15
CA LEU B 9 36.30 29.17 0.22
C LEU B 9 35.62 30.54 0.22
N THR B 10 34.55 30.65 1.02
CA THR B 10 33.88 31.93 1.20
C THR B 10 33.60 32.15 2.67
N GLU B 11 33.44 33.42 3.04
CA GLU B 11 33.35 33.85 4.43
C GLU B 11 31.98 34.47 4.71
N GLU B 12 31.52 34.31 5.95
CA GLU B 12 30.31 34.95 6.45
C GLU B 12 30.59 35.40 7.87
N VAL B 13 30.49 36.70 8.11
CA VAL B 13 30.85 37.30 9.38
C VAL B 13 29.59 37.66 10.14
N VAL B 14 29.51 37.25 11.40
CA VAL B 14 28.46 37.68 12.31
C VAL B 14 29.01 38.52 13.45
N ASP B 15 30.30 38.40 13.77
CA ASP B 15 30.95 39.21 14.78
C ASP B 15 32.42 39.31 14.45
N GLU B 16 33.11 40.25 15.10
CA GLU B 16 34.52 40.47 14.83
C GLU B 16 35.39 39.32 15.33
N PHE B 17 34.83 38.37 16.07
CA PHE B 17 35.56 37.20 16.54
C PHE B 17 34.92 35.88 16.10
N ARG B 18 33.61 35.82 15.95
CA ARG B 18 32.93 34.64 15.45
C ARG B 18 32.82 34.73 13.93
N SER B 19 33.08 33.62 13.25
CA SER B 19 32.98 33.61 11.80
C SER B 19 32.52 32.24 11.33
N ARG B 20 31.96 32.22 10.12
CA ARG B 20 31.56 30.99 9.46
C ARG B 20 32.21 30.97 8.08
N PHE B 21 32.61 29.80 7.63
CA PHE B 21 33.21 29.63 6.31
C PHE B 21 32.48 28.52 5.59
N VAL B 22 32.21 28.73 4.31
CA VAL B 22 31.50 27.76 3.48
C VAL B 22 32.42 27.35 2.34
N ILE B 23 32.42 26.06 2.05
CA ILE B 23 33.12 25.51 0.90
C ILE B 23 32.09 25.10 -0.13
N GLU B 24 32.24 25.61 -1.35
CA GLU B 24 31.26 25.35 -2.41
C GLU B 24 31.25 23.87 -2.74
N PRO B 25 30.32 23.40 -3.62
CA PRO B 25 30.32 21.99 -4.02
C PRO B 25 31.68 21.35 -4.22
N LEU B 26 31.83 20.17 -3.62
CA LEU B 26 33.09 19.43 -3.56
C LEU B 26 32.82 18.00 -4.02
N GLU B 27 33.90 17.29 -4.33
CA GLU B 27 33.75 15.92 -4.81
C GLU B 27 33.06 15.09 -3.73
N PRO B 28 32.25 14.09 -4.11
CA PRO B 28 31.49 13.36 -3.11
C PRO B 28 32.40 12.61 -2.16
N GLY B 29 32.08 12.65 -0.87
CA GLY B 29 32.87 11.94 0.12
C GLY B 29 34.04 12.69 0.70
N PHE B 30 34.37 13.84 0.13
CA PHE B 30 35.52 14.60 0.61
C PHE B 30 35.17 15.61 1.69
N GLY B 31 33.89 15.73 2.02
CA GLY B 31 33.48 16.72 3.00
C GLY B 31 34.02 16.50 4.39
N TYR B 32 34.32 15.26 4.74
CA TYR B 32 34.75 14.96 6.11
C TYR B 32 36.26 15.01 6.23
N THR B 33 37.00 14.57 5.22
CA THR B 33 38.45 14.71 5.22
C THR B 33 38.85 16.14 5.54
N LEU B 34 38.46 17.06 4.65
CA LEU B 34 38.83 18.45 4.81
C LEU B 34 38.27 19.03 6.11
N GLY B 35 37.01 18.74 6.41
CA GLY B 35 36.39 19.35 7.58
C GLY B 35 37.07 18.95 8.88
N ASN B 36 37.32 17.66 9.07
CA ASN B 36 37.88 17.20 10.34
C ASN B 36 39.36 17.55 10.44
N SER B 37 40.10 17.47 9.33
CA SER B 37 41.49 17.89 9.38
C SER B 37 41.59 19.37 9.71
N LEU B 38 40.70 20.19 9.13
CA LEU B 38 40.68 21.61 9.48
C LEU B 38 40.39 21.78 10.96
N ARG B 39 39.36 21.11 11.48
CA ARG B 39 39.04 21.26 12.89
C ARG B 39 40.27 20.97 13.75
N ARG B 40 40.90 19.81 13.54
CA ARG B 40 42.00 19.43 14.40
C ARG B 40 43.18 20.39 14.29
N THR B 41 43.63 20.67 13.05
CA THR B 41 44.82 21.50 12.92
C THR B 41 44.55 22.94 13.36
N LEU B 42 43.45 23.53 12.89
CA LEU B 42 43.09 24.88 13.30
C LEU B 42 43.00 24.99 14.81
N LEU B 43 42.59 23.91 15.48
CA LEU B 43 42.57 23.94 16.94
C LEU B 43 43.95 23.80 17.53
N SER B 44 44.84 23.03 16.88
CA SER B 44 46.08 22.60 17.50
C SER B 44 47.32 23.30 16.96
N SER B 45 47.53 23.27 15.64
CA SER B 45 48.85 23.60 15.10
C SER B 45 49.24 25.05 15.32
N ILE B 46 48.27 25.96 15.32
CA ILE B 46 48.61 27.39 15.37
C ILE B 46 49.33 27.69 16.67
N PRO B 47 50.43 28.44 16.66
CA PRO B 47 51.11 28.78 17.91
C PRO B 47 50.53 30.04 18.56
N GLY B 48 50.86 30.22 19.82
CA GLY B 48 50.39 31.35 20.58
C GLY B 48 51.07 31.41 21.91
N ALA B 49 50.57 32.29 22.78
CA ALA B 49 51.14 32.47 24.11
C ALA B 49 50.03 32.52 25.15
N ALA B 50 50.29 31.90 26.29
CA ALA B 50 49.37 31.96 27.42
C ALA B 50 50.15 31.63 28.68
N VAL B 51 49.55 31.97 29.81
CA VAL B 51 50.26 31.84 31.08
C VAL B 51 50.55 30.37 31.37
N THR B 52 51.53 30.14 32.23
CA THR B 52 51.92 28.80 32.64
C THR B 52 52.08 28.63 34.13
N SER B 53 52.20 29.72 34.90
CA SER B 53 52.23 29.62 36.35
C SER B 53 51.89 30.99 36.92
N ILE B 54 51.35 30.98 38.14
CA ILE B 54 50.99 32.20 38.85
C ILE B 54 51.57 32.15 40.25
N ARG B 55 51.83 33.34 40.82
CA ARG B 55 52.44 33.47 42.14
C ARG B 55 51.78 34.63 42.84
N ILE B 56 51.19 34.37 44.00
CA ILE B 56 50.53 35.38 44.81
C ILE B 56 51.34 35.58 46.09
N ASP B 57 51.50 36.84 46.50
CA ASP B 57 52.29 37.15 47.67
C ASP B 57 51.65 36.58 48.93
N GLY B 58 52.47 36.04 49.82
CA GLY B 58 52.03 35.64 51.14
C GLY B 58 50.95 34.58 51.15
N VAL B 59 51.04 33.59 50.27
CA VAL B 59 50.14 32.44 50.28
C VAL B 59 50.95 31.18 50.01
N LEU B 60 50.43 30.06 50.50
CA LEU B 60 50.98 28.74 50.24
C LEU B 60 50.09 28.00 49.26
N HIS B 61 50.64 26.95 48.65
CA HIS B 61 49.88 26.16 47.70
C HIS B 61 48.66 25.52 48.38
N GLU B 62 48.85 24.99 49.59
CA GLU B 62 47.72 24.42 50.33
C GLU B 62 46.79 25.51 50.83
N PHE B 63 47.32 26.69 51.13
CA PHE B 63 46.53 27.81 51.63
C PHE B 63 45.81 28.45 50.45
N THR B 64 44.60 27.96 50.17
CA THR B 64 43.83 28.41 49.03
C THR B 64 43.27 29.82 49.20
N THR B 65 43.36 30.41 50.40
CA THR B 65 42.85 31.75 50.64
C THR B 65 43.93 32.78 50.37
N VAL B 66 43.50 33.97 49.97
CA VAL B 66 44.37 35.11 49.73
C VAL B 66 43.84 36.27 50.58
N PRO B 67 44.63 36.82 51.51
CA PRO B 67 44.12 37.95 52.30
C PRO B 67 43.89 39.19 51.44
N GLY B 68 42.96 40.03 51.87
CA GLY B 68 42.74 41.32 51.27
C GLY B 68 41.89 41.31 50.01
N VAL B 69 41.42 40.15 49.56
CA VAL B 69 40.63 40.04 48.35
C VAL B 69 39.35 39.27 48.68
N LYS B 70 38.21 39.81 48.24
CA LYS B 70 36.93 39.14 48.49
C LYS B 70 36.88 37.79 47.76
N GLU B 71 37.44 37.74 46.55
CA GLU B 71 37.40 36.52 45.76
C GLU B 71 38.45 35.52 46.26
N ASP B 72 38.27 34.26 45.89
CA ASP B 72 39.15 33.18 46.31
C ASP B 72 40.26 33.01 45.28
N VAL B 73 41.02 31.93 45.42
CA VAL B 73 42.12 31.65 44.49
C VAL B 73 41.62 31.02 43.20
N THR B 74 40.68 30.07 43.29
CA THR B 74 40.33 29.26 42.12
C THR B 74 39.71 30.09 41.00
N ASP B 75 38.78 30.98 41.33
CA ASP B 75 38.23 31.84 40.29
C ASP B 75 39.28 32.79 39.75
N LEU B 76 40.27 33.17 40.56
CA LEU B 76 41.38 33.96 40.04
C LEU B 76 42.16 33.17 39.00
N ILE B 77 42.40 31.88 39.27
CA ILE B 77 43.07 31.04 38.29
C ILE B 77 42.26 30.99 37.00
N LEU B 78 40.94 30.84 37.14
CA LEU B 78 40.08 30.85 35.97
C LEU B 78 40.24 32.14 35.17
N ASN B 79 40.14 33.28 35.85
CA ASN B 79 40.21 34.55 35.13
C ASN B 79 41.55 34.76 34.46
N ILE B 80 42.65 34.38 35.13
CA ILE B 80 43.96 34.58 34.51
C ILE B 80 44.11 33.68 33.29
N LYS B 81 43.68 32.41 33.37
CA LYS B 81 43.78 31.57 32.19
C LYS B 81 42.88 32.08 31.07
N GLN B 82 41.79 32.77 31.42
CA GLN B 82 40.94 33.37 30.39
C GLN B 82 41.74 34.43 29.63
N LEU B 83 42.52 35.23 30.35
CA LEU B 83 43.23 36.35 29.73
C LEU B 83 44.14 35.87 28.61
N VAL B 84 44.17 36.63 27.52
CA VAL B 84 44.96 36.30 26.34
C VAL B 84 46.18 37.20 26.31
N VAL B 85 47.33 36.64 25.95
CA VAL B 85 48.59 37.37 25.88
C VAL B 85 49.35 36.92 24.65
N SER B 86 49.96 37.88 23.95
CA SER B 86 50.86 37.61 22.84
C SER B 86 52.29 37.80 23.34
N SER B 87 53.08 36.72 23.28
CA SER B 87 54.47 36.78 23.67
C SER B 87 55.32 36.19 22.56
N GLU B 88 56.55 36.70 22.43
CA GLU B 88 57.46 36.28 21.38
C GLU B 88 58.88 36.09 21.89
N HIS B 89 59.09 36.08 23.20
CA HIS B 89 60.43 35.89 23.73
C HIS B 89 60.95 34.47 23.49
N ASP B 90 60.04 33.50 23.35
CA ASP B 90 60.38 32.09 23.17
C ASP B 90 61.03 31.48 24.41
N GLU B 91 61.00 32.18 25.53
CA GLU B 91 61.47 31.67 26.82
C GLU B 91 60.55 32.22 27.89
N PRO B 92 60.53 31.61 29.08
CA PRO B 92 59.63 32.10 30.13
C PRO B 92 59.88 33.57 30.44
N VAL B 93 58.79 34.32 30.61
CA VAL B 93 58.87 35.75 30.93
C VAL B 93 57.88 36.06 32.05
N VAL B 94 58.32 36.88 33.00
CA VAL B 94 57.55 37.14 34.21
C VAL B 94 56.92 38.53 34.12
N MET B 95 55.66 38.62 34.53
CA MET B 95 54.86 39.84 34.45
C MET B 95 54.33 40.12 35.85
N TYR B 96 54.52 41.36 36.30
CA TYR B 96 54.21 41.78 37.66
C TYR B 96 52.93 42.60 37.72
N LEU B 97 52.25 42.55 38.87
CA LEU B 97 51.02 43.30 39.09
C LEU B 97 50.93 43.60 40.58
N ARG B 98 51.13 44.85 40.95
CA ARG B 98 51.10 45.30 42.34
C ARG B 98 50.07 46.40 42.45
N LYS B 99 48.99 46.14 43.20
CA LYS B 99 47.94 47.13 43.43
C LYS B 99 47.45 47.02 44.85
N GLN B 100 47.22 48.18 45.48
CA GLN B 100 46.75 48.27 46.85
C GLN B 100 45.47 49.09 46.90
N GLY B 101 44.95 49.27 48.11
CA GLY B 101 43.71 49.98 48.32
C GLY B 101 42.50 49.24 47.78
N PRO B 102 41.31 49.55 48.27
CA PRO B 102 40.11 48.90 47.74
C PRO B 102 39.82 49.36 46.32
N GLY B 103 39.14 48.50 45.58
CA GLY B 103 38.76 48.83 44.22
C GLY B 103 38.64 47.56 43.39
N LEU B 104 38.89 47.73 42.08
CA LEU B 104 38.83 46.63 41.12
C LEU B 104 40.14 46.60 40.34
N VAL B 105 40.90 45.53 40.51
CA VAL B 105 42.12 45.32 39.75
C VAL B 105 41.76 44.59 38.48
N THR B 106 42.12 45.16 37.34
CA THR B 106 41.72 44.69 36.03
C THR B 106 42.95 44.49 35.15
N ALA B 107 42.71 43.92 33.96
CA ALA B 107 43.80 43.73 33.02
C ALA B 107 44.36 45.06 32.53
N ALA B 108 43.57 46.13 32.59
CA ALA B 108 44.08 47.45 32.23
C ALA B 108 45.20 47.88 33.16
N ASP B 109 45.06 47.65 34.46
CA ASP B 109 46.06 48.07 35.43
C ASP B 109 47.31 47.20 35.40
N ILE B 110 47.29 46.09 34.66
CA ILE B 110 48.46 45.25 34.55
C ILE B 110 49.56 46.03 33.83
N ALA B 111 50.80 45.91 34.35
CA ALA B 111 51.96 46.48 33.70
C ALA B 111 52.71 45.37 32.98
N PRO B 112 52.74 45.34 31.64
CA PRO B 112 53.43 44.26 30.95
C PRO B 112 54.90 44.60 30.74
N PRO B 113 55.79 43.59 30.70
CA PRO B 113 57.20 43.88 30.39
C PRO B 113 57.42 44.13 28.92
N ALA B 114 58.65 44.46 28.54
CA ALA B 114 58.94 44.77 27.15
C ALA B 114 58.71 43.56 26.26
N GLY B 115 58.07 43.79 25.11
CA GLY B 115 57.86 42.75 24.12
C GLY B 115 56.74 41.78 24.43
N VAL B 116 55.95 42.03 25.47
CA VAL B 116 54.80 41.21 25.81
C VAL B 116 53.58 42.13 25.87
N GLU B 117 52.52 41.73 25.16
CA GLU B 117 51.35 42.58 24.98
C GLU B 117 50.13 41.88 25.56
N VAL B 118 49.35 42.62 26.35
CA VAL B 118 48.06 42.15 26.83
C VAL B 118 46.99 42.74 25.92
N HIS B 119 46.20 41.86 25.30
CA HIS B 119 45.25 42.31 24.29
C HIS B 119 44.00 42.93 24.89
N ASN B 120 43.60 42.49 26.07
CA ASN B 120 42.26 42.76 26.60
C ASN B 120 42.36 43.39 27.98
N PRO B 121 42.60 44.70 28.07
CA PRO B 121 42.65 45.37 29.37
C PRO B 121 41.31 45.48 30.09
N ASP B 122 40.22 45.14 29.41
CA ASP B 122 38.88 45.32 29.99
C ASP B 122 38.59 44.35 31.13
N LEU B 123 39.11 43.12 31.07
CA LEU B 123 38.72 42.10 32.03
C LEU B 123 39.08 42.51 33.45
N VAL B 124 38.15 42.30 34.36
CA VAL B 124 38.36 42.56 35.78
C VAL B 124 38.91 41.30 36.43
N LEU B 125 40.04 41.44 37.11
CA LEU B 125 40.74 40.29 37.68
C LEU B 125 40.36 40.05 39.14
N ALA B 126 40.30 41.10 39.95
CA ALA B 126 40.05 40.95 41.38
C ALA B 126 39.30 42.16 41.92
N THR B 127 38.60 41.94 43.03
CA THR B 127 37.92 42.99 43.77
C THR B 127 38.51 43.03 45.17
N LEU B 128 38.79 44.23 45.67
CA LEU B 128 39.48 44.44 46.92
C LEU B 128 38.55 45.07 47.94
N ASN B 129 38.57 44.53 49.16
CA ASN B 129 37.83 45.07 50.29
C ASN B 129 38.82 45.58 51.31
N GLY B 130 38.61 46.81 51.79
CA GLY B 130 39.63 47.42 52.61
C GLY B 130 40.90 47.62 51.83
N LYS B 131 42.04 47.50 52.53
CA LYS B 131 43.32 47.60 51.84
C LYS B 131 43.51 46.42 50.91
N GLY B 132 43.83 46.71 49.65
CA GLY B 132 43.94 45.65 48.66
C GLY B 132 45.04 44.67 48.98
N LYS B 133 46.26 45.17 49.19
CA LYS B 133 47.44 44.36 49.49
C LYS B 133 47.74 43.36 48.37
N LEU B 134 47.28 43.61 47.14
CA LEU B 134 47.43 42.64 46.08
C LEU B 134 48.80 42.77 45.43
N GLU B 135 49.58 41.70 45.46
CA GLU B 135 50.86 41.63 44.75
C GLU B 135 50.98 40.25 44.15
N MET B 136 51.23 40.19 42.84
CA MET B 136 51.14 38.92 42.13
C MET B 136 51.97 38.99 40.85
N GLU B 137 52.73 37.93 40.61
CA GLU B 137 53.56 37.82 39.41
C GLU B 137 53.25 36.49 38.72
N LEU B 138 53.14 36.53 37.40
CA LEU B 138 52.79 35.35 36.62
C LEU B 138 53.82 35.15 35.52
N THR B 139 53.87 33.93 34.98
CA THR B 139 54.80 33.57 33.93
C THR B 139 54.05 33.30 32.63
N VAL B 140 54.37 34.07 31.59
CA VAL B 140 53.89 33.84 30.24
C VAL B 140 54.96 33.07 29.50
N GLU B 141 54.52 32.13 28.65
CA GLU B 141 55.42 31.31 27.84
C GLU B 141 54.69 30.99 26.55
N ARG B 142 55.40 31.12 25.43
CA ARG B 142 54.82 30.77 24.15
C ARG B 142 54.75 29.26 23.99
N GLY B 143 53.66 28.78 23.40
CA GLY B 143 53.47 27.35 23.23
C GLY B 143 52.68 27.07 21.97
N ARG B 144 52.28 25.82 21.83
CA ARG B 144 51.54 25.35 20.67
C ARG B 144 50.38 24.46 21.11
N GLY B 145 49.22 24.67 20.48
CA GLY B 145 48.07 23.82 20.74
C GLY B 145 47.49 23.97 22.12
N TYR B 146 47.51 22.89 22.90
CA TYR B 146 46.99 22.90 24.26
C TYR B 146 47.81 21.93 25.09
N VAL B 147 47.97 22.27 26.37
CA VAL B 147 48.67 21.40 27.32
C VAL B 147 48.01 21.56 28.68
N SER B 148 47.79 20.45 29.37
CA SER B 148 47.23 20.49 30.70
C SER B 148 48.28 20.90 31.72
N ALA B 149 47.81 21.42 32.86
CA ALA B 149 48.71 21.86 33.91
C ALA B 149 49.51 20.68 34.46
N VAL B 150 50.79 20.92 34.74
CA VAL B 150 51.67 19.93 35.33
C VAL B 150 52.51 20.61 36.40
N GLN B 151 53.08 19.79 37.28
CA GLN B 151 53.94 20.29 38.35
C GLN B 151 55.39 20.24 37.90
N ASN B 152 56.02 21.42 37.80
CA ASN B 152 57.41 21.54 37.39
C ASN B 152 58.35 21.81 38.57
N LYS B 153 57.89 21.54 39.79
CA LYS B 153 58.62 21.78 41.03
C LYS B 153 58.76 23.26 41.34
N GLN B 154 58.05 24.13 40.61
CA GLN B 154 58.06 25.56 40.94
C GLN B 154 57.51 25.79 42.34
N VAL B 155 56.55 24.97 42.77
CA VAL B 155 56.04 25.09 44.14
C VAL B 155 57.14 24.80 45.13
N GLY B 156 57.97 23.78 44.86
CA GLY B 156 59.12 23.54 45.72
C GLY B 156 60.12 24.68 45.68
N GLN B 157 60.36 25.24 44.50
CA GLN B 157 61.25 26.39 44.39
C GLN B 157 60.69 27.58 45.16
N GLU B 158 59.39 27.84 45.01
CA GLU B 158 58.72 28.91 45.73
C GLU B 158 57.31 28.45 46.05
N ILE B 159 56.95 28.49 47.34
CA ILE B 159 55.69 27.89 47.79
C ILE B 159 54.49 28.58 47.16
N GLY B 160 54.56 29.89 46.96
CA GLY B 160 53.43 30.59 46.39
C GLY B 160 53.12 30.19 44.97
N ARG B 161 54.15 29.83 44.18
CA ARG B 161 53.95 29.53 42.78
C ARG B 161 53.14 28.24 42.63
N ILE B 162 52.25 28.24 41.63
CA ILE B 162 51.42 27.06 41.35
C ILE B 162 51.21 26.95 39.86
N PRO B 163 50.92 25.74 39.37
CA PRO B 163 50.65 25.57 37.94
C PRO B 163 49.24 26.00 37.57
N VAL B 164 49.02 26.07 36.26
CA VAL B 164 47.72 26.49 35.72
C VAL B 164 47.63 26.00 34.29
N ASP B 165 46.39 25.76 33.85
CA ASP B 165 46.16 25.28 32.49
C ASP B 165 46.26 26.44 31.50
N SER B 166 46.82 26.13 30.33
CA SER B 166 47.15 27.14 29.33
C SER B 166 46.42 26.85 28.03
N ILE B 167 46.02 27.92 27.35
CA ILE B 167 45.41 27.84 26.03
C ILE B 167 46.40 28.48 25.06
N TYR B 168 47.25 27.67 24.43
CA TYR B 168 48.16 28.21 23.44
C TYR B 168 47.43 28.50 22.13
N SER B 169 46.46 27.69 21.76
CA SER B 169 45.77 27.85 20.49
C SER B 169 45.04 29.19 20.46
N PRO B 170 45.23 30.03 19.44
CA PRO B 170 44.45 31.27 19.39
C PRO B 170 42.96 31.07 19.22
N VAL B 171 42.52 29.92 18.72
CA VAL B 171 41.10 29.69 18.45
C VAL B 171 40.49 28.96 19.63
N LEU B 172 39.23 29.29 19.92
CA LEU B 172 38.51 28.69 21.04
C LEU B 172 37.78 27.42 20.63
N LYS B 173 37.07 27.42 19.50
CA LYS B 173 36.38 26.20 19.10
C LYS B 173 36.10 26.23 17.60
N VAL B 174 35.96 25.03 17.05
CA VAL B 174 35.74 24.81 15.63
C VAL B 174 34.68 23.73 15.47
N THR B 175 33.51 24.10 14.95
CA THR B 175 32.42 23.17 14.69
C THR B 175 32.22 23.06 13.19
N TYR B 176 32.45 21.88 12.64
CA TYR B 176 32.33 21.65 11.20
C TYR B 176 31.17 20.70 10.95
N LYS B 177 30.27 21.09 10.04
CA LYS B 177 29.13 20.27 9.65
C LYS B 177 29.06 20.20 8.13
N VAL B 178 28.73 19.01 7.63
CA VAL B 178 28.65 18.74 6.20
C VAL B 178 27.19 18.51 5.84
N GLU B 179 26.74 19.17 4.78
CA GLU B 179 25.40 18.96 4.24
C GLU B 179 25.51 18.64 2.76
N ALA B 180 24.37 18.31 2.15
CA ALA B 180 24.30 17.94 0.75
C ALA B 180 23.80 19.10 -0.09
N THR B 181 24.27 19.18 -1.32
CA THR B 181 23.81 20.16 -2.29
C THR B 181 23.61 19.48 -3.63
N ARG B 182 22.75 20.07 -4.45
CA ARG B 182 22.40 19.52 -5.76
C ARG B 182 23.01 20.40 -6.84
N VAL B 183 23.85 19.80 -7.68
CA VAL B 183 24.55 20.51 -8.74
C VAL B 183 24.42 19.72 -10.03
N GLU B 184 24.13 20.43 -11.12
CA GLU B 184 23.89 19.86 -12.46
C GLU B 184 23.08 18.56 -12.37
N GLN B 185 21.97 18.63 -11.64
CA GLN B 185 21.02 17.54 -11.48
C GLN B 185 21.58 16.35 -10.69
N ARG B 186 22.67 16.54 -9.95
CA ARG B 186 23.27 15.51 -9.12
C ARG B 186 23.38 16.01 -7.69
N THR B 187 22.99 15.17 -6.74
CA THR B 187 23.05 15.50 -5.32
C THR B 187 24.30 14.96 -4.63
N ASP B 188 25.22 14.37 -5.37
CA ASP B 188 26.46 13.84 -4.80
C ASP B 188 27.51 14.95 -4.67
N PHE B 189 27.12 16.00 -3.95
CA PHE B 189 27.98 17.15 -3.72
C PHE B 189 27.84 17.55 -2.26
N ASP B 190 28.97 17.75 -1.59
CA ASP B 190 29.02 17.97 -0.16
C ASP B 190 29.51 19.38 0.14
N LYS B 191 28.68 20.16 0.82
CA LYS B 191 29.04 21.49 1.26
C LYS B 191 29.49 21.43 2.71
N LEU B 192 30.64 22.03 3.00
CA LEU B 192 31.22 22.07 4.33
C LEU B 192 31.02 23.45 4.93
N ILE B 193 30.52 23.51 6.16
CA ILE B 193 30.34 24.75 6.89
C ILE B 193 31.17 24.63 8.16
N VAL B 194 32.16 25.50 8.31
CA VAL B 194 33.07 25.51 9.44
C VAL B 194 32.81 26.79 10.21
N ASP B 195 32.31 26.66 11.44
CA ASP B 195 32.09 27.80 12.32
C ASP B 195 33.28 27.85 13.27
N VAL B 196 34.02 28.96 13.22
CA VAL B 196 35.20 29.16 14.04
C VAL B 196 34.91 30.29 15.02
N GLU B 197 35.07 29.99 16.30
CA GLU B 197 34.99 30.98 17.37
C GLU B 197 36.39 31.16 17.94
N THR B 198 36.88 32.39 17.88
CA THR B 198 38.25 32.75 18.18
C THR B 198 38.28 33.93 19.14
N LYS B 199 39.32 33.97 19.97
CA LYS B 199 39.46 35.07 20.91
C LYS B 199 39.73 36.37 20.16
N GLN B 200 39.58 37.49 20.87
CA GLN B 200 39.67 38.80 20.23
C GLN B 200 41.06 39.11 19.69
N ALA B 201 42.09 38.35 20.11
CA ALA B 201 43.46 38.70 19.71
C ALA B 201 43.66 38.57 18.20
N MET B 202 43.32 37.41 17.64
CA MET B 202 43.58 37.10 16.23
C MET B 202 42.27 37.06 15.47
N ARG B 203 42.33 37.47 14.21
CA ARG B 203 41.15 37.42 13.36
C ARG B 203 41.03 36.03 12.72
N PRO B 204 39.88 35.36 12.81
CA PRO B 204 39.84 33.93 12.50
C PRO B 204 40.27 33.55 11.09
N ARG B 205 39.94 34.38 10.08
CA ARG B 205 40.27 33.99 8.72
C ARG B 205 41.78 33.86 8.53
N ASP B 206 42.56 34.76 9.12
CA ASP B 206 44.02 34.59 9.10
C ASP B 206 44.43 33.34 9.84
N ALA B 207 43.68 32.99 10.90
CA ALA B 207 43.98 31.75 11.61
C ALA B 207 43.85 30.54 10.69
N MET B 208 42.75 30.44 9.95
CA MET B 208 42.63 29.30 9.05
C MET B 208 43.59 29.44 7.89
N ALA B 209 44.00 30.65 7.53
CA ALA B 209 44.98 30.78 6.47
C ALA B 209 46.26 30.10 6.93
N SER B 210 46.66 30.38 8.17
CA SER B 210 47.85 29.74 8.70
C SER B 210 47.65 28.24 8.79
N ALA B 211 46.46 27.83 9.23
CA ALA B 211 46.16 26.41 9.34
C ALA B 211 46.21 25.74 7.99
N GLY B 212 45.68 26.40 6.97
CA GLY B 212 45.68 25.84 5.64
C GLY B 212 47.10 25.66 5.17
N LYS B 213 47.95 26.63 5.44
CA LYS B 213 49.34 26.52 5.05
C LYS B 213 50.04 25.37 5.76
N THR B 214 49.77 25.19 7.05
CA THR B 214 50.43 24.13 7.78
C THR B 214 50.04 22.78 7.19
N LEU B 215 48.79 22.65 6.77
CA LEU B 215 48.35 21.41 6.11
C LEU B 215 48.94 21.27 4.71
N VAL B 216 49.06 22.38 4.00
CA VAL B 216 49.64 22.33 2.65
C VAL B 216 51.05 21.79 2.72
N GLU B 217 51.85 22.32 3.66
CA GLU B 217 53.18 21.78 3.88
C GLU B 217 53.12 20.30 4.26
N LEU B 218 52.22 19.97 5.19
CA LEU B 218 52.21 18.64 5.77
C LEU B 218 51.84 17.58 4.75
N PHE B 219 50.90 17.87 3.85
CA PHE B 219 50.53 16.93 2.81
C PHE B 219 51.39 17.05 1.56
N GLY B 220 52.05 18.19 1.35
CA GLY B 220 53.09 18.23 0.34
C GLY B 220 54.32 17.47 0.72
N LEU B 221 54.46 17.13 2.00
CA LEU B 221 55.53 16.24 2.43
C LEU B 221 55.47 14.90 1.72
N ALA B 222 54.31 14.51 1.20
CA ALA B 222 54.17 13.25 0.48
C ALA B 222 54.54 13.34 -1.00
N ARG B 223 54.72 14.55 -1.55
CA ARG B 223 55.08 14.66 -2.95
C ARG B 223 56.44 14.03 -3.24
N GLU B 224 57.33 14.03 -2.25
CA GLU B 224 58.70 13.58 -2.49
C GLU B 224 58.77 12.10 -2.83
N LEU B 225 57.71 11.34 -2.57
CA LEU B 225 57.70 9.94 -2.98
C LEU B 225 57.80 9.83 -4.50
N ASN B 226 57.04 10.65 -5.21
CA ASN B 226 57.04 10.64 -6.67
C ASN B 226 56.14 11.77 -7.15
N ILE B 227 56.43 12.28 -8.33
CA ILE B 227 55.61 13.30 -8.99
C ILE B 227 54.48 12.60 -9.73
N ASP B 228 53.25 13.00 -9.45
CA ASP B 228 52.08 12.45 -10.10
C ASP B 228 51.05 13.55 -10.29
N ALA B 229 50.13 13.32 -11.22
CA ALA B 229 49.10 14.29 -11.58
C ALA B 229 47.72 13.71 -11.28
N GLU B 230 46.77 14.61 -10.99
CA GLU B 230 45.39 14.26 -10.73
C GLU B 230 44.49 15.36 -11.29
N GLY B 231 43.34 14.96 -11.84
CA GLY B 231 42.42 15.91 -12.43
C GLY B 231 41.94 16.96 -11.44
N ILE B 232 42.16 18.23 -11.77
CA ILE B 232 41.82 19.33 -10.88
C ILE B 232 41.50 20.55 -11.72
N ASP B 233 40.59 21.39 -11.21
CA ASP B 233 40.24 22.65 -11.87
C ASP B 233 39.71 22.39 -13.29
N ALA C 16 30.39 -40.49 1.24
CA ALA C 16 31.81 -40.04 1.41
C ALA C 16 31.97 -38.61 0.91
N SER C 17 32.04 -38.45 -0.42
CA SER C 17 32.12 -37.14 -1.05
C SER C 17 30.73 -36.59 -1.39
N THR C 18 29.71 -37.02 -0.65
CA THR C 18 28.34 -36.59 -0.94
C THR C 18 28.20 -35.08 -0.81
N ALA C 19 28.81 -34.49 0.20
CA ALA C 19 28.75 -33.07 0.48
C ALA C 19 30.16 -32.53 0.69
N PRO C 20 30.37 -31.23 0.48
CA PRO C 20 31.67 -30.66 0.79
C PRO C 20 31.91 -30.65 2.29
N LEU C 21 33.19 -30.65 2.66
CA LEU C 21 33.54 -30.73 4.07
C LEU C 21 32.96 -29.55 4.84
N ARG C 22 32.32 -29.86 5.96
CA ARG C 22 31.73 -28.84 6.83
C ARG C 22 31.94 -29.28 8.27
N ILE C 23 32.78 -28.54 8.99
CA ILE C 23 33.11 -28.90 10.37
C ILE C 23 31.84 -28.93 11.19
N SER C 24 31.66 -30.00 11.96
CA SER C 24 30.46 -30.22 12.75
C SER C 24 30.78 -30.03 14.22
N PHE C 25 29.97 -29.22 14.89
CA PHE C 25 30.09 -28.98 16.33
C PHE C 25 29.15 -29.87 17.13
N ALA C 26 28.53 -30.87 16.49
CA ALA C 26 27.61 -31.75 17.20
C ALA C 26 28.35 -32.56 18.25
N LYS C 27 27.60 -32.99 19.27
CA LYS C 27 28.14 -33.76 20.37
C LYS C 27 27.60 -35.18 20.47
N ILE C 28 26.52 -35.51 19.75
CA ILE C 28 25.86 -36.80 19.86
C ILE C 28 25.71 -37.40 18.47
N LYS C 29 26.12 -38.65 18.32
CA LYS C 29 26.01 -39.34 17.05
C LYS C 29 24.55 -39.74 16.80
N GLU C 30 24.16 -39.74 15.52
CA GLU C 30 22.75 -39.90 15.16
C GLU C 30 22.54 -41.25 14.50
N PRO C 31 21.75 -42.17 15.08
CA PRO C 31 21.52 -43.45 14.39
C PRO C 31 20.73 -43.30 13.10
N LEU C 32 19.56 -42.66 13.17
CA LEU C 32 18.67 -42.58 12.02
C LEU C 32 18.97 -41.32 11.21
N GLU C 33 19.20 -41.51 9.92
CA GLU C 33 19.39 -40.38 9.01
C GLU C 33 18.04 -39.79 8.63
N VAL C 34 18.07 -38.57 8.12
CA VAL C 34 16.80 -37.92 7.75
C VAL C 34 16.20 -38.66 6.57
N PRO C 35 14.90 -38.96 6.56
CA PRO C 35 14.35 -39.71 5.42
C PRO C 35 14.33 -38.88 4.15
N ASN C 36 13.84 -39.46 3.05
CA ASN C 36 13.66 -38.68 1.84
C ASN C 36 12.72 -37.53 2.14
N LEU C 37 13.25 -36.31 2.09
CA LEU C 37 12.51 -35.16 2.59
C LEU C 37 11.24 -34.87 1.80
N LEU C 38 11.13 -35.39 0.58
CA LEU C 38 9.97 -35.17 -0.27
C LEU C 38 9.05 -36.37 -0.31
N ALA C 39 9.25 -37.35 0.58
CA ALA C 39 8.49 -38.60 0.51
C ALA C 39 7.00 -38.37 0.56
N LEU C 40 6.57 -37.29 1.24
CA LEU C 40 5.15 -37.05 1.46
C LEU C 40 4.39 -37.00 0.14
N GLN C 41 4.92 -36.30 -0.85
CA GLN C 41 4.23 -36.14 -2.12
C GLN C 41 4.47 -37.31 -3.06
N THR C 42 5.73 -37.68 -3.25
CA THR C 42 6.05 -38.72 -4.23
C THR C 42 5.43 -40.06 -3.83
N GLU C 43 5.51 -40.44 -2.56
CA GLU C 43 4.96 -41.73 -2.16
C GLU C 43 3.45 -41.72 -2.24
N SER C 44 2.81 -40.61 -1.84
CA SER C 44 1.35 -40.53 -1.92
C SER C 44 0.88 -40.66 -3.36
N PHE C 45 1.53 -39.97 -4.29
CA PHE C 45 1.08 -40.06 -5.66
C PHE C 45 1.46 -41.37 -6.31
N ASP C 46 2.56 -41.99 -5.88
CA ASP C 46 2.85 -43.34 -6.36
C ASP C 46 1.75 -44.30 -5.91
N TRP C 47 1.30 -44.17 -4.67
CA TRP C 47 0.22 -45.02 -4.20
C TRP C 47 -1.04 -44.79 -5.02
N LEU C 48 -1.38 -43.52 -5.27
CA LEU C 48 -2.58 -43.24 -6.06
C LEU C 48 -2.46 -43.82 -7.45
N LEU C 49 -1.32 -43.62 -8.11
CA LEU C 49 -1.12 -44.23 -9.41
C LEU C 49 -1.07 -45.75 -9.30
N GLY C 50 -0.55 -46.27 -8.20
CA GLY C 50 -0.33 -47.69 -8.10
C GLY C 50 0.64 -48.22 -9.12
N ASN C 51 1.64 -47.43 -9.48
CA ASN C 51 2.59 -47.81 -10.52
C ASN C 51 3.59 -48.79 -9.93
N ASP C 52 4.66 -49.08 -10.69
CA ASP C 52 5.61 -50.10 -10.28
C ASP C 52 6.27 -49.77 -8.95
N ALA C 53 6.56 -48.49 -8.70
CA ALA C 53 7.25 -48.11 -7.48
C ALA C 53 6.42 -48.43 -6.24
N TRP C 54 5.12 -48.11 -6.27
CA TRP C 54 4.29 -48.33 -5.10
C TRP C 54 4.19 -49.83 -4.78
N LYS C 55 3.94 -50.65 -5.80
CA LYS C 55 3.81 -52.08 -5.54
C LYS C 55 5.15 -52.68 -5.15
N ALA C 56 6.25 -52.16 -5.68
CA ALA C 56 7.57 -52.59 -5.23
C ALA C 56 7.74 -52.29 -3.74
N ARG C 57 7.33 -51.09 -3.32
CA ARG C 57 7.38 -50.74 -1.90
C ARG C 57 6.49 -51.66 -1.08
N VAL C 58 5.31 -51.99 -1.63
CA VAL C 58 4.37 -52.83 -0.89
C VAL C 58 4.97 -54.22 -0.67
N GLU C 59 5.51 -54.83 -1.72
CA GLU C 59 6.11 -56.14 -1.56
C GLU C 59 7.35 -56.09 -0.69
N SER C 60 8.12 -55.01 -0.76
CA SER C 60 9.26 -54.86 0.14
C SER C 60 8.81 -54.82 1.59
N ALA C 61 7.74 -54.08 1.88
CA ALA C 61 7.20 -54.04 3.23
C ALA C 61 6.69 -55.41 3.66
N LEU C 62 6.00 -56.11 2.75
CA LEU C 62 5.43 -57.40 3.09
C LEU C 62 6.52 -58.42 3.42
N GLU C 63 7.56 -58.49 2.57
CA GLU C 63 8.66 -59.40 2.86
C GLU C 63 9.44 -58.95 4.08
N SER C 64 9.47 -57.65 4.36
CA SER C 64 10.05 -57.14 5.60
C SER C 64 9.08 -57.23 6.77
N GLY C 65 7.81 -57.59 6.53
CA GLY C 65 6.83 -57.72 7.58
C GLY C 65 6.09 -56.45 7.94
N GLN C 66 6.43 -55.32 7.31
CA GLN C 66 5.77 -54.05 7.62
C GLN C 66 4.42 -53.97 6.93
N ASP C 67 3.42 -53.52 7.67
CA ASP C 67 2.08 -53.38 7.11
C ASP C 67 2.03 -52.28 6.05
N VAL C 68 1.13 -52.44 5.09
CA VAL C 68 0.96 -51.48 4.02
C VAL C 68 -0.32 -51.84 3.26
N PRO C 69 -1.06 -50.88 2.71
CA PRO C 69 -2.22 -51.25 1.89
C PRO C 69 -1.77 -51.95 0.61
N THR C 70 -2.21 -53.20 0.45
CA THR C 70 -1.81 -53.99 -0.70
C THR C 70 -2.53 -53.57 -1.98
N LYS C 71 -3.58 -52.77 -1.88
CA LYS C 71 -4.42 -52.41 -3.01
C LYS C 71 -4.16 -50.94 -3.36
N SER C 72 -3.99 -50.66 -4.64
CA SER C 72 -3.64 -49.31 -5.09
C SER C 72 -4.79 -48.35 -4.88
N GLY C 73 -4.58 -47.10 -5.29
CA GLY C 73 -5.57 -46.07 -5.14
C GLY C 73 -6.57 -46.04 -6.28
N LEU C 74 -6.08 -46.05 -7.52
CA LEU C 74 -6.98 -45.99 -8.67
C LEU C 74 -7.80 -47.27 -8.80
N GLU C 75 -7.14 -48.43 -8.74
CA GLU C 75 -7.87 -49.67 -8.86
C GLU C 75 -8.86 -49.85 -7.73
N GLU C 76 -8.56 -49.30 -6.54
CA GLU C 76 -9.50 -49.38 -5.44
C GLU C 76 -10.78 -48.63 -5.76
N ILE C 77 -10.66 -47.38 -6.25
CA ILE C 77 -11.87 -46.61 -6.54
C ILE C 77 -12.62 -47.23 -7.71
N PHE C 78 -11.91 -47.81 -8.68
CA PHE C 78 -12.59 -48.52 -9.75
C PHE C 78 -13.38 -49.71 -9.19
N GLU C 79 -12.73 -50.54 -8.37
CA GLU C 79 -13.40 -51.71 -7.80
C GLU C 79 -14.56 -51.31 -6.91
N GLU C 80 -14.51 -50.12 -6.33
CA GLU C 80 -15.63 -49.65 -5.51
C GLU C 80 -16.91 -49.59 -6.33
N ILE C 81 -16.83 -49.09 -7.55
CA ILE C 81 -18.00 -49.02 -8.41
C ILE C 81 -18.30 -50.42 -8.90
N SER C 82 -19.25 -51.09 -8.25
CA SER C 82 -19.67 -52.40 -8.68
C SER C 82 -20.35 -52.29 -10.04
N PRO C 83 -20.36 -53.37 -10.82
CA PRO C 83 -21.04 -53.31 -12.11
C PRO C 83 -22.49 -52.88 -11.97
N ILE C 84 -22.90 -51.93 -12.82
CA ILE C 84 -24.21 -51.32 -12.69
C ILE C 84 -25.29 -52.34 -13.02
N GLU C 85 -26.39 -52.28 -12.28
CA GLU C 85 -27.52 -53.18 -12.47
C GLU C 85 -28.78 -52.34 -12.67
N ASP C 86 -29.46 -52.55 -13.80
CA ASP C 86 -30.72 -51.89 -14.03
C ASP C 86 -31.79 -52.45 -13.09
N PHE C 87 -33.01 -51.95 -13.22
CA PHE C 87 -34.10 -52.46 -12.40
C PHE C 87 -34.30 -53.95 -12.63
N SER C 88 -34.05 -54.43 -13.85
CA SER C 88 -34.09 -55.87 -14.11
C SER C 88 -32.80 -56.58 -13.70
N GLY C 89 -31.72 -55.84 -13.46
CA GLY C 89 -30.46 -56.46 -13.10
C GLY C 89 -29.91 -57.38 -14.16
N SER C 90 -30.28 -57.16 -15.43
CA SER C 90 -29.88 -58.09 -16.47
C SER C 90 -28.41 -57.91 -16.86
N MET C 91 -27.94 -56.66 -16.89
CA MET C 91 -26.63 -56.32 -17.47
C MET C 91 -25.69 -55.81 -16.39
N SER C 92 -24.40 -55.86 -16.72
CA SER C 92 -23.35 -55.49 -15.77
C SER C 92 -22.11 -55.03 -16.53
N LEU C 93 -21.43 -54.03 -15.98
CA LEU C 93 -20.20 -53.47 -16.54
C LEU C 93 -19.08 -53.60 -15.52
N THR C 94 -18.10 -54.45 -15.82
CA THR C 94 -16.99 -54.69 -14.92
C THR C 94 -15.77 -53.89 -15.36
N PHE C 95 -15.23 -53.06 -14.47
CA PHE C 95 -14.00 -52.30 -14.68
C PHE C 95 -12.88 -53.09 -14.01
N ARG C 96 -12.38 -54.11 -14.71
CA ARG C 96 -11.43 -55.02 -14.06
C ARG C 96 -10.05 -54.37 -13.91
N ASP C 97 -9.41 -54.03 -15.02
CA ASP C 97 -8.01 -53.63 -15.02
C ASP C 97 -7.86 -52.22 -15.59
N HIS C 98 -7.01 -51.43 -14.94
CA HIS C 98 -6.61 -50.11 -15.41
C HIS C 98 -5.15 -50.15 -15.82
N ARG C 99 -4.76 -49.23 -16.71
CA ARG C 99 -3.39 -49.20 -17.19
C ARG C 99 -3.04 -47.81 -17.70
N PHE C 100 -1.74 -47.56 -17.78
CA PHE C 100 -1.18 -46.29 -18.24
C PHE C 100 -0.37 -46.52 -19.51
N GLU C 101 -0.15 -45.43 -20.23
CA GLU C 101 0.78 -45.36 -21.36
C GLU C 101 1.70 -44.18 -21.15
N PRO C 102 2.88 -44.18 -21.76
CA PRO C 102 3.81 -43.05 -21.58
C PRO C 102 3.18 -41.76 -22.07
N PRO C 103 3.44 -40.64 -21.41
CA PRO C 103 2.86 -39.37 -21.86
C PRO C 103 3.43 -38.95 -23.21
N LYS C 104 2.59 -38.30 -24.01
CA LYS C 104 3.02 -37.90 -25.34
C LYS C 104 3.96 -36.69 -25.31
N ASN C 105 3.74 -35.77 -24.39
CA ASN C 105 4.52 -34.54 -24.31
C ASN C 105 5.58 -34.65 -23.22
N SER C 106 6.79 -34.23 -23.56
CA SER C 106 7.85 -34.20 -22.57
C SER C 106 7.56 -33.11 -21.53
N ILE C 107 8.18 -33.24 -20.36
CA ILE C 107 7.95 -32.28 -19.28
C ILE C 107 8.38 -30.88 -19.73
N ASP C 108 9.56 -30.79 -20.34
CA ASP C 108 10.02 -29.50 -20.85
C ASP C 108 9.10 -28.97 -21.94
N GLU C 109 8.63 -29.87 -22.80
CA GLU C 109 7.69 -29.48 -23.85
C GLU C 109 6.42 -28.93 -23.22
N CYS C 110 5.90 -29.61 -22.20
CA CYS C 110 4.65 -29.19 -21.59
C CYS C 110 4.78 -27.80 -20.98
N LYS C 111 5.90 -27.55 -20.32
CA LYS C 111 6.11 -26.27 -19.69
C LYS C 111 6.18 -25.16 -20.72
N ASP C 112 6.83 -25.43 -21.84
CA ASP C 112 7.00 -24.40 -22.86
C ASP C 112 5.75 -24.17 -23.71
N ARG C 113 5.04 -25.23 -24.06
CA ARG C 113 3.90 -25.07 -24.95
C ARG C 113 2.57 -24.97 -24.21
N ASP C 114 2.57 -24.83 -22.89
CA ASP C 114 1.34 -24.62 -22.13
C ASP C 114 0.42 -25.84 -22.28
N PHE C 115 0.95 -27.02 -21.95
CA PHE C 115 0.20 -28.26 -21.95
C PHE C 115 0.25 -28.88 -20.56
N THR C 116 -0.89 -29.30 -20.06
CA THR C 116 -0.94 -30.02 -18.79
C THR C 116 -0.21 -31.35 -18.93
N TYR C 117 0.84 -31.54 -18.14
CA TYR C 117 1.57 -32.80 -18.15
C TYR C 117 0.62 -33.91 -17.75
N ALA C 118 0.37 -34.84 -18.66
CA ALA C 118 -0.59 -35.90 -18.42
C ALA C 118 -0.26 -37.10 -19.31
N ALA C 119 -0.87 -38.22 -18.97
CA ALA C 119 -0.71 -39.46 -19.72
C ALA C 119 -2.07 -40.12 -19.88
N PRO C 120 -2.23 -41.01 -20.85
CA PRO C 120 -3.51 -41.71 -20.98
C PRO C 120 -3.71 -42.71 -19.84
N LEU C 121 -4.99 -42.96 -19.54
CA LEU C 121 -5.37 -43.98 -18.56
C LEU C 121 -6.50 -44.80 -19.18
N PHE C 122 -6.18 -46.02 -19.59
CA PHE C 122 -7.16 -46.94 -20.16
C PHE C 122 -7.68 -47.88 -19.10
N VAL C 123 -8.85 -48.47 -19.38
CA VAL C 123 -9.45 -49.45 -18.49
C VAL C 123 -10.33 -50.38 -19.31
N THR C 124 -10.31 -51.65 -18.95
CA THR C 124 -11.07 -52.66 -19.68
C THR C 124 -12.47 -52.78 -19.08
N ALA C 125 -13.48 -52.46 -19.88
CA ALA C 125 -14.87 -52.60 -19.48
C ALA C 125 -15.44 -53.87 -20.10
N GLU C 126 -16.03 -54.72 -19.26
CA GLU C 126 -16.64 -55.97 -19.69
C GLU C 126 -18.16 -55.86 -19.51
N PHE C 127 -18.88 -55.93 -20.62
CA PHE C 127 -20.34 -55.98 -20.60
C PHE C 127 -20.78 -57.43 -20.52
N THR C 128 -21.60 -57.75 -19.52
CA THR C 128 -22.14 -59.10 -19.37
C THR C 128 -23.62 -59.00 -19.08
N ASN C 129 -24.42 -59.69 -19.89
CA ASN C 129 -25.87 -59.72 -19.73
C ASN C 129 -26.34 -61.16 -19.57
N ASN C 130 -27.11 -61.41 -18.52
CA ASN C 130 -27.68 -62.74 -18.33
C ASN C 130 -28.61 -63.11 -19.47
N GLU C 131 -29.42 -62.14 -19.93
CA GLU C 131 -30.36 -62.42 -21.01
C GLU C 131 -29.64 -62.88 -22.26
N THR C 132 -28.57 -62.17 -22.64
CA THR C 132 -27.77 -62.61 -23.78
C THR C 132 -26.86 -63.78 -23.41
N GLY C 133 -26.47 -63.89 -22.15
CA GLY C 133 -25.54 -64.93 -21.74
C GLY C 133 -24.21 -64.81 -22.44
N GLU C 134 -23.76 -63.57 -22.70
CA GLU C 134 -22.55 -63.31 -23.44
C GLU C 134 -21.72 -62.25 -22.71
N ILE C 135 -20.41 -62.33 -22.88
CA ILE C 135 -19.46 -61.38 -22.29
C ILE C 135 -18.72 -60.70 -23.43
N LYS C 136 -18.76 -59.38 -23.45
CA LYS C 136 -18.09 -58.56 -24.46
C LYS C 136 -17.12 -57.64 -23.77
N SER C 137 -15.82 -57.87 -23.98
CA SER C 137 -14.76 -57.08 -23.38
C SER C 137 -14.28 -56.02 -24.36
N GLN C 138 -14.04 -54.82 -23.86
CA GLN C 138 -13.53 -53.75 -24.72
C GLN C 138 -12.83 -52.72 -23.85
N THR C 139 -11.73 -52.18 -24.35
CA THR C 139 -10.96 -51.18 -23.62
C THR C 139 -11.49 -49.79 -23.92
N VAL C 140 -11.57 -48.96 -22.89
CA VAL C 140 -12.06 -47.60 -23.01
C VAL C 140 -11.05 -46.67 -22.35
N PHE C 141 -11.13 -45.39 -22.71
CA PHE C 141 -10.15 -44.39 -22.33
C PHE C 141 -10.91 -43.22 -21.74
N MET C 142 -10.64 -42.90 -20.47
CA MET C 142 -11.47 -41.94 -19.74
C MET C 142 -10.93 -40.51 -19.81
N GLY C 143 -9.76 -40.31 -20.38
CA GLY C 143 -9.20 -38.98 -20.58
C GLY C 143 -7.78 -38.88 -20.04
N ASP C 144 -7.17 -37.74 -20.34
CA ASP C 144 -5.82 -37.47 -19.86
C ASP C 144 -5.80 -37.33 -18.35
N PHE C 145 -4.76 -37.88 -17.73
CA PHE C 145 -4.62 -37.87 -16.27
C PHE C 145 -3.45 -36.97 -15.89
N PRO C 146 -3.67 -35.85 -15.18
CA PRO C 146 -2.52 -35.03 -14.75
C PRO C 146 -1.56 -35.83 -13.89
N LEU C 147 -0.36 -36.04 -14.40
CA LEU C 147 0.68 -36.76 -13.70
C LEU C 147 1.54 -35.80 -12.89
N MET C 148 2.30 -36.35 -11.95
CA MET C 148 3.15 -35.59 -11.05
C MET C 148 4.60 -35.94 -11.30
N THR C 149 5.41 -34.94 -11.62
CA THR C 149 6.81 -35.18 -11.96
C THR C 149 7.57 -35.74 -10.76
N ASN C 150 8.84 -36.06 -10.99
CA ASN C 150 9.65 -36.65 -9.93
C ASN C 150 10.01 -35.67 -8.84
N LYS C 151 9.74 -34.37 -9.03
CA LYS C 151 9.96 -33.37 -8.00
C LYS C 151 8.64 -32.88 -7.39
N GLY C 152 7.56 -33.64 -7.56
CA GLY C 152 6.34 -33.36 -6.84
C GLY C 152 5.64 -32.07 -7.20
N THR C 153 5.54 -31.77 -8.49
CA THR C 153 4.81 -30.62 -9.00
C THR C 153 3.96 -31.06 -10.19
N PHE C 154 2.72 -30.58 -10.23
CA PHE C 154 1.84 -30.83 -11.36
C PHE C 154 2.00 -29.67 -12.34
N VAL C 155 2.63 -29.94 -13.49
CA VAL C 155 2.82 -28.92 -14.50
C VAL C 155 1.52 -28.83 -15.28
N ILE C 156 0.63 -27.94 -14.85
CA ILE C 156 -0.69 -27.78 -15.45
C ILE C 156 -0.69 -26.44 -16.19
N ASN C 157 -1.06 -26.47 -17.46
CA ASN C 157 -1.18 -25.26 -18.28
C ASN C 157 0.14 -24.49 -18.32
N GLY C 158 1.26 -25.20 -18.26
CA GLY C 158 2.56 -24.58 -18.31
C GLY C 158 3.02 -23.99 -16.99
N THR C 159 2.16 -23.95 -15.98
CA THR C 159 2.49 -23.43 -14.66
C THR C 159 2.60 -24.59 -13.68
N GLU C 160 3.61 -24.51 -12.81
CA GLU C 160 3.84 -25.56 -11.83
C GLU C 160 2.97 -25.32 -10.61
N ARG C 161 2.00 -26.19 -10.40
CA ARG C 161 1.22 -26.22 -9.17
C ARG C 161 1.78 -27.28 -8.24
N VAL C 162 1.45 -27.16 -6.96
CA VAL C 162 1.70 -28.21 -5.98
C VAL C 162 0.43 -28.37 -5.16
N VAL C 163 0.09 -29.61 -4.86
CA VAL C 163 -1.05 -29.91 -4.01
C VAL C 163 -0.52 -30.18 -2.61
N VAL C 164 -1.08 -29.47 -1.65
CA VAL C 164 -0.63 -29.54 -0.26
C VAL C 164 -1.61 -30.38 0.54
N SER C 165 -1.10 -31.07 1.55
CA SER C 165 -1.95 -31.92 2.38
C SER C 165 -2.98 -31.06 3.12
N GLN C 166 -3.94 -31.74 3.76
CA GLN C 166 -5.04 -31.07 4.43
C GLN C 166 -5.34 -31.74 5.76
N LEU C 167 -5.38 -30.94 6.83
CA LEU C 167 -5.69 -31.43 8.16
C LEU C 167 -7.21 -31.48 8.34
N VAL C 168 -7.74 -32.65 8.69
CA VAL C 168 -9.17 -32.81 8.89
C VAL C 168 -9.40 -33.73 10.09
N ARG C 169 -10.52 -33.53 10.77
CA ARG C 169 -10.94 -34.41 11.85
C ARG C 169 -11.29 -35.77 11.27
N SER C 170 -10.60 -36.80 11.74
CA SER C 170 -10.86 -38.14 11.22
C SER C 170 -12.29 -38.56 11.58
N PRO C 171 -12.95 -39.32 10.70
CA PRO C 171 -14.29 -39.83 11.06
C PRO C 171 -14.24 -40.78 12.24
N GLY C 172 -15.32 -40.80 12.99
CA GLY C 172 -15.40 -41.63 14.18
C GLY C 172 -16.29 -40.99 15.23
N VAL C 173 -16.22 -41.53 16.44
CA VAL C 173 -16.98 -41.03 17.58
C VAL C 173 -16.12 -40.03 18.34
N TYR C 174 -16.76 -38.95 18.75
CA TYR C 174 -16.11 -37.94 19.59
C TYR C 174 -17.05 -37.54 20.72
N PHE C 175 -16.58 -37.70 21.96
CA PHE C 175 -17.33 -37.39 23.16
C PHE C 175 -16.81 -36.11 23.77
N ASP C 176 -17.71 -35.17 24.04
CA ASP C 176 -17.37 -33.87 24.59
C ASP C 176 -18.04 -33.70 25.94
N SER C 177 -17.25 -33.33 26.94
CA SER C 177 -17.73 -33.02 28.28
C SER C 177 -17.66 -31.52 28.49
N SER C 178 -18.75 -30.93 28.98
CA SER C 178 -18.84 -29.49 29.16
C SER C 178 -19.65 -29.21 30.42
N ILE C 179 -19.76 -27.93 30.76
CA ILE C 179 -20.52 -27.47 31.90
C ILE C 179 -21.46 -26.37 31.44
N ASP C 180 -22.73 -26.46 31.84
CA ASP C 180 -23.72 -25.44 31.54
C ASP C 180 -24.01 -24.66 32.82
N LYS C 181 -23.87 -23.33 32.73
CA LYS C 181 -24.08 -22.49 33.91
C LYS C 181 -25.52 -22.57 34.39
N THR C 182 -26.48 -22.59 33.46
CA THR C 182 -27.88 -22.67 33.86
C THR C 182 -28.19 -24.00 34.55
N SER C 183 -27.66 -25.10 34.02
CA SER C 183 -27.96 -26.41 34.59
C SER C 183 -27.25 -26.64 35.91
N ASP C 184 -26.11 -25.97 36.14
CA ASP C 184 -25.29 -26.17 37.32
C ASP C 184 -24.69 -27.57 37.39
N LYS C 185 -24.72 -28.31 36.28
CA LYS C 185 -24.25 -29.69 36.26
C LYS C 185 -23.57 -29.97 34.94
N ASP C 186 -22.71 -30.98 34.96
CA ASP C 186 -21.97 -31.37 33.76
C ASP C 186 -22.93 -31.91 32.70
N ILE C 187 -22.55 -31.67 31.44
CA ILE C 187 -23.30 -32.15 30.28
C ILE C 187 -22.33 -32.93 29.41
N PHE C 188 -22.80 -34.02 28.83
CA PHE C 188 -21.97 -34.84 27.95
C PHE C 188 -22.70 -35.03 26.63
N SER C 189 -21.93 -34.97 25.55
CA SER C 189 -22.45 -35.11 24.20
C SER C 189 -21.53 -36.04 23.42
N ALA C 190 -22.09 -36.65 22.39
CA ALA C 190 -21.35 -37.53 21.50
C ALA C 190 -21.73 -37.16 20.08
N LYS C 191 -20.78 -37.35 19.17
CA LYS C 191 -21.02 -37.09 17.76
C LYS C 191 -20.31 -38.16 16.94
N ILE C 192 -21.03 -38.79 16.03
CA ILE C 192 -20.43 -39.69 15.06
C ILE C 192 -20.26 -38.89 13.78
N ILE C 193 -19.00 -38.68 13.39
CA ILE C 193 -18.67 -37.88 12.22
C ILE C 193 -18.28 -38.86 11.12
N PRO C 194 -19.08 -39.00 10.05
CA PRO C 194 -18.77 -39.98 9.02
C PRO C 194 -17.75 -39.44 8.02
N SER C 195 -17.33 -40.33 7.13
CA SER C 195 -16.45 -39.90 6.04
C SER C 195 -17.22 -39.12 4.98
N ARG C 196 -18.42 -39.58 4.62
CA ARG C 196 -19.20 -38.97 3.55
C ARG C 196 -20.63 -38.66 3.93
N GLY C 197 -21.27 -39.50 4.75
CA GLY C 197 -22.70 -39.43 4.94
C GLY C 197 -23.14 -38.33 5.88
N ALA C 198 -24.44 -38.32 6.14
CA ALA C 198 -25.01 -37.36 7.08
C ALA C 198 -24.56 -37.70 8.50
N TRP C 199 -24.73 -36.72 9.40
CA TRP C 199 -24.14 -36.79 10.73
C TRP C 199 -25.20 -37.04 11.79
N LEU C 200 -24.73 -37.55 12.93
CA LEU C 200 -25.61 -37.99 14.02
C LEU C 200 -24.96 -37.66 15.35
N GLU C 201 -25.80 -37.31 16.33
CA GLU C 201 -25.30 -36.89 17.64
C GLU C 201 -26.16 -37.49 18.74
N MET C 202 -25.60 -37.50 19.96
CA MET C 202 -26.14 -38.26 21.09
C MET C 202 -25.82 -37.48 22.36
N GLU C 203 -26.78 -36.69 22.84
CA GLU C 203 -26.55 -35.84 24.01
C GLU C 203 -27.27 -36.43 25.22
N ILE C 204 -26.53 -36.64 26.31
CA ILE C 204 -27.06 -37.32 27.48
C ILE C 204 -27.32 -36.29 28.57
N ASP C 205 -28.46 -36.41 29.23
CA ASP C 205 -28.82 -35.55 30.35
C ASP C 205 -28.76 -34.08 29.97
N LYS C 206 -29.21 -33.76 28.76
CA LYS C 206 -29.46 -32.36 28.40
C LYS C 206 -30.36 -31.71 29.44
N ARG C 207 -31.42 -32.42 29.83
CA ARG C 207 -32.27 -32.03 30.94
C ARG C 207 -32.57 -33.26 31.80
N ASP C 208 -31.53 -34.04 32.07
CA ASP C 208 -31.54 -35.30 32.83
C ASP C 208 -32.04 -36.48 32.00
N MET C 209 -32.30 -36.31 30.70
CA MET C 209 -32.65 -37.40 29.81
C MET C 209 -31.68 -37.43 28.63
N VAL C 210 -31.62 -38.56 27.95
CA VAL C 210 -30.75 -38.74 26.79
C VAL C 210 -31.57 -38.59 25.53
N GLY C 211 -30.98 -37.92 24.53
CA GLY C 211 -31.64 -37.71 23.26
C GLY C 211 -30.65 -37.81 22.11
N VAL C 212 -31.22 -37.92 20.92
CA VAL C 212 -30.45 -38.15 19.70
C VAL C 212 -30.78 -37.07 18.69
N ARG C 213 -29.77 -36.64 17.95
CA ARG C 213 -29.90 -35.70 16.85
C ARG C 213 -29.67 -36.48 15.56
N ILE C 214 -30.77 -36.74 14.84
CA ILE C 214 -30.71 -37.32 13.50
C ILE C 214 -30.64 -36.12 12.55
N ASP C 215 -29.42 -35.64 12.32
CA ASP C 215 -29.19 -34.40 11.57
C ASP C 215 -29.81 -33.19 12.28
N ARG C 216 -30.06 -33.30 13.59
CA ARG C 216 -30.64 -32.23 14.39
C ARG C 216 -31.96 -31.76 13.79
N LYS C 217 -32.75 -32.70 13.28
CA LYS C 217 -34.02 -32.35 12.66
C LYS C 217 -35.03 -31.87 13.69
N ARG C 218 -35.20 -32.62 14.78
CA ARG C 218 -36.23 -32.31 15.77
C ARG C 218 -35.90 -33.00 17.07
N LYS C 219 -36.57 -32.57 18.14
CA LYS C 219 -36.38 -33.17 19.45
C LYS C 219 -36.93 -34.59 19.45
N GLN C 220 -36.17 -35.50 20.07
CA GLN C 220 -36.58 -36.91 20.12
C GLN C 220 -35.79 -37.60 21.23
N SER C 221 -36.28 -38.77 21.61
CA SER C 221 -35.69 -39.57 22.68
C SER C 221 -34.89 -40.73 22.11
N VAL C 222 -34.20 -41.44 23.01
CA VAL C 222 -33.49 -42.65 22.61
C VAL C 222 -34.43 -43.84 22.56
N THR C 223 -35.44 -43.87 23.44
CA THR C 223 -36.33 -45.02 23.51
C THR C 223 -37.05 -45.23 22.19
N VAL C 224 -37.50 -44.16 21.55
CA VAL C 224 -38.17 -44.29 20.26
C VAL C 224 -37.21 -44.88 19.23
N LEU C 225 -35.94 -44.49 19.30
CA LEU C 225 -34.96 -45.04 18.36
C LEU C 225 -34.79 -46.54 18.58
N LEU C 226 -34.55 -46.95 19.82
CA LEU C 226 -34.32 -48.37 20.09
C LEU C 226 -35.55 -49.21 19.77
N LYS C 227 -36.74 -48.72 20.14
CA LYS C 227 -37.97 -49.43 19.80
C LYS C 227 -38.14 -49.52 18.29
N ALA C 228 -37.82 -48.44 17.57
CA ALA C 228 -37.84 -48.48 16.11
C ALA C 228 -36.96 -49.60 15.58
N LEU C 229 -35.86 -49.90 16.27
CA LEU C 229 -35.06 -51.07 15.95
C LEU C 229 -35.73 -52.32 16.54
N GLY C 230 -35.31 -53.48 16.02
CA GLY C 230 -35.90 -54.74 16.45
C GLY C 230 -35.67 -55.05 17.92
N TRP C 231 -34.75 -54.36 18.58
CA TRP C 231 -34.46 -54.64 19.97
C TRP C 231 -35.67 -54.31 20.83
N THR C 232 -36.06 -55.25 21.67
CA THR C 232 -37.30 -55.15 22.43
C THR C 232 -37.07 -54.45 23.76
N THR C 233 -38.18 -53.99 24.35
CA THR C 233 -38.11 -53.24 25.60
C THR C 233 -37.52 -54.09 26.72
N GLU C 234 -37.86 -55.38 26.76
CA GLU C 234 -37.44 -56.22 27.88
C GLU C 234 -35.93 -56.40 27.90
N GLN C 235 -35.35 -56.77 26.76
CA GLN C 235 -33.90 -56.90 26.67
C GLN C 235 -33.25 -55.53 26.88
N ILE C 236 -33.89 -54.47 26.40
CA ILE C 236 -33.35 -53.12 26.58
C ILE C 236 -33.18 -52.81 28.06
N LEU C 237 -34.24 -53.00 28.84
CA LEU C 237 -34.14 -52.70 30.27
C LEU C 237 -33.25 -53.71 31.00
N GLU C 238 -33.20 -54.95 30.53
CA GLU C 238 -32.31 -55.94 31.14
C GLU C 238 -30.86 -55.49 31.02
N GLU C 239 -30.45 -55.07 29.83
CA GLU C 239 -29.09 -54.57 29.64
C GLU C 239 -28.88 -53.24 30.33
N PHE C 240 -29.95 -52.44 30.46
CA PHE C 240 -29.84 -51.05 30.86
C PHE C 240 -30.56 -50.77 32.16
N GLY C 241 -30.80 -51.81 32.97
CA GLY C 241 -31.39 -51.63 34.28
C GLY C 241 -30.45 -51.12 35.34
N GLU C 242 -29.16 -50.99 35.04
CA GLU C 242 -28.16 -50.59 36.01
C GLU C 242 -27.85 -49.09 35.98
N TYR C 243 -28.43 -48.33 35.06
CA TYR C 243 -28.22 -46.89 34.96
C TYR C 243 -29.58 -46.20 35.00
N GLU C 244 -29.81 -45.43 36.07
CA GLU C 244 -31.14 -44.90 36.34
C GLU C 244 -31.57 -43.87 35.31
N SER C 245 -30.63 -43.20 34.64
CA SER C 245 -31.00 -42.26 33.60
C SER C 245 -31.77 -42.96 32.49
N MET C 246 -31.28 -44.11 32.04
CA MET C 246 -31.96 -44.79 30.95
C MET C 246 -33.27 -45.42 31.40
N ARG C 247 -33.34 -45.95 32.63
CA ARG C 247 -34.62 -46.46 33.09
C ARG C 247 -35.65 -45.35 33.18
N ALA C 248 -35.24 -44.17 33.64
CA ALA C 248 -36.16 -43.04 33.67
C ALA C 248 -36.62 -42.67 32.27
N THR C 249 -35.68 -42.64 31.31
CA THR C 249 -36.07 -42.31 29.94
C THR C 249 -37.04 -43.34 29.38
N LEU C 250 -36.77 -44.63 29.65
CA LEU C 250 -37.64 -45.69 29.17
C LEU C 250 -39.04 -45.56 29.74
N GLU C 251 -39.15 -45.43 31.06
CA GLU C 251 -40.46 -45.40 31.69
C GLU C 251 -41.25 -44.16 31.29
N LYS C 252 -40.57 -43.01 31.16
CA LYS C 252 -41.30 -41.82 30.74
C LYS C 252 -41.77 -41.91 29.29
N ASP C 253 -41.13 -42.75 28.48
CA ASP C 253 -41.52 -42.92 27.08
C ASP C 253 -42.82 -43.71 27.03
N HIS C 254 -43.91 -43.05 26.64
CA HIS C 254 -45.21 -43.70 26.62
C HIS C 254 -45.36 -44.63 25.41
N THR C 255 -44.80 -44.23 24.27
CA THR C 255 -44.93 -45.02 23.06
C THR C 255 -44.23 -46.37 23.22
N GLN C 256 -44.83 -47.40 22.64
CA GLN C 256 -44.29 -48.75 22.70
C GLN C 256 -44.60 -49.45 21.38
N GLY C 257 -43.79 -50.47 21.08
CA GLY C 257 -43.95 -51.24 19.85
C GLY C 257 -43.05 -50.74 18.74
N GLN C 258 -42.47 -51.67 17.98
CA GLN C 258 -41.56 -51.29 16.91
C GLN C 258 -42.27 -50.49 15.83
N ASP C 259 -43.46 -50.92 15.43
CA ASP C 259 -44.19 -50.22 14.38
C ASP C 259 -44.55 -48.80 14.82
N ASP C 260 -44.99 -48.65 16.06
CA ASP C 260 -45.36 -47.34 16.56
C ASP C 260 -44.16 -46.42 16.52
N ALA C 261 -43.03 -46.88 17.06
CA ALA C 261 -41.83 -46.06 17.10
C ALA C 261 -41.39 -45.69 15.69
N LEU C 262 -41.44 -46.65 14.76
CA LEU C 262 -40.99 -46.39 13.39
C LEU C 262 -41.87 -45.35 12.73
N LEU C 263 -43.19 -45.48 12.84
CA LEU C 263 -44.07 -44.49 12.22
C LEU C 263 -43.93 -43.13 12.88
N ASP C 264 -43.75 -43.10 14.21
CA ASP C 264 -43.58 -41.82 14.89
C ASP C 264 -42.31 -41.11 14.43
N ILE C 265 -41.20 -41.86 14.34
CA ILE C 265 -39.95 -41.22 13.94
C ILE C 265 -40.01 -40.80 12.48
N TYR C 266 -40.70 -41.58 11.63
CA TYR C 266 -40.87 -41.15 10.24
C TYR C 266 -41.66 -39.85 10.18
N ARG C 267 -42.75 -39.76 10.94
CA ARG C 267 -43.57 -38.56 10.92
C ARG C 267 -42.76 -37.36 11.40
N LYS C 268 -41.97 -37.54 12.47
CA LYS C 268 -41.16 -36.45 12.96
C LYS C 268 -40.11 -36.03 11.94
N LEU C 269 -39.49 -37.01 11.27
CA LEU C 269 -38.44 -36.69 10.30
C LEU C 269 -39.03 -36.08 9.04
N ARG C 270 -40.11 -36.66 8.52
CA ARG C 270 -40.74 -36.22 7.26
C ARG C 270 -42.23 -36.02 7.52
N PRO C 271 -42.61 -34.93 8.16
CA PRO C 271 -44.04 -34.63 8.35
C PRO C 271 -44.69 -34.21 7.04
N GLY C 272 -46.02 -34.21 7.05
CA GLY C 272 -46.81 -33.80 5.92
C GLY C 272 -47.45 -34.93 5.14
N GLU C 273 -47.04 -36.17 5.38
CA GLU C 273 -47.62 -37.34 4.73
C GLU C 273 -47.91 -38.41 5.78
N PRO C 274 -48.87 -39.29 5.53
CA PRO C 274 -49.14 -40.36 6.50
C PRO C 274 -47.94 -41.29 6.60
N PRO C 275 -47.67 -41.85 7.77
CA PRO C 275 -46.51 -42.73 7.91
C PRO C 275 -46.70 -44.04 7.16
N THR C 276 -45.61 -44.55 6.60
CA THR C 276 -45.60 -45.83 5.90
C THR C 276 -44.49 -46.68 6.49
N ARG C 277 -44.85 -47.89 6.94
CA ARG C 277 -43.89 -48.77 7.60
C ARG C 277 -42.73 -49.11 6.67
N GLU C 278 -43.03 -49.58 5.47
CA GLU C 278 -41.97 -49.98 4.55
C GLU C 278 -41.11 -48.79 4.15
N ALA C 279 -41.72 -47.65 3.88
CA ALA C 279 -40.93 -46.49 3.48
C ALA C 279 -40.07 -45.99 4.64
N ALA C 280 -40.59 -46.06 5.86
CA ALA C 280 -39.77 -45.71 7.02
C ALA C 280 -38.57 -46.63 7.14
N GLN C 281 -38.77 -47.93 6.99
CA GLN C 281 -37.67 -48.88 7.13
C GLN C 281 -36.61 -48.64 6.04
N THR C 282 -37.06 -48.45 4.80
CA THR C 282 -36.10 -48.20 3.73
C THR C 282 -35.39 -46.86 3.92
N LEU C 283 -36.08 -45.85 4.46
CA LEU C 283 -35.43 -44.59 4.73
C LEU C 283 -34.32 -44.75 5.76
N LEU C 284 -34.62 -45.45 6.86
CA LEU C 284 -33.60 -45.66 7.89
C LEU C 284 -32.44 -46.46 7.35
N GLU C 285 -32.73 -47.50 6.55
CA GLU C 285 -31.64 -48.27 5.94
C GLU C 285 -30.81 -47.41 5.02
N ASN C 286 -31.46 -46.56 4.22
CA ASN C 286 -30.75 -45.73 3.25
C ASN C 286 -29.84 -44.72 3.94
N LEU C 287 -30.32 -44.09 5.01
CA LEU C 287 -29.58 -42.99 5.60
C LEU C 287 -28.28 -43.47 6.23
N TYR C 288 -28.33 -44.61 6.93
CA TYR C 288 -27.17 -45.12 7.67
C TYR C 288 -26.66 -46.45 7.12
N PHE C 289 -27.51 -47.46 7.03
CA PHE C 289 -27.04 -48.80 6.72
C PHE C 289 -26.60 -48.95 5.26
N ASN C 290 -27.03 -48.06 4.38
CA ASN C 290 -26.66 -48.19 2.98
C ASN C 290 -25.15 -48.06 2.82
N PRO C 291 -24.50 -48.93 2.04
CA PRO C 291 -23.03 -48.84 1.92
C PRO C 291 -22.56 -47.68 1.07
N LYS C 292 -23.46 -46.99 0.36
CA LYS C 292 -23.06 -45.88 -0.49
C LYS C 292 -23.20 -44.54 0.21
N ARG C 293 -24.32 -44.32 0.90
CA ARG C 293 -24.59 -43.02 1.51
C ARG C 293 -23.80 -42.80 2.79
N TYR C 294 -23.28 -43.86 3.41
CA TYR C 294 -22.58 -43.75 4.68
C TYR C 294 -21.28 -44.53 4.65
N ASP C 295 -20.55 -44.44 3.56
CA ASP C 295 -19.32 -45.21 3.39
C ASP C 295 -18.32 -44.63 4.37
N LEU C 296 -18.18 -45.27 5.53
CA LEU C 296 -17.17 -44.88 6.51
C LEU C 296 -15.80 -45.25 5.97
N ALA C 297 -14.85 -44.32 6.07
CA ALA C 297 -13.52 -44.58 5.56
C ALA C 297 -12.85 -45.69 6.37
N LYS C 298 -11.83 -46.30 5.77
CA LYS C 298 -11.09 -47.34 6.46
C LYS C 298 -10.52 -46.83 7.77
N VAL C 299 -10.02 -45.60 7.77
CA VAL C 299 -9.55 -44.98 9.02
C VAL C 299 -10.70 -44.86 10.01
N GLY C 300 -11.89 -44.55 9.52
CA GLY C 300 -13.02 -44.41 10.41
C GLY C 300 -13.31 -45.66 11.20
N ARG C 301 -13.46 -46.79 10.51
CA ARG C 301 -13.68 -48.06 11.20
C ARG C 301 -12.46 -48.45 12.03
N TYR C 302 -11.26 -48.20 11.50
CA TYR C 302 -10.05 -48.58 12.20
C TYR C 302 -9.95 -47.89 13.56
N LYS C 303 -10.43 -46.64 13.64
CA LYS C 303 -10.41 -45.94 14.92
C LYS C 303 -11.63 -46.25 15.75
N VAL C 304 -12.78 -46.49 15.12
CA VAL C 304 -14.00 -46.73 15.91
C VAL C 304 -13.90 -48.05 16.64
N ASN C 305 -13.29 -49.07 16.02
CA ASN C 305 -13.14 -50.35 16.72
C ASN C 305 -12.22 -50.20 17.92
N LYS C 306 -11.14 -49.44 17.80
CA LYS C 306 -10.24 -49.23 18.92
C LYS C 306 -10.92 -48.42 20.01
N LYS C 307 -11.66 -47.37 19.65
CA LYS C 307 -12.29 -46.52 20.66
C LYS C 307 -13.38 -47.26 21.41
N LEU C 308 -14.29 -47.90 20.67
CA LEU C 308 -15.40 -48.61 21.31
C LEU C 308 -14.97 -49.94 21.90
N GLY C 309 -13.81 -50.46 21.54
CA GLY C 309 -13.28 -51.66 22.14
C GLY C 309 -13.77 -52.96 21.54
N ALA C 310 -14.67 -52.91 20.56
CA ALA C 310 -15.14 -54.13 19.91
C ALA C 310 -13.97 -54.84 19.25
N ASP C 311 -13.87 -56.14 19.48
CA ASP C 311 -12.74 -56.94 19.00
C ASP C 311 -13.04 -57.44 17.59
N GLU C 312 -12.32 -56.92 16.61
CA GLU C 312 -12.43 -57.30 15.21
C GLU C 312 -13.88 -57.21 14.71
N PRO C 313 -14.43 -56.01 14.54
CA PRO C 313 -15.69 -55.88 13.80
C PRO C 313 -15.43 -55.98 12.30
N LEU C 314 -16.45 -55.76 11.47
CA LEU C 314 -16.26 -55.77 10.04
C LEU C 314 -15.20 -54.75 9.64
N ASP C 315 -14.24 -55.18 8.82
CA ASP C 315 -13.11 -54.32 8.49
C ASP C 315 -13.57 -53.10 7.70
N ALA C 316 -14.49 -53.29 6.76
CA ALA C 316 -15.02 -52.20 5.94
C ALA C 316 -16.53 -52.29 5.93
N GLY C 317 -17.19 -51.18 6.23
CA GLY C 317 -18.63 -51.14 6.21
C GLY C 317 -19.16 -49.99 7.02
N VAL C 318 -20.49 -49.90 7.04
CA VAL C 318 -21.20 -48.85 7.77
C VAL C 318 -21.35 -49.25 9.23
N LEU C 319 -21.77 -48.31 10.06
CA LEU C 319 -22.06 -48.60 11.46
C LEU C 319 -23.20 -49.61 11.56
N THR C 320 -23.13 -50.46 12.57
CA THR C 320 -24.15 -51.46 12.84
C THR C 320 -24.96 -51.06 14.08
N THR C 321 -26.12 -51.68 14.22
CA THR C 321 -26.92 -51.49 15.43
C THR C 321 -26.11 -51.88 16.66
N ASP C 322 -25.25 -52.89 16.54
CA ASP C 322 -24.33 -53.24 17.60
C ASP C 322 -23.46 -52.04 17.96
N ASP C 323 -22.94 -51.35 16.95
CA ASP C 323 -22.13 -50.16 17.22
C ASP C 323 -22.95 -49.07 17.89
N VAL C 324 -24.21 -48.89 17.47
CA VAL C 324 -25.05 -47.86 18.06
C VAL C 324 -25.27 -48.15 19.54
N ILE C 325 -25.60 -49.40 19.88
CA ILE C 325 -25.83 -49.75 21.27
C ILE C 325 -24.55 -49.63 22.08
N ALA C 326 -23.42 -50.03 21.49
CA ALA C 326 -22.15 -49.86 22.18
C ALA C 326 -21.87 -48.39 22.47
N THR C 327 -22.24 -47.51 21.53
CA THR C 327 -22.06 -46.08 21.75
C THR C 327 -22.98 -45.58 22.85
N ILE C 328 -24.23 -46.05 22.88
CA ILE C 328 -25.12 -45.69 23.99
C ILE C 328 -24.47 -46.08 25.31
N LYS C 329 -23.97 -47.31 25.39
CA LYS C 329 -23.41 -47.82 26.63
C LYS C 329 -22.18 -47.04 27.03
N TYR C 330 -21.29 -46.75 26.08
CA TYR C 330 -20.10 -45.97 26.38
C TYR C 330 -20.47 -44.57 26.87
N LEU C 331 -21.43 -43.93 26.20
CA LEU C 331 -21.81 -42.59 26.59
C LEU C 331 -22.34 -42.57 28.01
N VAL C 332 -23.24 -43.51 28.34
CA VAL C 332 -23.84 -43.49 29.67
C VAL C 332 -22.81 -43.88 30.72
N LYS C 333 -21.90 -44.81 30.39
CA LYS C 333 -20.83 -45.14 31.33
C LYS C 333 -19.97 -43.92 31.62
N LEU C 334 -19.72 -43.10 30.60
CA LEU C 334 -19.00 -41.85 30.83
C LEU C 334 -19.80 -40.93 31.73
N HIS C 335 -21.11 -40.83 31.49
CA HIS C 335 -21.93 -39.91 32.27
C HIS C 335 -21.99 -40.31 33.74
N ALA C 336 -22.20 -41.61 34.01
CA ALA C 336 -22.44 -42.04 35.38
C ALA C 336 -21.19 -41.94 36.25
N GLY C 337 -20.03 -41.69 35.65
CA GLY C 337 -18.82 -41.38 36.38
C GLY C 337 -17.79 -42.49 36.44
N GLU C 338 -18.19 -43.74 36.18
CA GLU C 338 -17.21 -44.82 36.15
C GLU C 338 -16.17 -44.53 35.08
N THR C 339 -14.90 -44.78 35.42
CA THR C 339 -13.78 -44.47 34.54
C THR C 339 -13.29 -45.69 33.76
N GLU C 340 -13.64 -46.90 34.20
CA GLU C 340 -13.24 -48.12 33.52
C GLU C 340 -14.46 -49.03 33.41
N THR C 341 -14.70 -49.58 32.22
CA THR C 341 -15.86 -50.44 32.04
C THR C 341 -15.57 -51.48 30.98
N VAL C 342 -16.32 -52.57 31.03
CA VAL C 342 -16.20 -53.64 30.05
C VAL C 342 -16.75 -53.13 28.71
N GLY C 343 -15.93 -53.22 27.67
CA GLY C 343 -16.39 -52.86 26.35
C GLY C 343 -17.38 -53.90 25.83
N GLU C 344 -18.47 -53.41 25.25
CA GLU C 344 -19.49 -54.30 24.71
C GLU C 344 -18.88 -55.16 23.62
N SER C 345 -18.94 -56.48 23.79
CA SER C 345 -18.29 -57.42 22.88
C SER C 345 -16.81 -57.07 22.73
N GLY C 346 -16.19 -56.70 23.84
CA GLY C 346 -14.80 -56.26 23.81
C GLY C 346 -14.21 -56.32 25.20
N ARG C 347 -12.90 -56.07 25.26
CA ARG C 347 -12.18 -56.11 26.52
C ARG C 347 -12.46 -54.85 27.34
N GLU C 348 -12.00 -54.88 28.58
CA GLU C 348 -12.16 -53.73 29.46
C GLU C 348 -11.42 -52.54 28.88
N ILE C 349 -12.03 -51.35 28.99
CA ILE C 349 -11.47 -50.13 28.42
C ILE C 349 -11.79 -48.98 29.35
N VAL C 350 -10.88 -48.00 29.37
CA VAL C 350 -11.15 -46.73 30.01
C VAL C 350 -12.23 -45.99 29.22
N VAL C 351 -13.22 -45.48 29.95
CA VAL C 351 -14.27 -44.65 29.37
C VAL C 351 -14.02 -43.22 29.82
N GLU C 352 -13.74 -42.34 28.85
CA GLU C 352 -13.31 -40.99 29.18
C GLU C 352 -13.60 -40.07 28.00
N THR C 353 -13.80 -38.80 28.30
CA THR C 353 -13.94 -37.78 27.28
C THR C 353 -12.67 -37.70 26.45
N ASP C 354 -12.83 -37.45 25.15
CA ASP C 354 -11.73 -37.35 24.22
C ASP C 354 -11.70 -35.96 23.62
N ASP C 355 -10.52 -35.33 23.63
CA ASP C 355 -10.38 -33.98 23.09
C ASP C 355 -10.11 -34.01 21.60
N ILE C 356 -10.81 -33.15 20.86
CA ILE C 356 -10.66 -33.13 19.41
C ILE C 356 -9.26 -32.71 19.02
N ASP C 357 -8.68 -31.73 19.72
CA ASP C 357 -7.42 -31.13 19.29
C ASP C 357 -6.28 -32.13 19.25
N HIS C 358 -6.38 -33.23 19.99
CA HIS C 358 -5.29 -34.20 20.01
C HIS C 358 -5.00 -34.69 18.61
N PHE C 359 -3.71 -34.84 18.30
CA PHE C 359 -3.31 -35.12 16.93
C PHE C 359 -3.62 -36.54 16.51
N GLY C 360 -4.01 -37.41 17.44
CA GLY C 360 -4.55 -38.70 17.06
C GLY C 360 -5.87 -38.59 16.32
N ASN C 361 -6.58 -37.48 16.51
CA ASN C 361 -7.85 -37.23 15.84
C ASN C 361 -7.70 -36.39 14.58
N ARG C 362 -6.49 -35.95 14.26
CA ARG C 362 -6.24 -35.15 13.07
C ARG C 362 -5.56 -36.02 12.02
N ARG C 363 -6.04 -35.92 10.79
CA ARG C 363 -5.58 -36.74 9.68
C ARG C 363 -5.21 -35.86 8.52
N ILE C 364 -4.09 -36.17 7.86
CA ILE C 364 -3.65 -35.42 6.69
C ILE C 364 -4.15 -36.15 5.46
N ARG C 365 -4.81 -35.40 4.57
CA ARG C 365 -5.25 -35.94 3.28
C ARG C 365 -4.13 -35.66 2.29
N ASN C 366 -3.15 -36.56 2.24
CA ASN C 366 -2.10 -36.44 1.25
C ASN C 366 -2.71 -36.33 -0.15
N VAL C 367 -1.92 -35.79 -1.08
CA VAL C 367 -2.42 -35.45 -2.41
C VAL C 367 -3.08 -36.66 -3.05
N GLY C 368 -2.56 -37.86 -2.78
CA GLY C 368 -3.18 -39.05 -3.32
C GLY C 368 -4.63 -39.17 -2.93
N GLU C 369 -4.94 -38.96 -1.65
CA GLU C 369 -6.31 -39.06 -1.20
C GLU C 369 -7.16 -37.93 -1.75
N LEU C 370 -6.59 -36.74 -1.90
CA LEU C 370 -7.37 -35.63 -2.46
C LEU C 370 -7.80 -35.93 -3.89
N ILE C 371 -6.83 -36.29 -4.74
CA ILE C 371 -7.16 -36.58 -6.13
C ILE C 371 -8.05 -37.81 -6.21
N GLN C 372 -7.87 -38.76 -5.29
CA GLN C 372 -8.73 -39.93 -5.28
C GLN C 372 -10.17 -39.56 -4.96
N ASN C 373 -10.37 -38.67 -3.99
CA ASN C 373 -11.73 -38.21 -3.69
C ASN C 373 -12.33 -37.51 -4.90
N GLN C 374 -11.54 -36.70 -5.59
CA GLN C 374 -12.08 -35.97 -6.74
C GLN C 374 -12.45 -36.93 -7.86
N VAL C 375 -11.57 -37.88 -8.19
CA VAL C 375 -11.88 -38.83 -9.26
C VAL C 375 -13.02 -39.74 -8.84
N ARG C 376 -13.17 -39.99 -7.53
CA ARG C 376 -14.31 -40.74 -7.05
C ARG C 376 -15.61 -40.00 -7.30
N THR C 377 -15.64 -38.69 -7.02
CA THR C 377 -16.83 -37.91 -7.32
C THR C 377 -17.12 -37.94 -8.81
N GLY C 378 -16.07 -37.78 -9.63
CA GLY C 378 -16.26 -37.85 -11.07
C GLY C 378 -16.84 -39.17 -11.53
N LEU C 379 -16.31 -40.28 -11.01
CA LEU C 379 -16.85 -41.58 -11.36
C LEU C 379 -18.26 -41.76 -10.83
N ALA C 380 -18.61 -41.10 -9.74
CA ALA C 380 -19.99 -41.13 -9.29
C ALA C 380 -20.91 -40.45 -10.30
N ARG C 381 -20.50 -39.31 -10.84
CA ARG C 381 -21.30 -38.69 -11.89
C ARG C 381 -21.36 -39.60 -13.12
N MET C 382 -20.24 -40.25 -13.44
CA MET C 382 -20.22 -41.18 -14.56
C MET C 382 -21.20 -42.32 -14.34
N GLU C 383 -21.24 -42.84 -13.11
CA GLU C 383 -22.16 -43.92 -12.78
C GLU C 383 -23.61 -43.47 -12.96
N ARG C 384 -23.94 -42.26 -12.48
CA ARG C 384 -25.30 -41.77 -12.65
C ARG C 384 -25.63 -41.62 -14.14
N VAL C 385 -24.68 -41.11 -14.92
CA VAL C 385 -24.93 -40.90 -16.34
C VAL C 385 -25.17 -42.23 -17.05
N VAL C 386 -24.33 -43.22 -16.77
CA VAL C 386 -24.49 -44.51 -17.46
C VAL C 386 -25.77 -45.20 -17.01
N ARG C 387 -26.16 -45.06 -15.74
CA ARG C 387 -27.43 -45.63 -15.30
C ARG C 387 -28.59 -44.97 -16.02
N GLU C 388 -28.57 -43.64 -16.15
CA GLU C 388 -29.62 -42.95 -16.88
C GLU C 388 -29.65 -43.40 -18.34
N ARG C 389 -28.47 -43.55 -18.95
CA ARG C 389 -28.41 -44.03 -20.33
C ARG C 389 -28.99 -45.44 -20.44
N MET C 390 -28.69 -46.29 -19.45
CA MET C 390 -29.22 -47.65 -19.44
C MET C 390 -30.74 -47.63 -19.38
N THR C 391 -31.30 -46.74 -18.55
CA THR C 391 -32.74 -46.62 -18.46
C THR C 391 -33.39 -46.13 -19.76
N THR C 392 -32.60 -45.51 -20.64
CA THR C 392 -33.11 -44.96 -21.90
C THR C 392 -32.31 -45.51 -23.08
N GLN C 393 -32.07 -46.82 -23.07
CA GLN C 393 -31.35 -47.47 -24.15
C GLN C 393 -31.92 -48.86 -24.36
N ASP C 394 -31.89 -49.31 -25.61
CA ASP C 394 -32.39 -50.64 -25.97
C ASP C 394 -31.27 -51.67 -25.93
N VAL C 395 -31.66 -52.94 -25.76
CA VAL C 395 -30.68 -54.01 -25.62
C VAL C 395 -30.12 -54.38 -26.99
N GLU C 396 -28.91 -54.94 -26.97
CA GLU C 396 -28.16 -55.43 -28.13
C GLU C 396 -27.55 -54.30 -28.96
N ALA C 397 -27.84 -53.04 -28.65
CA ALA C 397 -27.14 -51.90 -29.23
C ALA C 397 -26.23 -51.23 -28.20
N ILE C 398 -25.86 -51.96 -27.16
CA ILE C 398 -25.15 -51.42 -26.01
C ILE C 398 -23.76 -52.04 -26.00
N THR C 399 -22.74 -51.21 -26.02
CA THR C 399 -21.34 -51.59 -25.94
C THR C 399 -20.63 -50.72 -24.90
N PRO C 400 -19.61 -51.25 -24.21
CA PRO C 400 -18.93 -50.41 -23.20
C PRO C 400 -18.33 -49.16 -23.79
N GLN C 401 -17.98 -49.19 -25.08
CA GLN C 401 -17.38 -48.04 -25.73
C GLN C 401 -18.34 -46.84 -25.71
N THR C 402 -19.62 -47.09 -25.97
CA THR C 402 -20.58 -46.02 -26.22
C THR C 402 -21.24 -45.49 -24.96
N LEU C 403 -21.46 -46.35 -23.96
CA LEU C 403 -22.35 -45.96 -22.86
C LEU C 403 -21.67 -44.99 -21.90
N ILE C 404 -20.37 -45.16 -21.66
CA ILE C 404 -19.69 -44.33 -20.69
C ILE C 404 -19.41 -42.95 -21.29
N ASN C 405 -19.80 -41.91 -20.57
CA ASN C 405 -19.44 -40.54 -20.92
C ASN C 405 -18.26 -40.12 -20.05
N ILE C 406 -17.14 -39.81 -20.70
CA ILE C 406 -15.91 -39.50 -19.97
C ILE C 406 -15.87 -38.05 -19.49
N ARG C 407 -16.87 -37.24 -19.86
CA ARG C 407 -16.85 -35.83 -19.49
C ARG C 407 -16.71 -35.59 -17.99
N PRO C 408 -17.43 -36.26 -17.10
CA PRO C 408 -17.36 -35.86 -15.68
C PRO C 408 -16.00 -36.05 -15.06
N VAL C 409 -15.34 -37.18 -15.33
CA VAL C 409 -14.06 -37.46 -14.69
C VAL C 409 -13.03 -36.42 -15.11
N VAL C 410 -12.93 -36.15 -16.41
CA VAL C 410 -11.97 -35.17 -16.88
C VAL C 410 -12.33 -33.78 -16.38
N ALA C 411 -13.62 -33.43 -16.41
CA ALA C 411 -14.05 -32.12 -15.95
C ALA C 411 -13.80 -31.91 -14.47
N SER C 412 -13.81 -32.97 -13.67
CA SER C 412 -13.53 -32.85 -12.25
C SER C 412 -12.03 -32.81 -11.97
N ILE C 413 -11.25 -33.69 -12.59
CA ILE C 413 -9.81 -33.66 -12.36
C ILE C 413 -9.19 -32.39 -12.92
N LYS C 414 -9.85 -31.74 -13.89
CA LYS C 414 -9.41 -30.43 -14.36
C LYS C 414 -9.93 -29.29 -13.50
N GLU C 415 -11.15 -29.43 -12.97
CA GLU C 415 -11.63 -28.42 -12.05
C GLU C 415 -11.07 -28.69 -10.66
N PHE C 416 -10.38 -29.81 -10.48
CA PHE C 416 -9.75 -30.04 -9.18
C PHE C 416 -8.67 -29.02 -8.95
N PHE C 417 -7.85 -28.80 -9.95
CA PHE C 417 -6.77 -27.83 -9.80
C PHE C 417 -7.29 -26.43 -9.67
N GLY C 418 -8.32 -26.10 -10.44
CA GLY C 418 -8.94 -24.79 -10.31
C GLY C 418 -9.84 -24.71 -9.09
N THR C 419 -10.03 -23.54 -8.52
CA THR C 419 -10.97 -23.36 -7.41
C THR C 419 -10.71 -24.33 -6.28
N SER C 420 -9.43 -24.56 -5.99
CA SER C 420 -9.09 -25.44 -4.90
C SER C 420 -8.12 -24.74 -4.00
N GLN C 421 -8.39 -24.81 -2.72
CA GLN C 421 -7.56 -24.14 -1.76
C GLN C 421 -6.35 -25.03 -1.57
N LEU C 422 -6.34 -26.20 -2.21
CA LEU C 422 -5.21 -27.07 -1.94
C LEU C 422 -4.24 -27.15 -3.09
N SER C 423 -4.69 -26.89 -4.32
CA SER C 423 -3.81 -26.84 -5.49
C SER C 423 -3.27 -25.42 -5.59
N GLN C 424 -2.09 -25.20 -5.03
CA GLN C 424 -1.52 -23.87 -4.90
C GLN C 424 -0.44 -23.65 -5.95
N PHE C 425 -0.32 -22.40 -6.40
CA PHE C 425 0.75 -22.06 -7.33
C PHE C 425 2.07 -22.26 -6.62
N MET C 426 2.95 -23.08 -7.19
CA MET C 426 4.22 -23.37 -6.55
C MET C 426 5.05 -22.10 -6.41
N ASP C 427 5.73 -21.92 -5.28
CA ASP C 427 6.62 -20.78 -5.14
C ASP C 427 8.09 -21.17 -5.31
N GLN C 428 8.75 -20.59 -6.29
CA GLN C 428 10.13 -21.00 -6.57
C GLN C 428 11.11 -19.91 -6.19
N ASN C 429 10.83 -19.15 -5.12
CA ASN C 429 11.76 -18.11 -4.68
C ASN C 429 13.13 -18.69 -4.41
N ASN C 430 13.19 -19.95 -4.02
CA ASN C 430 14.44 -20.66 -3.77
C ASN C 430 14.10 -22.10 -3.44
N PRO C 431 15.07 -23.01 -3.48
CA PRO C 431 14.75 -24.42 -3.23
C PRO C 431 14.08 -24.66 -1.89
N LEU C 432 14.38 -23.84 -0.88
CA LEU C 432 13.82 -24.07 0.43
C LEU C 432 12.37 -23.61 0.49
N SER C 433 12.04 -22.54 -0.22
CA SER C 433 10.64 -22.20 -0.38
C SER C 433 9.89 -23.34 -1.06
N GLY C 434 10.53 -23.99 -2.03
CA GLY C 434 9.92 -25.15 -2.64
C GLY C 434 9.64 -26.25 -1.65
N LEU C 435 10.65 -26.67 -0.89
CA LEU C 435 10.45 -27.74 0.08
C LEU C 435 9.37 -27.36 1.08
N THR C 436 9.41 -26.12 1.58
CA THR C 436 8.43 -25.71 2.58
C THR C 436 7.02 -25.69 2.01
N HIS C 437 6.86 -25.33 0.74
CA HIS C 437 5.52 -25.37 0.15
C HIS C 437 5.09 -26.82 -0.09
N LYS C 438 6.04 -27.72 -0.30
CA LYS C 438 5.69 -29.13 -0.41
C LYS C 438 5.18 -29.68 0.91
N ARG C 439 5.85 -29.34 2.00
CA ARG C 439 5.57 -30.00 3.27
C ARG C 439 4.45 -29.37 4.07
N ARG C 440 3.89 -28.23 3.64
CA ARG C 440 2.87 -27.61 4.46
C ARG C 440 1.59 -28.45 4.47
N LEU C 441 0.91 -28.41 5.61
CA LEU C 441 -0.28 -29.21 5.88
C LEU C 441 -1.40 -28.21 6.12
N ASN C 442 -2.05 -27.78 5.05
CA ASN C 442 -2.91 -26.60 5.11
C ASN C 442 -4.24 -27.02 5.74
N ALA C 443 -4.57 -26.41 6.88
CA ALA C 443 -5.83 -26.72 7.54
C ALA C 443 -7.02 -26.16 6.76
N LEU C 444 -6.81 -25.09 6.01
CA LEU C 444 -7.92 -24.49 5.26
C LEU C 444 -8.19 -25.30 3.99
N GLY C 445 -9.47 -25.41 3.63
CA GLY C 445 -9.85 -26.07 2.41
C GLY C 445 -11.27 -26.59 2.46
N PRO C 446 -11.73 -27.19 1.36
CA PRO C 446 -13.09 -27.72 1.33
C PRO C 446 -13.27 -28.83 2.37
N GLY C 447 -14.45 -28.86 2.96
CA GLY C 447 -14.75 -29.86 3.97
C GLY C 447 -13.78 -29.85 5.14
N GLY C 448 -13.45 -28.67 5.65
CA GLY C 448 -12.48 -28.58 6.71
C GLY C 448 -12.52 -27.25 7.42
N LEU C 449 -11.57 -27.08 8.33
CA LEU C 449 -11.48 -25.88 9.14
C LEU C 449 -11.22 -24.67 8.26
N SER C 450 -12.21 -23.77 8.16
CA SER C 450 -12.11 -22.59 7.34
C SER C 450 -11.61 -21.40 8.17
N ARG C 451 -11.35 -20.28 7.49
CA ARG C 451 -10.82 -19.10 8.17
C ARG C 451 -11.81 -18.55 9.20
N GLU C 452 -13.09 -18.51 8.84
CA GLU C 452 -14.08 -17.92 9.74
C GLU C 452 -14.37 -18.86 10.90
N ARG C 453 -14.26 -20.17 10.68
CA ARG C 453 -14.48 -21.14 11.74
C ARG C 453 -13.34 -21.18 12.75
N ALA C 454 -12.25 -20.46 12.50
CA ALA C 454 -11.07 -20.54 13.34
C ALA C 454 -11.38 -20.14 14.78
N GLY C 455 -10.77 -20.86 15.72
CA GLY C 455 -10.88 -20.55 17.13
C GLY C 455 -9.51 -20.54 17.78
N PHE C 456 -9.51 -20.22 19.07
CA PHE C 456 -8.25 -20.18 19.81
C PHE C 456 -7.64 -21.57 19.92
N GLU C 457 -8.46 -22.58 20.19
CA GLU C 457 -7.92 -23.91 20.49
C GLU C 457 -7.20 -24.52 19.29
N VAL C 458 -7.78 -24.38 18.09
CA VAL C 458 -7.20 -25.07 16.93
C VAL C 458 -5.82 -24.51 16.61
N ARG C 459 -5.68 -23.19 16.60
CA ARG C 459 -4.39 -22.58 16.27
C ARG C 459 -3.33 -22.94 17.29
N ASP C 460 -3.70 -22.99 18.56
CA ASP C 460 -2.72 -23.16 19.63
C ASP C 460 -2.01 -24.50 19.50
N VAL C 461 -0.73 -24.50 19.90
CA VAL C 461 0.04 -25.73 19.89
C VAL C 461 -0.54 -26.71 20.89
N HIS C 462 -0.36 -28.01 20.63
CA HIS C 462 -0.86 -29.04 21.52
C HIS C 462 0.36 -29.90 21.83
N PRO C 463 0.35 -30.64 22.93
CA PRO C 463 1.46 -31.54 23.23
C PRO C 463 1.67 -32.59 22.15
N SER C 464 0.57 -33.08 21.57
CA SER C 464 0.65 -34.11 20.53
C SER C 464 1.41 -33.66 19.28
N HIS C 465 1.43 -32.36 19.03
CA HIS C 465 2.09 -31.83 17.83
C HIS C 465 3.58 -32.13 17.77
N TYR C 466 4.22 -32.36 18.91
CA TYR C 466 5.65 -32.57 18.92
C TYR C 466 5.98 -33.74 18.01
N GLY C 467 6.91 -33.53 17.08
CA GLY C 467 7.34 -34.59 16.19
C GLY C 467 6.41 -34.85 15.02
N ARG C 468 5.27 -34.17 14.98
CA ARG C 468 4.31 -34.37 13.90
C ARG C 468 3.86 -33.09 13.21
N MET C 469 4.17 -31.95 13.81
CA MET C 469 3.81 -30.66 13.23
C MET C 469 4.64 -29.62 13.92
N CYS C 470 5.56 -28.99 13.19
CA CYS C 470 6.47 -28.02 13.79
C CYS C 470 5.64 -26.87 14.33
N PRO C 471 5.76 -26.53 15.62
CA PRO C 471 5.00 -25.38 16.14
C PRO C 471 5.69 -24.06 15.88
N ILE C 472 6.96 -24.09 15.46
CA ILE C 472 7.74 -22.86 15.36
C ILE C 472 7.30 -22.04 14.16
N GLU C 473 7.28 -22.65 12.98
CA GLU C 473 7.06 -21.93 11.73
C GLU C 473 5.59 -22.05 11.30
N THR C 474 5.05 -20.92 10.86
CA THR C 474 3.71 -20.85 10.27
C THR C 474 3.49 -19.41 9.81
N PRO C 475 2.61 -19.17 8.83
CA PRO C 475 2.35 -17.78 8.43
C PRO C 475 1.86 -16.96 9.61
N GLU C 476 2.33 -15.72 9.68
CA GLU C 476 1.97 -14.81 10.77
C GLU C 476 0.70 -14.03 10.50
N GLY C 477 0.11 -14.18 9.31
CA GLY C 477 -1.09 -13.45 8.97
C GLY C 477 -2.28 -13.88 9.80
N PRO C 478 -3.49 -13.50 9.38
CA PRO C 478 -4.68 -13.92 10.12
C PRO C 478 -4.81 -15.43 10.25
N ASN C 479 -4.28 -16.18 9.29
CA ASN C 479 -4.25 -17.64 9.38
C ASN C 479 -2.98 -18.09 10.11
N ILE C 480 -2.86 -17.63 11.36
CA ILE C 480 -1.74 -18.03 12.21
C ILE C 480 -2.00 -19.43 12.73
N GLY C 481 -1.02 -20.31 12.57
CA GLY C 481 -1.10 -21.66 13.11
C GLY C 481 -1.96 -22.63 12.33
N LEU C 482 -2.91 -22.14 11.53
CA LEU C 482 -3.72 -23.05 10.75
C LEU C 482 -2.89 -23.81 9.73
N ILE C 483 -1.87 -23.17 9.18
CA ILE C 483 -0.99 -23.77 8.18
C ILE C 483 0.37 -23.97 8.83
N GLY C 484 0.85 -25.21 8.83
CA GLY C 484 2.12 -25.52 9.45
C GLY C 484 2.89 -26.55 8.64
N SER C 485 4.20 -26.56 8.86
CA SER C 485 5.08 -27.45 8.13
C SER C 485 5.30 -28.72 8.93
N LEU C 486 5.32 -29.85 8.24
CA LEU C 486 5.54 -31.13 8.88
C LEU C 486 6.89 -31.15 9.59
N ALA C 487 7.01 -32.03 10.58
CA ALA C 487 8.26 -32.19 11.29
C ALA C 487 9.34 -32.71 10.34
N SER C 488 10.57 -32.81 10.88
CA SER C 488 11.69 -33.25 10.05
C SER C 488 11.60 -34.74 9.73
N TYR C 489 11.29 -35.55 10.73
CA TYR C 489 11.28 -37.00 10.58
C TYR C 489 9.89 -37.57 10.32
N GLY C 490 8.90 -36.72 10.09
CA GLY C 490 7.53 -37.19 10.04
C GLY C 490 7.31 -38.14 8.88
N ARG C 491 6.51 -39.17 9.13
CA ARG C 491 6.08 -40.13 8.11
C ARG C 491 4.59 -40.37 8.29
N ILE C 492 3.91 -40.66 7.18
CA ILE C 492 2.46 -40.69 7.16
C ILE C 492 1.99 -42.12 7.37
N ASN C 493 1.14 -42.31 8.36
CA ASN C 493 0.53 -43.61 8.58
C ASN C 493 -0.43 -43.91 7.42
N PRO C 494 -0.54 -45.16 6.97
CA PRO C 494 -1.37 -45.43 5.79
C PRO C 494 -2.81 -44.97 5.94
N PHE C 495 -3.39 -45.10 7.14
CA PHE C 495 -4.71 -44.52 7.37
C PHE C 495 -4.69 -43.01 7.18
N GLY C 496 -3.58 -42.35 7.52
CA GLY C 496 -3.43 -40.92 7.33
C GLY C 496 -2.83 -40.19 8.51
N PHE C 497 -2.76 -40.79 9.69
CA PHE C 497 -2.15 -40.12 10.83
C PHE C 497 -0.66 -39.99 10.60
N ILE C 498 -0.01 -39.15 11.41
CA ILE C 498 1.39 -38.83 11.26
C ILE C 498 2.19 -39.59 12.30
N GLU C 499 3.21 -40.30 11.85
CA GLU C 499 4.10 -41.05 12.73
C GLU C 499 5.31 -40.21 13.10
N THR C 500 6.19 -40.81 13.88
CA THR C 500 7.49 -40.24 14.19
C THR C 500 8.36 -41.31 14.83
N PRO C 501 9.65 -41.35 14.54
CA PRO C 501 10.47 -42.44 15.07
C PRO C 501 10.77 -42.26 16.55
N TYR C 502 11.13 -43.37 17.18
CA TYR C 502 11.67 -43.36 18.54
C TYR C 502 12.61 -44.55 18.67
N ARG C 503 13.71 -44.35 19.39
CA ARG C 503 14.64 -45.44 19.63
C ARG C 503 14.15 -46.31 20.78
N LYS C 504 14.52 -47.59 20.72
CA LYS C 504 14.03 -48.58 21.66
C LYS C 504 14.97 -48.70 22.84
N VAL C 505 14.39 -48.70 24.04
CA VAL C 505 15.14 -48.79 25.30
C VAL C 505 14.65 -50.01 26.05
N VAL C 506 15.58 -50.72 26.70
CA VAL C 506 15.26 -51.94 27.43
C VAL C 506 16.27 -52.12 28.55
N GLU C 507 15.76 -52.51 29.72
CA GLU C 507 16.49 -52.53 31.00
C GLU C 507 17.41 -51.32 31.14
N GLY C 508 16.94 -50.14 30.76
CA GLY C 508 17.75 -48.95 30.85
C GLY C 508 18.86 -48.87 29.83
N GLN C 509 18.87 -49.75 28.84
CA GLN C 509 19.86 -49.75 27.77
C GLN C 509 19.20 -49.26 26.49
N VAL C 510 19.82 -48.27 25.85
CA VAL C 510 19.32 -47.74 24.60
C VAL C 510 19.79 -48.66 23.48
N THR C 511 18.85 -49.20 22.72
CA THR C 511 19.15 -50.14 21.65
C THR C 511 19.08 -49.44 20.30
N ASP C 512 19.76 -50.03 19.32
CA ASP C 512 19.80 -49.49 17.96
C ASP C 512 18.64 -50.00 17.12
N ASP C 513 17.42 -49.84 17.65
CA ASP C 513 16.19 -50.18 16.96
C ASP C 513 15.26 -48.98 17.01
N VAL C 514 14.51 -48.78 15.94
CA VAL C 514 13.63 -47.62 15.79
C VAL C 514 12.22 -48.11 15.51
N ASP C 515 11.24 -47.47 16.15
CA ASP C 515 9.83 -47.78 15.94
C ASP C 515 9.10 -46.47 15.67
N TYR C 516 8.22 -46.50 14.68
CA TYR C 516 7.46 -45.32 14.29
C TYR C 516 6.15 -45.30 15.07
N LEU C 517 6.00 -44.33 15.95
CA LEU C 517 4.82 -44.20 16.80
C LEU C 517 3.92 -43.10 16.27
N THR C 518 2.62 -43.36 16.31
CA THR C 518 1.62 -42.39 15.87
C THR C 518 1.28 -41.45 17.02
N ALA C 519 0.20 -40.67 16.87
CA ALA C 519 -0.17 -39.68 17.87
C ALA C 519 -0.92 -40.28 19.05
N ASP C 520 -1.34 -41.54 18.97
CA ASP C 520 -2.07 -42.21 20.03
C ASP C 520 -1.20 -43.23 20.79
N GLU C 521 -0.46 -44.06 20.06
CA GLU C 521 0.42 -45.02 20.70
C GLU C 521 1.48 -44.33 21.55
N GLU C 522 1.80 -43.08 21.24
CA GLU C 522 2.76 -42.33 22.05
C GLU C 522 2.27 -42.18 23.48
N ASP C 523 0.96 -41.97 23.66
CA ASP C 523 0.44 -41.61 24.98
C ASP C 523 0.67 -42.73 25.99
N ARG C 524 0.53 -43.98 25.57
CA ARG C 524 0.60 -45.09 26.52
C ARG C 524 1.96 -45.15 27.20
N PHE C 525 3.03 -44.96 26.43
CA PHE C 525 4.37 -45.14 26.95
C PHE C 525 4.94 -43.82 27.45
N VAL C 526 6.16 -43.88 27.99
CA VAL C 526 6.90 -42.72 28.45
C VAL C 526 8.10 -42.53 27.53
N ILE C 527 8.32 -41.29 27.09
CA ILE C 527 9.34 -40.97 26.09
C ILE C 527 10.38 -40.07 26.74
N ALA C 528 11.64 -40.40 26.55
CA ALA C 528 12.75 -39.61 27.09
C ALA C 528 13.13 -38.52 26.10
N GLN C 529 14.27 -37.88 26.33
CA GLN C 529 14.78 -36.81 25.47
C GLN C 529 16.12 -37.23 24.89
N ALA C 530 16.31 -36.93 23.61
CA ALA C 530 17.56 -37.31 22.95
C ALA C 530 18.75 -36.61 23.59
N ASN C 531 18.56 -35.36 24.03
CA ASN C 531 19.65 -34.60 24.63
C ASN C 531 20.21 -35.24 25.89
N ALA C 532 19.46 -36.11 26.55
CA ALA C 532 19.92 -36.70 27.80
C ALA C 532 21.23 -37.44 27.58
N ALA C 533 22.21 -37.17 28.43
CA ALA C 533 23.52 -37.75 28.25
C ALA C 533 23.48 -39.26 28.45
N LEU C 534 24.40 -39.94 27.77
CA LEU C 534 24.54 -41.38 27.88
C LEU C 534 25.98 -41.71 28.21
N GLY C 535 26.17 -42.74 29.02
CA GLY C 535 27.48 -43.11 29.48
C GLY C 535 28.32 -43.69 28.35
N ASP C 536 29.55 -44.07 28.70
CA ASP C 536 30.41 -44.75 27.73
C ASP C 536 29.74 -46.03 27.22
N ASP C 537 29.16 -46.79 28.14
CA ASP C 537 28.30 -47.91 27.77
C ASP C 537 26.95 -47.37 27.29
N MET C 538 26.07 -48.28 26.86
CA MET C 538 24.77 -47.87 26.36
C MET C 538 23.77 -47.59 27.47
N ARG C 539 24.14 -47.79 28.73
CA ARG C 539 23.25 -47.45 29.83
C ARG C 539 23.21 -45.94 30.03
N PHE C 540 22.24 -45.48 30.81
CA PHE C 540 22.13 -44.07 31.13
C PHE C 540 23.25 -43.67 32.08
N ALA C 541 23.93 -42.56 31.74
CA ALA C 541 24.99 -42.05 32.61
C ALA C 541 24.43 -41.60 33.95
N GLU C 542 23.29 -40.91 33.94
CA GLU C 542 22.69 -40.37 35.15
C GLU C 542 21.37 -41.07 35.41
N ALA C 543 21.13 -41.45 36.66
CA ALA C 543 19.85 -42.04 37.02
C ALA C 543 18.71 -41.07 36.73
N ARG C 544 18.88 -39.81 37.11
CA ARG C 544 17.88 -38.77 36.86
C ARG C 544 17.91 -38.41 35.37
N VAL C 545 16.74 -38.46 34.72
CA VAL C 545 16.61 -38.13 33.31
C VAL C 545 15.23 -37.54 33.06
N LEU C 546 15.19 -36.44 32.34
CA LEU C 546 13.93 -35.80 31.99
C LEU C 546 13.17 -36.67 31.01
N VAL C 547 11.84 -36.78 31.21
CA VAL C 547 10.97 -37.55 30.34
C VAL C 547 9.64 -36.81 30.20
N ARG C 548 8.88 -37.21 29.19
CA ARG C 548 7.53 -36.72 28.98
C ARG C 548 6.58 -37.91 28.91
N ARG C 549 5.32 -37.67 29.23
CA ARG C 549 4.37 -38.76 29.42
C ARG C 549 2.99 -38.28 28.97
N ARG C 550 1.96 -39.02 29.40
CA ARG C 550 0.60 -38.74 28.95
C ARG C 550 0.21 -37.31 29.29
N GLY C 551 -0.56 -36.69 28.39
CA GLY C 551 -1.04 -35.34 28.61
C GLY C 551 0.02 -34.27 28.52
N GLY C 552 1.12 -34.53 27.82
CA GLY C 552 2.17 -33.53 27.72
C GLY C 552 2.90 -33.27 29.02
N GLU C 553 2.81 -34.18 29.98
CA GLU C 553 3.51 -34.00 31.24
C GLU C 553 5.01 -33.97 31.01
N VAL C 554 5.73 -33.37 31.95
CA VAL C 554 7.17 -33.20 31.85
C VAL C 554 7.87 -33.73 33.11
N ASP C 555 7.15 -34.43 33.96
CA ASP C 555 7.75 -34.95 35.19
C ASP C 555 8.86 -35.94 34.87
N TYR C 556 9.88 -35.95 35.71
CA TYR C 556 11.01 -36.84 35.54
C TYR C 556 10.73 -38.20 36.17
N VAL C 557 11.47 -39.21 35.74
CA VAL C 557 11.39 -40.55 36.31
C VAL C 557 12.80 -41.15 36.30
N PRO C 558 13.55 -41.14 37.40
CA PRO C 558 14.92 -41.62 37.34
C PRO C 558 15.00 -43.11 37.15
N GLY C 559 16.21 -43.58 36.82
CA GLY C 559 16.49 -44.99 36.74
C GLY C 559 15.88 -45.63 35.51
N ASP C 560 16.03 -46.96 35.46
CA ASP C 560 15.51 -47.73 34.33
C ASP C 560 14.00 -47.83 34.40
N ASP C 561 13.31 -46.88 33.78
CA ASP C 561 11.87 -46.96 33.59
C ASP C 561 11.43 -46.60 32.18
N VAL C 562 12.23 -45.86 31.42
CA VAL C 562 11.83 -45.43 30.09
C VAL C 562 11.89 -46.62 29.13
N ASP C 563 11.15 -46.50 28.05
CA ASP C 563 11.15 -47.48 26.98
C ASP C 563 11.43 -46.89 25.61
N TYR C 564 11.19 -45.60 25.41
CA TYR C 564 11.48 -44.94 24.14
C TYR C 564 12.18 -43.61 24.41
N MET C 565 13.02 -43.21 23.47
CA MET C 565 13.62 -41.88 23.48
C MET C 565 13.67 -41.34 22.06
N ASP C 566 13.59 -40.02 21.94
CA ASP C 566 13.66 -39.38 20.63
C ASP C 566 14.98 -39.75 19.96
N VAL C 567 14.92 -39.97 18.65
CA VAL C 567 16.11 -40.43 17.94
C VAL C 567 17.03 -39.26 17.62
N SER C 568 16.48 -38.07 17.42
CA SER C 568 17.27 -36.90 17.09
C SER C 568 16.67 -35.67 17.77
N PRO C 569 17.49 -34.79 18.36
CA PRO C 569 16.92 -33.63 19.04
C PRO C 569 16.20 -32.68 18.12
N ARG C 570 16.45 -32.75 16.82
CA ARG C 570 15.82 -31.86 15.85
C ARG C 570 14.47 -32.39 15.38
N GLN C 571 13.89 -33.36 16.09
CA GLN C 571 12.65 -33.96 15.63
C GLN C 571 11.53 -32.93 15.57
N MET C 572 11.40 -32.11 16.60
CA MET C 572 10.28 -31.16 16.64
C MET C 572 10.39 -30.01 15.65
N VAL C 573 11.50 -29.90 14.93
CA VAL C 573 11.67 -28.75 14.05
C VAL C 573 11.63 -29.08 12.56
N SER C 574 10.93 -28.26 11.79
CA SER C 574 10.80 -28.49 10.35
C SER C 574 12.03 -28.04 9.57
N VAL C 575 12.06 -28.27 8.26
CA VAL C 575 13.24 -27.97 7.47
C VAL C 575 13.68 -26.50 7.52
N ALA C 576 12.74 -25.56 7.40
CA ALA C 576 13.09 -24.16 7.38
C ALA C 576 13.62 -23.74 8.74
N THR C 577 13.01 -24.28 9.79
CA THR C 577 13.42 -23.96 11.15
C THR C 577 14.70 -24.68 11.52
N ALA C 578 14.91 -25.89 11.02
CA ALA C 578 16.17 -26.57 11.27
C ALA C 578 17.35 -25.87 10.63
N MET C 579 17.12 -24.99 9.66
CA MET C 579 18.24 -24.29 9.04
C MET C 579 18.92 -23.34 10.00
N ILE C 580 18.14 -22.65 10.84
CA ILE C 580 18.66 -21.57 11.68
C ILE C 580 19.75 -22.12 12.59
N PRO C 581 20.87 -21.43 12.77
CA PRO C 581 21.83 -21.85 13.81
C PRO C 581 21.55 -21.13 15.11
N PHE C 582 22.02 -21.74 16.20
CA PHE C 582 21.78 -21.22 17.54
C PHE C 582 20.30 -20.96 17.76
N LEU C 583 19.45 -21.84 17.23
CA LEU C 583 18.01 -21.62 17.34
C LEU C 583 17.56 -21.62 18.79
N GLU C 584 18.14 -22.49 19.61
CA GLU C 584 17.66 -22.65 20.98
C GLU C 584 17.67 -21.33 21.74
N HIS C 585 18.60 -20.44 21.42
CA HIS C 585 18.74 -19.19 22.16
C HIS C 585 17.71 -18.14 21.76
N ASP C 586 17.09 -18.25 20.59
CA ASP C 586 16.13 -17.25 20.14
C ASP C 586 14.77 -17.49 20.77
N ASP C 587 14.03 -16.42 20.97
CA ASP C 587 12.64 -16.55 21.38
C ASP C 587 11.84 -17.24 20.29
N ALA C 588 10.77 -17.91 20.68
CA ALA C 588 9.95 -18.62 19.72
C ALA C 588 9.39 -17.68 18.66
N ASN C 589 9.03 -16.46 19.06
CA ASN C 589 8.46 -15.50 18.11
C ASN C 589 9.48 -15.11 17.05
N ARG C 590 10.72 -14.80 17.49
CA ARG C 590 11.73 -14.38 16.53
C ARG C 590 12.19 -15.55 15.66
N ALA C 591 12.20 -16.76 16.22
CA ALA C 591 12.46 -17.92 15.39
C ALA C 591 11.37 -18.10 14.33
N LEU C 592 10.11 -17.89 14.73
CA LEU C 592 9.02 -17.95 13.76
C LEU C 592 9.25 -16.97 12.63
N MET C 593 9.55 -15.72 12.96
CA MET C 593 9.77 -14.74 11.91
C MET C 593 10.98 -15.09 11.06
N GLY C 594 12.04 -15.61 11.68
CA GLY C 594 13.22 -15.96 10.92
C GLY C 594 12.97 -17.09 9.94
N ALA C 595 12.17 -18.08 10.35
CA ALA C 595 11.89 -19.21 9.48
C ALA C 595 10.86 -18.86 8.41
N ASN C 596 9.95 -17.94 8.71
CA ASN C 596 8.97 -17.53 7.71
C ASN C 596 9.59 -16.63 6.66
N MET C 597 10.43 -15.69 7.09
CA MET C 597 11.26 -14.89 6.21
C MET C 597 12.07 -15.74 5.24
N MET C 598 12.74 -16.77 5.73
CA MET C 598 13.69 -17.51 4.91
C MET C 598 13.04 -18.24 3.74
N ARG C 599 11.71 -18.18 3.62
CA ARG C 599 11.01 -18.64 2.42
C ARG C 599 10.81 -17.53 1.41
N GLN C 600 11.66 -16.49 1.44
CA GLN C 600 11.55 -15.38 0.51
C GLN C 600 12.88 -14.92 -0.06
N ALA C 601 14.01 -15.35 0.48
CA ALA C 601 15.30 -14.91 -0.01
C ALA C 601 15.46 -15.29 -1.47
N VAL C 602 15.87 -14.33 -2.29
CA VAL C 602 15.99 -14.55 -3.73
C VAL C 602 17.40 -15.04 -4.03
N PRO C 603 17.60 -15.86 -5.06
CA PRO C 603 18.96 -16.25 -5.43
C PRO C 603 19.74 -15.04 -5.95
N LEU C 604 21.04 -15.07 -5.74
CA LEU C 604 21.93 -13.99 -6.14
C LEU C 604 22.80 -14.44 -7.30
N ILE C 605 23.57 -13.50 -7.84
CA ILE C 605 24.41 -13.81 -9.01
C ILE C 605 25.38 -14.93 -8.67
N LYS C 606 26.07 -14.79 -7.55
CA LYS C 606 27.04 -15.78 -7.09
C LYS C 606 26.70 -16.16 -5.65
N SER C 607 26.07 -17.32 -5.50
CA SER C 607 25.61 -17.79 -4.20
C SER C 607 26.78 -18.39 -3.44
N GLU C 608 26.80 -18.14 -2.12
CA GLU C 608 27.84 -18.67 -1.25
C GLU C 608 27.18 -19.31 -0.03
N SER C 609 27.62 -20.52 0.30
CA SER C 609 27.08 -21.22 1.45
C SER C 609 27.42 -20.46 2.73
N PRO C 610 26.53 -20.45 3.72
CA PRO C 610 26.80 -19.67 4.93
C PRO C 610 28.05 -20.18 5.63
N LEU C 611 28.82 -19.24 6.19
CA LEU C 611 30.00 -19.63 6.95
C LEU C 611 29.60 -20.44 8.18
N VAL C 612 28.54 -20.02 8.86
CA VAL C 612 27.97 -20.74 9.99
C VAL C 612 26.53 -21.08 9.66
N GLY C 613 26.16 -22.34 9.87
CA GLY C 613 24.81 -22.77 9.58
C GLY C 613 24.64 -24.22 9.96
N THR C 614 23.39 -24.62 10.11
CA THR C 614 23.09 -25.98 10.51
C THR C 614 23.64 -26.96 9.47
N GLY C 615 24.12 -28.09 9.96
CA GLY C 615 24.69 -29.09 9.06
C GLY C 615 23.69 -29.76 8.15
N MET C 616 22.42 -29.46 8.30
CA MET C 616 21.36 -30.11 7.54
C MET C 616 21.11 -29.45 6.19
N GLU C 617 21.73 -28.29 5.90
CA GLU C 617 21.45 -27.58 4.67
C GLU C 617 21.78 -28.42 3.43
N TYR C 618 22.76 -29.32 3.55
CA TYR C 618 23.09 -30.18 2.40
C TYR C 618 21.90 -31.06 2.02
N ARG C 619 21.26 -31.67 3.01
CA ARG C 619 20.07 -32.48 2.73
C ARG C 619 18.94 -31.62 2.18
N SER C 620 18.74 -30.44 2.74
CA SER C 620 17.68 -29.56 2.26
C SER C 620 17.92 -29.13 0.83
N ALA C 621 19.18 -29.07 0.42
CA ALA C 621 19.49 -28.73 -0.96
C ALA C 621 19.29 -29.92 -1.88
N ALA C 622 19.93 -31.05 -1.56
CA ALA C 622 19.87 -32.21 -2.45
C ALA C 622 18.45 -32.73 -2.60
N ASP C 623 17.68 -32.76 -1.51
CA ASP C 623 16.33 -33.31 -1.57
C ASP C 623 15.44 -32.52 -2.53
N ALA C 624 15.56 -31.20 -2.53
CA ALA C 624 14.77 -30.40 -3.46
C ALA C 624 15.17 -30.72 -4.89
N GLY C 625 14.24 -30.50 -5.81
CA GLY C 625 14.40 -30.90 -7.19
C GLY C 625 15.10 -29.91 -8.10
N ASP C 626 15.64 -28.82 -7.56
CA ASP C 626 16.31 -27.85 -8.41
C ASP C 626 17.72 -28.31 -8.79
N VAL C 627 18.45 -28.88 -7.83
CA VAL C 627 19.79 -29.37 -8.12
C VAL C 627 19.69 -30.58 -9.05
N VAL C 628 20.64 -30.66 -9.99
CA VAL C 628 20.65 -31.68 -11.01
C VAL C 628 21.74 -32.68 -10.64
N LYS C 629 21.33 -33.85 -10.16
CA LYS C 629 22.24 -34.90 -9.70
C LYS C 629 22.24 -36.05 -10.70
N ALA C 630 23.21 -36.95 -10.53
CA ALA C 630 23.44 -38.03 -11.48
C ALA C 630 22.80 -39.33 -11.02
N GLU C 631 22.28 -40.07 -12.00
CA GLU C 631 21.66 -41.37 -11.76
C GLU C 631 22.60 -42.53 -12.02
N LYS C 632 23.87 -42.26 -12.34
CA LYS C 632 24.84 -43.31 -12.62
C LYS C 632 26.19 -42.91 -12.03
N ALA C 633 27.07 -43.90 -11.90
CA ALA C 633 28.43 -43.70 -11.40
C ALA C 633 29.38 -43.83 -12.58
N GLY C 634 29.70 -42.70 -13.20
CA GLY C 634 30.54 -42.69 -14.38
C GLY C 634 31.59 -41.60 -14.36
N VAL C 635 32.19 -41.33 -15.52
CA VAL C 635 33.18 -40.28 -15.69
C VAL C 635 32.60 -39.24 -16.62
N VAL C 636 32.60 -37.97 -16.18
CA VAL C 636 32.16 -36.89 -17.04
C VAL C 636 33.08 -36.80 -18.24
N GLN C 637 32.50 -36.55 -19.42
CA GLN C 637 33.26 -36.50 -20.66
C GLN C 637 33.23 -35.14 -21.35
N GLU C 638 32.13 -34.39 -21.24
CA GLU C 638 32.04 -33.06 -21.83
C GLU C 638 31.29 -32.15 -20.87
N VAL C 639 32.02 -31.22 -20.27
CA VAL C 639 31.45 -30.26 -19.33
C VAL C 639 31.29 -28.93 -20.06
N SER C 640 30.13 -28.31 -19.92
CA SER C 640 29.83 -27.09 -20.67
C SER C 640 28.74 -26.33 -19.94
N ALA C 641 28.49 -25.10 -20.39
CA ALA C 641 27.51 -24.26 -19.73
C ALA C 641 26.09 -24.73 -20.00
N ASP C 642 25.79 -25.07 -21.26
CA ASP C 642 24.44 -25.47 -21.61
C ASP C 642 24.14 -26.87 -21.08
N TYR C 643 25.08 -27.80 -21.23
CA TYR C 643 24.81 -29.21 -20.96
C TYR C 643 26.07 -29.87 -20.44
N ILE C 644 25.88 -31.02 -19.78
CA ILE C 644 26.98 -31.82 -19.27
C ILE C 644 26.73 -33.27 -19.64
N THR C 645 27.74 -33.94 -20.17
CA THR C 645 27.63 -35.32 -20.65
C THR C 645 28.35 -36.26 -19.71
N THR C 646 27.67 -37.33 -19.31
CA THR C 646 28.21 -38.34 -18.42
C THR C 646 28.14 -39.71 -19.08
N THR C 647 29.12 -40.54 -18.76
CA THR C 647 29.31 -41.84 -19.39
C THR C 647 29.57 -42.86 -18.28
N ASN C 648 28.72 -43.89 -18.20
CA ASN C 648 28.94 -44.95 -17.25
C ASN C 648 29.80 -46.07 -17.83
N ASP C 649 30.32 -46.91 -16.95
CA ASP C 649 31.11 -48.07 -17.39
C ASP C 649 30.29 -48.98 -18.29
N ASP C 650 28.98 -49.05 -18.07
CA ASP C 650 28.15 -49.91 -18.91
C ASP C 650 28.19 -49.45 -20.37
N GLY C 651 28.17 -48.14 -20.60
CA GLY C 651 28.25 -47.60 -21.94
C GLY C 651 27.21 -46.53 -22.20
N THR C 652 26.20 -46.44 -21.34
CA THR C 652 25.13 -45.46 -21.53
C THR C 652 25.68 -44.05 -21.40
N TYR C 653 25.33 -43.19 -22.36
CA TYR C 653 25.68 -41.78 -22.35
C TYR C 653 24.41 -40.99 -22.04
N ILE C 654 24.50 -40.04 -21.11
CA ILE C 654 23.38 -39.15 -20.83
C ILE C 654 23.88 -37.73 -20.71
N THR C 655 23.17 -36.80 -21.35
CA THR C 655 23.52 -35.39 -21.36
C THR C 655 22.45 -34.62 -20.59
N TYR C 656 22.80 -34.14 -19.41
CA TYR C 656 21.91 -33.29 -18.65
C TYR C 656 21.88 -31.90 -19.27
N ARG C 657 20.68 -31.39 -19.53
CA ARG C 657 20.48 -30.07 -20.08
C ARG C 657 20.12 -29.11 -18.95
N LEU C 658 21.04 -28.21 -18.63
CA LEU C 658 20.87 -27.29 -17.51
C LEU C 658 20.08 -26.08 -17.96
N ALA C 659 19.05 -25.73 -17.19
CA ALA C 659 18.32 -24.51 -17.49
C ALA C 659 19.23 -23.30 -17.30
N LYS C 660 18.93 -22.23 -18.03
CA LYS C 660 19.74 -21.01 -17.97
C LYS C 660 18.82 -19.81 -18.12
N PHE C 661 18.68 -19.05 -17.03
CA PHE C 661 17.97 -17.77 -17.06
C PHE C 661 16.55 -17.95 -17.59
N SER C 662 15.84 -18.92 -17.03
CA SER C 662 14.44 -19.17 -17.35
C SER C 662 13.58 -18.73 -16.17
N ARG C 663 12.53 -17.97 -16.47
CA ARG C 663 11.75 -17.30 -15.45
C ARG C 663 11.10 -18.30 -14.50
N SER C 664 11.07 -17.95 -13.21
CA SER C 664 10.41 -18.76 -12.20
C SER C 664 8.97 -18.28 -12.03
N ASN C 665 8.28 -18.82 -11.03
CA ASN C 665 6.89 -18.41 -10.81
C ASN C 665 6.80 -16.98 -10.31
N GLN C 666 7.71 -16.58 -9.43
CA GLN C 666 7.73 -15.24 -8.86
C GLN C 666 8.59 -14.26 -9.66
N GLY C 667 9.18 -14.72 -10.77
CA GLY C 667 9.97 -13.83 -11.60
C GLY C 667 11.39 -13.64 -11.10
N THR C 668 12.12 -14.74 -10.94
CA THR C 668 13.53 -14.70 -10.63
C THR C 668 14.25 -15.77 -11.43
N SER C 669 15.52 -15.52 -11.71
CA SER C 669 16.29 -16.43 -12.55
C SER C 669 16.47 -17.78 -11.87
N VAL C 670 16.69 -18.80 -12.70
CA VAL C 670 16.93 -20.16 -12.23
C VAL C 670 18.25 -20.65 -12.79
N ASN C 671 19.21 -19.74 -12.96
CA ASN C 671 20.51 -20.10 -13.52
C ASN C 671 21.15 -21.22 -12.70
N GLN C 672 21.79 -22.15 -13.41
CA GLN C 672 22.45 -23.30 -12.80
C GLN C 672 23.92 -23.28 -13.19
N LYS C 673 24.79 -23.48 -12.21
CA LYS C 673 26.22 -23.55 -12.45
C LYS C 673 26.64 -25.00 -12.64
N VAL C 674 27.89 -25.19 -13.04
CA VAL C 674 28.49 -26.51 -13.22
C VAL C 674 29.72 -26.60 -12.35
N ILE C 675 29.80 -27.62 -11.52
CA ILE C 675 30.80 -27.72 -10.47
C ILE C 675 31.87 -28.76 -10.82
N VAL C 676 31.50 -29.80 -11.57
CA VAL C 676 32.42 -30.90 -11.80
C VAL C 676 33.43 -30.52 -12.88
N ALA C 677 34.64 -31.07 -12.74
CA ALA C 677 35.68 -30.88 -13.72
C ALA C 677 35.45 -31.82 -14.90
N GLU C 678 36.45 -31.97 -15.77
CA GLU C 678 36.28 -32.79 -16.96
C GLU C 678 36.21 -34.27 -16.61
N GLY C 679 37.29 -34.82 -16.05
CA GLY C 679 37.43 -36.24 -15.85
C GLY C 679 37.13 -36.75 -14.46
N ASP C 680 36.42 -36.00 -13.63
CA ASP C 680 36.19 -36.41 -12.26
C ASP C 680 35.24 -37.59 -12.20
N ARG C 681 35.49 -38.50 -11.25
CA ARG C 681 34.63 -39.65 -11.04
C ARG C 681 33.36 -39.23 -10.29
N ILE C 682 32.23 -39.80 -10.68
CA ILE C 682 30.92 -39.48 -10.13
C ILE C 682 30.36 -40.71 -9.43
N ILE C 683 29.47 -40.47 -8.47
CA ILE C 683 28.71 -41.52 -7.81
C ILE C 683 27.23 -41.15 -7.86
N GLU C 684 26.39 -42.19 -7.79
CA GLU C 684 24.95 -41.98 -7.96
C GLU C 684 24.41 -41.01 -6.92
N GLY C 685 23.53 -40.12 -7.36
CA GLY C 685 22.94 -39.13 -6.49
C GLY C 685 23.82 -37.93 -6.20
N GLN C 686 25.11 -38.01 -6.51
CA GLN C 686 26.01 -36.89 -6.31
C GLN C 686 25.55 -35.69 -7.14
N VAL C 687 25.91 -34.51 -6.68
CA VAL C 687 25.43 -33.26 -7.29
C VAL C 687 26.41 -32.86 -8.38
N LEU C 688 25.91 -32.78 -9.62
CA LEU C 688 26.71 -32.40 -10.78
C LEU C 688 26.62 -30.92 -11.09
N ALA C 689 25.43 -30.34 -10.96
CA ALA C 689 25.20 -28.95 -11.33
C ALA C 689 24.50 -28.25 -10.19
N ASP C 690 24.97 -27.04 -9.89
CA ASP C 690 24.43 -26.28 -8.79
C ASP C 690 23.15 -25.58 -9.25
N GLY C 691 22.30 -25.22 -8.29
CA GLY C 691 21.01 -24.65 -8.59
C GLY C 691 20.89 -23.21 -8.14
N PRO C 692 19.72 -22.61 -8.31
CA PRO C 692 19.52 -21.26 -7.78
C PRO C 692 19.67 -21.26 -6.27
N ALA C 693 20.46 -20.32 -5.76
CA ALA C 693 20.68 -20.19 -4.33
C ALA C 693 21.23 -21.50 -3.76
N THR C 694 22.41 -21.86 -4.23
CA THR C 694 23.07 -23.09 -3.81
C THR C 694 24.56 -22.92 -4.05
N GLU C 695 25.36 -23.79 -3.44
CA GLU C 695 26.80 -23.75 -3.65
C GLU C 695 27.37 -25.13 -3.33
N ASN C 696 27.96 -25.77 -4.33
CA ASN C 696 28.49 -27.14 -4.18
C ASN C 696 27.42 -28.09 -3.65
N GLY C 697 26.18 -27.85 -4.05
CA GLY C 697 25.07 -28.64 -3.58
C GLY C 697 24.58 -28.29 -2.19
N GLU C 698 25.20 -27.32 -1.53
CA GLU C 698 24.78 -26.87 -0.21
C GLU C 698 23.91 -25.64 -0.35
N MET C 699 22.96 -25.49 0.56
CA MET C 699 22.04 -24.37 0.46
C MET C 699 22.78 -23.05 0.64
N ALA C 700 22.37 -22.05 -0.14
CA ALA C 700 22.94 -20.71 -0.04
C ALA C 700 21.88 -19.71 -0.50
N LEU C 701 21.14 -19.16 0.45
CA LEU C 701 20.10 -18.18 0.16
C LEU C 701 20.59 -16.74 0.27
N GLY C 702 21.86 -16.53 0.62
CA GLY C 702 22.37 -15.18 0.79
C GLY C 702 23.87 -15.21 0.89
N LYS C 703 24.44 -14.06 1.25
CA LYS C 703 25.86 -13.94 1.48
C LYS C 703 26.16 -13.70 2.96
N ASN C 704 27.44 -13.76 3.29
CA ASN C 704 27.91 -13.58 4.66
C ASN C 704 28.72 -12.30 4.74
N LEU C 705 28.17 -11.30 5.42
CA LEU C 705 28.78 -9.98 5.51
C LEU C 705 29.47 -9.80 6.84
N LEU C 706 30.40 -8.85 6.88
CA LEU C 706 31.02 -8.44 8.13
C LEU C 706 30.13 -7.43 8.83
N VAL C 707 29.56 -7.84 9.96
CA VAL C 707 28.59 -7.04 10.71
C VAL C 707 29.27 -6.52 11.97
N ALA C 708 28.95 -5.28 12.32
CA ALA C 708 29.35 -4.67 13.57
C ALA C 708 28.13 -3.99 14.18
N PHE C 709 27.92 -4.20 15.47
CA PHE C 709 26.78 -3.67 16.20
C PHE C 709 27.15 -2.33 16.80
N MET C 710 26.56 -1.26 16.29
CA MET C 710 26.68 0.07 16.89
C MET C 710 25.66 0.99 16.24
N PRO C 711 24.99 1.87 16.98
CA PRO C 711 24.25 2.94 16.32
C PRO C 711 25.22 3.84 15.57
N TRP C 712 24.76 4.41 14.46
CA TRP C 712 25.67 5.14 13.57
C TRP C 712 24.91 6.30 12.93
N GLU C 713 24.94 7.46 13.60
CA GLU C 713 24.43 8.72 13.08
C GLU C 713 22.90 8.70 12.92
N GLY C 714 22.24 7.61 13.28
CA GLY C 714 20.81 7.49 13.12
C GLY C 714 20.36 6.94 11.79
N HIS C 715 21.26 6.64 10.88
CA HIS C 715 20.86 6.00 9.63
C HIS C 715 20.36 4.59 9.86
N ASN C 716 20.68 3.96 10.98
CA ASN C 716 20.14 2.66 11.37
C ASN C 716 19.29 2.78 12.63
N TYR C 717 18.48 3.83 12.67
CA TYR C 717 17.48 4.02 13.71
C TYR C 717 16.25 3.16 13.40
N GLU C 718 15.66 2.59 14.45
CA GLU C 718 14.48 1.74 14.33
C GLU C 718 14.76 0.55 13.39
N ASP C 719 15.86 -0.15 13.66
CA ASP C 719 16.18 -1.46 13.09
C ASP C 719 16.65 -1.36 11.64
N ALA C 720 16.55 -0.19 11.01
CA ALA C 720 16.97 -0.06 9.63
C ALA C 720 18.46 -0.34 9.50
N ILE C 721 18.91 -0.51 8.25
CA ILE C 721 20.21 -1.11 7.96
C ILE C 721 21.10 -0.11 7.23
N ILE C 722 22.40 -0.20 7.49
CA ILE C 722 23.43 0.54 6.77
C ILE C 722 24.43 -0.46 6.23
N LEU C 723 24.72 -0.40 4.94
CA LEU C 723 25.72 -1.27 4.35
C LEU C 723 26.62 -0.48 3.41
N SER C 724 27.82 -1.00 3.21
CA SER C 724 28.84 -0.33 2.42
C SER C 724 28.37 -0.15 0.99
N GLN C 725 29.16 0.59 0.23
CA GLN C 725 29.07 0.52 -1.23
C GLN C 725 29.88 -0.64 -1.78
N ARG C 726 30.59 -1.38 -0.93
CA ARG C 726 31.31 -2.57 -1.40
C ARG C 726 30.35 -3.60 -1.95
N LEU C 727 29.19 -3.78 -1.32
CA LEU C 727 28.24 -4.77 -1.81
C LEU C 727 27.67 -4.36 -3.16
N VAL C 728 27.37 -3.07 -3.34
CA VAL C 728 26.96 -2.59 -4.65
C VAL C 728 28.11 -2.72 -5.63
N GLN C 729 29.32 -2.35 -5.20
CA GLN C 729 30.46 -2.32 -6.12
C GLN C 729 30.85 -3.71 -6.58
N ASP C 730 31.00 -4.64 -5.64
CA ASP C 730 31.51 -5.97 -5.95
C ASP C 730 30.41 -6.96 -6.31
N ASP C 731 29.17 -6.49 -6.49
CA ASP C 731 28.10 -7.34 -6.98
C ASP C 731 27.74 -8.42 -5.96
N VAL C 732 28.02 -8.15 -4.68
CA VAL C 732 27.83 -9.17 -3.66
C VAL C 732 26.35 -9.48 -3.49
N LEU C 733 25.52 -8.45 -3.34
CA LEU C 733 24.07 -8.60 -3.25
C LEU C 733 23.48 -8.00 -4.52
N SER C 734 23.25 -8.85 -5.51
CA SER C 734 22.55 -8.45 -6.72
C SER C 734 21.82 -9.67 -7.26
N SER C 735 20.61 -9.46 -7.76
CA SER C 735 19.77 -10.56 -8.19
C SER C 735 19.26 -10.29 -9.59
N ILE C 736 19.24 -11.33 -10.41
CA ILE C 736 18.60 -11.25 -11.71
C ILE C 736 17.09 -11.23 -11.48
N HIS C 737 16.37 -10.59 -12.39
CA HIS C 737 14.92 -10.61 -12.36
C HIS C 737 14.43 -10.60 -13.79
N ILE C 738 13.62 -11.59 -14.13
CA ILE C 738 13.13 -11.82 -15.48
C ILE C 738 11.62 -11.63 -15.46
N GLU C 739 11.14 -10.60 -16.13
CA GLU C 739 9.72 -10.33 -16.26
C GLU C 739 9.27 -10.77 -17.64
N GLU C 740 8.03 -11.24 -17.72
CA GLU C 740 7.46 -11.78 -18.95
C GLU C 740 6.04 -11.25 -19.09
N HIS C 741 5.78 -10.62 -20.24
CA HIS C 741 4.47 -10.10 -20.59
C HIS C 741 4.24 -10.29 -22.08
N GLU C 742 3.01 -10.66 -22.45
CA GLU C 742 2.71 -11.21 -23.75
C GLU C 742 1.44 -10.60 -24.31
N VAL C 743 1.33 -10.66 -25.64
CA VAL C 743 0.18 -10.11 -26.37
C VAL C 743 -0.31 -11.14 -27.38
N ASP C 744 -1.54 -10.96 -27.82
CA ASP C 744 -2.20 -11.86 -28.77
C ASP C 744 -2.77 -11.05 -29.92
N ALA C 745 -2.52 -11.52 -31.15
CA ALA C 745 -3.10 -10.92 -32.35
C ALA C 745 -4.44 -11.58 -32.61
N ARG C 746 -5.47 -11.09 -31.92
CA ARG C 746 -6.78 -11.72 -31.94
C ARG C 746 -7.65 -11.16 -33.06
N ASP C 747 -8.49 -12.02 -33.61
CA ASP C 747 -9.41 -11.65 -34.67
C ASP C 747 -10.72 -11.18 -34.04
N THR C 748 -11.12 -9.95 -34.37
CA THR C 748 -12.37 -9.37 -33.87
C THR C 748 -13.38 -9.30 -35.01
N LYS C 749 -14.54 -8.73 -34.71
CA LYS C 749 -15.60 -8.63 -35.72
C LYS C 749 -15.14 -7.80 -36.91
N LEU C 750 -14.47 -6.67 -36.65
CA LEU C 750 -14.12 -5.76 -37.72
C LEU C 750 -13.01 -6.31 -38.59
N GLY C 751 -12.11 -7.10 -38.01
CA GLY C 751 -11.03 -7.70 -38.76
C GLY C 751 -9.98 -8.35 -37.88
N PRO C 752 -8.88 -8.79 -38.48
CA PRO C 752 -7.79 -9.38 -37.71
C PRO C 752 -6.74 -8.35 -37.30
N GLU C 753 -6.11 -8.62 -36.16
CA GLU C 753 -4.99 -7.80 -35.72
C GLU C 753 -3.71 -8.27 -36.39
N GLU C 754 -2.84 -7.32 -36.72
CA GLU C 754 -1.60 -7.60 -37.43
C GLU C 754 -0.43 -7.25 -36.54
N ILE C 755 0.45 -8.22 -36.31
CA ILE C 755 1.73 -7.98 -35.65
C ILE C 755 2.68 -7.54 -36.75
N THR C 756 2.96 -6.23 -36.81
CA THR C 756 3.63 -5.62 -37.94
C THR C 756 4.56 -4.51 -37.46
N ARG C 757 5.53 -4.17 -38.32
CA ARG C 757 6.45 -3.08 -38.02
C ARG C 757 5.86 -1.73 -38.38
N ASP C 758 4.93 -1.66 -39.33
CA ASP C 758 4.39 -0.38 -39.79
C ASP C 758 3.28 0.07 -38.85
N ILE C 759 3.69 0.57 -37.70
CA ILE C 759 2.72 1.11 -36.73
C ILE C 759 2.19 2.44 -37.23
N PRO C 760 0.91 2.75 -37.08
CA PRO C 760 0.38 4.01 -37.60
C PRO C 760 0.42 5.14 -36.58
N ASN C 761 0.55 6.36 -37.08
CA ASN C 761 0.61 7.57 -36.27
C ASN C 761 1.73 7.48 -35.25
N VAL C 762 2.93 7.18 -35.76
CA VAL C 762 4.13 7.04 -34.94
C VAL C 762 5.29 7.76 -35.63
N SER C 763 6.28 8.13 -34.82
CA SER C 763 7.52 8.68 -35.35
C SER C 763 8.35 7.56 -35.97
N GLU C 764 9.49 7.93 -36.56
CA GLU C 764 10.33 6.95 -37.24
C GLU C 764 11.27 6.23 -36.29
N GLU C 765 11.86 6.93 -35.34
CA GLU C 765 12.89 6.33 -34.49
C GLU C 765 12.33 5.40 -33.41
N VAL C 766 11.03 5.50 -33.10
CA VAL C 766 10.47 4.61 -32.09
C VAL C 766 10.59 3.16 -32.54
N LEU C 767 10.31 2.90 -33.82
CA LEU C 767 10.42 1.55 -34.38
C LEU C 767 11.80 1.33 -35.00
N ALA C 768 12.85 1.56 -34.21
CA ALA C 768 14.21 1.45 -34.69
C ALA C 768 14.77 0.03 -34.53
N ASP C 769 14.59 -0.57 -33.37
CA ASP C 769 15.11 -1.90 -33.09
C ASP C 769 14.13 -3.01 -33.39
N LEU C 770 12.95 -2.69 -33.93
CA LEU C 770 11.98 -3.71 -34.27
C LEU C 770 12.46 -4.56 -35.44
N ASP C 771 12.14 -5.85 -35.38
CA ASP C 771 12.52 -6.79 -36.42
C ASP C 771 11.57 -6.63 -37.60
N GLU C 772 11.61 -7.58 -38.54
CA GLU C 772 10.88 -7.41 -39.79
C GLU C 772 9.38 -7.43 -39.57
N ARG C 773 8.88 -8.38 -38.78
CA ARG C 773 7.45 -8.55 -38.60
C ARG C 773 6.89 -7.77 -37.43
N GLY C 774 7.70 -6.96 -36.76
CA GLY C 774 7.20 -6.14 -35.66
C GLY C 774 7.50 -6.74 -34.31
N ILE C 775 8.70 -7.27 -34.14
CA ILE C 775 9.16 -7.86 -32.89
C ILE C 775 10.47 -7.21 -32.49
N ILE C 776 10.57 -6.81 -31.21
CA ILE C 776 11.81 -6.21 -30.74
C ILE C 776 12.95 -7.21 -30.87
N ARG C 777 14.10 -6.72 -31.29
CA ARG C 777 15.25 -7.59 -31.47
C ARG C 777 15.76 -8.09 -30.11
N ILE C 778 16.46 -9.20 -30.15
CA ILE C 778 17.01 -9.80 -28.94
C ILE C 778 18.19 -8.98 -28.48
N GLY C 779 18.21 -8.63 -27.20
CA GLY C 779 19.28 -7.85 -26.63
C GLY C 779 19.08 -6.35 -26.66
N ALA C 780 17.95 -5.89 -27.17
CA ALA C 780 17.67 -4.46 -27.30
C ALA C 780 17.21 -3.94 -25.95
N GLU C 781 18.11 -3.27 -25.23
CA GLU C 781 17.77 -2.70 -23.94
C GLU C 781 16.58 -1.76 -24.09
N VAL C 782 15.61 -1.90 -23.19
CA VAL C 782 14.35 -1.18 -23.29
C VAL C 782 14.16 -0.32 -22.05
N VAL C 783 13.27 0.66 -22.17
CA VAL C 783 12.88 1.51 -21.06
C VAL C 783 11.37 1.68 -21.09
N ALA C 784 10.83 2.42 -20.12
CA ALA C 784 9.39 2.67 -20.10
C ALA C 784 8.97 3.42 -21.35
N GLY C 785 7.89 2.96 -21.98
CA GLY C 785 7.35 3.58 -23.17
C GLY C 785 7.84 3.00 -24.48
N ASP C 786 8.88 2.17 -24.45
CA ASP C 786 9.40 1.59 -25.68
C ASP C 786 8.37 0.64 -26.27
N ILE C 787 8.43 0.46 -27.59
CA ILE C 787 7.54 -0.47 -28.29
C ILE C 787 8.20 -1.84 -28.33
N LEU C 788 7.53 -2.84 -27.77
CA LEU C 788 8.07 -4.19 -27.78
C LEU C 788 7.63 -4.90 -29.04
N VAL C 789 6.36 -5.26 -29.11
CA VAL C 789 5.85 -5.90 -30.32
C VAL C 789 4.77 -5.05 -30.96
N GLY C 790 4.94 -4.71 -32.23
CA GLY C 790 3.99 -3.83 -32.90
C GLY C 790 2.66 -4.45 -33.28
N LYS C 791 1.56 -3.79 -32.96
CA LYS C 791 0.24 -4.31 -33.30
C LYS C 791 -0.67 -3.14 -33.64
N VAL C 792 -1.59 -3.39 -34.58
CA VAL C 792 -2.50 -2.35 -35.07
C VAL C 792 -3.91 -2.93 -35.15
N THR C 793 -4.88 -2.14 -34.72
CA THR C 793 -6.27 -2.53 -34.83
C THR C 793 -6.66 -2.68 -36.29
N PRO C 794 -7.52 -3.65 -36.64
CA PRO C 794 -7.99 -3.76 -38.02
C PRO C 794 -8.65 -2.49 -38.52
N LYS C 795 -9.65 -2.00 -37.81
CA LYS C 795 -10.40 -0.83 -38.23
C LYS C 795 -11.22 -0.36 -37.03
N GLY C 796 -11.56 0.92 -37.03
CA GLY C 796 -12.57 1.46 -36.14
C GLY C 796 -13.41 2.47 -36.88
N GLU C 797 -14.70 2.55 -36.57
CA GLU C 797 -15.58 3.52 -37.22
C GLU C 797 -15.14 4.90 -36.80
N THR C 798 -14.45 5.60 -37.70
CA THR C 798 -13.86 6.90 -37.40
C THR C 798 -14.74 8.00 -37.98
N GLU C 799 -15.33 8.80 -37.11
CA GLU C 799 -16.03 10.02 -37.49
C GLU C 799 -15.12 11.18 -37.09
N LEU C 800 -14.37 11.70 -38.06
CA LEU C 800 -13.37 12.71 -37.77
C LEU C 800 -14.02 13.96 -37.19
N THR C 801 -13.45 14.46 -36.11
CA THR C 801 -13.95 15.68 -35.50
C THR C 801 -13.59 16.89 -36.35
N PRO C 802 -14.30 18.01 -36.20
CA PRO C 802 -13.96 19.19 -37.03
C PRO C 802 -12.53 19.64 -36.86
N GLU C 803 -12.01 19.61 -35.64
CA GLU C 803 -10.63 20.02 -35.41
C GLU C 803 -9.66 19.05 -36.07
N GLU C 804 -9.91 17.75 -35.92
CA GLU C 804 -9.07 16.76 -36.58
C GLU C 804 -9.16 16.89 -38.09
N ARG C 805 -10.36 17.11 -38.62
CA ARG C 805 -10.52 17.29 -40.05
C ARG C 805 -9.69 18.47 -40.55
N LEU C 806 -9.81 19.61 -39.87
CA LEU C 806 -9.08 20.80 -40.27
C LEU C 806 -7.58 20.56 -40.20
N LEU C 807 -7.09 19.98 -39.10
CA LEU C 807 -5.66 19.75 -38.95
C LEU C 807 -5.14 18.81 -40.03
N ARG C 808 -5.86 17.73 -40.29
CA ARG C 808 -5.45 16.80 -41.34
C ARG C 808 -5.42 17.50 -42.69
N ALA C 809 -6.37 18.40 -42.92
CA ALA C 809 -6.36 19.17 -44.15
C ALA C 809 -5.11 20.04 -44.25
N ILE C 810 -4.72 20.69 -43.15
CA ILE C 810 -3.54 21.56 -43.21
C ILE C 810 -2.29 20.74 -43.49
N PHE C 811 -2.11 19.64 -42.76
CA PHE C 811 -0.87 18.88 -42.86
C PHE C 811 -0.95 17.77 -43.89
N GLY C 812 -2.10 17.54 -44.52
CA GLY C 812 -2.20 16.57 -45.59
C GLY C 812 -1.87 15.16 -45.18
N GLU C 813 -2.19 14.78 -43.95
CA GLU C 813 -1.99 13.42 -43.46
C GLU C 813 -3.33 12.69 -43.46
N LYS C 814 -3.28 11.42 -43.85
CA LYS C 814 -4.48 10.59 -43.95
C LYS C 814 -4.64 9.82 -42.64
N ALA C 815 -5.68 10.18 -41.88
CA ALA C 815 -6.05 9.41 -40.70
C ALA C 815 -6.73 8.12 -41.16
N ARG C 816 -6.11 6.98 -40.87
CA ARG C 816 -6.52 5.70 -41.42
C ARG C 816 -7.30 4.90 -40.38
N GLU C 817 -8.17 4.02 -40.88
CA GLU C 817 -9.00 3.19 -40.01
C GLU C 817 -8.17 2.39 -39.02
N VAL C 818 -6.99 1.92 -39.44
CA VAL C 818 -6.16 1.10 -38.58
C VAL C 818 -5.61 1.97 -37.44
N ARG C 819 -5.72 1.46 -36.22
CA ARG C 819 -5.39 2.21 -35.01
C ARG C 819 -4.35 1.45 -34.22
N ASP C 820 -3.50 2.19 -33.50
CA ASP C 820 -2.39 1.58 -32.79
C ASP C 820 -2.84 1.12 -31.41
N THR C 821 -2.52 -0.14 -31.08
CA THR C 821 -2.86 -0.69 -29.75
C THR C 821 -1.68 -1.54 -29.31
N SER C 822 -0.49 -1.26 -29.83
CA SER C 822 0.68 -2.09 -29.52
C SER C 822 1.15 -2.15 -28.08
N LEU C 823 1.67 -3.30 -27.68
CA LEU C 823 2.17 -3.47 -26.32
C LEU C 823 3.35 -2.56 -26.05
N LYS C 824 3.37 -1.96 -24.86
CA LYS C 824 4.47 -1.07 -24.51
C LYS C 824 5.01 -1.46 -23.14
N VAL C 825 6.28 -1.18 -22.91
CA VAL C 825 6.89 -1.49 -21.61
C VAL C 825 6.13 -0.82 -20.47
N PRO C 826 5.72 -1.57 -19.40
CA PRO C 826 5.00 -0.86 -18.34
C PRO C 826 5.88 0.23 -17.73
N HIS C 827 5.21 1.30 -17.28
CA HIS C 827 5.93 2.46 -16.76
C HIS C 827 6.81 2.05 -15.58
N GLY C 828 8.00 2.63 -15.52
CA GLY C 828 8.94 2.30 -14.48
C GLY C 828 9.45 0.88 -14.60
N GLU C 829 10.16 0.60 -15.69
CA GLU C 829 10.70 -0.72 -15.94
C GLU C 829 11.89 -0.60 -16.87
N ILE C 830 12.95 -1.34 -16.56
CA ILE C 830 14.18 -1.32 -17.35
C ILE C 830 14.61 -2.76 -17.54
N GLY C 831 15.39 -3.02 -18.58
CA GLY C 831 15.93 -4.34 -18.78
C GLY C 831 16.39 -4.65 -20.20
N LYS C 832 17.23 -5.66 -20.31
CA LYS C 832 17.74 -6.11 -21.60
C LYS C 832 16.98 -7.37 -22.01
N VAL C 833 16.28 -7.32 -23.14
CA VAL C 833 15.55 -8.49 -23.61
C VAL C 833 16.51 -9.65 -23.81
N ILE C 834 16.04 -10.86 -23.55
CA ILE C 834 16.87 -12.05 -23.64
C ILE C 834 16.26 -13.13 -24.53
N GLY C 835 14.96 -13.15 -24.74
CA GLY C 835 14.36 -14.20 -25.55
C GLY C 835 12.91 -13.89 -25.85
N VAL C 836 12.54 -14.17 -27.10
CA VAL C 836 11.19 -13.90 -27.60
C VAL C 836 10.63 -15.18 -28.18
N ARG C 837 9.37 -15.45 -27.89
CA ARG C 837 8.66 -16.62 -28.39
C ARG C 837 7.43 -16.16 -29.16
N VAL C 838 7.19 -16.78 -30.32
CA VAL C 838 6.06 -16.47 -31.18
C VAL C 838 5.35 -17.77 -31.52
N PHE C 839 4.02 -17.77 -31.38
CA PHE C 839 3.19 -18.90 -31.73
C PHE C 839 2.16 -18.45 -32.77
N ASP C 840 2.11 -19.18 -33.88
CA ASP C 840 1.31 -18.77 -35.04
C ASP C 840 0.17 -19.75 -35.27
N ARG C 841 -1.00 -19.20 -35.59
CA ARG C 841 -2.16 -20.02 -35.88
C ARG C 841 -1.92 -20.91 -37.10
N GLU C 842 -1.51 -20.29 -38.22
CA GLU C 842 -1.37 -21.05 -39.46
C GLU C 842 -0.30 -22.12 -39.35
N GLU C 843 0.70 -21.92 -38.49
CA GLU C 843 1.71 -22.95 -38.28
C GLU C 843 1.09 -24.14 -37.54
N GLY C 844 1.88 -25.20 -37.43
CA GLY C 844 1.43 -26.39 -36.73
C GLY C 844 1.16 -26.16 -35.25
N ASP C 845 1.65 -25.06 -34.70
CA ASP C 845 1.42 -24.77 -33.29
C ASP C 845 -0.05 -24.48 -33.04
N GLU C 846 -0.57 -25.01 -31.94
CA GLU C 846 -1.97 -24.85 -31.57
C GLU C 846 -2.11 -23.67 -30.62
N LEU C 847 -3.17 -22.88 -30.83
CA LEU C 847 -3.48 -21.71 -30.02
C LEU C 847 -4.94 -21.79 -29.60
N PRO C 848 -5.32 -21.03 -28.57
CA PRO C 848 -6.74 -20.94 -28.22
C PRO C 848 -7.53 -20.33 -29.37
N PRO C 849 -8.86 -20.43 -29.35
CA PRO C 849 -9.65 -19.84 -30.43
C PRO C 849 -9.54 -18.33 -30.44
N GLY C 850 -9.60 -17.75 -31.63
CA GLY C 850 -9.62 -16.31 -31.78
C GLY C 850 -8.25 -15.69 -31.92
N VAL C 851 -7.28 -16.16 -31.15
CA VAL C 851 -5.94 -15.57 -31.16
C VAL C 851 -5.15 -16.15 -32.33
N ASN C 852 -4.95 -15.33 -33.35
CA ASN C 852 -4.22 -15.78 -34.53
C ASN C 852 -2.74 -15.94 -34.22
N GLN C 853 -2.17 -15.05 -33.39
CA GLN C 853 -0.76 -15.07 -33.11
C GLN C 853 -0.54 -14.60 -31.68
N LEU C 854 0.45 -15.19 -31.02
CA LEU C 854 0.79 -14.89 -29.64
C LEU C 854 2.28 -14.61 -29.56
N VAL C 855 2.67 -13.58 -28.80
CA VAL C 855 4.07 -13.19 -28.67
C VAL C 855 4.37 -12.94 -27.20
N ARG C 856 5.45 -13.54 -26.71
CA ARG C 856 5.95 -13.34 -25.36
C ARG C 856 7.40 -12.89 -25.41
N VAL C 857 7.76 -11.93 -24.55
CA VAL C 857 9.10 -11.36 -24.54
C VAL C 857 9.65 -11.39 -23.12
N TYR C 858 10.93 -11.75 -22.99
CA TYR C 858 11.59 -11.89 -21.70
C TYR C 858 12.50 -10.68 -21.47
N VAL C 859 12.14 -9.83 -20.52
CA VAL C 859 12.97 -8.69 -20.16
C VAL C 859 13.67 -9.03 -18.85
N ALA C 860 14.99 -9.08 -18.88
CA ALA C 860 15.80 -9.50 -17.75
C ALA C 860 16.70 -8.36 -17.32
N GLN C 861 16.79 -8.12 -16.02
CA GLN C 861 17.63 -7.07 -15.46
C GLN C 861 18.39 -7.62 -14.27
N LYS C 862 19.45 -6.90 -13.89
CA LYS C 862 20.30 -7.26 -12.75
C LYS C 862 20.10 -6.19 -11.68
N ARG C 863 19.11 -6.39 -10.81
CA ARG C 863 18.83 -5.43 -9.75
C ARG C 863 19.93 -5.51 -8.71
N LYS C 864 20.52 -4.37 -8.39
CA LYS C 864 21.56 -4.29 -7.36
C LYS C 864 20.95 -3.81 -6.06
N ILE C 865 21.60 -4.19 -4.95
CA ILE C 865 21.07 -3.84 -3.64
C ILE C 865 21.09 -2.32 -3.49
N THR C 866 19.92 -1.75 -3.24
CA THR C 866 19.75 -0.30 -3.27
C THR C 866 18.94 0.14 -2.06
N ASP C 867 18.69 1.44 -1.97
CA ASP C 867 17.89 1.96 -0.86
C ASP C 867 16.46 1.46 -1.00
N GLY C 868 15.86 1.09 0.13
CA GLY C 868 14.49 0.60 0.14
C GLY C 868 14.40 -0.90 -0.02
N ASP C 869 15.40 -1.51 -0.67
CA ASP C 869 15.36 -2.94 -0.89
C ASP C 869 15.54 -3.68 0.42
N LYS C 870 14.50 -4.39 0.84
CA LYS C 870 14.47 -5.04 2.14
C LYS C 870 15.58 -6.07 2.25
N LEU C 871 16.25 -6.09 3.39
CA LEU C 871 17.34 -7.00 3.69
C LEU C 871 17.08 -7.56 5.07
N ALA C 872 17.64 -8.72 5.37
CA ALA C 872 17.35 -9.33 6.65
C ALA C 872 18.28 -10.49 6.91
N GLY C 873 18.39 -10.85 8.19
CA GLY C 873 19.17 -11.99 8.62
C GLY C 873 18.34 -13.25 8.76
N ARG C 874 18.86 -14.18 9.54
CA ARG C 874 18.21 -15.48 9.69
C ARG C 874 17.26 -15.53 10.88
N HIS C 875 17.54 -14.78 11.94
CA HIS C 875 16.79 -14.88 13.19
C HIS C 875 15.67 -13.86 13.29
N GLY C 876 15.01 -13.55 12.18
CA GLY C 876 13.91 -12.61 12.23
C GLY C 876 14.31 -11.18 12.45
N ASN C 877 15.56 -10.82 12.14
CA ASN C 877 16.02 -9.44 12.16
C ASN C 877 16.02 -8.95 10.72
N LYS C 878 15.22 -7.92 10.45
CA LYS C 878 14.99 -7.44 9.09
C LYS C 878 14.89 -5.93 9.10
N GLY C 879 15.26 -5.33 7.97
CA GLY C 879 15.19 -3.89 7.85
C GLY C 879 15.35 -3.46 6.41
N VAL C 880 14.92 -2.26 6.14
CA VAL C 880 15.12 -1.63 4.86
C VAL C 880 16.48 -0.94 4.88
N ILE C 881 17.17 -0.93 3.75
CA ILE C 881 18.38 -0.13 3.65
C ILE C 881 18.01 1.34 3.77
N SER C 882 18.78 2.07 4.56
CA SER C 882 18.57 3.50 4.74
C SER C 882 19.59 4.34 4.00
N LYS C 883 20.81 3.85 3.84
CA LYS C 883 21.84 4.60 3.14
C LYS C 883 22.97 3.64 2.81
N ILE C 884 23.62 3.87 1.70
CA ILE C 884 24.73 3.04 1.23
C ILE C 884 25.97 3.93 1.27
N ASN C 885 26.71 3.88 2.38
CA ASN C 885 27.88 4.71 2.52
C ASN C 885 28.96 4.29 1.53
N PRO C 886 29.86 5.20 1.16
CA PRO C 886 31.06 4.77 0.45
C PRO C 886 31.90 3.86 1.33
N ILE C 887 32.75 3.06 0.70
CA ILE C 887 33.57 2.11 1.44
C ILE C 887 34.41 2.83 2.48
N GLU C 888 34.85 4.04 2.19
CA GLU C 888 35.71 4.76 3.11
C GLU C 888 35.01 5.09 4.42
N ASP C 889 33.74 5.52 4.38
CA ASP C 889 33.06 5.97 5.58
C ASP C 889 32.76 4.85 6.56
N MET C 890 32.90 3.60 6.15
CA MET C 890 32.57 2.50 7.03
C MET C 890 33.57 2.43 8.18
N PRO C 891 33.13 2.30 9.43
CA PRO C 891 34.09 2.11 10.52
C PRO C 891 34.88 0.83 10.34
N PHE C 892 36.16 0.96 10.06
CA PHE C 892 36.99 -0.16 9.69
C PHE C 892 37.68 -0.75 10.91
N LEU C 893 38.34 -1.89 10.71
CA LEU C 893 38.96 -2.63 11.78
C LEU C 893 40.42 -2.24 11.93
N GLU C 894 41.08 -2.80 12.95
CA GLU C 894 42.47 -2.46 13.20
C GLU C 894 43.36 -2.79 12.00
N ASP C 895 42.96 -3.75 11.18
CA ASP C 895 43.68 -4.11 9.97
C ASP C 895 42.98 -3.63 8.70
N GLY C 896 42.12 -2.61 8.81
CA GLY C 896 41.63 -1.90 7.66
C GLY C 896 40.39 -2.49 7.00
N THR C 897 40.00 -3.71 7.35
CA THR C 897 38.85 -4.34 6.71
C THR C 897 37.58 -3.56 7.02
N PRO C 898 37.00 -2.82 6.08
CA PRO C 898 35.79 -2.06 6.41
C PRO C 898 34.63 -3.00 6.65
N VAL C 899 33.90 -2.73 7.73
CA VAL C 899 32.75 -3.55 8.08
C VAL C 899 31.69 -3.37 7.00
N ASP C 900 31.23 -4.49 6.44
CA ASP C 900 30.36 -4.45 5.28
C ASP C 900 28.95 -3.98 5.60
N ILE C 901 28.54 -4.01 6.86
CA ILE C 901 27.16 -3.68 7.21
C ILE C 901 27.10 -3.37 8.70
N ILE C 902 26.34 -2.35 9.05
CA ILE C 902 26.09 -1.96 10.44
C ILE C 902 24.69 -2.43 10.79
N LEU C 903 24.43 -2.63 12.07
CA LEU C 903 23.14 -3.06 12.56
C LEU C 903 22.89 -2.44 13.93
N ASN C 904 21.67 -2.01 14.16
CA ASN C 904 21.33 -1.43 15.44
C ASN C 904 21.51 -2.48 16.53
N PRO C 905 22.18 -2.17 17.64
CA PRO C 905 22.20 -3.15 18.74
C PRO C 905 20.96 -3.10 19.60
N LEU C 906 20.31 -1.93 19.69
CA LEU C 906 19.07 -1.79 20.45
C LEU C 906 18.07 -2.90 20.17
N ALA C 907 18.13 -3.49 18.99
CA ALA C 907 17.25 -4.62 18.68
C ALA C 907 17.47 -5.77 19.66
N VAL C 908 18.66 -6.37 19.65
CA VAL C 908 18.81 -7.74 20.12
C VAL C 908 18.32 -7.96 21.55
N PRO C 909 18.53 -7.05 22.53
CA PRO C 909 18.03 -7.37 23.87
C PRO C 909 16.51 -7.41 23.90
N SER C 910 15.87 -6.36 23.41
CA SER C 910 14.42 -6.25 23.54
C SER C 910 13.72 -7.35 22.74
N ARG C 911 14.18 -7.64 21.52
CA ARG C 911 13.50 -8.63 20.71
C ARG C 911 13.72 -10.05 21.22
N MET C 912 14.61 -10.26 22.18
CA MET C 912 14.87 -11.58 22.75
C MET C 912 15.26 -12.58 21.66
N ASN C 913 16.23 -12.18 20.83
CA ASN C 913 16.87 -13.09 19.90
C ASN C 913 18.38 -12.95 20.04
N PRO C 914 18.92 -13.28 21.21
CA PRO C 914 20.38 -13.25 21.39
C PRO C 914 21.12 -14.37 20.66
N GLY C 915 20.43 -15.18 19.85
CA GLY C 915 21.14 -16.12 19.02
C GLY C 915 22.04 -15.47 18.00
N GLN C 916 21.63 -14.30 17.48
CA GLN C 916 22.40 -13.67 16.41
C GLN C 916 23.76 -13.19 16.90
N VAL C 917 23.87 -12.83 18.18
CA VAL C 917 25.18 -12.43 18.71
C VAL C 917 26.12 -13.63 18.74
N LEU C 918 25.62 -14.77 19.21
CA LEU C 918 26.40 -16.00 19.16
C LEU C 918 26.78 -16.32 17.72
N GLU C 919 25.83 -16.13 16.80
CA GLU C 919 26.11 -16.42 15.39
C GLU C 919 27.22 -15.52 14.86
N ILE C 920 27.19 -14.24 15.22
CA ILE C 920 28.22 -13.32 14.78
C ILE C 920 29.58 -13.78 15.30
N HIS C 921 29.65 -14.11 16.57
CA HIS C 921 30.92 -14.54 17.14
C HIS C 921 31.42 -15.81 16.47
N LEU C 922 30.51 -16.77 16.25
CA LEU C 922 30.92 -18.03 15.65
C LEU C 922 31.33 -17.83 14.19
N GLY C 923 30.70 -16.90 13.50
CA GLY C 923 31.12 -16.59 12.14
C GLY C 923 32.50 -15.96 12.10
N TRP C 924 32.78 -15.04 13.03
CA TRP C 924 34.13 -14.51 13.13
C TRP C 924 35.12 -15.64 13.37
N LEU C 925 34.76 -16.58 14.23
CA LEU C 925 35.65 -17.71 14.48
C LEU C 925 35.84 -18.54 13.22
N ALA C 926 34.79 -18.75 12.45
CA ALA C 926 34.90 -19.54 11.24
C ALA C 926 35.82 -18.89 10.22
N SER C 927 35.71 -17.57 10.07
CA SER C 927 36.51 -16.89 9.04
C SER C 927 38.00 -17.03 9.33
N ARG C 928 38.41 -16.83 10.58
CA ARG C 928 39.80 -16.99 11.00
C ARG C 928 39.92 -18.32 11.74
N GLY C 929 40.60 -19.27 11.12
CA GLY C 929 40.72 -20.60 11.69
C GLY C 929 41.36 -20.57 13.07
N TRP C 930 41.42 -21.75 13.68
CA TRP C 930 41.97 -21.91 15.01
C TRP C 930 42.70 -23.24 15.12
N ASP C 931 43.67 -23.30 16.03
CA ASP C 931 44.42 -24.51 16.32
C ASP C 931 44.29 -24.80 17.80
N VAL C 932 43.92 -26.04 18.13
CA VAL C 932 43.76 -26.47 19.51
C VAL C 932 44.36 -27.87 19.65
N SER C 933 45.54 -27.96 20.24
CA SER C 933 46.21 -29.24 20.42
C SER C 933 46.95 -29.24 21.74
N GLY C 934 46.66 -30.22 22.59
CA GLY C 934 47.33 -30.35 23.86
C GLY C 934 47.05 -29.24 24.84
N LEU C 935 45.93 -28.54 24.69
CA LEU C 935 45.60 -27.46 25.62
C LEU C 935 45.13 -27.97 26.97
N ALA C 936 44.67 -29.22 27.04
CA ALA C 936 44.27 -29.85 28.30
C ALA C 936 43.12 -29.12 28.99
N GLU C 937 42.30 -28.42 28.21
CA GLU C 937 41.12 -27.75 28.75
C GLU C 937 39.88 -28.56 28.44
N GLU C 938 38.85 -28.38 29.27
CA GLU C 938 37.60 -29.12 29.10
C GLU C 938 37.02 -28.89 27.71
N TRP C 939 36.88 -27.63 27.31
CA TRP C 939 36.39 -27.34 25.97
C TRP C 939 37.36 -27.87 24.92
N ALA C 940 38.65 -27.78 25.18
CA ALA C 940 39.63 -28.31 24.24
C ALA C 940 39.47 -29.81 24.09
N GLN C 941 39.25 -30.52 25.21
CA GLN C 941 39.03 -31.96 25.14
C GLN C 941 37.78 -32.28 24.35
N ARG C 942 36.69 -31.53 24.58
CA ARG C 942 35.46 -31.79 23.84
C ARG C 942 35.66 -31.60 22.34
N LEU C 943 36.30 -30.50 21.94
CA LEU C 943 36.56 -30.29 20.53
C LEU C 943 37.49 -31.34 19.95
N GLN C 944 38.52 -31.74 20.71
CA GLN C 944 39.43 -32.75 20.20
C GLN C 944 38.71 -34.07 19.96
N VAL C 945 37.83 -34.47 20.87
CA VAL C 945 37.11 -35.72 20.66
C VAL C 945 36.11 -35.57 19.51
N ILE C 946 35.46 -34.41 19.39
CA ILE C 946 34.55 -34.21 18.26
C ILE C 946 35.31 -34.23 16.94
N GLY C 947 36.56 -33.77 16.95
CA GLY C 947 37.39 -33.70 15.77
C GLY C 947 37.51 -32.32 15.16
N ALA C 948 36.77 -31.33 15.68
CA ALA C 948 36.86 -29.96 15.19
C ALA C 948 37.88 -29.15 15.98
N ASP C 949 39.11 -29.67 16.07
CA ASP C 949 40.16 -28.99 16.83
C ASP C 949 41.06 -28.14 15.94
N LYS C 950 41.54 -28.70 14.83
CA LYS C 950 42.42 -28.00 13.90
C LYS C 950 41.59 -27.62 12.67
N VAL C 951 41.19 -26.35 12.59
CA VAL C 951 40.36 -25.85 11.51
C VAL C 951 41.11 -24.74 10.81
N GLU C 952 41.20 -24.84 9.49
CA GLU C 952 41.88 -23.82 8.70
C GLU C 952 40.95 -22.64 8.44
N PRO C 953 41.50 -21.47 8.12
CA PRO C 953 40.64 -20.30 7.91
C PRO C 953 39.71 -20.50 6.73
N GLY C 954 38.49 -19.96 6.87
CA GLY C 954 37.53 -19.91 5.79
C GLY C 954 36.61 -21.10 5.68
N THR C 955 36.96 -22.23 6.31
CA THR C 955 36.11 -23.41 6.21
C THR C 955 34.79 -23.18 6.92
N ASN C 956 33.71 -23.66 6.30
CA ASN C 956 32.40 -23.56 6.93
C ASN C 956 32.38 -24.39 8.21
N VAL C 957 31.49 -24.01 9.13
CA VAL C 957 31.36 -24.67 10.41
C VAL C 957 29.88 -24.86 10.71
N ALA C 958 29.54 -26.02 11.28
CA ALA C 958 28.15 -26.44 11.45
C ALA C 958 27.84 -26.63 12.92
N THR C 959 26.73 -26.02 13.37
CA THR C 959 26.20 -26.17 14.72
C THR C 959 24.75 -26.62 14.61
N PRO C 960 24.46 -27.94 14.79
CA PRO C 960 23.07 -28.40 14.72
C PRO C 960 22.09 -27.57 15.55
N VAL C 961 20.80 -27.68 15.23
CA VAL C 961 19.83 -26.71 15.71
C VAL C 961 19.62 -26.84 17.22
N PHE C 962 20.05 -27.96 17.81
CA PHE C 962 19.91 -28.15 19.26
C PHE C 962 21.13 -28.79 19.90
N ASP C 963 22.19 -29.04 19.15
CA ASP C 963 23.47 -29.49 19.69
C ASP C 963 24.54 -28.49 19.30
N GLY C 964 24.20 -27.21 19.31
CA GLY C 964 25.09 -26.18 18.83
C GLY C 964 26.29 -25.99 19.74
N ALA C 965 27.23 -25.16 19.31
CA ALA C 965 28.43 -24.92 20.08
C ALA C 965 28.07 -24.31 21.42
N ARG C 966 28.75 -24.74 22.47
CA ARG C 966 28.54 -24.17 23.79
C ARG C 966 29.36 -22.91 23.95
N GLU C 967 28.97 -22.08 24.91
CA GLU C 967 29.58 -20.76 25.05
C GLU C 967 31.01 -20.88 25.55
N ASP C 968 31.31 -21.91 26.34
CA ASP C 968 32.68 -22.17 26.73
C ASP C 968 33.55 -22.41 25.50
N GLU C 969 33.02 -23.15 24.53
CA GLU C 969 33.79 -23.42 23.32
C GLU C 969 34.10 -22.12 22.59
N LEU C 970 33.10 -21.25 22.45
CA LEU C 970 33.32 -19.98 21.76
C LEU C 970 34.35 -19.14 22.50
N ALA C 971 34.25 -19.07 23.82
CA ALA C 971 35.21 -18.29 24.59
C ALA C 971 36.62 -18.80 24.36
N GLY C 972 36.82 -20.11 24.50
CA GLY C 972 38.16 -20.66 24.33
C GLY C 972 38.69 -20.46 22.92
N LEU C 973 37.85 -20.70 21.92
CA LEU C 973 38.28 -20.52 20.54
C LEU C 973 38.66 -19.06 20.28
N LEU C 974 37.90 -18.12 20.82
CA LEU C 974 38.26 -16.72 20.70
C LEU C 974 39.61 -16.45 21.36
N GLN C 975 39.86 -17.03 22.53
CA GLN C 975 41.18 -16.95 23.12
C GLN C 975 42.26 -17.51 22.21
N HIS C 976 41.94 -18.49 21.37
CA HIS C 976 42.93 -19.21 20.59
C HIS C 976 42.62 -19.15 19.10
N THR C 977 42.32 -17.96 18.60
CA THR C 977 42.15 -17.76 17.17
C THR C 977 43.50 -17.64 16.48
N ILE C 978 43.55 -18.04 15.23
CA ILE C 978 44.80 -17.97 14.47
C ILE C 978 45.17 -16.50 14.27
N PRO C 979 46.43 -16.10 14.45
CA PRO C 979 46.79 -14.71 14.17
C PRO C 979 46.64 -14.39 12.69
N ASN C 980 45.82 -13.38 12.40
CA ASN C 980 45.52 -13.05 11.01
C ASN C 980 46.65 -12.30 10.32
N ARG C 981 47.34 -11.41 11.05
CA ARG C 981 48.45 -10.68 10.45
C ARG C 981 49.38 -10.19 11.55
N ASP C 982 50.67 -10.47 11.38
CA ASP C 982 51.76 -9.96 12.22
C ASP C 982 51.77 -10.59 13.62
N GLY C 983 50.77 -11.40 13.96
CA GLY C 983 50.79 -12.17 15.19
C GLY C 983 49.77 -11.77 16.24
N GLU C 984 48.80 -10.92 15.89
CA GLU C 984 47.81 -10.42 16.84
C GLU C 984 46.40 -10.73 16.34
N ARG C 985 45.48 -10.90 17.28
CA ARG C 985 44.09 -11.19 16.99
C ARG C 985 43.27 -9.92 17.17
N MET C 986 42.64 -9.46 16.10
CA MET C 986 41.95 -8.17 16.13
C MET C 986 40.77 -8.16 17.07
N VAL C 987 40.28 -9.32 17.49
CA VAL C 987 39.15 -9.41 18.39
C VAL C 987 39.67 -9.71 19.79
N LEU C 988 39.17 -9.00 20.78
CA LEU C 988 39.57 -9.23 22.15
C LEU C 988 38.92 -10.52 22.66
N PRO C 989 39.42 -11.07 23.78
CA PRO C 989 38.76 -12.25 24.36
C PRO C 989 37.26 -12.08 24.56
N SER C 990 36.80 -10.85 24.82
CA SER C 990 35.39 -10.59 25.04
C SER C 990 34.55 -10.80 23.79
N GLY C 991 35.16 -10.96 22.63
CA GLY C 991 34.43 -11.03 21.39
C GLY C 991 34.21 -9.70 20.71
N LYS C 992 34.89 -8.65 21.16
CA LYS C 992 34.78 -7.31 20.59
C LYS C 992 36.16 -6.86 20.12
N ALA C 993 36.17 -5.93 19.18
CA ALA C 993 37.39 -5.49 18.53
C ALA C 993 37.44 -3.97 18.47
N ARG C 994 38.61 -3.46 18.09
CA ARG C 994 38.83 -2.02 17.97
C ARG C 994 38.27 -1.53 16.64
N LEU C 995 37.42 -0.51 16.69
CA LEU C 995 36.78 0.06 15.51
C LEU C 995 37.23 1.50 15.37
N PHE C 996 37.92 1.80 14.28
CA PHE C 996 38.29 3.18 13.95
C PHE C 996 37.20 3.77 13.06
N ASP C 997 36.50 4.77 13.58
CA ASP C 997 35.50 5.45 12.76
C ASP C 997 36.16 5.98 11.50
N GLY C 998 35.56 5.67 10.36
CA GLY C 998 36.15 6.08 9.09
C GLY C 998 35.99 7.57 8.83
N ARG C 999 34.96 8.17 9.39
CA ARG C 999 34.63 9.56 9.05
C ARG C 999 35.46 10.54 9.86
N SER C 1000 35.27 10.57 11.18
CA SER C 1000 36.08 11.45 12.01
C SER C 1000 37.50 10.91 12.19
N GLY C 1001 37.69 9.61 11.96
CA GLY C 1001 38.99 8.99 12.05
C GLY C 1001 39.36 8.51 13.44
N GLU C 1002 38.87 9.17 14.46
CA GLU C 1002 39.28 8.94 15.83
C GLU C 1002 38.69 7.62 16.33
N PRO C 1003 39.50 6.77 16.99
CA PRO C 1003 39.01 5.45 17.39
C PRO C 1003 37.80 5.52 18.29
N PHE C 1004 36.89 4.57 18.12
CA PHE C 1004 35.71 4.52 18.96
C PHE C 1004 36.12 4.26 20.41
N PRO C 1005 35.47 4.91 21.37
CA PRO C 1005 36.03 4.93 22.74
C PRO C 1005 36.20 3.57 23.37
N GLU C 1006 35.39 2.58 22.99
CA GLU C 1006 35.43 1.25 23.57
C GLU C 1006 35.41 0.21 22.47
N PRO C 1007 35.84 -1.02 22.75
CA PRO C 1007 35.76 -2.08 21.73
C PRO C 1007 34.33 -2.30 21.29
N ILE C 1008 34.18 -2.93 20.13
CA ILE C 1008 32.87 -3.15 19.53
C ILE C 1008 32.78 -4.60 19.06
N SER C 1009 31.60 -5.19 19.21
CA SER C 1009 31.36 -6.53 18.70
C SER C 1009 31.40 -6.54 17.18
N VAL C 1010 32.03 -7.56 16.61
CA VAL C 1010 32.20 -7.66 15.18
C VAL C 1010 32.29 -9.12 14.79
N GLY C 1011 31.78 -9.45 13.61
CA GLY C 1011 31.93 -10.80 13.11
C GLY C 1011 31.23 -10.97 11.78
N TYR C 1012 30.94 -12.22 11.44
CA TYR C 1012 30.35 -12.54 10.15
C TYR C 1012 28.93 -13.05 10.36
N MET C 1013 27.97 -12.39 9.72
CA MET C 1013 26.57 -12.77 9.80
C MET C 1013 26.04 -13.02 8.40
N TYR C 1014 25.22 -14.05 8.27
CA TYR C 1014 24.64 -14.43 6.99
C TYR C 1014 23.37 -13.60 6.77
N ILE C 1015 23.41 -12.73 5.75
CA ILE C 1015 22.30 -11.83 5.47
C ILE C 1015 21.69 -12.24 4.15
N LEU C 1016 20.38 -12.29 4.10
CA LEU C 1016 19.63 -12.64 2.90
C LEU C 1016 19.11 -11.37 2.25
N LYS C 1017 18.74 -11.46 0.97
CA LYS C 1017 18.00 -10.40 0.31
C LYS C 1017 16.57 -10.89 0.10
N LEU C 1018 15.64 -10.30 0.83
CA LEU C 1018 14.26 -10.73 0.72
C LEU C 1018 13.65 -10.23 -0.59
N HIS C 1019 12.41 -10.63 -0.85
CA HIS C 1019 11.72 -10.30 -2.09
C HIS C 1019 10.84 -9.07 -1.95
N HIS C 1020 11.03 -8.28 -0.89
CA HIS C 1020 10.31 -7.01 -0.73
C HIS C 1020 11.15 -5.86 -1.29
N LEU C 1021 11.53 -6.01 -2.57
CA LEU C 1021 12.35 -5.01 -3.23
C LEU C 1021 11.53 -3.75 -3.50
N VAL C 1022 12.20 -2.60 -3.46
CA VAL C 1022 11.48 -1.33 -3.56
C VAL C 1022 10.87 -1.18 -4.94
N ASP C 1023 11.52 -1.69 -5.99
CA ASP C 1023 11.02 -1.54 -7.35
C ASP C 1023 9.60 -2.09 -7.47
N ASP C 1024 9.31 -3.17 -6.74
CA ASP C 1024 7.95 -3.71 -6.78
C ASP C 1024 6.97 -2.81 -6.04
N LYS C 1025 7.35 -2.35 -4.85
CA LYS C 1025 6.42 -1.59 -4.01
C LYS C 1025 6.15 -0.20 -4.56
N LEU C 1026 7.14 0.43 -5.18
CA LEU C 1026 6.98 1.81 -5.66
C LEU C 1026 5.88 1.98 -6.68
N HIS C 1027 4.89 2.81 -6.34
CA HIS C 1027 3.82 3.09 -7.28
C HIS C 1027 3.38 4.55 -7.13
N ALA C 1028 2.86 5.15 -8.20
CA ALA C 1028 2.38 6.53 -8.14
C ALA C 1028 1.25 6.76 -9.13
N ARG C 1029 0.54 7.89 -9.02
CA ARG C 1029 -0.57 8.15 -9.93
C ARG C 1029 -0.87 9.64 -9.96
N SER C 1030 -0.71 10.25 -11.13
CA SER C 1030 -1.30 11.56 -11.37
C SER C 1030 -2.77 11.41 -11.72
N THR C 1031 -3.04 10.72 -12.82
CA THR C 1031 -4.39 10.37 -13.23
C THR C 1031 -4.28 9.24 -14.25
N GLY C 1032 -5.20 8.29 -14.17
CA GLY C 1032 -5.11 7.07 -14.95
C GLY C 1032 -6.46 6.43 -15.16
N PRO C 1033 -6.51 5.09 -15.23
CA PRO C 1033 -7.80 4.42 -15.43
C PRO C 1033 -8.78 4.74 -14.32
N TYR C 1034 -10.02 4.32 -14.54
CA TYR C 1034 -11.10 4.46 -13.57
C TYR C 1034 -12.02 3.25 -13.67
N SER C 1035 -12.80 3.03 -12.62
CA SER C 1035 -13.77 1.94 -12.62
C SER C 1035 -15.03 2.33 -13.38
N MET C 1036 -15.88 1.34 -13.67
CA MET C 1036 -17.05 1.54 -14.52
C MET C 1036 -18.32 1.75 -13.70
N ILE C 1037 -18.69 0.77 -12.89
CA ILE C 1037 -19.95 0.86 -12.15
C ILE C 1037 -19.94 2.07 -11.23
N THR C 1038 -18.82 2.31 -10.55
CA THR C 1038 -18.57 3.55 -9.84
C THR C 1038 -17.33 4.19 -10.42
N GLN C 1039 -17.40 5.49 -10.69
CA GLN C 1039 -16.38 6.16 -11.48
C GLN C 1039 -15.08 6.41 -10.70
N GLN C 1040 -14.97 5.94 -9.47
CA GLN C 1040 -13.77 6.20 -8.70
C GLN C 1040 -12.58 5.46 -9.32
N PRO C 1041 -11.35 5.90 -9.04
CA PRO C 1041 -10.19 5.22 -9.59
C PRO C 1041 -10.11 3.76 -9.14
N LEU C 1042 -9.54 2.93 -10.00
CA LEU C 1042 -9.38 1.52 -9.69
C LEU C 1042 -8.08 1.29 -8.92
N GLY C 1043 -7.99 0.11 -8.29
CA GLY C 1043 -6.87 -0.23 -7.45
C GLY C 1043 -5.79 -1.03 -8.18
N GLY C 1044 -4.71 -1.27 -7.45
CA GLY C 1044 -3.61 -2.05 -7.95
C GLY C 1044 -2.52 -1.18 -8.58
N LYS C 1045 -1.34 -1.79 -8.71
CA LYS C 1045 -0.21 -1.11 -9.33
C LYS C 1045 -0.17 -1.29 -10.84
N ALA C 1046 -0.59 -2.45 -11.34
CA ALA C 1046 -0.52 -2.71 -12.77
C ALA C 1046 -1.41 -1.76 -13.56
N GLN C 1047 -2.40 -1.14 -12.92
CA GLN C 1047 -3.38 -0.32 -13.62
C GLN C 1047 -3.32 1.15 -13.22
N PHE C 1048 -2.20 1.61 -12.64
CA PHE C 1048 -2.06 2.99 -12.20
C PHE C 1048 -3.18 3.35 -11.21
N GLY C 1049 -3.15 2.67 -10.07
CA GLY C 1049 -4.25 2.74 -9.11
C GLY C 1049 -3.91 3.61 -7.91
N GLY C 1050 -4.79 4.56 -7.62
CA GLY C 1050 -4.57 5.42 -6.49
C GLY C 1050 -4.73 4.69 -5.17
N GLN C 1051 -4.01 5.18 -4.17
CA GLN C 1051 -4.10 4.59 -2.83
C GLN C 1051 -5.44 4.93 -2.20
N ARG C 1052 -5.89 4.07 -1.30
CA ARG C 1052 -7.24 4.20 -0.77
C ARG C 1052 -7.27 5.14 0.42
N PHE C 1053 -8.15 6.14 0.34
CA PHE C 1053 -8.40 7.08 1.44
C PHE C 1053 -9.56 6.53 2.24
N GLY C 1054 -9.29 5.47 3.00
CA GLY C 1054 -10.33 4.72 3.68
C GLY C 1054 -11.05 5.50 4.75
N GLU C 1055 -11.85 4.79 5.55
CA GLU C 1055 -12.66 5.46 6.57
C GLU C 1055 -11.79 6.12 7.63
N MET C 1056 -10.74 5.43 8.09
CA MET C 1056 -9.95 5.98 9.18
C MET C 1056 -9.20 7.23 8.75
N GLU C 1057 -8.88 7.35 7.46
CA GLU C 1057 -8.23 8.56 6.98
C GLU C 1057 -9.17 9.75 7.10
N VAL C 1058 -10.44 9.58 6.72
CA VAL C 1058 -11.37 10.69 6.84
C VAL C 1058 -11.66 10.96 8.31
N TRP C 1059 -11.62 9.94 9.16
CA TRP C 1059 -11.75 10.19 10.59
C TRP C 1059 -10.64 11.12 11.08
N ALA C 1060 -9.40 10.82 10.69
CA ALA C 1060 -8.29 11.67 11.11
C ALA C 1060 -8.44 13.09 10.57
N LEU C 1061 -8.82 13.22 9.30
CA LEU C 1061 -8.96 14.55 8.72
C LEU C 1061 -10.08 15.33 9.40
N GLU C 1062 -11.20 14.68 9.70
CA GLU C 1062 -12.26 15.35 10.45
C GLU C 1062 -11.76 15.76 11.83
N ALA C 1063 -10.93 14.93 12.45
CA ALA C 1063 -10.36 15.28 13.74
C ALA C 1063 -9.54 16.56 13.65
N TYR C 1064 -8.73 16.68 12.60
CA TYR C 1064 -7.98 17.93 12.40
C TYR C 1064 -8.87 19.12 12.15
N GLY C 1065 -10.12 18.91 11.77
CA GLY C 1065 -11.01 20.00 11.39
C GLY C 1065 -10.82 20.49 9.98
N ALA C 1066 -9.92 19.90 9.21
CA ALA C 1066 -9.65 20.32 7.84
C ALA C 1066 -10.76 19.79 6.95
N ALA C 1067 -11.80 20.59 6.74
CA ALA C 1067 -12.95 20.16 5.98
C ALA C 1067 -12.76 20.34 4.47
N TYR C 1068 -12.11 21.42 4.05
CA TYR C 1068 -11.91 21.66 2.62
C TYR C 1068 -11.06 20.56 2.01
N ALA C 1069 -10.01 20.12 2.71
CA ALA C 1069 -9.17 19.06 2.20
C ALA C 1069 -9.96 17.76 2.04
N LEU C 1070 -10.83 17.46 3.00
CA LEU C 1070 -11.68 16.29 2.87
C LEU C 1070 -12.59 16.42 1.65
N GLN C 1071 -13.17 17.61 1.45
CA GLN C 1071 -14.06 17.80 0.31
C GLN C 1071 -13.34 17.54 -1.00
N GLU C 1072 -12.13 18.07 -1.16
CA GLU C 1072 -11.43 17.83 -2.42
C GLU C 1072 -10.97 16.38 -2.53
N LEU C 1073 -10.49 15.79 -1.43
CA LEU C 1073 -10.06 14.40 -1.48
C LEU C 1073 -11.21 13.44 -1.75
N LEU C 1074 -12.45 13.88 -1.56
CA LEU C 1074 -13.59 13.01 -1.77
C LEU C 1074 -14.38 13.33 -3.03
N THR C 1075 -14.28 14.53 -3.58
CA THR C 1075 -15.05 14.89 -4.77
C THR C 1075 -14.18 15.20 -5.97
N ILE C 1076 -13.27 16.16 -5.88
CA ILE C 1076 -12.48 16.55 -7.04
C ILE C 1076 -11.52 15.43 -7.44
N LYS C 1077 -10.81 14.86 -6.49
CA LYS C 1077 -9.75 13.91 -6.81
C LYS C 1077 -10.28 12.52 -7.10
N SER C 1078 -11.59 12.31 -7.03
CA SER C 1078 -12.21 11.04 -7.43
C SER C 1078 -13.71 11.17 -7.25
N ASP C 1079 -14.45 10.30 -7.93
CA ASP C 1079 -15.89 10.15 -7.78
C ASP C 1079 -16.67 11.36 -8.28
N ASP C 1080 -16.10 12.18 -9.15
CA ASP C 1080 -16.83 13.28 -9.78
C ASP C 1080 -16.34 13.42 -11.21
N VAL C 1081 -17.17 13.00 -12.16
CA VAL C 1081 -16.74 12.99 -13.55
C VAL C 1081 -16.60 14.40 -14.09
N THR C 1082 -17.51 15.29 -13.71
CA THR C 1082 -17.45 16.66 -14.19
C THR C 1082 -16.27 17.42 -13.60
N GLY C 1083 -15.77 16.99 -12.45
CA GLY C 1083 -14.73 17.73 -11.75
C GLY C 1083 -13.32 17.39 -12.16
N ARG C 1084 -13.09 16.17 -12.65
CA ARG C 1084 -11.72 15.73 -12.91
C ARG C 1084 -11.10 16.45 -14.11
N VAL C 1085 -11.81 16.47 -15.24
CA VAL C 1085 -11.31 17.21 -16.38
C VAL C 1085 -11.19 18.69 -16.03
N LYS C 1086 -12.14 19.19 -15.25
CA LYS C 1086 -12.10 20.60 -14.87
C LYS C 1086 -10.86 20.92 -14.04
N VAL C 1087 -10.51 20.05 -13.09
CA VAL C 1087 -9.35 20.34 -12.24
C VAL C 1087 -8.07 20.21 -13.05
N TYR C 1088 -8.01 19.24 -13.97
CA TYR C 1088 -6.83 19.11 -14.81
C TYR C 1088 -6.65 20.36 -15.67
N GLU C 1089 -7.73 20.82 -16.30
CA GLU C 1089 -7.66 22.03 -17.11
C GLU C 1089 -7.28 23.23 -16.27
N ALA C 1090 -7.85 23.34 -15.07
CA ALA C 1090 -7.57 24.49 -14.21
C ALA C 1090 -6.09 24.50 -13.81
N ILE C 1091 -5.54 23.34 -13.48
CA ILE C 1091 -4.14 23.32 -13.07
C ILE C 1091 -3.24 23.70 -14.24
N VAL C 1092 -3.45 23.07 -15.40
CA VAL C 1092 -2.52 23.32 -16.50
C VAL C 1092 -2.63 24.75 -16.98
N LYS C 1093 -3.85 25.30 -16.99
CA LYS C 1093 -4.05 26.69 -17.36
C LYS C 1093 -3.64 27.65 -16.25
N GLY C 1094 -3.37 27.14 -15.05
CA GLY C 1094 -3.03 27.99 -13.92
C GLY C 1094 -4.21 28.61 -13.23
N GLU C 1095 -5.41 28.48 -13.78
CA GLU C 1095 -6.60 29.06 -13.17
C GLU C 1095 -6.87 28.41 -11.83
N ASN C 1096 -7.50 29.16 -10.94
CA ASN C 1096 -7.82 28.65 -9.61
C ASN C 1096 -8.76 27.45 -9.73
N ILE C 1097 -8.70 26.57 -8.73
CA ILE C 1097 -9.49 25.34 -8.76
C ILE C 1097 -10.97 25.70 -8.74
N PRO C 1098 -11.84 25.00 -9.47
CA PRO C 1098 -13.26 25.33 -9.44
C PRO C 1098 -13.97 24.66 -8.27
N GLU C 1099 -15.23 25.02 -8.11
CA GLU C 1099 -16.03 24.51 -6.99
C GLU C 1099 -16.38 23.04 -7.23
N PRO C 1100 -16.22 22.15 -6.25
CA PRO C 1100 -16.62 20.76 -6.47
C PRO C 1100 -18.13 20.62 -6.60
N GLY C 1101 -18.53 19.62 -7.40
CA GLY C 1101 -19.92 19.27 -7.57
C GLY C 1101 -20.35 18.17 -6.60
N ILE C 1102 -21.43 17.50 -6.95
CA ILE C 1102 -21.93 16.36 -6.18
C ILE C 1102 -21.21 15.11 -6.70
N PRO C 1103 -20.82 14.18 -5.84
CA PRO C 1103 -20.11 13.00 -6.33
C PRO C 1103 -21.05 12.06 -7.05
N GLU C 1104 -20.47 11.16 -7.84
CA GLU C 1104 -21.27 10.25 -8.65
C GLU C 1104 -21.72 9.03 -7.88
N SER C 1105 -20.91 8.56 -6.91
CA SER C 1105 -21.30 7.41 -6.12
C SER C 1105 -22.60 7.66 -5.38
N PHE C 1106 -22.82 8.88 -4.91
CA PHE C 1106 -24.08 9.21 -4.27
C PHE C 1106 -25.23 9.10 -5.27
N LYS C 1107 -25.01 9.52 -6.52
CA LYS C 1107 -26.05 9.36 -7.53
C LYS C 1107 -26.34 7.88 -7.78
N VAL C 1108 -25.30 7.06 -7.84
CA VAL C 1108 -25.49 5.62 -7.98
C VAL C 1108 -26.36 5.11 -6.84
N LEU C 1109 -26.05 5.52 -5.61
CA LEU C 1109 -26.85 5.09 -4.48
C LEU C 1109 -28.29 5.57 -4.60
N ILE C 1110 -28.49 6.81 -5.02
CA ILE C 1110 -29.84 7.34 -5.08
C ILE C 1110 -30.67 6.55 -6.07
N LYS C 1111 -30.11 6.25 -7.24
CA LYS C 1111 -30.84 5.43 -8.20
C LYS C 1111 -31.10 4.04 -7.65
N GLU C 1112 -30.10 3.43 -7.00
CA GLU C 1112 -30.26 2.06 -6.51
C GLU C 1112 -31.35 1.99 -5.45
N MET C 1113 -31.33 2.93 -4.50
CA MET C 1113 -32.39 2.97 -3.50
C MET C 1113 -33.72 3.40 -4.09
N GLN C 1114 -33.70 4.00 -5.28
CA GLN C 1114 -34.95 4.24 -6.00
C GLN C 1114 -35.42 2.99 -6.73
N SER C 1115 -34.57 1.99 -6.87
CA SER C 1115 -34.94 0.72 -7.49
C SER C 1115 -35.49 -0.28 -6.48
N LEU C 1116 -35.50 0.06 -5.19
CA LEU C 1116 -36.10 -0.77 -4.15
C LEU C 1116 -37.49 -0.24 -3.76
N CYS C 1117 -38.05 0.68 -4.54
CA CYS C 1117 -39.33 1.30 -4.24
C CYS C 1117 -39.26 2.19 -3.00
N LEU C 1118 -38.16 2.94 -2.87
CA LEU C 1118 -38.06 4.03 -1.90
C LEU C 1118 -37.83 5.31 -2.69
N ASN C 1119 -38.79 6.23 -2.62
CA ASN C 1119 -38.66 7.47 -3.38
C ASN C 1119 -37.75 8.47 -2.68
N VAL C 1120 -36.45 8.20 -2.72
CA VAL C 1120 -35.48 9.07 -2.06
C VAL C 1120 -35.39 10.35 -2.88
N GLU C 1121 -36.11 11.38 -2.45
CA GLU C 1121 -36.17 12.65 -3.15
C GLU C 1121 -35.32 13.67 -2.41
N VAL C 1122 -34.35 14.23 -3.10
CA VAL C 1122 -33.54 15.33 -2.57
C VAL C 1122 -34.40 16.58 -2.62
N LEU C 1123 -34.54 17.26 -1.49
CA LEU C 1123 -35.43 18.40 -1.38
C LEU C 1123 -34.68 19.57 -0.75
N SER C 1124 -35.15 20.77 -1.08
CA SER C 1124 -34.64 22.01 -0.52
C SER C 1124 -35.60 22.53 0.55
N SER C 1125 -35.12 23.48 1.35
CA SER C 1125 -35.98 24.11 2.34
C SER C 1125 -37.14 24.82 1.69
N ASP C 1126 -36.87 25.53 0.59
CA ASP C 1126 -37.91 26.20 -0.19
C ASP C 1126 -38.25 25.31 -1.38
N GLY C 1127 -39.06 24.29 -1.11
CA GLY C 1127 -39.52 23.42 -2.17
C GLY C 1127 -38.41 22.57 -2.77
N MET C 1128 -38.54 22.33 -4.07
CA MET C 1128 -37.58 21.50 -4.80
C MET C 1128 -36.20 22.15 -4.80
N SER C 1129 -35.18 21.30 -4.73
CA SER C 1129 -33.79 21.72 -4.73
C SER C 1129 -33.20 21.64 -6.13
N ILE C 1130 -32.20 22.49 -6.38
CA ILE C 1130 -31.48 22.50 -7.65
C ILE C 1130 -30.23 21.65 -7.50
N GLU C 1131 -29.98 20.79 -8.49
CA GLU C 1131 -28.82 19.91 -8.49
C GLU C 1131 -28.02 20.09 -9.78
N PHE D 7 -29.35 20.99 -1.43
CA PHE D 7 -29.28 19.85 -0.47
C PHE D 7 -29.64 20.27 0.94
N ASP D 8 -30.90 20.09 1.29
CA ASP D 8 -31.42 20.45 2.60
C ASP D 8 -32.06 19.28 3.33
N GLU D 9 -32.63 18.31 2.61
CA GLU D 9 -33.22 17.15 3.25
C GLU D 9 -33.40 16.05 2.20
N LEU D 10 -33.04 14.82 2.57
CA LEU D 10 -33.20 13.66 1.70
C LEU D 10 -34.46 12.91 2.12
N ARG D 11 -35.62 13.44 1.70
CA ARG D 11 -36.88 12.80 2.05
C ARG D 11 -36.95 11.42 1.42
N ILE D 12 -37.36 10.43 2.21
CA ILE D 12 -37.45 9.04 1.79
C ILE D 12 -38.77 8.49 2.30
N GLY D 13 -39.37 7.59 1.53
CA GLY D 13 -40.64 7.02 1.94
C GLY D 13 -41.02 5.86 1.07
N LEU D 14 -42.31 5.52 1.10
CA LEU D 14 -42.83 4.44 0.26
C LEU D 14 -43.05 4.96 -1.15
N ALA D 15 -42.53 4.21 -2.13
CA ALA D 15 -42.67 4.55 -3.53
C ALA D 15 -43.92 3.85 -4.07
N THR D 16 -44.95 4.63 -4.38
CA THR D 16 -46.19 4.08 -4.88
C THR D 16 -46.06 3.71 -6.36
N ALA D 17 -47.05 2.98 -6.85
CA ALA D 17 -47.02 2.53 -8.24
C ALA D 17 -47.02 3.70 -9.22
N ASP D 18 -47.81 4.73 -8.92
CA ASP D 18 -47.84 5.90 -9.79
C ASP D 18 -46.49 6.57 -9.84
N ASP D 19 -45.80 6.66 -8.70
CA ASP D 19 -44.47 7.24 -8.68
C ASP D 19 -43.51 6.43 -9.54
N ILE D 20 -43.57 5.09 -9.42
CA ILE D 20 -42.69 4.24 -10.22
C ILE D 20 -42.97 4.46 -11.71
N ARG D 21 -44.24 4.54 -12.08
CA ARG D 21 -44.57 4.83 -13.47
C ARG D 21 -44.01 6.17 -13.90
N GLN D 22 -44.04 7.16 -13.00
CA GLN D 22 -43.51 8.47 -13.33
C GLN D 22 -42.01 8.40 -13.60
N TRP D 23 -41.27 7.66 -12.78
CA TRP D 23 -39.84 7.52 -13.02
C TRP D 23 -39.56 6.87 -14.37
N SER D 24 -40.33 5.85 -14.72
CA SER D 24 -40.04 5.06 -15.91
C SER D 24 -40.16 5.92 -17.17
N HIS D 25 -39.24 5.68 -18.11
CA HIS D 25 -39.28 6.30 -19.42
C HIS D 25 -39.77 5.33 -20.50
N GLY D 26 -40.31 4.19 -20.10
CA GLY D 26 -40.81 3.20 -21.05
C GLY D 26 -41.33 1.98 -20.33
N GLU D 27 -41.08 0.79 -20.88
CA GLU D 27 -41.42 -0.46 -20.22
C GLU D 27 -40.63 -1.59 -20.86
N VAL D 28 -40.05 -2.43 -20.01
CA VAL D 28 -39.30 -3.59 -20.46
C VAL D 28 -40.31 -4.69 -20.74
N LYS D 29 -40.17 -5.37 -21.88
CA LYS D 29 -41.12 -6.38 -22.32
C LYS D 29 -40.49 -7.70 -22.73
N LYS D 30 -39.17 -7.82 -22.69
CA LYS D 30 -38.49 -9.01 -23.12
C LYS D 30 -37.30 -9.28 -22.20
N PRO D 31 -36.78 -10.50 -22.18
CA PRO D 31 -35.48 -10.74 -21.56
C PRO D 31 -34.29 -10.50 -22.47
N GLU D 32 -34.52 -9.93 -23.65
CA GLU D 32 -33.44 -9.69 -24.60
C GLU D 32 -32.41 -8.76 -23.98
N THR D 33 -31.13 -9.03 -24.24
CA THR D 33 -30.05 -8.15 -23.81
C THR D 33 -29.27 -7.59 -25.00
N ILE D 34 -28.68 -8.45 -25.82
CA ILE D 34 -27.85 -8.01 -26.94
C ILE D 34 -27.82 -9.13 -27.98
N ASN D 35 -27.92 -8.75 -29.24
CA ASN D 35 -27.85 -9.74 -30.31
C ASN D 35 -26.49 -10.42 -30.29
N TYR D 36 -26.51 -11.75 -30.40
CA TYR D 36 -25.27 -12.52 -30.32
C TYR D 36 -24.29 -12.16 -31.41
N ARG D 37 -24.76 -11.61 -32.53
CA ARG D 37 -23.90 -11.26 -33.67
C ARG D 37 -23.56 -9.78 -33.72
N THR D 38 -24.56 -8.90 -33.60
CA THR D 38 -24.32 -7.47 -33.74
C THR D 38 -23.74 -6.85 -32.48
N LEU D 39 -23.85 -7.51 -31.33
CA LEU D 39 -23.35 -6.99 -30.06
C LEU D 39 -23.95 -5.63 -29.74
N LYS D 40 -25.20 -5.41 -30.17
CA LYS D 40 -25.93 -4.18 -29.91
C LYS D 40 -27.17 -4.49 -29.09
N PRO D 41 -27.69 -3.52 -28.33
CA PRO D 41 -28.90 -3.81 -27.54
C PRO D 41 -30.08 -4.14 -28.44
N GLU D 42 -30.96 -4.98 -27.93
CA GLU D 42 -32.17 -5.36 -28.65
C GLU D 42 -33.26 -4.32 -28.40
N LYS D 43 -34.47 -4.62 -28.86
CA LYS D 43 -35.59 -3.71 -28.76
C LYS D 43 -36.43 -4.02 -27.53
N ASP D 44 -36.72 -2.99 -26.74
CA ASP D 44 -37.67 -3.05 -25.65
C ASP D 44 -37.29 -4.06 -24.57
N GLY D 45 -36.05 -4.53 -24.55
CA GLY D 45 -35.58 -5.44 -23.51
C GLY D 45 -34.64 -4.71 -22.57
N LEU D 46 -33.89 -5.45 -21.76
CA LEU D 46 -32.80 -4.83 -21.02
C LEU D 46 -31.86 -4.13 -22.00
N PHE D 47 -31.21 -3.08 -21.52
CA PHE D 47 -30.22 -2.33 -22.28
C PHE D 47 -30.81 -1.62 -23.48
N CYS D 48 -32.13 -1.64 -23.67
CA CYS D 48 -32.73 -1.06 -24.86
C CYS D 48 -32.39 0.42 -24.96
N GLU D 49 -31.97 0.85 -26.15
CA GLU D 49 -31.63 2.26 -26.33
C GLU D 49 -32.87 3.15 -26.41
N LYS D 50 -34.01 2.60 -26.82
CA LYS D 50 -35.22 3.42 -26.90
C LYS D 50 -35.68 3.90 -25.54
N ILE D 51 -35.39 3.16 -24.47
CA ILE D 51 -35.87 3.47 -23.14
C ILE D 51 -34.81 4.13 -22.27
N PHE D 52 -33.59 3.58 -22.26
CA PHE D 52 -32.56 4.04 -21.35
C PHE D 52 -31.71 5.14 -21.98
N GLY D 53 -31.06 4.84 -23.10
CA GLY D 53 -30.26 5.83 -23.79
C GLY D 53 -29.35 5.21 -24.83
N PRO D 54 -28.73 6.05 -25.66
CA PRO D 54 -27.90 5.54 -26.73
C PRO D 54 -26.57 5.00 -26.22
N THR D 55 -26.13 3.89 -26.82
CA THR D 55 -24.87 3.29 -26.40
C THR D 55 -23.68 4.18 -26.78
N ARG D 56 -23.78 4.88 -27.90
CA ARG D 56 -22.73 5.78 -28.38
C ARG D 56 -23.24 7.21 -28.36
N ASP D 57 -22.34 8.14 -28.04
CA ASP D 57 -22.71 9.54 -27.84
C ASP D 57 -23.43 10.09 -29.06
N TRP D 58 -24.69 10.45 -28.88
CA TRP D 58 -25.56 11.08 -29.88
C TRP D 58 -25.91 10.15 -31.03
N GLU D 59 -25.44 8.91 -31.02
CA GLU D 59 -25.70 7.96 -32.09
C GLU D 59 -27.01 7.24 -31.81
N CYS D 60 -27.81 7.03 -32.85
CA CYS D 60 -29.03 6.25 -32.72
C CYS D 60 -28.74 4.80 -33.11
N TYR D 61 -29.78 3.97 -33.13
CA TYR D 61 -29.58 2.55 -33.46
C TYR D 61 -29.59 2.34 -34.96
N CYS D 62 -30.58 2.90 -35.65
CA CYS D 62 -30.68 2.75 -37.10
C CYS D 62 -29.57 3.47 -37.87
N GLY D 63 -28.94 4.46 -37.25
CA GLY D 63 -27.90 5.23 -37.92
C GLY D 63 -28.38 6.55 -38.47
N LYS D 64 -29.68 6.80 -38.44
CA LYS D 64 -30.19 8.10 -38.86
C LYS D 64 -29.78 9.11 -37.79
N TYR D 65 -29.49 10.33 -38.17
CA TYR D 65 -29.18 11.35 -37.17
C TYR D 65 -28.02 11.02 -36.20
N LYS D 66 -26.95 10.41 -36.70
CA LYS D 66 -25.79 10.13 -35.84
C LYS D 66 -25.00 11.34 -35.32
N ARG D 67 -24.81 12.38 -36.12
CA ARG D 67 -23.97 13.52 -35.72
C ARG D 67 -24.37 14.33 -34.48
N VAL D 68 -23.40 15.01 -33.86
CA VAL D 68 -23.65 15.80 -32.67
C VAL D 68 -24.46 17.05 -32.99
N ARG D 69 -24.47 17.48 -34.25
CA ARG D 69 -25.15 18.71 -34.63
C ARG D 69 -26.63 18.66 -34.25
N PHE D 70 -27.36 17.71 -34.84
CA PHE D 70 -28.82 17.63 -34.67
C PHE D 70 -29.16 16.77 -33.45
N LYS D 71 -28.73 17.24 -32.29
CA LYS D 71 -29.03 16.58 -31.03
C LYS D 71 -30.42 16.98 -30.55
N GLY D 72 -30.84 16.37 -29.45
CA GLY D 72 -32.12 16.70 -28.86
C GLY D 72 -33.31 16.38 -29.74
N ILE D 73 -33.26 15.29 -30.51
CA ILE D 73 -34.37 14.87 -31.34
C ILE D 73 -34.53 13.36 -31.18
N ILE D 74 -35.70 12.87 -31.58
CA ILE D 74 -36.05 11.45 -31.53
C ILE D 74 -36.33 11.00 -32.94
N CYS D 75 -35.48 10.12 -33.47
CA CYS D 75 -35.71 9.60 -34.82
C CYS D 75 -36.82 8.56 -34.78
N GLU D 76 -37.78 8.71 -35.69
CA GLU D 76 -38.97 7.85 -35.68
C GLU D 76 -38.65 6.40 -36.00
N ARG D 77 -37.45 6.10 -36.50
CA ARG D 77 -37.14 4.74 -36.94
C ARG D 77 -36.94 3.81 -35.74
N CYS D 78 -35.92 4.08 -34.92
CA CYS D 78 -35.64 3.28 -33.74
C CYS D 78 -36.05 3.94 -32.44
N GLY D 79 -36.61 5.15 -32.49
CA GLY D 79 -37.10 5.81 -31.29
C GLY D 79 -36.03 6.29 -30.34
N VAL D 80 -34.75 6.20 -30.73
CA VAL D 80 -33.68 6.64 -29.85
C VAL D 80 -33.63 8.16 -29.82
N GLU D 81 -33.55 8.72 -28.63
CA GLU D 81 -33.34 10.15 -28.47
C GLU D 81 -31.85 10.42 -28.42
N VAL D 82 -31.34 11.11 -29.44
CA VAL D 82 -29.90 11.37 -29.52
C VAL D 82 -29.49 12.28 -28.36
N THR D 83 -28.48 11.86 -27.62
CA THR D 83 -27.93 12.63 -26.51
C THR D 83 -26.64 11.94 -26.06
N ARG D 84 -26.09 12.42 -24.96
CA ARG D 84 -24.89 11.82 -24.41
C ARG D 84 -25.16 10.40 -23.93
N ALA D 85 -24.15 9.54 -24.01
CA ALA D 85 -24.27 8.19 -23.47
C ALA D 85 -24.46 8.20 -21.96
N LYS D 86 -24.03 9.26 -21.29
CA LYS D 86 -24.16 9.34 -19.83
C LYS D 86 -25.62 9.26 -19.40
N VAL D 87 -26.56 9.58 -20.27
CA VAL D 87 -27.97 9.49 -19.90
C VAL D 87 -28.33 8.06 -19.52
N ARG D 88 -27.64 7.07 -20.10
CA ARG D 88 -27.92 5.68 -19.72
C ARG D 88 -27.62 5.43 -18.26
N ARG D 89 -26.67 6.17 -17.68
CA ARG D 89 -26.36 6.01 -16.27
C ARG D 89 -27.47 6.56 -15.37
N GLU D 90 -28.42 7.31 -15.92
CA GLU D 90 -29.49 7.92 -15.14
C GLU D 90 -30.86 7.33 -15.46
N ARG D 91 -31.21 7.22 -16.72
CA ARG D 91 -32.56 6.81 -17.10
C ARG D 91 -32.87 5.41 -16.58
N MET D 92 -34.09 5.23 -16.09
CA MET D 92 -34.55 3.95 -15.58
C MET D 92 -35.93 3.65 -16.13
N GLY D 93 -36.21 2.35 -16.32
CA GLY D 93 -37.49 1.86 -16.75
C GLY D 93 -38.23 1.13 -15.65
N HIS D 94 -39.24 0.36 -16.05
CA HIS D 94 -40.05 -0.37 -15.10
C HIS D 94 -40.69 -1.57 -15.76
N ILE D 95 -40.89 -2.62 -14.96
CA ILE D 95 -41.53 -3.85 -15.38
C ILE D 95 -42.92 -3.89 -14.79
N GLU D 96 -43.91 -4.13 -15.65
CA GLU D 96 -45.28 -4.37 -15.20
C GLU D 96 -45.43 -5.84 -14.86
N LEU D 97 -46.04 -6.12 -13.71
CA LEU D 97 -46.33 -7.48 -13.29
C LEU D 97 -47.81 -7.78 -13.48
N ALA D 98 -48.12 -8.92 -14.08
CA ALA D 98 -49.51 -9.28 -14.33
C ALA D 98 -50.28 -9.42 -13.02
N ALA D 99 -49.69 -10.10 -12.03
CA ALA D 99 -50.30 -10.30 -10.73
C ALA D 99 -49.45 -9.64 -9.64
N PRO D 100 -50.05 -8.88 -8.73
CA PRO D 100 -49.24 -8.13 -7.76
C PRO D 100 -48.47 -9.07 -6.83
N VAL D 101 -47.35 -8.55 -6.34
CA VAL D 101 -46.52 -9.24 -5.37
C VAL D 101 -46.24 -8.26 -4.22
N THR D 102 -45.63 -8.79 -3.16
CA THR D 102 -45.40 -8.03 -1.95
C THR D 102 -43.91 -7.89 -1.67
N HIS D 103 -43.52 -6.67 -1.30
CA HIS D 103 -42.12 -6.34 -1.07
C HIS D 103 -41.55 -7.25 0.01
N ILE D 104 -40.40 -7.87 -0.28
CA ILE D 104 -39.80 -8.78 0.68
C ILE D 104 -39.34 -8.01 1.91
N TRP D 105 -38.84 -6.79 1.73
CA TRP D 105 -38.22 -6.07 2.83
C TRP D 105 -39.18 -5.86 3.98
N TYR D 106 -40.35 -5.27 3.72
CA TYR D 106 -41.21 -4.84 4.81
C TYR D 106 -41.73 -6.02 5.61
N PHE D 107 -41.82 -7.19 5.00
CA PHE D 107 -42.23 -8.40 5.70
C PHE D 107 -40.99 -9.28 5.91
N LYS D 108 -41.20 -10.46 6.51
CA LYS D 108 -40.13 -11.43 6.72
C LYS D 108 -38.95 -10.82 7.47
N GLY D 109 -39.26 -10.14 8.57
CA GLY D 109 -38.21 -9.53 9.37
C GLY D 109 -38.63 -9.26 10.80
N VAL D 110 -38.00 -8.27 11.43
CA VAL D 110 -38.35 -7.88 12.78
C VAL D 110 -39.74 -7.28 12.74
N PRO D 111 -40.45 -7.19 13.86
CA PRO D 111 -41.80 -6.61 13.84
C PRO D 111 -41.85 -5.09 13.89
N SER D 112 -40.70 -4.41 13.84
CA SER D 112 -40.69 -2.96 13.76
C SER D 112 -40.82 -2.45 12.33
N ARG D 113 -40.68 -3.32 11.34
CA ARG D 113 -40.85 -2.96 9.93
C ARG D 113 -42.12 -3.56 9.34
N LEU D 114 -42.38 -4.84 9.59
CA LEU D 114 -43.70 -5.39 9.26
C LEU D 114 -44.78 -4.68 10.08
N GLY D 115 -44.53 -4.54 11.38
CA GLY D 115 -45.35 -3.70 12.23
C GLY D 115 -46.62 -4.32 12.76
N TYR D 116 -46.94 -5.55 12.37
CA TYR D 116 -48.23 -6.14 12.67
C TYR D 116 -49.36 -5.27 12.16
N LEU D 117 -49.19 -4.67 10.98
CA LEU D 117 -50.21 -3.77 10.45
C LEU D 117 -51.53 -4.51 10.30
N LEU D 118 -51.48 -5.79 9.92
CA LEU D 118 -52.61 -6.70 10.00
C LEU D 118 -52.34 -7.67 11.13
N ASP D 119 -53.32 -7.84 12.02
CA ASP D 119 -53.09 -8.61 13.24
C ASP D 119 -53.03 -10.10 12.90
N LEU D 120 -51.98 -10.49 12.18
CA LEU D 120 -51.79 -11.86 11.71
C LEU D 120 -50.36 -12.29 11.97
N ALA D 121 -50.20 -13.52 12.45
CA ALA D 121 -48.88 -14.01 12.80
C ALA D 121 -48.00 -14.13 11.56
N PRO D 122 -46.67 -14.11 11.74
CA PRO D 122 -45.78 -14.27 10.58
C PRO D 122 -46.01 -15.56 9.83
N LYS D 123 -46.38 -16.64 10.53
CA LYS D 123 -46.68 -17.89 9.85
C LYS D 123 -47.86 -17.73 8.90
N ASP D 124 -48.89 -17.00 9.34
CA ASP D 124 -50.05 -16.77 8.49
C ASP D 124 -49.65 -16.08 7.18
N LEU D 125 -48.85 -15.01 7.29
CA LEU D 125 -48.42 -14.31 6.09
C LEU D 125 -47.56 -15.22 5.21
N GLU D 126 -46.56 -15.87 5.82
CA GLU D 126 -45.68 -16.76 5.07
C GLU D 126 -46.48 -17.81 4.32
N LYS D 127 -47.58 -18.28 4.90
CA LYS D 127 -48.42 -19.25 4.24
C LYS D 127 -49.29 -18.63 3.15
N VAL D 128 -49.79 -17.41 3.33
CA VAL D 128 -50.82 -16.87 2.45
C VAL D 128 -50.22 -16.17 1.24
N ILE D 129 -49.21 -15.31 1.41
CA ILE D 129 -48.68 -14.62 0.23
C ILE D 129 -47.88 -15.56 -0.65
N TYR D 130 -47.53 -16.75 -0.17
CA TYR D 130 -46.83 -17.75 -0.94
C TYR D 130 -47.75 -18.86 -1.43
N PHE D 131 -49.06 -18.62 -1.44
CA PHE D 131 -50.00 -19.54 -2.07
C PHE D 131 -50.01 -20.91 -1.37
N ALA D 132 -50.37 -20.87 -0.09
CA ALA D 132 -50.62 -22.08 0.69
C ALA D 132 -51.89 -22.02 1.53
N ALA D 133 -52.54 -20.85 1.63
CA ALA D 133 -53.79 -20.74 2.38
C ALA D 133 -54.53 -19.50 1.92
N TYR D 134 -55.85 -19.53 2.09
CA TYR D 134 -56.73 -18.49 1.58
C TYR D 134 -56.93 -17.39 2.61
N MET D 135 -57.51 -16.28 2.17
CA MET D 135 -58.01 -15.25 3.07
C MET D 135 -59.45 -14.93 2.74
N ILE D 136 -60.22 -14.62 3.76
CA ILE D 136 -61.57 -14.08 3.61
C ILE D 136 -61.39 -12.57 3.63
N THR D 137 -61.26 -11.99 2.43
CA THR D 137 -60.98 -10.56 2.33
C THR D 137 -62.13 -9.73 2.90
N PHE D 138 -63.37 -10.12 2.62
CA PHE D 138 -64.52 -9.33 3.03
C PHE D 138 -65.74 -10.23 3.11
N VAL D 139 -66.59 -9.97 4.12
CA VAL D 139 -67.83 -10.69 4.32
C VAL D 139 -68.96 -9.69 4.47
N ASP D 140 -70.10 -9.98 3.84
CA ASP D 140 -71.32 -9.22 4.04
C ASP D 140 -72.03 -9.74 5.29
N GLU D 141 -71.38 -9.54 6.44
CA GLU D 141 -71.88 -10.12 7.68
C GLU D 141 -73.26 -9.58 8.03
N GLU D 142 -73.51 -8.30 7.76
CA GLU D 142 -74.85 -7.78 7.94
C GLU D 142 -75.84 -8.47 7.02
N ARG D 143 -75.44 -8.72 5.76
CA ARG D 143 -76.30 -9.44 4.83
C ARG D 143 -76.55 -10.86 5.32
N ARG D 144 -75.51 -11.52 5.80
CA ARG D 144 -75.67 -12.89 6.31
C ARG D 144 -76.59 -12.91 7.53
N THR D 145 -76.50 -11.89 8.38
CA THR D 145 -77.33 -11.85 9.58
C THR D 145 -78.78 -11.55 9.27
N ARG D 146 -79.05 -10.70 8.27
CA ARG D 146 -80.44 -10.29 8.02
C ARG D 146 -81.28 -11.49 7.61
N ASP D 147 -80.74 -12.35 6.75
CA ASP D 147 -81.47 -13.49 6.20
C ASP D 147 -81.24 -14.77 7.00
N LEU D 148 -80.88 -14.64 8.28
CA LEU D 148 -80.65 -15.82 9.11
C LEU D 148 -81.84 -16.75 9.18
N PRO D 149 -83.07 -16.29 9.46
CA PRO D 149 -84.19 -17.26 9.53
C PRO D 149 -84.40 -18.05 8.25
N SER D 150 -84.25 -17.43 7.09
CA SER D 150 -84.48 -18.13 5.84
C SER D 150 -83.45 -19.24 5.63
N LEU D 151 -82.17 -18.91 5.74
CA LEU D 151 -81.12 -19.92 5.58
C LEU D 151 -81.25 -21.01 6.64
N GLU D 152 -81.62 -20.64 7.86
CA GLU D 152 -81.82 -21.64 8.90
C GLU D 152 -82.96 -22.59 8.54
N ALA D 153 -84.06 -22.05 8.00
CA ALA D 153 -85.17 -22.90 7.61
C ALA D 153 -84.79 -23.83 6.47
N HIS D 154 -84.04 -23.33 5.48
CA HIS D 154 -83.60 -24.19 4.40
C HIS D 154 -82.66 -25.28 4.92
N VAL D 155 -81.76 -24.95 5.85
CA VAL D 155 -80.89 -25.97 6.42
C VAL D 155 -81.71 -27.01 7.17
N SER D 156 -82.73 -26.56 7.92
CA SER D 156 -83.58 -27.48 8.65
C SER D 156 -84.31 -28.43 7.71
N VAL D 157 -84.83 -27.89 6.60
CA VAL D 157 -85.51 -28.74 5.62
C VAL D 157 -84.52 -29.73 5.01
N GLU D 158 -83.28 -29.28 4.75
CA GLU D 158 -82.27 -30.19 4.22
C GLU D 158 -81.99 -31.33 5.19
N ARG D 159 -81.84 -31.02 6.48
CA ARG D 159 -81.62 -32.08 7.45
C ARG D 159 -82.83 -33.00 7.54
N GLN D 160 -84.03 -32.44 7.47
CA GLN D 160 -85.24 -33.25 7.55
C GLN D 160 -85.32 -34.25 6.40
N GLN D 161 -85.07 -33.78 5.17
CA GLN D 161 -85.10 -34.71 4.05
C GLN D 161 -83.94 -35.69 4.10
N ILE D 162 -82.79 -35.27 4.62
CA ILE D 162 -81.66 -36.20 4.79
C ILE D 162 -82.07 -37.34 5.72
N GLU D 163 -82.70 -37.01 6.84
CA GLU D 163 -83.11 -38.05 7.78
C GLU D 163 -84.24 -38.90 7.21
N GLN D 164 -85.14 -38.30 6.43
CA GLN D 164 -86.21 -39.09 5.79
C GLN D 164 -85.62 -40.11 4.83
N ARG D 165 -84.69 -39.67 3.99
CA ARG D 165 -84.03 -40.60 3.08
C ARG D 165 -83.21 -41.63 3.83
N ARG D 166 -82.61 -41.24 4.96
CA ARG D 166 -81.87 -42.21 5.77
C ARG D 166 -82.81 -43.27 6.33
N ASP D 167 -84.00 -42.86 6.79
CA ASP D 167 -84.96 -43.83 7.29
C ASP D 167 -85.41 -44.77 6.17
N SER D 168 -85.63 -44.23 4.97
CA SER D 168 -85.97 -45.07 3.84
C SER D 168 -84.86 -46.07 3.55
N ASP D 169 -83.61 -45.62 3.60
CA ASP D 169 -82.48 -46.52 3.37
C ASP D 169 -82.41 -47.60 4.44
N LEU D 170 -82.65 -47.23 5.71
CA LEU D 170 -82.65 -48.22 6.77
C LEU D 170 -83.75 -49.25 6.57
N GLU D 171 -84.93 -48.81 6.17
CA GLU D 171 -86.03 -49.75 5.89
C GLU D 171 -85.66 -50.68 4.76
N ALA D 172 -85.07 -50.14 3.69
CA ALA D 172 -84.65 -50.99 2.58
C ALA D 172 -83.59 -51.98 3.02
N ARG D 173 -82.66 -51.55 3.87
CA ARG D 173 -81.63 -52.44 4.39
C ARG D 173 -82.25 -53.57 5.18
N ALA D 174 -83.21 -53.26 6.05
CA ALA D 174 -83.84 -54.28 6.86
C ALA D 174 -84.61 -55.27 5.99
N LYS D 175 -85.34 -54.76 4.99
CA LYS D 175 -86.08 -55.66 4.10
C LYS D 175 -85.12 -56.55 3.31
N LYS D 176 -84.01 -55.99 2.85
CA LYS D 176 -83.01 -56.78 2.13
C LYS D 176 -82.45 -57.88 3.02
N LEU D 177 -82.11 -57.53 4.27
CA LEU D 177 -81.56 -58.50 5.19
C LEU D 177 -82.56 -59.64 5.44
N GLU D 178 -83.80 -59.29 5.76
CA GLU D 178 -84.81 -60.31 6.03
C GLU D 178 -85.06 -61.17 4.80
N THR D 179 -85.13 -60.55 3.62
CA THR D 179 -85.42 -61.30 2.40
C THR D 179 -84.31 -62.28 2.09
N ASP D 180 -83.05 -61.83 2.14
CA ASP D 180 -81.96 -62.75 1.84
C ASP D 180 -81.86 -63.86 2.87
N LEU D 181 -82.04 -63.53 4.15
CA LEU D 181 -82.00 -64.57 5.18
C LEU D 181 -83.09 -65.60 4.95
N ALA D 182 -84.32 -65.15 4.69
CA ALA D 182 -85.42 -66.07 4.48
C ALA D 182 -85.20 -66.94 3.24
N GLU D 183 -84.77 -66.33 2.14
CA GLU D 183 -84.60 -67.09 0.90
C GLU D 183 -83.47 -68.09 1.02
N LEU D 184 -82.38 -67.74 1.73
CA LEU D 184 -81.26 -68.66 1.84
C LEU D 184 -81.55 -69.78 2.83
N GLU D 185 -82.27 -69.49 3.93
CA GLU D 185 -82.64 -70.58 4.83
C GLU D 185 -83.66 -71.50 4.17
N ALA D 186 -84.56 -70.96 3.34
CA ALA D 186 -85.46 -71.81 2.58
C ALA D 186 -84.70 -72.67 1.57
N GLU D 187 -83.70 -72.08 0.90
CA GLU D 187 -82.93 -72.83 -0.09
C GLU D 187 -82.18 -73.98 0.57
N GLY D 188 -81.47 -73.70 1.66
CA GLY D 188 -80.71 -74.73 2.34
C GLY D 188 -79.64 -75.36 1.48
N ALA D 189 -78.90 -74.54 0.72
CA ALA D 189 -77.82 -75.08 -0.10
C ALA D 189 -76.73 -75.71 0.76
N LYS D 190 -76.38 -75.08 1.87
CA LYS D 190 -75.45 -75.64 2.83
C LYS D 190 -76.09 -75.54 4.21
N ALA D 191 -75.31 -75.86 5.24
CA ALA D 191 -75.87 -75.92 6.59
C ALA D 191 -76.33 -74.55 7.08
N ASP D 192 -75.52 -73.51 6.87
CA ASP D 192 -75.74 -72.22 7.51
C ASP D 192 -75.53 -71.07 6.51
N VAL D 193 -76.13 -71.19 5.32
CA VAL D 193 -76.04 -70.12 4.33
C VAL D 193 -76.69 -68.85 4.85
N ARG D 194 -77.83 -69.00 5.54
CA ARG D 194 -78.58 -67.82 5.99
C ARG D 194 -77.76 -66.97 6.95
N ARG D 195 -77.00 -67.61 7.84
CA ARG D 195 -76.18 -66.85 8.78
C ARG D 195 -75.11 -66.05 8.05
N LYS D 196 -74.46 -66.65 7.06
CA LYS D 196 -73.41 -65.94 6.33
C LYS D 196 -73.97 -64.76 5.56
N VAL D 197 -75.10 -64.95 4.87
CA VAL D 197 -75.66 -63.84 4.10
C VAL D 197 -76.16 -62.74 5.04
N ARG D 198 -76.71 -63.12 6.20
CA ARG D 198 -77.13 -62.11 7.17
C ARG D 198 -75.93 -61.34 7.71
N GLU D 199 -74.81 -62.03 7.93
CA GLU D 199 -73.59 -61.34 8.34
C GLU D 199 -73.15 -60.33 7.30
N GLY D 200 -73.19 -60.72 6.02
CA GLY D 200 -72.86 -59.78 4.96
C GLY D 200 -73.81 -58.60 4.93
N ALA D 201 -75.11 -58.86 5.13
CA ALA D 201 -76.10 -57.78 5.11
C ALA D 201 -75.86 -56.78 6.24
N GLU D 202 -75.56 -57.28 7.45
CA GLU D 202 -75.31 -56.36 8.55
C GLU D 202 -73.99 -55.60 8.35
N ARG D 203 -72.99 -56.23 7.73
CA ARG D 203 -71.79 -55.49 7.39
C ARG D 203 -72.08 -54.36 6.41
N GLU D 204 -72.93 -54.64 5.41
CA GLU D 204 -73.34 -53.60 4.48
C GLU D 204 -74.09 -52.48 5.21
N MET D 205 -74.95 -52.85 6.16
CA MET D 205 -75.65 -51.84 6.94
C MET D 205 -74.68 -50.98 7.73
N LYS D 206 -73.65 -51.59 8.31
CA LYS D 206 -72.64 -50.83 9.05
C LYS D 206 -71.91 -49.86 8.12
N GLN D 207 -71.56 -50.31 6.91
CA GLN D 207 -70.89 -49.42 5.97
C GLN D 207 -71.78 -48.24 5.57
N LEU D 208 -73.06 -48.51 5.34
CA LEU D 208 -73.99 -47.44 4.98
C LEU D 208 -74.14 -46.46 6.14
N ARG D 209 -74.16 -46.96 7.38
CA ARG D 209 -74.17 -46.08 8.53
C ARG D 209 -72.91 -45.22 8.58
N ASP D 210 -71.77 -45.81 8.21
CA ASP D 210 -70.51 -45.06 8.21
C ASP D 210 -70.58 -43.90 7.22
N ARG D 211 -71.05 -44.16 6.00
CA ARG D 211 -71.13 -43.05 5.04
C ARG D 211 -72.18 -42.03 5.47
N ALA D 212 -73.26 -42.48 6.12
CA ALA D 212 -74.26 -41.56 6.64
C ALA D 212 -73.65 -40.60 7.65
N GLN D 213 -72.90 -41.13 8.62
CA GLN D 213 -72.32 -40.26 9.62
C GLN D 213 -71.25 -39.36 9.01
N ARG D 214 -70.53 -39.84 7.99
CA ARG D 214 -69.52 -38.99 7.37
C ARG D 214 -70.17 -37.79 6.68
N GLU D 215 -71.25 -38.03 5.93
CA GLU D 215 -71.91 -36.90 5.27
C GLU D 215 -72.58 -35.98 6.29
N ILE D 216 -73.12 -36.53 7.37
CA ILE D 216 -73.68 -35.69 8.44
C ILE D 216 -72.60 -34.78 9.01
N ASP D 217 -71.43 -35.34 9.29
CA ASP D 217 -70.33 -34.55 9.83
C ASP D 217 -69.91 -33.46 8.86
N ARG D 218 -69.85 -33.79 7.56
CA ARG D 218 -69.47 -32.78 6.57
C ARG D 218 -70.48 -31.64 6.55
N LEU D 219 -71.77 -31.96 6.56
CA LEU D 219 -72.79 -30.91 6.58
C LEU D 219 -72.65 -30.02 7.81
N ASP D 220 -72.46 -30.65 8.97
CA ASP D 220 -72.34 -29.88 10.21
C ASP D 220 -71.12 -28.98 10.18
N GLU D 221 -69.99 -29.50 9.70
CA GLU D 221 -68.77 -28.70 9.71
C GLU D 221 -68.88 -27.51 8.74
N VAL D 222 -69.45 -27.73 7.55
CA VAL D 222 -69.57 -26.61 6.63
C VAL D 222 -70.54 -25.57 7.18
N TRP D 223 -71.61 -26.00 7.87
CA TRP D 223 -72.54 -25.02 8.42
C TRP D 223 -71.89 -24.21 9.54
N ASN D 224 -71.16 -24.87 10.44
CA ASN D 224 -70.54 -24.09 11.50
C ASN D 224 -69.43 -23.20 10.95
N ARG D 225 -68.84 -23.55 9.81
CA ARG D 225 -67.89 -22.63 9.19
C ARG D 225 -68.60 -21.45 8.54
N PHE D 226 -69.85 -21.65 8.05
CA PHE D 226 -70.72 -20.51 7.81
C PHE D 226 -70.81 -19.62 9.04
N LYS D 227 -71.11 -20.23 10.18
CA LYS D 227 -71.34 -19.43 11.38
C LYS D 227 -70.05 -18.86 11.95
N ASN D 228 -68.89 -19.28 11.43
CA ASN D 228 -67.59 -18.83 11.88
C ASN D 228 -66.92 -18.02 10.76
N LEU D 229 -67.71 -17.12 10.16
CA LEU D 229 -67.23 -16.21 9.13
C LEU D 229 -66.72 -14.92 9.75
N LYS D 230 -65.56 -14.46 9.27
CA LYS D 230 -65.01 -13.19 9.72
C LYS D 230 -63.80 -12.85 8.84
N VAL D 231 -63.56 -11.55 8.67
CA VAL D 231 -62.50 -11.11 7.79
C VAL D 231 -61.14 -11.59 8.31
N GLN D 232 -60.19 -11.74 7.38
CA GLN D 232 -58.82 -12.11 7.70
C GLN D 232 -58.74 -13.50 8.32
N ASP D 233 -59.71 -14.36 8.02
CA ASP D 233 -59.75 -15.71 8.57
C ASP D 233 -58.99 -16.60 7.59
N LEU D 234 -57.84 -17.13 8.02
CA LEU D 234 -57.08 -18.04 7.19
C LEU D 234 -57.80 -19.37 7.10
N GLU D 235 -57.72 -20.02 5.94
CA GLU D 235 -58.41 -21.28 5.68
C GLU D 235 -57.41 -22.14 4.93
N GLY D 236 -56.80 -23.10 5.62
CA GLY D 236 -55.72 -23.87 5.03
C GLY D 236 -56.18 -24.82 3.94
N ASP D 237 -57.30 -25.50 4.18
CA ASP D 237 -57.72 -26.62 3.32
C ASP D 237 -58.43 -26.10 2.08
N GLU D 238 -57.79 -26.31 0.92
CA GLU D 238 -58.36 -25.81 -0.34
C GLU D 238 -59.71 -26.48 -0.65
N LEU D 239 -59.84 -27.77 -0.37
CA LEU D 239 -61.11 -28.44 -0.59
C LEU D 239 -62.21 -27.82 0.26
N LEU D 240 -61.89 -27.55 1.53
CA LEU D 240 -62.88 -26.97 2.43
C LEU D 240 -63.31 -25.58 1.93
N TYR D 241 -62.34 -24.78 1.48
CA TYR D 241 -62.64 -23.48 0.92
C TYR D 241 -63.52 -23.59 -0.30
N ARG D 242 -63.24 -24.57 -1.17
CA ARG D 242 -64.09 -24.80 -2.32
C ARG D 242 -65.50 -25.13 -1.88
N GLU D 243 -65.65 -25.90 -0.80
CA GLU D 243 -66.97 -26.21 -0.30
C GLU D 243 -67.69 -24.96 0.23
N LEU D 244 -66.97 -24.06 0.91
CA LEU D 244 -67.58 -22.77 1.21
C LEU D 244 -68.09 -22.06 -0.04
N ARG D 245 -67.24 -21.99 -1.07
CA ARG D 245 -67.64 -21.26 -2.26
C ARG D 245 -68.87 -21.90 -2.90
N ASP D 246 -68.88 -23.22 -3.03
CA ASP D 246 -69.99 -23.90 -3.67
C ASP D 246 -71.26 -23.82 -2.85
N ARG D 247 -71.17 -24.13 -1.55
CA ARG D 247 -72.35 -24.11 -0.70
C ARG D 247 -72.90 -22.70 -0.54
N PHE D 248 -72.05 -21.68 -0.61
CA PHE D 248 -72.52 -20.32 -0.43
C PHE D 248 -71.52 -19.35 -1.04
N GLY D 249 -71.98 -18.59 -2.03
CA GLY D 249 -71.24 -17.48 -2.59
C GLY D 249 -71.98 -16.17 -2.39
N THR D 250 -71.37 -15.12 -2.94
CA THR D 250 -71.92 -13.77 -2.93
C THR D 250 -72.03 -13.17 -1.54
N TYR D 251 -71.54 -13.85 -0.50
CA TYR D 251 -71.58 -13.37 0.87
C TYR D 251 -70.19 -13.17 1.44
N PHE D 252 -69.35 -14.18 1.38
CA PHE D 252 -67.95 -14.05 1.76
C PHE D 252 -67.12 -13.92 0.49
N ASP D 253 -66.30 -12.88 0.42
CA ASP D 253 -65.37 -12.67 -0.67
C ASP D 253 -64.01 -13.17 -0.23
N GLY D 254 -63.45 -14.13 -0.98
CA GLY D 254 -62.20 -14.76 -0.62
C GLY D 254 -61.18 -14.62 -1.72
N SER D 255 -59.92 -14.69 -1.34
CA SER D 255 -58.82 -14.53 -2.28
C SER D 255 -57.60 -15.27 -1.76
N MET D 256 -56.50 -15.13 -2.50
CA MET D 256 -55.28 -15.89 -2.27
C MET D 256 -54.10 -15.04 -2.68
N GLY D 257 -53.04 -15.10 -1.89
CA GLY D 257 -51.79 -14.48 -2.26
C GLY D 257 -51.75 -12.98 -2.03
N ALA D 258 -50.73 -12.36 -2.63
CA ALA D 258 -50.49 -10.94 -2.43
C ALA D 258 -51.66 -10.09 -2.88
N ALA D 259 -52.47 -10.55 -3.84
CA ALA D 259 -53.64 -9.79 -4.24
C ALA D 259 -54.60 -9.63 -3.07
N ALA D 260 -54.74 -10.67 -2.24
CA ALA D 260 -55.54 -10.55 -1.04
C ALA D 260 -54.98 -9.48 -0.12
N LEU D 261 -53.66 -9.43 0.04
CA LEU D 261 -53.06 -8.40 0.86
C LEU D 261 -53.36 -7.02 0.30
N GLN D 262 -53.26 -6.87 -1.02
CA GLN D 262 -53.56 -5.58 -1.63
C GLN D 262 -55.01 -5.17 -1.37
N LYS D 263 -55.94 -6.11 -1.52
CA LYS D 263 -57.35 -5.79 -1.25
C LYS D 263 -57.55 -5.42 0.20
N ARG D 264 -56.93 -6.16 1.12
CA ARG D 264 -57.11 -5.89 2.55
C ARG D 264 -56.55 -4.52 2.91
N LEU D 265 -55.37 -4.18 2.41
CA LEU D 265 -54.80 -2.86 2.67
C LEU D 265 -55.61 -1.75 2.03
N GLU D 266 -56.19 -1.99 0.86
CA GLU D 266 -57.07 -1.00 0.25
C GLU D 266 -58.30 -0.76 1.12
N SER D 267 -58.87 -1.83 1.66
CA SER D 267 -60.05 -1.72 2.50
C SER D 267 -59.73 -1.52 3.97
N PHE D 268 -58.45 -1.41 4.33
CA PHE D 268 -58.08 -1.26 5.73
C PHE D 268 -58.51 0.11 6.27
N ASP D 269 -58.93 0.13 7.54
CA ASP D 269 -59.30 1.35 8.24
C ASP D 269 -58.39 1.45 9.47
N LEU D 270 -57.22 2.06 9.28
CA LEU D 270 -56.22 2.08 10.34
C LEU D 270 -56.59 3.01 11.48
N ASP D 271 -57.42 4.02 11.24
CA ASP D 271 -57.82 4.92 12.32
C ASP D 271 -58.58 4.17 13.41
N GLU D 272 -59.50 3.28 13.02
CA GLU D 272 -60.23 2.49 14.01
C GLU D 272 -59.30 1.57 14.77
N GLU D 273 -58.32 0.99 14.07
CA GLU D 273 -57.33 0.16 14.74
C GLU D 273 -56.56 0.96 15.79
N ALA D 274 -56.15 2.18 15.42
CA ALA D 274 -55.44 3.02 16.38
C ALA D 274 -56.32 3.33 17.57
N GLU D 275 -57.59 3.66 17.34
CA GLU D 275 -58.50 3.99 18.43
C GLU D 275 -58.66 2.81 19.38
N ARG D 276 -58.96 1.63 18.84
CA ARG D 276 -59.20 0.48 19.70
C ARG D 276 -57.93 0.03 20.40
N LEU D 277 -56.77 0.20 19.75
CA LEU D 277 -55.52 -0.16 20.40
C LEU D 277 -55.18 0.82 21.52
N ARG D 278 -55.51 2.10 21.34
CA ARG D 278 -55.37 3.06 22.43
C ARG D 278 -56.26 2.66 23.60
N GLU D 279 -57.50 2.24 23.30
CA GLU D 279 -58.39 1.78 24.35
C GLU D 279 -57.81 0.57 25.06
N ILE D 280 -57.22 -0.36 24.29
CA ILE D 280 -56.62 -1.55 24.87
C ILE D 280 -55.46 -1.18 25.80
N ILE D 281 -54.63 -0.23 25.38
CA ILE D 281 -53.51 0.18 26.21
C ILE D 281 -54.02 0.86 27.48
N ARG D 282 -55.10 1.63 27.38
CA ARG D 282 -55.64 2.28 28.56
C ARG D 282 -56.04 1.25 29.62
N THR D 283 -56.57 0.11 29.19
CA THR D 283 -56.94 -0.99 30.09
C THR D 283 -56.41 -2.28 29.49
N GLY D 284 -55.18 -2.63 29.84
CA GLY D 284 -54.56 -3.84 29.33
C GLY D 284 -53.42 -4.28 30.21
N LYS D 285 -53.05 -5.56 30.06
CA LYS D 285 -52.03 -6.17 30.91
C LYS D 285 -51.23 -7.17 30.10
N GLY D 286 -50.05 -7.51 30.62
CA GLY D 286 -49.24 -8.56 30.05
C GLY D 286 -48.55 -8.16 28.75
N GLN D 287 -47.98 -9.16 28.10
CA GLN D 287 -47.31 -8.94 26.81
C GLN D 287 -48.27 -8.43 25.74
N LYS D 288 -49.58 -8.65 25.94
CA LYS D 288 -50.57 -8.05 25.05
C LYS D 288 -50.37 -6.54 24.97
N LYS D 289 -50.03 -5.91 26.10
CA LYS D 289 -49.77 -4.47 26.10
C LYS D 289 -48.57 -4.13 25.22
N THR D 290 -47.52 -4.94 25.28
CA THR D 290 -46.34 -4.68 24.44
C THR D 290 -46.67 -4.85 22.96
N ARG D 291 -47.43 -5.89 22.62
CA ARG D 291 -47.85 -6.07 21.24
C ARG D 291 -48.68 -4.89 20.77
N ALA D 292 -49.61 -4.44 21.60
CA ALA D 292 -50.39 -3.25 21.27
C ALA D 292 -49.49 -2.03 21.12
N LEU D 293 -48.43 -1.95 21.91
CA LEU D 293 -47.50 -0.82 21.80
C LEU D 293 -46.84 -0.80 20.43
N LYS D 294 -46.31 -1.94 20.00
CA LYS D 294 -45.69 -2.00 18.67
C LYS D 294 -46.71 -1.69 17.57
N ARG D 295 -47.90 -2.26 17.70
CA ARG D 295 -48.93 -2.05 16.68
C ARG D 295 -49.32 -0.58 16.61
N LEU D 296 -49.50 0.07 17.76
CA LEU D 296 -49.77 1.50 17.77
C LEU D 296 -48.63 2.29 17.14
N LYS D 297 -47.39 1.92 17.45
CA LYS D 297 -46.26 2.64 16.87
C LYS D 297 -46.36 2.65 15.35
N VAL D 298 -46.53 1.46 14.76
CA VAL D 298 -46.52 1.40 13.30
C VAL D 298 -47.77 2.06 12.72
N VAL D 299 -48.95 1.80 13.28
CA VAL D 299 -50.17 2.34 12.68
C VAL D 299 -50.18 3.86 12.79
N SER D 300 -49.74 4.40 13.93
CA SER D 300 -49.66 5.85 14.07
C SER D 300 -48.65 6.45 13.10
N ALA D 301 -47.50 5.79 12.95
CA ALA D 301 -46.51 6.27 11.99
C ALA D 301 -47.10 6.34 10.60
N PHE D 302 -47.93 5.36 10.23
CA PHE D 302 -48.55 5.40 8.90
C PHE D 302 -49.65 6.45 8.83
N LEU D 303 -50.47 6.56 9.88
CA LEU D 303 -51.60 7.49 9.86
C LEU D 303 -51.11 8.93 9.74
N GLN D 304 -50.07 9.29 10.50
CA GLN D 304 -49.57 10.65 10.42
C GLN D 304 -48.99 10.95 9.03
N THR D 305 -48.31 9.96 8.44
CA THR D 305 -47.74 10.16 7.12
C THR D 305 -48.83 10.14 6.05
N SER D 306 -48.59 10.91 4.98
CA SER D 306 -49.57 10.98 3.89
C SER D 306 -49.53 9.75 2.99
N ASN D 307 -48.34 9.17 2.80
CA ASN D 307 -48.22 8.03 1.89
C ASN D 307 -49.06 6.86 2.38
N SER D 308 -49.81 6.26 1.46
CA SER D 308 -50.75 5.23 1.83
C SER D 308 -50.04 3.90 2.10
N PRO D 309 -50.62 3.03 2.94
CA PRO D 309 -49.95 1.76 3.24
C PRO D 309 -49.79 0.84 2.04
N LYS D 310 -50.59 1.02 0.99
CA LYS D 310 -50.56 0.09 -0.15
C LYS D 310 -49.18 -0.03 -0.79
N GLY D 311 -48.23 0.83 -0.44
CA GLY D 311 -46.86 0.68 -0.90
C GLY D 311 -46.19 -0.60 -0.46
N MET D 312 -46.75 -1.32 0.53
CA MET D 312 -46.21 -2.62 0.86
C MET D 312 -46.15 -3.51 -0.37
N VAL D 313 -47.25 -3.60 -1.12
CA VAL D 313 -47.35 -4.47 -2.27
C VAL D 313 -47.06 -3.65 -3.52
N LEU D 314 -45.88 -3.86 -4.08
CA LEU D 314 -45.49 -3.18 -5.30
C LEU D 314 -46.14 -3.85 -6.52
N ASP D 315 -46.74 -3.02 -7.37
CA ASP D 315 -47.34 -3.46 -8.62
C ASP D 315 -46.37 -3.41 -9.79
N CYS D 316 -45.46 -2.44 -9.79
CA CYS D 316 -44.49 -2.25 -10.86
C CYS D 316 -43.09 -2.24 -10.28
N VAL D 317 -42.20 -3.04 -10.87
CA VAL D 317 -40.84 -3.20 -10.36
C VAL D 317 -39.94 -2.22 -11.11
N PRO D 318 -39.34 -1.24 -10.44
CA PRO D 318 -38.36 -0.41 -11.13
C PRO D 318 -37.12 -1.21 -11.49
N VAL D 319 -36.43 -0.77 -12.53
CA VAL D 319 -35.26 -1.45 -13.06
C VAL D 319 -34.06 -0.51 -12.97
N ILE D 320 -32.92 -1.05 -12.52
CA ILE D 320 -31.69 -0.29 -12.42
C ILE D 320 -31.28 0.16 -13.81
N PRO D 321 -30.76 1.37 -14.00
CA PRO D 321 -30.27 1.77 -15.32
C PRO D 321 -29.16 0.87 -15.80
N PRO D 322 -29.06 0.62 -17.11
CA PRO D 322 -28.14 -0.42 -17.60
C PRO D 322 -26.67 -0.18 -17.25
N ASP D 323 -26.20 1.06 -17.26
CA ASP D 323 -24.79 1.29 -16.98
C ASP D 323 -24.42 0.85 -15.57
N LEU D 324 -25.38 0.87 -14.65
CA LEU D 324 -25.12 0.45 -13.29
C LEU D 324 -25.09 -1.07 -13.15
N ARG D 325 -25.44 -1.81 -14.20
CA ARG D 325 -25.31 -3.26 -14.25
C ARG D 325 -24.69 -3.63 -15.59
N PRO D 326 -23.40 -3.34 -15.78
CA PRO D 326 -22.84 -3.31 -17.13
C PRO D 326 -22.61 -4.69 -17.70
N MET D 327 -23.07 -4.90 -18.93
CA MET D 327 -22.67 -6.07 -19.73
C MET D 327 -21.47 -5.69 -20.60
N VAL D 328 -20.39 -5.32 -19.92
CA VAL D 328 -19.23 -4.76 -20.60
C VAL D 328 -18.56 -5.83 -21.45
N GLN D 329 -18.25 -5.47 -22.70
CA GLN D 329 -17.46 -6.33 -23.56
C GLN D 329 -16.12 -6.64 -22.90
N LEU D 330 -15.69 -7.89 -23.03
CA LEU D 330 -14.42 -8.35 -22.48
C LEU D 330 -13.58 -8.97 -23.59
N ASP D 331 -12.28 -8.67 -23.58
CA ASP D 331 -11.39 -9.18 -24.61
C ASP D 331 -11.33 -10.70 -24.57
N GLY D 332 -11.17 -11.30 -25.74
CA GLY D 332 -11.16 -12.75 -25.88
C GLY D 332 -12.47 -13.34 -26.35
N GLY D 333 -13.41 -12.53 -26.82
CA GLY D 333 -14.72 -13.02 -27.17
C GLY D 333 -15.61 -13.37 -26.01
N ARG D 334 -15.13 -13.17 -24.78
CA ARG D 334 -15.89 -13.51 -23.58
C ARG D 334 -16.79 -12.34 -23.21
N PHE D 335 -17.40 -12.42 -22.02
CA PHE D 335 -18.33 -11.39 -21.57
C PHE D 335 -18.19 -11.24 -20.06
N ALA D 336 -18.66 -10.09 -19.56
CA ALA D 336 -18.65 -9.78 -18.15
C ALA D 336 -20.00 -9.18 -17.78
N THR D 337 -20.72 -9.85 -16.89
CA THR D 337 -22.10 -9.50 -16.57
C THR D 337 -22.28 -9.45 -15.06
N SER D 338 -23.17 -8.57 -14.61
CA SER D 338 -23.54 -8.50 -13.21
C SER D 338 -24.81 -9.29 -12.96
N ASP D 339 -24.94 -9.82 -11.74
CA ASP D 339 -26.01 -10.75 -11.43
C ASP D 339 -27.39 -10.12 -11.54
N LEU D 340 -27.48 -8.80 -11.38
CA LEU D 340 -28.77 -8.14 -11.58
C LEU D 340 -29.35 -8.45 -12.96
N ASN D 341 -28.49 -8.60 -13.96
CA ASN D 341 -28.97 -9.01 -15.27
C ASN D 341 -29.71 -10.32 -15.18
N ASP D 342 -29.13 -11.29 -14.47
CA ASP D 342 -29.78 -12.59 -14.31
C ASP D 342 -31.11 -12.46 -13.59
N LEU D 343 -31.14 -11.71 -12.50
CA LEU D 343 -32.38 -11.63 -11.71
C LEU D 343 -33.48 -10.93 -12.49
N TYR D 344 -33.14 -9.86 -13.21
CA TYR D 344 -34.13 -9.19 -14.04
C TYR D 344 -34.61 -10.09 -15.17
N ARG D 345 -33.70 -10.87 -15.75
CA ARG D 345 -34.11 -11.82 -16.77
C ARG D 345 -35.13 -12.81 -16.21
N ARG D 346 -34.88 -13.32 -15.01
CA ARG D 346 -35.79 -14.29 -14.42
C ARG D 346 -37.16 -13.69 -14.17
N VAL D 347 -37.19 -12.48 -13.58
CA VAL D 347 -38.50 -11.90 -13.27
C VAL D 347 -39.24 -11.56 -14.55
N ILE D 348 -38.53 -11.12 -15.58
CA ILE D 348 -39.19 -10.84 -16.86
C ILE D 348 -39.76 -12.12 -17.46
N ASN D 349 -38.97 -13.20 -17.46
CA ASN D 349 -39.46 -14.48 -17.97
C ASN D 349 -40.72 -14.90 -17.25
N ARG D 350 -40.71 -14.86 -15.93
CA ARG D 350 -41.83 -15.38 -15.17
C ARG D 350 -43.06 -14.48 -15.33
N ASN D 351 -42.88 -13.16 -15.40
CA ASN D 351 -44.03 -12.31 -15.66
C ASN D 351 -44.62 -12.59 -17.04
N ASN D 352 -43.78 -12.74 -18.06
CA ASN D 352 -44.29 -13.00 -19.40
C ASN D 352 -45.04 -14.33 -19.43
N ARG D 353 -44.49 -15.36 -18.79
CA ARG D 353 -45.14 -16.67 -18.80
C ARG D 353 -46.46 -16.64 -18.04
N LEU D 354 -46.51 -15.90 -16.92
CA LEU D 354 -47.77 -15.74 -16.22
C LEU D 354 -48.80 -15.03 -17.10
N LYS D 355 -48.36 -14.01 -17.84
CA LYS D 355 -49.27 -13.36 -18.77
C LYS D 355 -49.78 -14.35 -19.80
N ARG D 356 -48.89 -15.20 -20.33
CA ARG D 356 -49.32 -16.20 -21.30
C ARG D 356 -50.37 -17.12 -20.70
N LEU D 357 -50.14 -17.59 -19.47
CA LEU D 357 -51.11 -18.49 -18.85
C LEU D 357 -52.45 -17.79 -18.64
N LEU D 358 -52.43 -16.54 -18.20
CA LEU D 358 -53.68 -15.84 -17.97
C LEU D 358 -54.42 -15.58 -19.28
N ASP D 359 -53.70 -15.35 -20.37
CA ASP D 359 -54.37 -15.06 -21.65
C ASP D 359 -55.27 -16.22 -22.06
N LEU D 360 -54.73 -17.43 -22.07
CA LEU D 360 -55.52 -18.62 -22.38
C LEU D 360 -56.21 -19.13 -21.12
N GLY D 361 -57.26 -19.91 -21.32
CA GLY D 361 -57.90 -20.56 -20.19
C GLY D 361 -56.98 -21.56 -19.54
N ALA D 362 -56.65 -21.33 -18.27
CA ALA D 362 -55.75 -22.19 -17.52
C ALA D 362 -56.35 -22.49 -16.16
N PRO D 363 -55.94 -23.59 -15.53
CA PRO D 363 -56.54 -23.97 -14.24
C PRO D 363 -56.11 -23.03 -13.12
N GLU D 364 -56.51 -23.40 -11.91
CA GLU D 364 -56.08 -22.64 -10.74
C GLU D 364 -54.72 -23.09 -10.24
N ILE D 365 -54.40 -24.38 -10.35
CA ILE D 365 -53.16 -24.90 -9.78
C ILE D 365 -51.96 -24.29 -10.50
N ILE D 366 -51.99 -24.30 -11.83
CA ILE D 366 -50.82 -23.85 -12.58
C ILE D 366 -50.61 -22.36 -12.42
N VAL D 367 -51.69 -21.58 -12.51
CA VAL D 367 -51.57 -20.14 -12.36
C VAL D 367 -51.11 -19.78 -10.95
N ASN D 368 -51.61 -20.49 -9.94
CA ASN D 368 -51.16 -20.22 -8.58
C ASN D 368 -49.68 -20.52 -8.41
N ASN D 369 -49.23 -21.66 -8.91
CA ASN D 369 -47.80 -21.98 -8.81
C ASN D 369 -46.96 -20.96 -9.56
N GLU D 370 -47.44 -20.51 -10.71
CA GLU D 370 -46.69 -19.52 -11.49
C GLU D 370 -46.59 -18.19 -10.74
N LYS D 371 -47.70 -17.74 -10.15
CA LYS D 371 -47.64 -16.53 -9.35
C LYS D 371 -46.69 -16.70 -8.19
N ARG D 372 -46.65 -17.91 -7.61
CA ARG D 372 -45.70 -18.18 -6.53
C ARG D 372 -44.27 -18.01 -7.01
N MET D 373 -43.97 -18.50 -8.21
CA MET D 373 -42.62 -18.37 -8.74
C MET D 373 -42.29 -16.91 -9.04
N LEU D 374 -43.29 -16.14 -9.51
CA LEU D 374 -43.07 -14.71 -9.72
C LEU D 374 -42.72 -14.01 -8.41
N GLN D 375 -43.49 -14.28 -7.35
CA GLN D 375 -43.20 -13.69 -6.04
C GLN D 375 -41.82 -14.10 -5.57
N GLU D 376 -41.47 -15.37 -5.74
CA GLU D 376 -40.15 -15.83 -5.32
C GLU D 376 -39.05 -15.11 -6.09
N ALA D 377 -39.25 -14.91 -7.39
CA ALA D 377 -38.22 -14.24 -8.19
C ALA D 377 -38.04 -12.80 -7.75
N VAL D 378 -39.14 -12.08 -7.53
CA VAL D 378 -39.02 -10.70 -7.08
C VAL D 378 -38.36 -10.65 -5.71
N ASP D 379 -38.70 -11.60 -4.84
CA ASP D 379 -38.06 -11.66 -3.53
C ASP D 379 -36.56 -11.68 -3.75
N ALA D 380 -36.09 -12.53 -4.65
CA ALA D 380 -34.66 -12.65 -4.88
C ALA D 380 -34.01 -11.37 -5.39
N LEU D 381 -34.70 -10.67 -6.28
CA LEU D 381 -34.12 -9.46 -6.85
C LEU D 381 -33.87 -8.44 -5.76
N PHE D 382 -34.80 -8.29 -4.84
CA PHE D 382 -34.66 -7.28 -3.80
C PHE D 382 -33.82 -7.82 -2.66
N ASP D 383 -33.96 -9.11 -2.33
CA ASP D 383 -33.13 -9.72 -1.30
C ASP D 383 -32.97 -11.20 -1.62
N ASN D 384 -31.86 -11.55 -2.28
CA ASN D 384 -31.54 -12.94 -2.53
C ASN D 384 -30.97 -13.55 -1.25
N GLY D 385 -31.58 -14.62 -0.78
CA GLY D 385 -31.11 -15.33 0.39
C GLY D 385 -31.81 -15.00 1.68
N ARG D 386 -32.89 -14.22 1.66
CA ARG D 386 -33.64 -13.93 2.86
C ARG D 386 -34.64 -15.02 3.20
N ARG D 387 -34.80 -16.03 2.34
CA ARG D 387 -35.69 -17.15 2.62
C ARG D 387 -35.09 -18.41 2.03
N GLY D 388 -34.86 -19.41 2.89
CA GLY D 388 -34.36 -20.68 2.42
C GLY D 388 -33.03 -20.52 1.70
N ARG D 389 -32.79 -21.40 0.74
CA ARG D 389 -31.56 -21.30 -0.03
C ARG D 389 -31.62 -20.07 -0.95
N PRO D 390 -30.49 -19.43 -1.22
CA PRO D 390 -30.50 -18.30 -2.15
C PRO D 390 -30.51 -18.77 -3.59
N VAL D 391 -30.78 -17.84 -4.50
CA VAL D 391 -30.74 -18.13 -5.93
C VAL D 391 -29.28 -18.23 -6.33
N THR D 392 -28.78 -19.47 -6.40
CA THR D 392 -27.34 -19.68 -6.58
C THR D 392 -26.87 -19.35 -7.99
N GLY D 393 -27.77 -19.34 -8.97
CA GLY D 393 -27.40 -19.05 -10.34
C GLY D 393 -26.44 -20.09 -10.89
N PRO D 394 -25.16 -19.72 -11.09
CA PRO D 394 -24.20 -20.72 -11.61
C PRO D 394 -23.98 -21.91 -10.68
N GLY D 395 -24.34 -21.80 -9.41
CA GLY D 395 -24.16 -22.86 -8.45
C GLY D 395 -22.93 -22.73 -7.59
N ASN D 396 -21.94 -21.94 -8.03
CA ASN D 396 -20.71 -21.79 -7.26
C ASN D 396 -20.87 -20.84 -6.09
N ARG D 397 -21.93 -20.03 -6.07
CA ARG D 397 -22.03 -18.95 -5.10
C ARG D 397 -23.43 -18.33 -5.20
N PRO D 398 -23.99 -17.85 -4.10
CA PRO D 398 -25.25 -17.10 -4.22
C PRO D 398 -25.09 -15.87 -5.09
N LEU D 399 -26.14 -15.59 -5.87
CA LEU D 399 -26.12 -14.41 -6.73
C LEU D 399 -26.27 -13.16 -5.89
N LYS D 400 -25.67 -12.06 -6.36
CA LYS D 400 -25.76 -10.78 -5.67
C LYS D 400 -27.18 -10.24 -5.78
N SER D 401 -27.53 -9.26 -4.96
CA SER D 401 -28.88 -8.75 -4.95
C SER D 401 -28.89 -7.24 -4.82
N LEU D 402 -30.00 -6.61 -5.18
CA LEU D 402 -30.12 -5.16 -5.03
C LEU D 402 -29.66 -4.70 -3.65
N SER D 403 -30.30 -5.20 -2.60
CA SER D 403 -29.94 -4.81 -1.24
C SER D 403 -28.57 -5.33 -0.85
N ASP D 404 -28.11 -6.44 -1.46
CA ASP D 404 -26.80 -6.96 -1.11
C ASP D 404 -25.70 -5.96 -1.43
N MET D 405 -25.86 -5.19 -2.51
CA MET D 405 -24.92 -4.11 -2.76
C MET D 405 -24.99 -3.02 -1.71
N LEU D 406 -26.11 -2.90 -0.99
CA LEU D 406 -26.36 -1.80 -0.07
C LEU D 406 -26.10 -2.19 1.38
N LYS D 407 -25.21 -3.15 1.64
CA LYS D 407 -25.06 -3.69 2.97
C LYS D 407 -23.67 -4.31 3.12
N GLY D 408 -23.20 -4.36 4.36
CA GLY D 408 -22.02 -5.13 4.68
C GLY D 408 -20.72 -4.41 4.43
N LYS D 409 -19.61 -5.10 4.66
CA LYS D 409 -18.29 -4.51 4.47
C LYS D 409 -18.14 -4.07 3.02
N GLN D 410 -18.67 -4.86 2.10
CA GLN D 410 -18.53 -4.57 0.68
C GLN D 410 -19.66 -3.69 0.14
N GLY D 411 -20.60 -3.33 1.00
CA GLY D 411 -21.71 -2.52 0.58
C GLY D 411 -21.34 -1.15 0.06
N ARG D 412 -22.20 -0.59 -0.80
CA ARG D 412 -21.93 0.72 -1.35
C ARG D 412 -21.61 1.72 -0.24
N PHE D 413 -22.36 1.66 0.86
CA PHE D 413 -22.26 2.69 1.90
C PHE D 413 -20.86 2.79 2.46
N ARG D 414 -20.29 1.66 2.89
CA ARG D 414 -19.06 1.66 3.67
C ARG D 414 -17.81 1.47 2.82
N GLN D 415 -17.94 1.36 1.50
CA GLN D 415 -16.79 1.13 0.63
C GLN D 415 -16.65 2.12 -0.50
N ASN D 416 -17.71 2.81 -0.92
CA ASN D 416 -17.62 3.71 -2.06
C ASN D 416 -18.23 5.08 -1.77
N LEU D 417 -18.55 5.38 -0.54
CA LEU D 417 -19.05 6.70 -0.16
C LEU D 417 -18.31 7.29 1.03
N LEU D 418 -17.94 6.47 2.01
CA LEU D 418 -17.10 6.94 3.10
C LEU D 418 -15.63 6.91 2.73
N GLY D 419 -15.15 5.79 2.19
CA GLY D 419 -13.77 5.65 1.78
C GLY D 419 -13.63 5.36 0.31
N LYS D 420 -13.10 6.31 -0.44
CA LYS D 420 -12.91 6.19 -1.88
C LYS D 420 -11.43 6.18 -2.20
N ARG D 421 -11.10 5.70 -3.39
CA ARG D 421 -9.75 5.87 -3.89
C ARG D 421 -9.59 7.30 -4.43
N VAL D 422 -8.35 7.74 -4.56
CA VAL D 422 -8.05 9.14 -4.86
C VAL D 422 -6.94 9.23 -5.87
N ASP D 423 -7.03 10.24 -6.74
CA ASP D 423 -5.96 10.54 -7.67
C ASP D 423 -4.86 11.32 -6.95
N TYR D 424 -3.75 11.53 -7.66
CA TYR D 424 -2.63 12.32 -7.15
C TYR D 424 -2.12 11.74 -5.83
N SER D 425 -1.78 10.46 -5.87
CA SER D 425 -1.35 9.76 -4.67
C SER D 425 -0.38 8.65 -5.06
N ALA D 426 0.36 8.18 -4.07
CA ALA D 426 1.43 7.22 -4.33
C ALA D 426 1.69 6.44 -3.05
N ARG D 427 2.61 5.49 -3.14
CA ARG D 427 2.95 4.64 -2.00
C ARG D 427 4.33 4.07 -2.24
N SER D 428 5.03 3.76 -1.15
CA SER D 428 6.37 3.22 -1.28
C SER D 428 6.91 2.84 0.10
N VAL D 429 7.93 1.98 0.09
CA VAL D 429 8.64 1.64 1.31
C VAL D 429 9.28 2.88 1.88
N ILE D 430 9.57 2.85 3.18
CA ILE D 430 10.06 4.02 3.90
C ILE D 430 11.38 3.69 4.58
N VAL D 431 12.28 4.68 4.61
CA VAL D 431 13.60 4.55 5.21
C VAL D 431 13.85 5.76 6.08
N VAL D 432 14.84 5.64 6.95
CA VAL D 432 15.18 6.69 7.91
C VAL D 432 16.29 7.55 7.33
N GLY D 433 16.03 8.85 7.26
CA GLY D 433 17.06 9.82 6.93
C GLY D 433 17.14 10.88 8.02
N PRO D 434 18.21 10.90 8.79
CA PRO D 434 18.23 11.78 9.97
C PRO D 434 18.50 13.23 9.62
N GLN D 435 19.19 13.48 8.51
CA GLN D 435 19.61 14.84 8.19
C GLN D 435 18.44 15.76 7.82
N LEU D 436 17.24 15.23 7.64
CA LEU D 436 16.10 16.09 7.35
C LEU D 436 15.76 16.95 8.56
N LYS D 437 14.99 18.01 8.29
CA LYS D 437 14.36 18.78 9.35
C LYS D 437 13.00 18.18 9.66
N LEU D 438 12.41 18.61 10.78
CA LEU D 438 11.19 17.96 11.27
C LEU D 438 10.05 18.05 10.25
N HIS D 439 9.97 19.14 9.51
CA HIS D 439 8.85 19.39 8.60
C HIS D 439 9.19 19.06 7.16
N GLN D 440 10.04 18.05 6.93
CA GLN D 440 10.47 17.68 5.59
C GLN D 440 10.38 16.17 5.41
N CYS D 441 10.01 15.76 4.20
CA CYS D 441 9.98 14.35 3.81
C CYS D 441 10.50 14.24 2.39
N GLY D 442 11.14 13.12 2.09
CA GLY D 442 11.63 12.89 0.74
C GLY D 442 10.62 12.19 -0.13
N LEU D 443 10.54 12.57 -1.40
CA LEU D 443 9.77 11.86 -2.39
C LEU D 443 10.70 11.42 -3.52
N PRO D 444 10.91 10.12 -3.76
CA PRO D 444 11.82 9.72 -4.85
C PRO D 444 11.49 10.34 -6.20
N LYS D 445 12.48 10.35 -7.10
CA LYS D 445 12.37 11.14 -8.31
C LYS D 445 11.18 10.74 -9.15
N ALA D 446 11.06 9.45 -9.48
CA ALA D 446 9.93 9.01 -10.31
C ALA D 446 8.61 9.25 -9.61
N MET D 447 8.56 8.98 -8.31
CA MET D 447 7.35 9.21 -7.53
C MET D 447 6.91 10.66 -7.60
N ALA D 448 7.81 11.59 -7.28
CA ALA D 448 7.43 13.01 -7.28
C ALA D 448 7.09 13.47 -8.68
N LEU D 449 7.84 13.00 -9.68
CA LEU D 449 7.58 13.40 -11.06
C LEU D 449 6.19 12.97 -11.49
N GLU D 450 5.78 11.75 -11.14
CA GLU D 450 4.46 11.29 -11.56
C GLU D 450 3.37 11.91 -10.72
N LEU D 451 3.66 12.33 -9.49
CA LEU D 451 2.65 13.02 -8.69
C LEU D 451 2.32 14.38 -9.27
N PHE D 452 3.34 15.18 -9.58
CA PHE D 452 3.18 16.59 -9.93
C PHE D 452 3.11 16.80 -11.44
N LYS D 453 2.60 15.82 -12.18
CA LYS D 453 2.62 15.93 -13.64
C LYS D 453 1.90 17.17 -14.14
N PRO D 454 0.71 17.54 -13.65
CA PRO D 454 0.10 18.79 -14.12
C PRO D 454 0.96 20.01 -13.85
N PHE D 455 1.56 20.09 -12.67
CA PHE D 455 2.37 21.27 -12.34
C PHE D 455 3.66 21.29 -13.13
N VAL D 456 4.27 20.12 -13.34
CA VAL D 456 5.48 20.06 -14.15
C VAL D 456 5.17 20.46 -15.58
N MET D 457 4.03 20.02 -16.10
CA MET D 457 3.61 20.43 -17.44
C MET D 457 3.45 21.94 -17.52
N LYS D 458 2.75 22.52 -16.55
CA LYS D 458 2.53 23.97 -16.57
C LYS D 458 3.85 24.73 -16.51
N ARG D 459 4.75 24.32 -15.62
CA ARG D 459 6.02 25.02 -15.50
C ARG D 459 6.86 24.87 -16.76
N LEU D 460 6.90 23.68 -17.34
CA LEU D 460 7.67 23.48 -18.56
C LEU D 460 7.12 24.32 -19.70
N VAL D 461 5.80 24.44 -19.79
CA VAL D 461 5.23 25.33 -20.79
C VAL D 461 5.66 26.76 -20.53
N ASP D 462 5.60 27.20 -19.27
CA ASP D 462 5.89 28.60 -18.97
C ASP D 462 7.35 28.95 -19.21
N LEU D 463 8.28 28.06 -18.87
CA LEU D 463 9.70 28.32 -19.04
C LEU D 463 10.18 28.05 -20.46
N ASN D 464 9.29 27.64 -21.36
CA ASN D 464 9.60 27.44 -22.77
C ASN D 464 10.54 26.28 -23.02
N HIS D 465 10.85 25.48 -22.00
CA HIS D 465 11.60 24.25 -22.24
C HIS D 465 10.85 23.33 -23.17
N ALA D 466 9.52 23.37 -23.10
CA ALA D 466 8.64 22.67 -24.03
C ALA D 466 7.79 23.67 -24.79
N GLN D 467 7.69 23.46 -26.10
CA GLN D 467 6.96 24.39 -26.96
C GLN D 467 5.51 24.54 -26.50
N ASN D 468 4.75 23.45 -26.53
CA ASN D 468 3.33 23.46 -26.21
C ASN D 468 3.02 22.32 -25.26
N ILE D 469 1.75 22.21 -24.88
CA ILE D 469 1.36 21.30 -23.81
C ILE D 469 1.64 19.85 -24.21
N LYS D 470 1.31 19.47 -25.44
CA LYS D 470 1.56 18.10 -25.86
C LYS D 470 3.05 17.79 -25.90
N SER D 471 3.85 18.72 -26.41
CA SER D 471 5.29 18.54 -26.36
C SER D 471 5.79 18.48 -24.93
N ALA D 472 5.14 19.22 -24.02
CA ALA D 472 5.51 19.11 -22.61
C ALA D 472 5.23 17.71 -22.08
N LYS D 473 4.07 17.15 -22.45
CA LYS D 473 3.75 15.77 -22.07
C LYS D 473 4.81 14.81 -22.57
N ARG D 474 5.19 14.93 -23.84
CA ARG D 474 6.21 14.06 -24.38
C ARG D 474 7.53 14.24 -23.66
N MET D 475 7.87 15.49 -23.32
CA MET D 475 9.13 15.76 -22.65
C MET D 475 9.17 15.14 -21.26
N VAL D 476 8.08 15.24 -20.51
CA VAL D 476 8.07 14.64 -19.18
C VAL D 476 8.07 13.12 -19.28
N GLU D 477 7.35 12.56 -20.25
CA GLU D 477 7.34 11.12 -20.41
C GLU D 477 8.74 10.60 -20.76
N ARG D 478 9.46 11.33 -21.60
CA ARG D 478 10.83 10.96 -21.91
C ARG D 478 11.69 10.98 -20.66
N GLY D 479 11.53 12.01 -19.83
CA GLY D 479 12.28 12.11 -18.59
C GLY D 479 13.66 12.71 -18.77
N ARG D 480 13.73 13.82 -19.50
CA ARG D 480 15.01 14.50 -19.70
C ARG D 480 15.36 15.32 -18.46
N THR D 481 16.62 15.75 -18.39
CA THR D 481 17.13 16.41 -17.19
C THR D 481 16.34 17.69 -16.89
N VAL D 482 15.91 18.40 -17.93
CA VAL D 482 15.18 19.65 -17.73
C VAL D 482 13.92 19.39 -16.92
N VAL D 483 13.30 18.23 -17.12
CA VAL D 483 12.10 17.89 -16.37
C VAL D 483 12.42 17.75 -14.89
N TYR D 484 13.53 17.09 -14.56
CA TYR D 484 13.91 16.97 -13.15
C TYR D 484 14.25 18.32 -12.54
N ASP D 485 14.92 19.19 -13.28
CA ASP D 485 15.22 20.52 -12.75
C ASP D 485 13.93 21.29 -12.47
N VAL D 486 13.00 21.28 -13.41
CA VAL D 486 11.72 21.95 -13.20
C VAL D 486 11.00 21.33 -12.01
N LEU D 487 11.12 20.01 -11.85
CA LEU D 487 10.48 19.34 -10.72
C LEU D 487 11.04 19.83 -9.40
N GLU D 488 12.37 19.87 -9.29
CA GLU D 488 12.97 20.42 -8.07
C GLU D 488 12.53 21.85 -7.84
N GLU D 489 12.29 22.60 -8.92
CA GLU D 489 11.83 23.97 -8.76
C GLU D 489 10.39 24.04 -8.26
N VAL D 490 9.54 23.09 -8.65
CA VAL D 490 8.10 23.26 -8.46
C VAL D 490 7.57 22.64 -7.17
N ILE D 491 8.21 21.59 -6.64
CA ILE D 491 7.65 20.93 -5.48
C ILE D 491 7.69 21.83 -4.25
N ALA D 492 8.69 22.71 -4.19
CA ALA D 492 8.84 23.61 -3.05
C ALA D 492 7.57 24.37 -2.72
N GLU D 493 7.32 24.59 -1.43
CA GLU D 493 6.13 25.30 -0.99
C GLU D 493 4.84 24.64 -1.44
N HIS D 494 4.83 23.31 -1.49
CA HIS D 494 3.61 22.60 -1.83
C HIS D 494 3.50 21.41 -0.87
N PRO D 495 2.64 21.50 0.19
CA PRO D 495 2.64 20.41 1.16
C PRO D 495 2.17 19.10 0.56
N VAL D 496 2.59 17.99 1.18
CA VAL D 496 2.12 16.67 0.83
C VAL D 496 1.79 15.92 2.12
N LEU D 497 0.66 15.22 2.14
CA LEU D 497 0.18 14.52 3.33
C LEU D 497 0.73 13.10 3.33
N LEU D 498 1.74 12.84 4.16
CA LEU D 498 2.17 11.47 4.39
C LEU D 498 1.17 10.79 5.31
N ASN D 499 1.04 9.48 5.17
CA ASN D 499 -0.04 8.77 5.85
C ASN D 499 0.29 7.28 5.88
N ARG D 500 0.19 6.68 7.05
CA ARG D 500 0.37 5.24 7.19
C ARG D 500 -0.97 4.54 7.29
N ALA D 501 -0.98 3.26 6.93
CA ALA D 501 -2.24 2.56 6.69
C ALA D 501 -3.14 2.45 7.91
N PRO D 502 -2.68 2.00 9.07
CA PRO D 502 -3.62 1.84 10.19
C PRO D 502 -4.27 3.14 10.63
N THR D 503 -3.54 4.26 10.58
CA THR D 503 -3.99 5.59 10.99
C THR D 503 -4.88 5.53 12.23
N LEU D 504 -4.29 5.02 13.32
CA LEU D 504 -5.05 4.83 14.55
C LEU D 504 -5.59 6.15 15.08
N HIS D 505 -4.72 7.14 15.24
CA HIS D 505 -5.07 8.43 15.82
C HIS D 505 -4.67 9.54 14.87
N ARG D 506 -5.32 10.70 15.04
CA ARG D 506 -5.28 11.76 14.04
C ARG D 506 -3.86 12.16 13.64
N LEU D 507 -2.85 11.80 14.42
CA LEU D 507 -1.47 12.02 14.00
C LEU D 507 -1.01 11.01 12.95
N GLY D 508 -1.90 10.15 12.44
CA GLY D 508 -1.52 9.26 11.37
C GLY D 508 -1.24 10.01 10.07
N ILE D 509 -2.01 11.05 9.80
CA ILE D 509 -1.85 11.86 8.60
C ILE D 509 -1.12 13.13 8.99
N GLN D 510 0.02 13.39 8.34
CA GLN D 510 0.84 14.53 8.68
C GLN D 510 1.37 15.18 7.41
N ALA D 511 1.20 16.49 7.30
CA ALA D 511 1.71 17.22 6.15
C ALA D 511 3.22 17.39 6.25
N PHE D 512 3.87 17.54 5.10
CA PHE D 512 5.31 17.65 5.03
C PHE D 512 5.71 18.48 3.83
N GLU D 513 6.93 19.00 3.88
CA GLU D 513 7.54 19.62 2.73
C GLU D 513 8.18 18.53 1.87
N PRO D 514 7.74 18.31 0.64
CA PRO D 514 8.41 17.33 -0.21
C PRO D 514 9.84 17.77 -0.52
N GLN D 515 10.61 16.83 -1.04
CA GLN D 515 12.02 17.12 -1.36
C GLN D 515 12.53 15.99 -2.24
N LEU D 516 13.13 16.33 -3.37
CA LEU D 516 13.67 15.31 -4.26
C LEU D 516 14.83 14.59 -3.59
N VAL D 517 14.91 13.29 -3.84
CA VAL D 517 15.97 12.47 -3.24
C VAL D 517 16.11 11.22 -4.09
N GLU D 518 17.36 10.81 -4.30
CA GLU D 518 17.63 9.65 -5.13
C GLU D 518 17.12 8.38 -4.45
N GLY D 519 17.27 7.26 -5.15
CA GLY D 519 16.67 6.02 -4.71
C GLY D 519 15.20 5.98 -5.06
N LYS D 520 14.51 5.01 -4.46
CA LYS D 520 13.09 4.79 -4.75
C LYS D 520 12.26 4.63 -3.48
N ALA D 521 12.77 5.08 -2.33
CA ALA D 521 12.11 4.91 -1.05
C ALA D 521 11.97 6.24 -0.36
N ILE D 522 10.80 6.48 0.24
CA ILE D 522 10.54 7.75 0.91
C ILE D 522 11.48 7.89 2.10
N GLN D 523 12.26 8.97 2.10
CA GLN D 523 13.01 9.35 3.28
C GLN D 523 12.07 10.06 4.25
N ILE D 524 12.19 9.73 5.53
CA ILE D 524 11.37 10.35 6.56
C ILE D 524 12.22 10.63 7.79
N HIS D 525 11.71 11.51 8.62
CA HIS D 525 12.45 12.00 9.78
C HIS D 525 12.17 11.13 10.99
N PRO D 526 13.19 10.56 11.65
CA PRO D 526 12.90 9.60 12.71
C PRO D 526 12.10 10.16 13.88
N LEU D 527 12.11 11.48 14.07
CA LEU D 527 11.36 12.08 15.16
C LEU D 527 9.87 11.82 15.02
N VAL D 528 9.34 11.93 13.80
CA VAL D 528 7.92 11.73 13.54
C VAL D 528 7.55 10.29 13.27
N CYS D 529 8.51 9.36 13.31
CA CYS D 529 8.20 7.98 13.03
C CYS D 529 7.25 7.40 14.08
N THR D 530 7.52 7.66 15.36
CA THR D 530 6.72 7.04 16.41
C THR D 530 5.29 7.55 16.41
N ALA D 531 5.04 8.74 15.86
CA ALA D 531 3.67 9.22 15.77
C ALA D 531 2.83 8.31 14.88
N PHE D 532 3.41 7.84 13.77
CA PHE D 532 2.73 6.88 12.92
C PHE D 532 2.67 5.49 13.53
N ASN D 533 3.44 5.23 14.59
CA ASN D 533 3.69 3.86 15.06
C ASN D 533 4.38 3.07 13.97
N ALA D 534 5.21 3.74 13.18
CA ALA D 534 5.84 3.17 12.00
C ALA D 534 7.26 2.76 12.34
N ASP D 535 7.57 1.49 12.15
CA ASP D 535 8.94 1.02 12.22
C ASP D 535 9.52 0.93 10.81
N PHE D 536 10.84 0.72 10.74
CA PHE D 536 11.56 0.65 9.47
C PHE D 536 12.02 -0.76 9.13
N ASP D 537 11.36 -1.78 9.68
CA ASP D 537 11.54 -3.13 9.17
C ASP D 537 11.21 -3.19 7.69
N GLY D 538 9.95 -2.97 7.36
CA GLY D 538 9.53 -2.58 6.04
C GLY D 538 8.07 -2.18 6.15
N ASP D 539 7.73 -0.97 5.74
CA ASP D 539 6.40 -0.44 6.03
C ASP D 539 6.06 0.62 5.02
N GLN D 540 5.26 0.26 4.04
CA GLN D 540 4.86 1.16 2.97
C GLN D 540 4.01 2.28 3.53
N MET D 541 4.30 3.51 3.12
CA MET D 541 3.58 4.69 3.61
C MET D 541 3.01 5.44 2.41
N ALA D 542 1.69 5.64 2.42
CA ALA D 542 1.03 6.34 1.34
C ALA D 542 1.31 7.83 1.41
N VAL D 543 1.26 8.47 0.25
CA VAL D 543 1.50 9.89 0.10
C VAL D 543 0.36 10.47 -0.71
N HIS D 544 -0.34 11.44 -0.13
CA HIS D 544 -1.43 12.12 -0.80
C HIS D 544 -1.03 13.55 -1.09
N LEU D 545 -1.70 14.15 -2.07
CA LEU D 545 -1.35 15.49 -2.52
C LEU D 545 -2.54 16.43 -2.30
N PRO D 546 -2.41 17.50 -1.51
CA PRO D 546 -3.50 18.48 -1.45
C PRO D 546 -3.42 19.39 -2.66
N LEU D 547 -4.54 19.52 -3.36
CA LEU D 547 -4.55 20.15 -4.67
C LEU D 547 -4.88 21.64 -4.59
N SER D 548 -6.07 21.97 -4.08
CA SER D 548 -6.53 23.34 -4.13
C SER D 548 -5.80 24.23 -3.14
N ALA D 549 -6.08 25.53 -3.24
CA ALA D 549 -5.45 26.49 -2.34
C ALA D 549 -5.88 26.27 -0.89
N GLU D 550 -7.16 25.95 -0.69
CA GLU D 550 -7.64 25.71 0.68
C GLU D 550 -6.99 24.47 1.27
N ALA D 551 -6.90 23.39 0.49
CA ALA D 551 -6.33 22.17 1.02
C ALA D 551 -4.87 22.34 1.39
N GLN D 552 -4.09 22.98 0.53
CA GLN D 552 -2.69 23.21 0.87
C GLN D 552 -2.57 24.20 2.02
N ALA D 553 -3.51 25.13 2.16
CA ALA D 553 -3.51 26.01 3.32
C ALA D 553 -3.68 25.20 4.60
N GLU D 554 -4.64 24.30 4.62
CA GLU D 554 -4.85 23.47 5.80
C GLU D 554 -3.63 22.59 6.05
N ALA D 555 -3.07 22.02 4.99
CA ALA D 555 -1.90 21.16 5.15
C ALA D 555 -0.73 21.94 5.71
N ARG D 556 -0.67 23.24 5.43
CA ARG D 556 0.43 24.05 5.95
C ARG D 556 0.17 24.50 7.38
N ILE D 557 -1.08 24.80 7.72
CA ILE D 557 -1.41 25.34 9.03
C ILE D 557 -1.78 24.20 9.98
N LEU D 558 -2.82 23.46 9.63
CA LEU D 558 -3.38 22.48 10.55
C LEU D 558 -2.53 21.23 10.63
N MET D 559 -2.27 20.60 9.49
CA MET D 559 -1.73 19.26 9.43
C MET D 559 -0.21 19.22 9.39
N LEU D 560 0.46 20.34 9.56
CA LEU D 560 1.91 20.35 9.46
C LEU D 560 2.52 19.45 10.54
N SER D 561 3.73 18.94 10.24
CA SER D 561 4.33 17.96 11.13
C SER D 561 5.08 18.61 12.29
N SER D 562 5.09 19.94 12.36
CA SER D 562 5.72 20.66 13.47
C SER D 562 4.70 21.32 14.39
N ASN D 563 3.43 21.35 14.02
CA ASN D 563 2.36 21.85 14.88
C ASN D 563 1.56 20.72 15.50
N ASN D 564 2.16 19.53 15.62
CA ASN D 564 1.53 18.38 16.25
C ASN D 564 2.50 17.70 17.19
N ILE D 565 3.15 18.50 18.03
CA ILE D 565 4.07 17.94 19.01
C ILE D 565 3.32 17.08 20.01
N LEU D 566 2.13 17.50 20.42
CA LEU D 566 1.43 16.91 21.56
C LEU D 566 0.37 15.93 21.08
N LYS D 567 0.43 14.71 21.61
CA LYS D 567 -0.55 13.69 21.27
C LYS D 567 -1.90 14.03 21.89
N PRO D 568 -3.00 13.90 21.14
CA PRO D 568 -4.31 14.33 21.67
C PRO D 568 -4.85 13.45 22.77
N ALA D 569 -4.27 12.28 23.01
CA ALA D 569 -4.81 11.40 24.04
C ALA D 569 -4.74 12.05 25.41
N ASP D 570 -3.55 12.50 25.80
CA ASP D 570 -3.33 13.08 27.12
C ASP D 570 -2.45 14.31 27.12
N GLY D 571 -2.08 14.83 25.95
CA GLY D 571 -1.33 16.07 25.89
C GLY D 571 0.06 15.97 26.48
N ARG D 572 0.77 14.91 26.16
CA ARG D 572 2.18 14.75 26.47
C ARG D 572 2.94 14.60 25.17
N PRO D 573 4.24 14.91 25.17
CA PRO D 573 4.99 14.84 23.91
C PRO D 573 4.97 13.43 23.33
N VAL D 574 4.82 13.37 22.02
CA VAL D 574 4.84 12.11 21.28
C VAL D 574 5.92 12.17 20.21
N THR D 575 6.37 13.38 19.87
CA THR D 575 7.36 13.59 18.83
C THR D 575 8.77 13.74 19.40
N MET D 576 9.10 12.97 20.42
CA MET D 576 10.48 12.78 20.88
C MET D 576 10.71 11.30 21.12
N PRO D 577 10.85 10.51 20.06
CA PRO D 577 11.15 9.08 20.24
C PRO D 577 12.45 8.88 21.00
N THR D 578 12.69 7.62 21.35
CA THR D 578 13.68 7.28 22.36
C THR D 578 14.57 6.11 21.99
N GLN D 579 14.38 5.50 20.82
CA GLN D 579 15.04 4.23 20.54
C GLN D 579 16.55 4.39 20.54
N ASP D 580 17.05 5.45 19.92
CA ASP D 580 18.49 5.66 19.77
C ASP D 580 18.96 6.97 20.39
N MET D 581 18.26 8.07 20.11
CA MET D 581 18.71 9.37 20.59
C MET D 581 18.80 9.37 22.11
N VAL D 582 17.77 8.86 22.78
CA VAL D 582 17.69 8.95 24.23
C VAL D 582 18.85 8.24 24.88
N LEU D 583 19.32 7.14 24.28
CA LEU D 583 20.52 6.52 24.79
C LEU D 583 21.70 7.48 24.70
N GLY D 584 21.82 8.19 23.58
CA GLY D 584 22.91 9.15 23.44
C GLY D 584 22.87 10.22 24.50
N LEU D 585 21.70 10.82 24.69
CA LEU D 585 21.54 11.90 25.66
C LEU D 585 21.73 11.38 27.07
N PHE D 586 21.28 10.16 27.34
CA PHE D 586 21.51 9.57 28.65
C PHE D 586 23.01 9.44 28.81
N PHE D 587 23.70 9.01 27.76
CA PHE D 587 25.16 8.94 27.82
C PHE D 587 25.76 10.34 27.96
N LEU D 588 25.20 11.32 27.27
CA LEU D 588 25.72 12.68 27.36
C LEU D 588 25.57 13.20 28.77
N THR D 589 24.43 12.97 29.39
CA THR D 589 24.25 13.40 30.77
C THR D 589 24.11 12.22 31.71
N THR D 590 25.21 11.85 32.36
CA THR D 590 25.18 10.75 33.31
C THR D 590 26.18 11.04 34.41
N ASP D 591 26.04 10.38 35.55
CA ASP D 591 26.93 10.64 36.67
C ASP D 591 28.28 9.98 36.46
N SER D 592 29.14 10.02 37.47
CA SER D 592 30.43 9.36 37.38
C SER D 592 30.24 7.85 37.39
N GLU D 593 31.35 7.12 37.34
CA GLU D 593 31.45 5.67 37.32
C GLU D 593 31.08 5.09 35.96
N GLY D 594 30.57 5.88 35.02
CA GLY D 594 30.36 5.39 33.68
C GLY D 594 31.64 4.93 33.01
N ARG D 595 32.78 5.46 33.43
CA ARG D 595 34.09 5.02 32.99
C ARG D 595 35.07 5.29 34.13
N SER D 596 36.36 5.20 33.85
CA SER D 596 37.36 5.64 34.80
C SER D 596 37.42 7.17 34.74
N PRO D 597 36.85 7.90 35.71
CA PRO D 597 36.74 9.36 35.52
C PRO D 597 38.09 10.05 35.62
N LYS D 598 38.89 9.93 34.56
CA LYS D 598 40.19 10.59 34.53
C LYS D 598 40.02 12.09 34.35
N GLY D 599 40.92 12.84 34.98
CA GLY D 599 40.83 14.29 34.91
C GLY D 599 39.59 14.83 35.59
N GLU D 600 39.26 14.31 36.77
CA GLU D 600 38.09 14.74 37.53
C GLU D 600 38.54 15.58 38.71
N GLY D 601 37.76 16.62 39.02
CA GLY D 601 38.04 17.47 40.15
C GLY D 601 38.89 18.68 39.80
N ARG D 602 38.55 19.32 38.68
CA ARG D 602 39.26 20.51 38.23
C ARG D 602 38.24 21.54 37.75
N ALA D 603 38.73 22.75 37.53
CA ALA D 603 37.91 23.90 37.15
C ALA D 603 38.37 24.42 35.80
N PHE D 604 37.42 24.72 34.92
CA PHE D 604 37.70 25.13 33.56
C PHE D 604 37.01 26.46 33.25
N GLY D 605 37.72 27.31 32.50
CA GLY D 605 37.25 28.67 32.30
C GLY D 605 35.95 28.75 31.53
N SER D 606 35.80 27.89 30.53
CA SER D 606 34.57 27.88 29.73
C SER D 606 34.43 26.52 29.07
N SER D 607 33.21 26.27 28.57
CA SER D 607 32.95 24.98 27.91
C SER D 607 33.89 24.77 26.73
N ALA D 608 34.40 25.84 26.13
CA ALA D 608 35.34 25.70 25.02
C ALA D 608 36.64 25.05 25.47
N GLU D 609 37.25 25.57 26.54
CA GLU D 609 38.48 24.97 27.03
C GLU D 609 38.23 23.57 27.56
N ALA D 610 37.05 23.33 28.12
CA ALA D 610 36.71 21.97 28.54
C ALA D 610 36.67 21.03 27.34
N ILE D 611 36.09 21.48 26.22
CA ILE D 611 36.07 20.66 25.03
C ILE D 611 37.49 20.44 24.52
N MET D 612 38.35 21.45 24.64
CA MET D 612 39.75 21.25 24.28
C MET D 612 40.37 20.14 25.11
N ALA D 613 40.16 20.18 26.43
CA ALA D 613 40.73 19.15 27.28
C ALA D 613 40.17 17.79 26.94
N PHE D 614 38.87 17.72 26.65
CA PHE D 614 38.26 16.46 26.25
C PHE D 614 38.88 15.93 24.97
N ASP D 615 39.12 16.82 24.00
CA ASP D 615 39.75 16.40 22.76
C ASP D 615 41.14 15.87 23.01
N ALA D 616 41.89 16.53 23.90
CA ALA D 616 43.23 16.06 24.23
C ALA D 616 43.21 14.69 24.91
N GLY D 617 42.06 14.28 25.46
CA GLY D 617 41.93 12.99 26.10
C GLY D 617 42.21 12.99 27.59
N ASP D 618 42.71 14.09 28.15
CA ASP D 618 42.95 14.15 29.58
C ASP D 618 41.63 14.01 30.34
N LEU D 619 40.65 14.84 30.01
CA LEU D 619 39.33 14.77 30.60
C LEU D 619 38.51 13.69 29.88
N THR D 620 37.57 13.11 30.60
CA THR D 620 36.56 12.24 30.02
C THR D 620 35.19 12.86 30.22
N LEU D 621 34.25 12.49 29.35
CA LEU D 621 32.96 13.16 29.30
C LEU D 621 32.23 13.08 30.64
N GLN D 622 32.38 11.99 31.37
CA GLN D 622 31.68 11.77 32.63
C GLN D 622 32.66 12.07 33.77
N ALA D 623 32.58 13.29 34.30
CA ALA D 623 33.42 13.67 35.43
C ALA D 623 32.98 15.01 36.02
N LYS D 624 32.93 15.09 37.35
CA LYS D 624 32.53 16.33 38.00
C LYS D 624 33.67 17.34 37.93
N ILE D 625 33.34 18.56 37.51
CA ILE D 625 34.30 19.63 37.31
C ILE D 625 33.57 20.95 37.46
N ASP D 626 34.32 22.02 37.66
CA ASP D 626 33.77 23.37 37.79
C ASP D 626 33.82 24.04 36.42
N ILE D 627 32.67 24.53 35.97
CA ILE D 627 32.52 25.16 34.67
C ILE D 627 31.94 26.55 34.87
N ARG D 628 32.58 27.55 34.26
CA ARG D 628 32.05 28.90 34.25
C ARG D 628 30.92 29.00 33.24
N PHE D 629 30.31 30.18 33.13
CA PHE D 629 29.30 30.42 32.12
C PHE D 629 29.27 31.90 31.79
N PRO D 630 29.52 32.29 30.54
CA PRO D 630 29.36 33.70 30.19
C PRO D 630 27.98 34.23 30.50
N VAL D 631 27.85 35.55 30.44
CA VAL D 631 26.57 36.20 30.70
C VAL D 631 25.53 35.72 29.69
N GLY D 632 24.27 35.77 30.09
CA GLY D 632 23.18 35.26 29.29
C GLY D 632 22.79 33.83 29.59
N THR D 633 23.60 33.11 30.36
CA THR D 633 23.29 31.74 30.74
C THR D 633 22.38 31.75 31.96
N ILE D 634 21.14 31.31 31.80
CA ILE D 634 20.25 31.19 32.95
C ILE D 634 20.71 30.00 33.79
N PRO D 635 20.76 30.11 35.12
CA PRO D 635 21.29 29.01 35.91
C PRO D 635 20.20 28.01 36.27
N PRO D 636 20.55 26.92 36.94
CA PRO D 636 19.52 25.95 37.33
C PRO D 636 18.43 26.60 38.18
N ARG D 637 17.21 26.08 38.05
CA ARG D 637 16.10 26.63 38.82
C ARG D 637 16.37 26.57 40.32
N GLY D 638 17.06 25.53 40.79
CA GLY D 638 17.44 25.43 42.19
C GLY D 638 18.68 26.20 42.57
N PHE D 639 19.47 26.65 41.58
CA PHE D 639 20.62 27.49 41.85
C PHE D 639 20.22 28.93 42.17
N GLU D 640 18.96 29.30 41.95
CA GLU D 640 18.56 30.69 42.14
C GLU D 640 18.76 31.18 43.58
N PRO D 641 18.41 30.44 44.63
CA PRO D 641 18.72 30.90 45.99
C PRO D 641 20.21 31.04 46.21
N PRO D 642 21.02 30.00 45.97
CA PRO D 642 22.46 30.17 46.17
C PRO D 642 23.07 31.12 45.16
N ALA D 643 24.21 31.69 45.55
CA ALA D 643 24.88 32.70 44.74
C ALA D 643 26.30 32.85 45.30
N ARG D 644 27.04 33.80 44.72
CA ARG D 644 28.40 34.06 45.17
C ARG D 644 28.38 34.92 46.42
N GLU D 645 29.55 35.02 47.06
CA GLU D 645 29.70 35.71 48.33
C GLU D 645 30.31 37.07 48.09
N GLU D 646 29.58 38.12 48.46
CA GLU D 646 30.04 39.49 48.29
C GLU D 646 29.27 40.38 49.25
N GLY D 647 29.91 41.46 49.67
CA GLY D 647 29.26 42.46 50.50
C GLY D 647 28.36 43.41 49.75
N GLU D 648 28.32 43.30 48.42
CA GLU D 648 27.49 44.12 47.56
C GLU D 648 26.40 43.27 46.94
N PRO D 649 25.26 43.87 46.56
CA PRO D 649 24.20 43.07 45.92
C PRO D 649 24.69 42.45 44.62
N GLU D 650 24.23 41.23 44.36
CA GLU D 650 24.57 40.52 43.14
C GLU D 650 23.31 39.86 42.59
N TRP D 651 23.28 39.68 41.28
CA TRP D 651 22.13 39.13 40.57
C TRP D 651 22.64 37.99 39.70
N GLN D 652 22.77 36.81 40.31
CA GLN D 652 23.27 35.64 39.61
C GLN D 652 22.23 34.99 38.72
N GLN D 653 20.98 35.47 38.74
CA GLN D 653 19.96 34.90 37.88
C GLN D 653 20.29 35.08 36.40
N GLY D 654 21.11 36.08 36.05
CA GLY D 654 21.49 36.27 34.67
C GLY D 654 22.90 36.77 34.41
N ASP D 655 23.85 36.49 35.31
CA ASP D 655 25.25 36.84 35.05
C ASP D 655 26.14 35.62 35.21
N THR D 656 27.46 35.83 35.24
CA THR D 656 28.40 34.72 35.33
C THR D 656 28.17 33.92 36.60
N PHE D 657 28.48 32.62 36.53
CA PHE D 657 28.43 31.75 37.70
C PHE D 657 29.17 30.47 37.38
N THR D 658 30.12 30.09 38.23
CA THR D 658 30.71 28.77 38.14
C THR D 658 29.70 27.74 38.61
N LEU D 659 29.97 26.47 38.32
CA LEU D 659 29.03 25.42 38.66
C LEU D 659 29.71 24.07 38.61
N LYS D 660 29.43 23.22 39.60
CA LYS D 660 29.93 21.85 39.64
C LYS D 660 28.99 20.99 38.80
N THR D 661 29.46 20.58 37.63
CA THR D 661 28.66 19.75 36.74
C THR D 661 29.62 18.90 35.90
N THR D 662 29.11 18.34 34.82
CA THR D 662 29.92 17.57 33.88
C THR D 662 29.83 18.22 32.50
N LEU D 663 30.91 18.08 31.74
CA LEU D 663 30.96 18.68 30.41
C LEU D 663 29.77 18.25 29.57
N GLY D 664 29.37 16.97 29.69
CA GLY D 664 28.22 16.51 28.95
C GLY D 664 26.96 17.26 29.29
N ARG D 665 26.76 17.55 30.58
CA ARG D 665 25.59 18.33 30.96
C ARG D 665 25.64 19.71 30.32
N ALA D 666 26.84 20.30 30.25
CA ALA D 666 26.99 21.60 29.59
C ALA D 666 26.60 21.51 28.12
N LEU D 667 27.03 20.46 27.43
CA LEU D 667 26.66 20.30 26.03
C LEU D 667 25.15 20.15 25.88
N PHE D 668 24.54 19.31 26.71
CA PHE D 668 23.10 19.13 26.63
C PHE D 668 22.37 20.44 26.82
N ASN D 669 22.80 21.23 27.80
CA ASN D 669 22.11 22.49 28.03
C ASN D 669 22.33 23.46 26.89
N GLU D 670 23.54 23.47 26.32
CA GLU D 670 23.80 24.32 25.17
C GLU D 670 22.91 23.95 23.99
N LEU D 671 22.50 22.69 23.87
CA LEU D 671 21.51 22.34 22.86
C LEU D 671 20.18 23.05 23.11
N LEU D 672 19.74 23.07 24.35
CA LEU D 672 18.49 23.72 24.71
C LEU D 672 18.59 25.22 24.46
N PRO D 673 17.46 25.92 24.31
CA PRO D 673 17.53 27.35 24.03
C PRO D 673 18.09 28.11 25.21
N GLU D 674 18.71 29.25 24.91
CA GLU D 674 19.48 29.97 25.92
C GLU D 674 18.60 30.40 27.08
N ASP D 675 17.36 30.82 26.80
CA ASP D 675 16.48 31.29 27.86
C ASP D 675 16.08 30.20 28.83
N TYR D 676 16.21 28.94 28.44
CA TYR D 676 15.74 27.86 29.28
C TYR D 676 16.70 27.68 30.48
N PRO D 677 16.19 27.53 31.70
CA PRO D 677 17.08 27.30 32.83
C PRO D 677 17.90 26.04 32.66
N PHE D 678 19.07 26.04 33.29
CA PHE D 678 20.00 24.92 33.15
C PHE D 678 19.37 23.64 33.71
N VAL D 679 19.76 22.51 33.14
CA VAL D 679 19.38 21.19 33.63
C VAL D 679 20.66 20.43 33.94
N ASP D 680 20.76 19.92 35.18
CA ASP D 680 21.99 19.31 35.66
C ASP D 680 21.81 17.84 36.05
N TYR D 681 20.61 17.28 35.90
CA TYR D 681 20.34 15.92 36.29
C TYR D 681 20.42 15.00 35.07
N GLU D 682 20.63 13.72 35.35
CA GLU D 682 20.60 12.71 34.31
C GLU D 682 19.24 12.73 33.62
N VAL D 683 19.25 12.68 32.29
CA VAL D 683 18.05 13.07 31.52
C VAL D 683 17.18 11.87 31.17
N GLY D 684 17.78 10.74 30.78
CA GLY D 684 16.98 9.54 30.52
C GLY D 684 15.88 9.79 29.51
N LYS D 685 14.68 9.32 29.84
CA LYS D 685 13.51 9.46 29.00
C LYS D 685 12.37 10.21 29.68
N LYS D 686 12.10 9.91 30.95
CA LYS D 686 11.03 10.62 31.64
C LYS D 686 11.33 12.11 31.73
N GLN D 687 12.54 12.46 32.17
CA GLN D 687 12.89 13.87 32.28
C GLN D 687 12.94 14.52 30.90
N LEU D 688 13.32 13.77 29.87
CA LEU D 688 13.28 14.32 28.52
C LEU D 688 11.85 14.66 28.12
N SER D 689 10.90 13.79 28.43
CA SER D 689 9.50 14.11 28.19
C SER D 689 9.08 15.35 28.97
N GLU D 690 9.52 15.45 30.22
CA GLU D 690 9.17 16.61 31.03
C GLU D 690 9.66 17.91 30.40
N ILE D 691 10.94 17.96 30.04
CA ILE D 691 11.49 19.21 29.53
C ILE D 691 10.95 19.49 28.14
N VAL D 692 10.66 18.46 27.36
CA VAL D 692 10.06 18.69 26.05
C VAL D 692 8.67 19.29 26.20
N ASN D 693 7.88 18.78 27.15
CA ASN D 693 6.57 19.37 27.40
C ASN D 693 6.71 20.81 27.89
N ASP D 694 7.69 21.08 28.74
CA ASP D 694 7.90 22.43 29.22
C ASP D 694 8.22 23.37 28.06
N LEU D 695 9.10 22.94 27.16
CA LEU D 695 9.40 23.74 25.98
C LEU D 695 8.14 23.96 25.14
N ALA D 696 7.38 22.89 24.92
CA ALA D 696 6.17 23.01 24.11
C ALA D 696 5.18 23.99 24.73
N GLU D 697 5.16 24.10 26.05
CA GLU D 697 4.23 25.00 26.70
C GLU D 697 4.71 26.44 26.65
N ARG D 698 5.94 26.70 27.10
CA ARG D 698 6.36 28.06 27.37
C ARG D 698 7.03 28.76 26.19
N TYR D 699 7.23 28.08 25.07
CA TYR D 699 8.01 28.62 23.97
C TYR D 699 7.23 28.49 22.67
N PRO D 700 7.56 29.28 21.65
CA PRO D 700 6.87 29.16 20.37
C PRO D 700 7.22 27.86 19.66
N LYS D 701 6.39 27.52 18.67
CA LYS D 701 6.53 26.24 17.98
C LYS D 701 7.87 26.14 17.27
N VAL D 702 8.30 27.23 16.62
CA VAL D 702 9.52 27.18 15.82
C VAL D 702 10.72 26.86 16.69
N ILE D 703 10.80 27.49 17.86
CA ILE D 703 11.88 27.18 18.79
C ILE D 703 11.83 25.72 19.21
N VAL D 704 10.61 25.20 19.39
CA VAL D 704 10.47 23.79 19.77
C VAL D 704 11.02 22.90 18.67
N ALA D 705 10.68 23.19 17.42
CA ALA D 705 11.17 22.37 16.31
C ALA D 705 12.69 22.43 16.21
N ALA D 706 13.26 23.63 16.33
CA ALA D 706 14.71 23.75 16.25
C ALA D 706 15.38 22.98 17.39
N THR D 707 14.84 23.10 18.61
CA THR D 707 15.42 22.41 19.74
C THR D 707 15.31 20.90 19.57
N LEU D 708 14.19 20.42 19.06
CA LEU D 708 14.04 18.99 18.82
C LEU D 708 15.07 18.52 17.80
N ASP D 709 15.29 19.30 16.74
CA ASP D 709 16.27 18.91 15.75
C ASP D 709 17.67 18.85 16.34
N ASN D 710 18.02 19.85 17.15
CA ASN D 710 19.34 19.84 17.78
C ASN D 710 19.48 18.65 18.73
N LEU D 711 18.42 18.35 19.49
CA LEU D 711 18.44 17.21 20.38
C LEU D 711 18.64 15.92 19.59
N LYS D 712 17.94 15.79 18.46
CA LYS D 712 18.10 14.63 17.59
C LYS D 712 19.56 14.48 17.16
N ALA D 713 20.14 15.55 16.63
CA ALA D 713 21.50 15.46 16.11
C ALA D 713 22.47 15.06 17.21
N ALA D 714 22.42 15.76 18.35
CA ALA D 714 23.33 15.45 19.43
C ALA D 714 23.12 14.04 19.95
N GLY D 715 21.86 13.61 20.04
CA GLY D 715 21.59 12.28 20.54
C GLY D 715 22.16 11.21 19.64
N PHE D 716 21.98 11.34 18.33
CA PHE D 716 22.55 10.35 17.43
C PHE D 716 24.07 10.35 17.50
N PHE D 717 24.68 11.54 17.52
CA PHE D 717 26.14 11.61 17.57
C PHE D 717 26.68 10.93 18.82
N TRP D 718 26.07 11.20 19.96
CA TRP D 718 26.60 10.69 21.21
C TRP D 718 26.18 9.24 21.46
N ALA D 719 25.07 8.79 20.88
CA ALA D 719 24.80 7.36 20.88
C ALA D 719 25.85 6.62 20.07
N THR D 720 26.26 7.16 18.92
CA THR D 720 27.35 6.56 18.18
C THR D 720 28.60 6.48 19.03
N ARG D 721 29.00 7.60 19.62
CA ARG D 721 30.22 7.60 20.41
C ARG D 721 30.09 6.80 21.70
N SER D 722 28.87 6.48 22.11
CA SER D 722 28.67 5.77 23.37
C SER D 722 29.29 4.38 23.36
N GLY D 723 29.26 3.72 22.21
CA GLY D 723 29.83 2.40 22.11
C GLY D 723 28.97 1.30 22.70
N VAL D 724 27.65 1.49 22.78
CA VAL D 724 26.77 0.42 23.20
C VAL D 724 26.86 -0.72 22.18
N THR D 725 26.92 -1.94 22.69
CA THR D 725 27.06 -3.11 21.83
C THR D 725 26.35 -4.28 22.49
N VAL D 726 26.63 -5.48 21.99
CA VAL D 726 26.21 -6.72 22.62
C VAL D 726 27.24 -7.78 22.26
N ALA D 727 27.49 -8.70 23.18
CA ALA D 727 28.51 -9.72 22.95
C ALA D 727 28.27 -10.86 23.92
N ILE D 728 29.00 -11.95 23.71
CA ILE D 728 28.86 -13.11 24.58
C ILE D 728 29.29 -12.77 25.99
N SER D 729 30.31 -11.92 26.13
CA SER D 729 30.78 -11.51 27.44
C SER D 729 29.95 -10.40 28.04
N ASP D 730 29.01 -9.82 27.28
CA ASP D 730 28.19 -8.75 27.82
C ASP D 730 27.15 -9.26 28.81
N ILE D 731 26.47 -10.36 28.46
CA ILE D 731 25.41 -10.92 29.29
C ILE D 731 26.03 -12.01 30.15
N VAL D 732 26.31 -11.68 31.41
CA VAL D 732 26.92 -12.60 32.35
C VAL D 732 25.82 -13.20 33.21
N VAL D 733 25.65 -14.51 33.11
CA VAL D 733 24.71 -15.19 34.01
C VAL D 733 25.20 -15.05 35.44
N PRO D 734 24.33 -14.82 36.42
CA PRO D 734 24.81 -14.76 37.81
C PRO D 734 25.46 -16.07 38.24
N ASP D 735 26.64 -15.94 38.84
CA ASP D 735 27.37 -17.13 39.29
C ASP D 735 26.58 -17.87 40.35
N ALA D 736 25.95 -17.15 41.29
CA ALA D 736 25.23 -17.79 42.38
C ALA D 736 24.06 -18.63 41.88
N LYS D 737 23.49 -18.29 40.72
CA LYS D 737 22.26 -18.92 40.23
C LYS D 737 22.29 -20.43 40.39
N LYS D 738 23.28 -21.07 39.77
CA LYS D 738 23.38 -22.54 39.83
C LYS D 738 23.17 -23.03 41.25
N GLU D 739 23.97 -22.52 42.20
CA GLU D 739 23.86 -23.00 43.57
C GLU D 739 22.43 -22.87 44.07
N ILE D 740 21.86 -21.66 43.99
CA ILE D 740 20.54 -21.48 44.58
C ILE D 740 19.56 -22.43 43.91
N VAL D 741 19.61 -22.53 42.58
CA VAL D 741 18.59 -23.33 41.92
C VAL D 741 18.74 -24.79 42.30
N LYS D 742 19.99 -25.29 42.42
CA LYS D 742 20.12 -26.70 42.77
C LYS D 742 19.57 -26.92 44.16
N GLY D 743 19.81 -25.97 45.07
CA GLY D 743 19.19 -26.06 46.38
C GLY D 743 17.70 -26.21 46.26
N TYR D 744 17.07 -25.31 45.48
CA TYR D 744 15.64 -25.43 45.22
C TYR D 744 15.34 -26.80 44.63
N GLU D 745 16.11 -27.20 43.61
CA GLU D 745 15.87 -28.50 43.00
C GLU D 745 16.01 -29.61 44.04
N GLY D 746 16.99 -29.50 44.93
CA GLY D 746 17.14 -30.49 45.97
C GLY D 746 15.87 -30.52 46.76
N GLN D 747 15.46 -29.35 47.26
CA GLN D 747 14.21 -29.26 47.98
C GLN D 747 13.08 -29.88 47.16
N ASP D 748 13.04 -29.54 45.87
CA ASP D 748 11.97 -30.04 45.02
C ASP D 748 11.91 -31.56 45.05
N GLU D 749 13.05 -32.23 44.88
CA GLU D 749 12.94 -33.68 44.73
C GLU D 749 12.48 -34.29 46.05
N LYS D 750 12.81 -33.64 47.18
CA LYS D 750 12.32 -34.13 48.45
C LYS D 750 10.80 -34.20 48.42
N VAL D 751 10.16 -33.12 47.95
CA VAL D 751 8.71 -33.13 47.81
C VAL D 751 8.29 -34.30 46.93
N GLN D 752 8.96 -34.49 45.81
CA GLN D 752 8.60 -35.59 44.93
C GLN D 752 8.68 -36.92 45.69
N LYS D 753 9.75 -37.10 46.48
CA LYS D 753 9.86 -38.31 47.27
C LYS D 753 8.67 -38.45 48.21
N GLN D 754 8.33 -37.38 48.93
CA GLN D 754 7.23 -37.48 49.88
C GLN D 754 5.88 -37.45 49.19
N TYR D 755 5.86 -37.27 47.87
CA TYR D 755 4.65 -37.51 47.08
C TYR D 755 4.58 -38.94 46.58
N GLU D 756 5.72 -39.60 46.40
CA GLU D 756 5.71 -40.98 45.92
C GLU D 756 5.03 -41.93 46.90
N ARG D 757 5.08 -41.61 48.19
CA ARG D 757 4.49 -42.45 49.22
C ARG D 757 3.01 -42.12 49.46
N GLY D 758 2.44 -41.21 48.69
CA GLY D 758 1.04 -40.86 48.85
C GLY D 758 0.75 -39.93 50.01
N LEU D 759 1.76 -39.37 50.66
CA LEU D 759 1.52 -38.53 51.82
C LEU D 759 0.96 -37.16 51.43
N ILE D 760 1.04 -36.78 50.16
CA ILE D 760 0.54 -35.50 49.69
C ILE D 760 -0.21 -35.73 48.39
N THR D 761 -1.31 -35.00 48.21
CA THR D 761 -2.09 -35.11 46.98
C THR D 761 -1.35 -34.43 45.84
N LYS D 762 -1.67 -34.86 44.61
CA LYS D 762 -1.01 -34.31 43.44
C LYS D 762 -1.29 -32.81 43.30
N GLU D 763 -2.53 -32.39 43.57
CA GLU D 763 -2.86 -30.98 43.47
C GLU D 763 -2.04 -30.14 44.45
N GLU D 764 -1.92 -30.62 45.69
CA GLU D 764 -1.13 -29.90 46.68
C GLU D 764 0.34 -29.81 46.25
N ARG D 765 0.87 -30.89 45.68
CA ARG D 765 2.23 -30.86 45.16
C ARG D 765 2.37 -29.82 44.06
N THR D 766 1.41 -29.77 43.15
CA THR D 766 1.47 -28.78 42.07
C THR D 766 1.46 -27.36 42.64
N GLN D 767 0.60 -27.11 43.62
CA GLN D 767 0.49 -25.76 44.17
C GLN D 767 1.77 -25.36 44.91
N GLU D 768 2.29 -26.24 45.76
CA GLU D 768 3.52 -25.88 46.46
C GLU D 768 4.66 -25.71 45.48
N LEU D 769 4.67 -26.49 44.40
CA LEU D 769 5.76 -26.36 43.43
C LEU D 769 5.65 -25.05 42.65
N ILE D 770 4.45 -24.64 42.26
CA ILE D 770 4.31 -23.37 41.55
C ILE D 770 4.75 -22.23 42.46
N ALA D 771 4.36 -22.30 43.75
CA ALA D 771 4.78 -21.25 44.68
C ALA D 771 6.29 -21.24 44.86
N ILE D 772 6.90 -22.42 44.97
CA ILE D 772 8.33 -22.50 45.22
C ILE D 772 9.11 -21.96 44.04
N TRP D 773 8.67 -22.29 42.82
CA TRP D 773 9.38 -21.78 41.66
C TRP D 773 9.12 -20.30 41.42
N THR D 774 7.95 -19.79 41.80
CA THR D 774 7.77 -18.35 41.78
C THR D 774 8.77 -17.67 42.71
N LYS D 775 8.94 -18.24 43.91
CA LYS D 775 9.94 -17.69 44.83
C LYS D 775 11.34 -17.77 44.23
N ALA D 776 11.68 -18.91 43.62
CA ALA D 776 13.03 -19.08 43.08
C ALA D 776 13.31 -18.10 41.94
N THR D 777 12.34 -17.92 41.04
CA THR D 777 12.56 -17.01 39.92
C THR D 777 12.62 -15.57 40.40
N ASN D 778 11.80 -15.19 41.38
CA ASN D 778 11.93 -13.85 41.92
C ASN D 778 13.31 -13.64 42.55
N GLU D 779 13.78 -14.63 43.33
CA GLU D 779 15.06 -14.48 44.01
C GLU D 779 16.21 -14.40 43.02
N VAL D 780 16.21 -15.24 41.98
CA VAL D 780 17.29 -15.17 41.01
C VAL D 780 17.19 -13.89 40.20
N ALA D 781 15.98 -13.37 39.98
CA ALA D 781 15.86 -12.06 39.35
C ALA D 781 16.55 -10.99 40.18
N GLU D 782 16.30 -10.99 41.49
CA GLU D 782 16.95 -10.01 42.35
C GLU D 782 18.46 -10.21 42.35
N ALA D 783 18.92 -11.46 42.38
CA ALA D 783 20.35 -11.73 42.38
C ALA D 783 21.01 -11.19 41.10
N MET D 784 20.36 -11.40 39.96
CA MET D 784 20.89 -10.86 38.72
C MET D 784 20.89 -9.34 38.75
N ASN D 785 19.81 -8.74 39.26
CA ASN D 785 19.73 -7.30 39.34
C ASN D 785 20.89 -6.73 40.16
N ASP D 786 21.28 -7.46 41.20
CA ASP D 786 22.43 -7.02 42.00
C ASP D 786 23.75 -7.28 41.26
N ASN D 787 23.81 -8.36 40.48
CA ASN D 787 25.06 -8.77 39.85
C ASN D 787 25.54 -7.70 38.88
N PHE D 788 24.65 -7.27 37.98
CA PHE D 788 25.05 -6.45 36.85
C PHE D 788 25.73 -5.15 37.30
N PRO D 789 26.79 -4.72 36.62
CA PRO D 789 27.32 -3.37 36.85
C PRO D 789 26.66 -2.34 35.94
N LYS D 790 26.60 -1.10 36.45
CA LYS D 790 25.87 -0.03 35.80
C LYS D 790 26.47 0.39 34.46
N THR D 791 27.68 -0.04 34.12
CA THR D 791 28.37 0.46 32.94
C THR D 791 28.10 -0.35 31.67
N ASN D 792 27.33 -1.43 31.74
CA ASN D 792 27.21 -2.32 30.60
C ASN D 792 26.17 -1.81 29.59
N PRO D 793 26.25 -2.28 28.34
CA PRO D 793 25.27 -1.84 27.33
C PRO D 793 23.82 -2.08 27.71
N VAL D 794 23.46 -3.30 28.14
CA VAL D 794 22.05 -3.60 28.34
C VAL D 794 21.45 -2.70 29.41
N SER D 795 22.18 -2.48 30.50
CA SER D 795 21.71 -1.57 31.53
C SER D 795 21.54 -0.17 30.98
N MET D 796 22.50 0.30 30.18
CA MET D 796 22.41 1.67 29.68
C MET D 796 21.19 1.83 28.79
N MET D 797 20.89 0.85 27.95
CA MET D 797 19.77 1.00 27.03
C MET D 797 18.44 0.52 27.60
N VAL D 798 18.41 -0.01 28.82
CA VAL D 798 17.15 -0.32 29.49
C VAL D 798 16.80 0.72 30.56
N ASN D 799 17.78 1.11 31.38
CA ASN D 799 17.51 2.09 32.43
C ASN D 799 17.11 3.43 31.85
N SER D 800 17.76 3.82 30.75
CA SER D 800 17.46 5.10 30.11
C SER D 800 16.06 5.18 29.55
N GLY D 801 15.35 4.06 29.44
CA GLY D 801 14.07 4.06 28.78
C GLY D 801 14.15 4.01 27.27
N ALA D 802 15.33 3.76 26.72
CA ALA D 802 15.47 3.70 25.27
C ALA D 802 14.62 2.58 24.69
N ARG D 803 14.79 1.37 25.21
CA ARG D 803 14.09 0.21 24.68
C ARG D 803 14.39 -0.97 25.60
N GLY D 804 13.44 -1.88 25.67
CA GLY D 804 13.55 -3.05 26.53
C GLY D 804 12.90 -2.81 27.88
N ASN D 805 12.92 -3.88 28.69
CA ASN D 805 12.31 -3.82 30.01
C ASN D 805 13.01 -4.84 30.89
N MET D 806 12.80 -4.70 32.21
CA MET D 806 13.58 -5.48 33.16
C MET D 806 13.33 -6.97 32.99
N MET D 807 12.08 -7.39 32.84
CA MET D 807 11.79 -8.82 32.72
C MET D 807 12.40 -9.42 31.47
N GLN D 808 12.54 -8.63 30.39
CA GLN D 808 13.19 -9.15 29.20
C GLN D 808 14.64 -9.50 29.49
N MET D 809 15.35 -8.64 30.20
CA MET D 809 16.71 -8.99 30.61
C MET D 809 16.68 -10.14 31.60
N ARG D 810 15.62 -10.24 32.41
CA ARG D 810 15.49 -11.36 33.33
C ARG D 810 15.50 -12.68 32.58
N GLN D 811 14.70 -12.79 31.53
CA GLN D 811 14.62 -14.04 30.80
C GLN D 811 15.67 -14.15 29.69
N ILE D 812 16.50 -13.12 29.50
CA ILE D 812 17.66 -13.27 28.63
C ILE D 812 18.89 -13.73 29.42
N ALA D 813 19.00 -13.32 30.68
CA ALA D 813 20.12 -13.69 31.53
C ALA D 813 19.72 -14.66 32.63
N GLY D 814 18.64 -14.37 33.35
CA GLY D 814 18.13 -15.29 34.34
C GLY D 814 17.16 -16.29 33.75
N MET D 815 16.73 -17.23 34.58
CA MET D 815 15.82 -18.28 34.12
C MET D 815 14.46 -17.69 33.78
N ARG D 816 13.82 -18.27 32.76
CA ARG D 816 12.58 -17.74 32.24
C ARG D 816 11.45 -17.84 33.27
N GLY D 817 11.33 -18.98 33.92
CA GLY D 817 10.33 -19.18 34.94
C GLY D 817 9.09 -19.88 34.43
N LEU D 818 8.00 -19.73 35.18
CA LEU D 818 6.75 -20.38 34.85
C LEU D 818 6.22 -19.89 33.51
N VAL D 819 5.75 -20.84 32.69
CA VAL D 819 5.25 -20.56 31.36
C VAL D 819 3.84 -21.12 31.25
N SER D 820 2.95 -20.37 30.62
CA SER D 820 1.57 -20.78 30.52
C SER D 820 1.43 -21.98 29.61
N ASN D 821 1.04 -23.12 30.18
CA ASN D 821 0.66 -24.28 29.37
C ASN D 821 -0.54 -23.92 28.50
N ALA D 822 -0.80 -24.76 27.50
CA ALA D 822 -1.98 -24.60 26.67
C ALA D 822 -3.22 -24.46 27.53
N LYS D 823 -4.27 -23.87 26.92
CA LYS D 823 -5.54 -23.53 27.54
C LYS D 823 -5.38 -23.02 28.98
N ASN D 824 -4.38 -22.17 29.21
CA ASN D 824 -4.25 -21.41 30.46
C ASN D 824 -4.03 -22.33 31.65
N GLU D 825 -2.91 -23.05 31.61
CA GLU D 825 -2.43 -23.82 32.75
C GLU D 825 -0.97 -23.51 32.98
N THR D 826 -0.48 -23.87 34.16
CA THR D 826 0.93 -23.73 34.50
C THR D 826 1.56 -25.11 34.62
N ILE D 827 2.84 -25.19 34.27
CA ILE D 827 3.58 -26.45 34.29
C ILE D 827 4.24 -26.60 35.65
N PRO D 828 4.62 -27.82 36.06
CA PRO D 828 5.27 -27.99 37.35
C PRO D 828 6.77 -27.74 37.30
N ARG D 829 7.37 -27.92 36.12
CA ARG D 829 8.82 -27.87 35.94
C ARG D 829 9.19 -26.68 35.06
N PRO D 830 9.20 -25.46 35.58
CA PRO D 830 9.43 -24.29 34.73
C PRO D 830 10.83 -24.30 34.12
N ILE D 831 11.06 -23.33 33.25
CA ILE D 831 12.30 -23.27 32.49
C ILE D 831 13.41 -22.77 33.42
N LYS D 832 14.48 -23.56 33.52
CA LYS D 832 15.57 -23.26 34.45
C LYS D 832 16.77 -22.61 33.78
N ALA D 833 16.81 -22.55 32.45
CA ALA D 833 17.95 -22.02 31.71
C ALA D 833 17.58 -20.69 31.08
N SER D 834 18.58 -19.86 30.82
CA SER D 834 18.37 -18.57 30.21
C SER D 834 18.65 -18.66 28.71
N PHE D 835 18.06 -17.73 27.95
CA PHE D 835 18.27 -17.72 26.51
C PHE D 835 19.74 -17.64 26.14
N ARG D 836 20.56 -17.01 26.98
CA ARG D 836 22.00 -17.10 26.76
C ARG D 836 22.49 -18.53 26.90
N GLU D 837 22.08 -19.24 27.94
CA GLU D 837 22.52 -20.60 28.14
C GLU D 837 21.89 -21.56 27.14
N GLY D 838 20.76 -21.18 26.55
CA GLY D 838 20.11 -22.00 25.56
C GLY D 838 19.12 -22.97 26.17
N LEU D 839 17.86 -22.85 25.76
CA LEU D 839 16.83 -23.72 26.30
C LEU D 839 17.09 -25.17 25.91
N SER D 840 16.39 -26.07 26.59
CA SER D 840 16.35 -27.48 26.22
C SER D 840 15.22 -27.70 25.21
N VAL D 841 15.11 -28.90 24.67
CA VAL D 841 14.14 -29.15 23.62
C VAL D 841 12.72 -28.98 24.14
N LEU D 842 12.36 -29.75 25.16
CA LEU D 842 11.02 -29.65 25.73
C LEU D 842 10.75 -28.25 26.28
N GLU D 843 11.78 -27.61 26.83
CA GLU D 843 11.59 -26.26 27.36
C GLU D 843 11.23 -25.30 26.24
N TYR D 844 11.92 -25.43 25.11
CA TYR D 844 11.61 -24.58 23.98
C TYR D 844 10.20 -24.91 23.52
N PHE D 845 9.85 -26.19 23.55
CA PHE D 845 8.53 -26.60 23.13
C PHE D 845 7.44 -26.01 24.00
N ILE D 846 7.63 -26.03 25.32
CA ILE D 846 6.65 -25.41 26.22
C ILE D 846 6.55 -23.89 26.05
N SER D 847 7.68 -23.24 25.82
CA SER D 847 7.66 -21.79 25.61
C SER D 847 6.85 -21.48 24.38
N THR D 848 6.99 -22.31 23.35
CA THR D 848 6.25 -22.11 22.12
C THR D 848 4.74 -22.22 22.37
N HIS D 849 4.33 -23.13 23.26
CA HIS D 849 2.91 -23.23 23.60
C HIS D 849 2.35 -21.86 23.92
N GLY D 850 3.11 -21.05 24.65
CA GLY D 850 2.64 -19.72 24.97
C GLY D 850 2.86 -18.71 23.87
N ALA D 851 3.93 -18.88 23.09
CA ALA D 851 4.26 -17.88 22.08
C ALA D 851 3.18 -17.81 21.00
N ARG D 852 2.77 -18.96 20.46
CA ARG D 852 1.76 -18.93 19.40
C ARG D 852 0.44 -18.39 19.92
N LYS D 853 0.13 -18.74 21.17
CA LYS D 853 -1.11 -18.26 21.77
C LYS D 853 -1.08 -16.76 21.79
N GLY D 854 0.07 -16.20 22.15
CA GLY D 854 0.18 -14.76 22.21
C GLY D 854 -0.02 -14.11 20.86
N LEU D 855 0.55 -14.69 19.81
CA LEU D 855 0.37 -14.15 18.47
C LEU D 855 -1.09 -14.23 18.02
N ALA D 856 -1.73 -15.34 18.30
CA ALA D 856 -3.13 -15.49 17.94
C ALA D 856 -3.95 -14.47 18.70
N ASP D 857 -3.64 -14.30 19.97
CA ASP D 857 -4.38 -13.36 20.79
C ASP D 857 -4.22 -11.95 20.26
N THR D 858 -3.01 -11.57 19.91
CA THR D 858 -2.79 -10.20 19.47
C THR D 858 -3.58 -9.93 18.19
N ALA D 859 -3.54 -10.88 17.27
CA ALA D 859 -4.24 -10.69 16.00
C ALA D 859 -5.71 -10.46 16.27
N LEU D 860 -6.25 -11.12 17.29
CA LEU D 860 -7.66 -10.97 17.63
C LEU D 860 -7.91 -9.63 18.31
N ARG D 861 -7.00 -9.22 19.20
CA ARG D 861 -7.22 -7.97 19.92
C ARG D 861 -7.11 -6.77 18.98
N THR D 862 -6.24 -6.83 17.97
CA THR D 862 -6.25 -5.78 16.95
C THR D 862 -7.59 -5.72 16.25
N ALA D 863 -8.15 -6.88 15.88
CA ALA D 863 -9.45 -6.87 15.21
C ALA D 863 -10.51 -6.22 16.09
N ASP D 864 -10.59 -6.63 17.36
CA ASP D 864 -11.60 -6.09 18.24
C ASP D 864 -11.38 -4.60 18.50
N SER D 865 -10.11 -4.18 18.59
CA SER D 865 -9.82 -2.77 18.82
C SER D 865 -10.26 -1.93 17.63
N GLY D 866 -10.04 -2.42 16.41
CA GLY D 866 -10.54 -1.70 15.25
C GLY D 866 -12.05 -1.57 15.27
N TYR D 867 -12.74 -2.66 15.59
CA TYR D 867 -14.19 -2.60 15.68
C TYR D 867 -14.64 -1.58 16.72
N LEU D 868 -14.00 -1.60 17.89
CA LEU D 868 -14.37 -0.68 18.95
C LEU D 868 -14.13 0.76 18.52
N THR D 869 -13.01 1.03 17.85
CA THR D 869 -12.74 2.38 17.40
C THR D 869 -13.80 2.85 16.44
N ARG D 870 -14.21 1.99 15.51
CA ARG D 870 -15.25 2.39 14.56
C ARG D 870 -16.55 2.72 15.28
N ARG D 871 -16.93 1.86 16.23
CA ARG D 871 -18.18 2.12 16.97
C ARG D 871 -18.09 3.44 17.71
N LEU D 872 -16.96 3.69 18.38
CA LEU D 872 -16.81 4.90 19.16
C LEU D 872 -16.87 6.14 18.26
N VAL D 873 -16.19 6.11 17.12
CA VAL D 873 -16.22 7.25 16.22
C VAL D 873 -17.63 7.49 15.72
N ASP D 874 -18.34 6.42 15.36
CA ASP D 874 -19.70 6.59 14.89
C ASP D 874 -20.57 7.26 15.97
N VAL D 875 -20.59 6.68 17.17
CA VAL D 875 -21.46 7.24 18.21
C VAL D 875 -21.00 8.61 18.64
N SER D 876 -19.72 8.91 18.51
CA SER D 876 -19.14 10.13 19.05
C SER D 876 -19.20 11.31 18.09
N GLN D 877 -19.58 11.07 16.84
CA GLN D 877 -19.69 12.15 15.87
C GLN D 877 -20.91 13.01 16.15
N ASP D 878 -20.98 14.19 15.53
CA ASP D 878 -22.10 15.12 15.72
C ASP D 878 -21.94 15.88 17.02
N VAL D 879 -20.85 15.66 17.73
CA VAL D 879 -20.58 16.45 18.92
C VAL D 879 -19.47 17.38 18.51
N ILE D 880 -19.82 18.63 18.24
CA ILE D 880 -18.85 19.60 17.77
C ILE D 880 -19.00 20.82 18.67
N ILE D 881 -17.93 21.56 18.87
CA ILE D 881 -17.99 22.70 19.78
C ILE D 881 -18.59 23.87 19.02
N ARG D 882 -19.76 24.36 19.47
CA ARG D 882 -20.53 25.36 18.75
C ARG D 882 -20.99 26.51 19.63
N GLU D 883 -20.22 26.87 20.66
CA GLU D 883 -20.52 28.04 21.46
C GLU D 883 -19.29 28.46 22.23
N GLU D 884 -19.03 29.77 22.24
CA GLU D 884 -17.83 30.28 22.90
C GLU D 884 -17.87 30.01 24.39
N ASP D 885 -19.00 30.28 25.04
CA ASP D 885 -19.09 30.15 26.49
C ASP D 885 -20.48 29.67 26.91
N CYS D 886 -20.47 28.80 27.91
CA CYS D 886 -21.70 28.20 28.43
C CYS D 886 -22.52 29.28 29.12
N GLY D 887 -23.81 28.99 29.28
CA GLY D 887 -24.68 29.93 29.96
C GLY D 887 -24.74 29.72 31.46
N THR D 888 -24.24 28.59 31.94
CA THR D 888 -24.45 28.14 33.31
C THR D 888 -23.18 28.26 34.14
N GLU D 889 -23.31 27.90 35.41
CA GLU D 889 -22.23 27.92 36.38
C GLU D 889 -22.03 26.59 37.08
N ARG D 890 -22.98 25.66 36.96
CA ARG D 890 -22.86 24.35 37.60
C ARG D 890 -21.60 23.64 37.12
N GLY D 891 -20.88 23.04 38.05
CA GLY D 891 -19.63 22.35 37.75
C GLY D 891 -19.65 20.88 38.10
N LEU D 892 -18.53 20.36 38.57
CA LEU D 892 -18.41 18.97 38.98
C LEU D 892 -17.37 18.87 40.08
N LYS D 893 -17.66 18.10 41.12
CA LYS D 893 -16.77 17.99 42.27
C LYS D 893 -15.77 16.86 42.04
N LEU D 894 -14.48 17.19 42.01
CA LEU D 894 -13.42 16.23 41.80
C LEU D 894 -12.41 16.28 42.95
N PRO D 895 -11.72 15.16 43.21
CA PRO D 895 -10.72 15.14 44.30
C PRO D 895 -9.40 15.74 43.84
N ILE D 896 -9.11 16.95 44.31
CA ILE D 896 -7.83 17.57 44.01
C ILE D 896 -6.70 16.79 44.64
N ALA D 897 -6.90 16.35 45.88
CA ALA D 897 -5.85 15.73 46.68
C ALA D 897 -6.47 14.68 47.57
N THR D 898 -5.80 13.55 47.71
CA THR D 898 -6.29 12.45 48.53
C THR D 898 -5.12 11.64 49.04
N ARG D 899 -5.42 10.65 49.87
CA ARG D 899 -4.40 9.85 50.56
C ARG D 899 -3.46 10.77 51.34
N ASP D 900 -4.06 11.68 52.11
CA ASP D 900 -3.29 12.64 52.90
C ASP D 900 -2.80 11.94 54.16
N ALA D 901 -1.49 11.66 54.22
CA ALA D 901 -0.92 11.05 55.40
C ALA D 901 -1.12 11.96 56.61
N ASP D 902 -0.93 11.39 57.79
CA ASP D 902 -1.19 12.11 59.02
C ASP D 902 -0.32 13.35 59.12
N GLY D 903 -0.95 14.49 59.41
CA GLY D 903 -0.21 15.73 59.56
C GLY D 903 0.33 16.30 58.28
N THR D 904 -0.21 15.91 57.13
CA THR D 904 0.27 16.42 55.86
C THR D 904 -0.80 16.23 54.79
N LEU D 905 -0.63 16.97 53.69
CA LEU D 905 -1.54 16.93 52.55
C LEU D 905 -0.80 16.34 51.35
N ARG D 906 -1.39 15.31 50.75
CA ARG D 906 -0.80 14.62 49.60
C ARG D 906 -1.75 14.71 48.42
N LYS D 907 -1.23 15.15 47.28
CA LYS D 907 -2.04 15.30 46.08
C LYS D 907 -2.41 13.92 45.52
N ALA D 908 -3.43 13.93 44.66
CA ALA D 908 -3.90 12.69 44.06
C ALA D 908 -2.83 12.09 43.16
N GLU D 909 -2.73 10.76 43.20
CA GLU D 909 -1.73 10.07 42.39
C GLU D 909 -2.00 10.24 40.90
N ASP D 910 -3.27 10.21 40.50
CA ASP D 910 -3.69 10.30 39.11
C ASP D 910 -4.33 11.65 38.83
N VAL D 911 -3.79 12.71 39.42
CA VAL D 911 -4.38 14.03 39.33
C VAL D 911 -4.38 14.54 37.88
N GLU D 912 -3.38 14.15 37.09
CA GLU D 912 -3.28 14.69 35.73
C GLU D 912 -4.47 14.27 34.87
N THR D 913 -4.75 12.97 34.81
CA THR D 913 -5.77 12.51 33.88
C THR D 913 -7.17 12.97 34.26
N SER D 914 -7.38 13.36 35.52
CA SER D 914 -8.72 13.72 36.00
C SER D 914 -8.97 15.22 35.93
N VAL D 915 -8.14 16.02 36.59
CA VAL D 915 -8.45 17.40 36.87
C VAL D 915 -7.62 18.40 36.05
N TYR D 916 -6.40 18.03 35.63
CA TYR D 916 -5.66 18.91 34.74
C TYR D 916 -6.45 19.17 33.47
N ALA D 917 -6.14 20.28 32.81
CA ALA D 917 -6.83 20.68 31.60
C ALA D 917 -8.34 20.80 31.82
N ARG D 918 -8.72 21.28 33.00
CA ARG D 918 -10.10 21.59 33.33
C ARG D 918 -10.13 23.03 33.84
N MET D 919 -11.28 23.68 33.70
CA MET D 919 -11.42 25.08 34.06
C MET D 919 -12.42 25.23 35.21
N LEU D 920 -11.94 25.81 36.32
CA LEU D 920 -12.75 25.92 37.54
C LEU D 920 -14.03 26.69 37.27
N ALA D 921 -15.16 26.13 37.71
CA ALA D 921 -16.43 26.82 37.51
C ALA D 921 -16.46 28.14 38.26
N GLU D 922 -15.94 28.16 39.49
CA GLU D 922 -15.98 29.33 40.35
C GLU D 922 -14.66 29.46 41.09
N ASP D 923 -14.36 30.67 41.52
CA ASP D 923 -13.15 30.93 42.30
C ASP D 923 -13.19 30.14 43.61
N VAL D 924 -12.05 30.12 44.28
CA VAL D 924 -11.90 29.43 45.56
C VAL D 924 -11.24 30.38 46.54
N VAL D 925 -11.82 30.50 47.74
CA VAL D 925 -11.26 31.29 48.82
C VAL D 925 -11.08 30.37 50.02
N ILE D 926 -9.86 30.36 50.57
CA ILE D 926 -9.53 29.51 51.70
C ILE D 926 -9.12 30.33 52.92
N ASP D 927 -8.34 31.40 52.72
CA ASP D 927 -8.00 32.34 53.77
C ASP D 927 -8.78 33.65 53.62
N GLY D 928 -9.93 33.59 52.98
CA GLY D 928 -10.67 34.79 52.61
C GLY D 928 -10.17 35.46 51.34
N LYS D 929 -9.13 34.92 50.73
CA LYS D 929 -8.52 35.50 49.53
C LYS D 929 -8.61 34.50 48.39
N VAL D 930 -8.87 34.99 47.18
CA VAL D 930 -8.99 34.12 46.03
C VAL D 930 -7.63 33.50 45.72
N ILE D 931 -7.60 32.18 45.53
CA ILE D 931 -6.38 31.45 45.19
C ILE D 931 -6.35 31.12 43.71
N ALA D 932 -7.35 30.39 43.21
CA ALA D 932 -7.43 30.02 41.80
C ALA D 932 -8.57 30.79 41.16
N PRO D 933 -8.33 31.70 40.21
CA PRO D 933 -9.45 32.40 39.59
C PRO D 933 -10.26 31.49 38.69
N ALA D 934 -11.50 31.89 38.45
CA ALA D 934 -12.43 31.08 37.69
C ALA D 934 -12.10 31.13 36.19
N ASN D 935 -12.51 30.07 35.49
CA ASN D 935 -12.35 29.99 34.04
C ASN D 935 -10.87 30.04 33.64
N VAL D 936 -10.04 29.38 34.44
CA VAL D 936 -8.61 29.29 34.19
C VAL D 936 -8.22 27.83 34.21
N ASP D 937 -7.61 27.35 33.13
CA ASP D 937 -7.12 25.99 33.09
C ASP D 937 -6.04 25.79 34.14
N LEU D 938 -6.01 24.60 34.72
CA LEU D 938 -5.13 24.31 35.85
C LEU D 938 -3.82 23.70 35.35
N GLY D 939 -2.74 24.01 36.06
CA GLY D 939 -1.43 23.48 35.74
C GLY D 939 -0.66 23.10 36.98
N ASP D 940 0.66 22.92 36.84
CA ASP D 940 1.48 22.49 37.97
C ASP D 940 1.49 23.54 39.07
N VAL D 941 1.69 24.81 38.71
CA VAL D 941 1.81 25.85 39.71
C VAL D 941 0.52 26.00 40.50
N LEU D 942 -0.62 26.04 39.79
CA LEU D 942 -1.89 26.27 40.48
C LEU D 942 -2.28 25.08 41.33
N ILE D 943 -2.09 23.85 40.82
CA ILE D 943 -2.47 22.68 41.60
C ILE D 943 -1.57 22.57 42.82
N ASP D 944 -0.27 22.86 42.66
CA ASP D 944 0.64 22.86 43.79
C ASP D 944 0.22 23.87 44.83
N ALA D 945 -0.13 25.08 44.40
CA ALA D 945 -0.58 26.09 45.35
C ALA D 945 -1.84 25.66 46.08
N LEU D 946 -2.78 25.04 45.36
CA LEU D 946 -4.05 24.69 45.99
C LEU D 946 -3.88 23.54 46.98
N VAL D 947 -3.00 22.57 46.68
CA VAL D 947 -2.73 21.52 47.66
C VAL D 947 -1.98 22.10 48.85
N ALA D 948 -1.09 23.06 48.59
CA ALA D 948 -0.37 23.71 49.69
C ALA D 948 -1.32 24.41 50.63
N HIS D 949 -2.31 25.12 50.09
CA HIS D 949 -3.29 25.81 50.93
C HIS D 949 -4.15 24.83 51.70
N GLY D 950 -4.23 23.58 51.29
CA GLY D 950 -4.90 22.56 52.04
C GLY D 950 -6.32 22.24 51.62
N VAL D 951 -6.79 22.78 50.49
CA VAL D 951 -8.12 22.42 50.01
C VAL D 951 -8.13 20.95 49.63
N GLU D 952 -9.19 20.25 50.04
CA GLU D 952 -9.28 18.81 49.86
C GLU D 952 -10.06 18.40 48.62
N GLU D 953 -10.88 19.29 48.05
CA GLU D 953 -11.66 19.00 46.86
C GLU D 953 -11.51 20.17 45.90
N VAL D 954 -12.14 20.05 44.73
CA VAL D 954 -12.17 21.16 43.78
C VAL D 954 -13.42 21.02 42.93
N LYS D 955 -13.89 22.14 42.39
CA LYS D 955 -15.07 22.18 41.53
C LYS D 955 -14.63 22.63 40.15
N THR D 956 -14.61 21.67 39.21
CA THR D 956 -14.19 21.92 37.84
C THR D 956 -15.39 21.87 36.92
N ARG D 957 -15.53 22.90 36.08
CA ARG D 957 -16.50 22.85 35.00
C ARG D 957 -16.10 21.75 34.02
N SER D 958 -17.10 21.09 33.45
CA SER D 958 -16.82 19.95 32.59
C SER D 958 -17.97 19.72 31.63
N ILE D 959 -17.71 18.93 30.61
CA ILE D 959 -18.68 18.69 29.54
C ILE D 959 -19.94 18.02 30.09
N LEU D 960 -19.83 17.22 31.15
CA LEU D 960 -20.99 16.51 31.66
C LEU D 960 -22.09 17.47 32.07
N THR D 961 -21.74 18.54 32.77
CA THR D 961 -22.71 19.51 33.25
C THR D 961 -23.00 20.60 32.23
N CYS D 962 -22.55 20.44 30.99
CA CYS D 962 -22.81 21.47 29.98
C CYS D 962 -24.29 21.70 29.81
N GLU D 963 -24.68 22.97 29.80
CA GLU D 963 -26.04 23.40 29.44
C GLU D 963 -25.89 24.41 28.31
N SER D 964 -25.76 23.91 27.08
CA SER D 964 -25.63 24.73 25.89
C SER D 964 -26.80 24.46 24.97
N GLN D 965 -27.42 25.54 24.48
CA GLN D 965 -28.56 25.39 23.58
C GLN D 965 -28.16 24.72 22.27
N VAL D 966 -26.88 24.77 21.90
CA VAL D 966 -26.38 24.17 20.68
C VAL D 966 -25.12 23.38 21.04
N GLY D 967 -25.21 22.06 20.96
CA GLY D 967 -24.03 21.23 21.17
C GLY D 967 -23.42 21.45 22.54
N THR D 968 -22.11 21.67 22.55
CA THR D 968 -21.36 21.85 23.78
C THR D 968 -20.39 23.02 23.61
N CYS D 969 -20.31 23.85 24.64
CA CYS D 969 -19.48 25.03 24.57
C CYS D 969 -18.00 24.69 24.72
N ALA D 970 -17.16 25.64 24.33
CA ALA D 970 -15.72 25.49 24.52
C ALA D 970 -15.33 25.55 25.99
N MET D 971 -16.01 26.38 26.76
CA MET D 971 -15.61 26.56 28.15
C MET D 971 -15.73 25.27 28.94
N CYS D 972 -16.80 24.51 28.70
CA CYS D 972 -17.02 23.30 29.47
C CYS D 972 -16.04 22.21 29.07
N TYR D 973 -15.74 22.09 27.77
CA TYR D 973 -14.77 21.11 27.33
C TYR D 973 -13.37 21.42 27.83
N GLY D 974 -13.09 22.66 28.20
CA GLY D 974 -11.77 22.99 28.63
C GLY D 974 -10.80 22.97 27.47
N ARG D 975 -9.55 23.26 27.78
CA ARG D 975 -8.53 23.34 26.75
C ARG D 975 -8.32 21.98 26.09
N SER D 976 -8.07 22.01 24.78
CA SER D 976 -7.64 20.80 24.09
C SER D 976 -6.28 20.37 24.61
N LEU D 977 -5.80 19.25 24.11
CA LEU D 977 -4.56 18.66 24.57
C LEU D 977 -3.47 18.58 23.51
N ALA D 978 -3.84 18.42 22.24
CA ALA D 978 -2.83 18.38 21.19
C ALA D 978 -2.18 19.73 20.93
N THR D 979 -2.77 20.82 21.43
CA THR D 979 -2.25 22.16 21.20
C THR D 979 -1.84 22.89 22.47
N GLY D 980 -2.36 22.51 23.62
CA GLY D 980 -2.03 23.21 24.85
C GLY D 980 -2.66 24.58 24.98
N LYS D 981 -3.77 24.82 24.27
CA LYS D 981 -4.47 26.09 24.32
C LYS D 981 -5.97 25.80 24.38
N LEU D 982 -6.75 26.84 24.70
CA LEU D 982 -8.20 26.70 24.73
C LEU D 982 -8.70 26.13 23.41
N VAL D 983 -9.67 25.21 23.51
CA VAL D 983 -10.20 24.56 22.32
C VAL D 983 -10.84 25.60 21.41
N ASP D 984 -10.58 25.47 20.11
CA ASP D 984 -11.14 26.40 19.14
C ASP D 984 -12.62 26.09 18.90
N ILE D 985 -13.36 27.12 18.51
CA ILE D 985 -14.76 26.91 18.17
C ILE D 985 -14.85 26.09 16.90
N GLY D 986 -15.73 25.09 16.90
CA GLY D 986 -15.97 24.26 15.74
C GLY D 986 -15.10 23.03 15.65
N GLU D 987 -14.16 22.84 16.57
CA GLU D 987 -13.35 21.63 16.54
C GLU D 987 -14.22 20.42 16.83
N ALA D 988 -13.79 19.26 16.32
CA ALA D 988 -14.54 18.01 16.47
C ALA D 988 -13.97 17.23 17.65
N VAL D 989 -14.49 17.50 18.84
CA VAL D 989 -14.03 16.80 20.03
C VAL D 989 -14.41 15.32 19.96
N GLY D 990 -15.57 15.01 19.39
CA GLY D 990 -16.06 13.64 19.44
C GLY D 990 -15.14 12.65 18.76
N ILE D 991 -14.72 12.95 17.53
CA ILE D 991 -13.86 12.02 16.81
C ILE D 991 -12.51 11.93 17.50
N ILE D 992 -12.02 13.04 18.05
CA ILE D 992 -10.74 13.01 18.75
C ILE D 992 -10.83 12.10 19.96
N ALA D 993 -11.90 12.21 20.74
CA ALA D 993 -12.07 11.35 21.91
C ALA D 993 -12.17 9.90 21.50
N ALA D 994 -12.96 9.62 20.46
CA ALA D 994 -13.10 8.23 20.01
C ALA D 994 -11.76 7.67 19.56
N GLN D 995 -11.01 8.44 18.77
CA GLN D 995 -9.72 7.96 18.28
C GLN D 995 -8.76 7.72 19.43
N SER D 996 -8.72 8.63 20.41
CA SER D 996 -7.81 8.44 21.53
C SER D 996 -8.20 7.24 22.38
N ILE D 997 -9.49 6.99 22.55
CA ILE D 997 -9.92 5.85 23.37
C ILE D 997 -9.67 4.55 22.63
N GLY D 998 -9.78 4.57 21.30
CA GLY D 998 -9.60 3.35 20.53
C GLY D 998 -8.16 3.04 20.20
N GLU D 999 -7.29 4.05 20.26
CA GLU D 999 -5.89 3.84 19.92
C GLU D 999 -5.23 2.76 20.76
N PRO D 1000 -5.31 2.77 22.09
CA PRO D 1000 -4.64 1.75 22.89
C PRO D 1000 -5.33 0.39 22.92
N GLY D 1001 -6.38 0.20 22.13
CA GLY D 1001 -7.04 -1.09 22.11
C GLY D 1001 -6.10 -2.22 21.73
N THR D 1002 -5.26 -1.98 20.73
CA THR D 1002 -4.24 -2.97 20.37
C THR D 1002 -3.17 -3.07 21.44
N GLN D 1003 -2.85 -1.98 22.11
CA GLN D 1003 -1.76 -1.96 23.07
C GLN D 1003 -2.12 -2.61 24.40
N LEU D 1004 -3.41 -2.77 24.70
CA LEU D 1004 -3.82 -3.32 25.99
C LEU D 1004 -3.25 -4.71 26.19
N THR D 1005 -3.72 -5.67 25.38
CA THR D 1005 -3.22 -7.06 25.40
C THR D 1005 -3.06 -7.62 26.80
N MET D 1006 -4.10 -7.57 27.61
CA MET D 1006 -4.12 -8.18 28.94
C MET D 1006 -5.24 -9.19 29.06
N ARG D 1007 -4.96 -10.27 29.78
CA ARG D 1007 -5.90 -11.36 30.02
C ARG D 1007 -5.52 -12.01 31.35
N THR D 1008 -6.51 -12.64 31.98
CA THR D 1008 -6.24 -13.36 33.23
C THR D 1008 -5.16 -14.42 32.98
N PHE D 1009 -4.16 -14.44 33.86
CA PHE D 1009 -3.05 -15.37 33.69
C PHE D 1009 -3.53 -16.80 33.73
N HIS D 1010 -4.40 -17.12 34.68
CA HIS D 1010 -4.94 -18.48 34.80
C HIS D 1010 -6.34 -18.39 35.38
N THR D 1011 -7.24 -19.22 34.83
CA THR D 1011 -8.62 -19.21 35.29
C THR D 1011 -8.74 -19.64 36.75
N GLY D 1012 -7.78 -20.42 37.24
CA GLY D 1012 -7.81 -20.89 38.61
C GLY D 1012 -8.73 -22.06 38.86
N GLY D 1013 -9.25 -22.70 37.80
CA GLY D 1013 -10.15 -23.81 37.95
C GLY D 1013 -11.59 -23.45 38.23
N VAL D 1014 -11.92 -22.16 38.25
CA VAL D 1014 -13.28 -21.68 38.53
C VAL D 1014 -13.71 -20.78 37.38
N ALA D 1015 -14.92 -20.98 36.87
CA ALA D 1015 -15.43 -20.14 35.81
C ALA D 1015 -16.43 -19.13 36.36
N GLY D 1016 -16.27 -17.86 36.01
CA GLY D 1016 -17.19 -16.83 36.47
C GLY D 1016 -16.79 -16.10 37.72
N ASP D 1017 -15.81 -16.60 38.45
CA ASP D 1017 -15.32 -15.89 39.64
C ASP D 1017 -14.62 -14.58 39.28
N ASP D 1018 -13.82 -14.59 38.22
CA ASP D 1018 -13.07 -13.39 37.84
C ASP D 1018 -13.73 -12.70 36.67
N ILE D 1019 -14.13 -11.44 36.86
CA ILE D 1019 -14.86 -10.73 35.82
C ILE D 1019 -14.02 -10.42 34.59
N THR D 1020 -14.66 -10.34 33.43
CA THR D 1020 -13.96 -10.03 32.18
C THR D 1020 -12.84 -9.01 32.33
N GLN D 1021 -11.67 -9.33 31.81
CA GLN D 1021 -10.53 -8.43 31.89
C GLN D 1021 -10.19 -7.90 30.51
N GLY D 1022 -9.71 -6.65 30.49
CA GLY D 1022 -9.16 -6.09 29.26
C GLY D 1022 -10.20 -5.50 28.33
N LEU D 1023 -9.87 -5.50 27.05
CA LEU D 1023 -10.74 -4.89 26.03
C LEU D 1023 -12.16 -5.42 26.06
N PRO D 1024 -12.41 -6.72 26.26
CA PRO D 1024 -13.81 -7.16 26.46
C PRO D 1024 -14.51 -6.41 27.56
N ARG D 1025 -13.82 -6.14 28.68
CA ARG D 1025 -14.43 -5.37 29.75
C ARG D 1025 -14.72 -3.94 29.28
N VAL D 1026 -13.80 -3.37 28.50
CA VAL D 1026 -14.00 -2.00 28.02
C VAL D 1026 -15.26 -1.92 27.18
N VAL D 1027 -15.41 -2.83 26.21
CA VAL D 1027 -16.61 -2.80 25.39
C VAL D 1027 -17.84 -3.10 26.23
N GLU D 1028 -17.71 -3.97 27.23
CA GLU D 1028 -18.83 -4.28 28.10
C GLU D 1028 -19.33 -3.02 28.80
N LEU D 1029 -18.40 -2.23 29.35
CA LEU D 1029 -18.78 -0.94 29.91
C LEU D 1029 -19.41 -0.03 28.88
N PHE D 1030 -18.90 -0.05 27.65
CA PHE D 1030 -19.40 0.87 26.62
C PHE D 1030 -20.68 0.41 25.96
N GLU D 1031 -21.07 -0.86 26.11
CA GLU D 1031 -22.25 -1.39 25.43
C GLU D 1031 -23.49 -1.43 26.31
N ALA D 1032 -23.43 -0.91 27.53
CA ALA D 1032 -24.51 -1.05 28.49
C ALA D 1032 -24.80 -2.52 28.78
N ARG D 1033 -23.78 -3.35 28.65
CA ARG D 1033 -23.96 -4.79 28.77
C ARG D 1033 -23.86 -5.22 30.23
N THR D 1034 -24.75 -6.10 30.64
CA THR D 1034 -24.71 -6.61 32.00
C THR D 1034 -23.38 -7.34 32.21
N PRO D 1035 -22.58 -6.96 33.21
CA PRO D 1035 -21.28 -7.62 33.38
C PRO D 1035 -21.46 -9.11 33.61
N LYS D 1036 -20.45 -9.88 33.19
CA LYS D 1036 -20.52 -11.33 33.32
C LYS D 1036 -20.75 -11.73 34.76
N GLY D 1037 -19.96 -11.18 35.69
CA GLY D 1037 -20.18 -11.39 37.10
C GLY D 1037 -20.91 -10.22 37.73
N VAL D 1038 -22.20 -10.41 38.03
CA VAL D 1038 -23.06 -9.34 38.51
C VAL D 1038 -23.32 -9.54 40.00
N ALA D 1039 -23.02 -8.51 40.78
CA ALA D 1039 -23.35 -8.47 42.19
C ALA D 1039 -24.48 -7.45 42.38
N PRO D 1040 -25.70 -7.86 42.75
CA PRO D 1040 -26.77 -6.87 42.96
C PRO D 1040 -26.36 -5.80 43.96
N ILE D 1041 -27.15 -4.73 44.01
CA ILE D 1041 -26.91 -3.61 44.92
C ILE D 1041 -28.09 -3.51 45.88
N SER D 1042 -27.79 -3.14 47.11
CA SER D 1042 -28.83 -2.94 48.11
C SER D 1042 -29.78 -1.84 47.67
N GLU D 1043 -31.08 -2.06 47.88
CA GLU D 1043 -32.08 -1.07 47.50
C GLU D 1043 -32.03 0.13 48.44
N ALA D 1044 -31.97 -0.11 49.74
CA ALA D 1044 -31.98 0.96 50.74
C ALA D 1044 -31.53 0.35 52.07
N SER D 1045 -31.64 1.14 53.14
CA SER D 1045 -31.22 0.66 54.45
C SER D 1045 -32.23 -0.32 55.02
N GLY D 1046 -31.74 -1.19 55.90
CA GLY D 1046 -32.59 -2.19 56.51
C GLY D 1046 -31.77 -3.32 57.09
N ARG D 1047 -32.47 -4.42 57.37
CA ARG D 1047 -31.87 -5.62 57.96
C ARG D 1047 -31.71 -6.67 56.86
N VAL D 1048 -30.48 -7.15 56.70
CA VAL D 1048 -30.16 -8.13 55.67
C VAL D 1048 -29.82 -9.46 56.34
N ARG D 1049 -30.29 -10.56 55.76
CA ARG D 1049 -30.04 -11.88 56.30
C ARG D 1049 -30.02 -12.88 55.15
N ILE D 1050 -29.61 -14.11 55.47
CA ILE D 1050 -29.32 -15.13 54.47
C ILE D 1050 -30.18 -16.35 54.74
N GLU D 1051 -30.74 -16.91 53.68
CA GLU D 1051 -31.48 -18.18 53.71
C GLU D 1051 -30.69 -19.17 52.87
N GLU D 1052 -30.13 -20.17 53.52
CA GLU D 1052 -29.29 -21.17 52.84
C GLU D 1052 -30.13 -22.38 52.45
N THR D 1053 -31.10 -22.14 51.58
CA THR D 1053 -31.96 -23.21 51.11
C THR D 1053 -31.13 -24.25 50.34
N GLU D 1054 -31.51 -25.52 50.50
CA GLU D 1054 -30.75 -26.60 49.89
C GLU D 1054 -30.74 -26.47 48.37
N LYS D 1055 -31.87 -26.09 47.79
CA LYS D 1055 -31.93 -25.95 46.34
C LYS D 1055 -30.97 -24.87 45.84
N THR D 1056 -30.90 -23.74 46.54
CA THR D 1056 -30.04 -22.63 46.14
C THR D 1056 -29.99 -21.61 47.27
N LYS D 1057 -28.87 -20.91 47.38
CA LYS D 1057 -28.74 -19.86 48.38
C LYS D 1057 -29.65 -18.69 48.04
N LYS D 1058 -29.88 -17.84 49.04
CA LYS D 1058 -30.89 -16.80 48.92
C LYS D 1058 -30.58 -15.71 49.95
N ILE D 1059 -30.83 -14.45 49.60
CA ILE D 1059 -30.52 -13.33 50.49
C ILE D 1059 -31.74 -12.42 50.58
N VAL D 1060 -32.23 -12.20 51.79
CA VAL D 1060 -33.49 -11.50 52.04
C VAL D 1060 -33.17 -10.26 52.85
N VAL D 1061 -33.61 -9.09 52.38
CA VAL D 1061 -33.38 -7.84 53.09
C VAL D 1061 -34.72 -7.15 53.30
N THR D 1062 -35.04 -6.85 54.55
CA THR D 1062 -36.21 -6.07 54.89
C THR D 1062 -35.77 -4.63 55.04
N PRO D 1063 -36.14 -3.71 54.15
CA PRO D 1063 -35.72 -2.32 54.31
C PRO D 1063 -36.30 -1.73 55.59
N ASP D 1064 -35.53 -0.83 56.20
CA ASP D 1064 -35.99 -0.16 57.40
C ASP D 1064 -37.17 0.75 57.08
N ASP D 1065 -37.70 1.40 58.11
CA ASP D 1065 -38.80 2.34 57.99
C ASP D 1065 -40.10 1.68 57.53
N GLY D 1066 -40.20 0.36 57.66
CA GLY D 1066 -41.42 -0.35 57.32
C GLY D 1066 -41.67 -0.52 55.83
N SER D 1067 -40.70 -0.20 54.98
CA SER D 1067 -40.90 -0.36 53.55
C SER D 1067 -40.92 -1.85 53.18
N ASP D 1068 -41.31 -2.11 51.93
CA ASP D 1068 -41.58 -3.48 51.51
C ASP D 1068 -40.32 -4.34 51.57
N GLU D 1069 -40.46 -5.53 52.15
CA GLU D 1069 -39.39 -6.51 52.16
C GLU D 1069 -39.01 -6.88 50.74
N THR D 1070 -37.71 -7.08 50.50
CA THR D 1070 -37.20 -7.39 49.16
C THR D 1070 -36.29 -8.61 49.25
N ALA D 1071 -36.55 -9.59 48.39
CA ALA D 1071 -35.91 -10.89 48.43
C ALA D 1071 -35.10 -11.11 47.16
N PHE D 1072 -33.77 -11.05 47.28
CA PHE D 1072 -32.84 -11.16 46.14
C PHE D 1072 -32.25 -12.56 46.08
N PRO D 1073 -32.17 -13.19 44.90
CA PRO D 1073 -31.52 -14.49 44.79
C PRO D 1073 -30.01 -14.36 44.62
N ILE D 1074 -29.33 -15.49 44.84
CA ILE D 1074 -27.87 -15.56 44.74
C ILE D 1074 -27.48 -16.99 44.40
N SER D 1075 -26.27 -17.16 43.90
CA SER D 1075 -25.75 -18.47 43.57
C SER D 1075 -25.37 -19.23 44.84
N LYS D 1076 -25.22 -20.55 44.70
CA LYS D 1076 -24.87 -21.38 45.85
C LYS D 1076 -23.48 -21.05 46.37
N ARG D 1077 -22.56 -20.70 45.49
CA ARG D 1077 -21.23 -20.23 45.89
C ARG D 1077 -21.16 -18.71 45.92
N ALA D 1078 -22.05 -18.10 46.73
CA ALA D 1078 -22.19 -16.65 46.73
C ALA D 1078 -20.89 -15.97 47.15
N ARG D 1079 -20.22 -16.48 48.17
CA ARG D 1079 -19.00 -15.87 48.69
C ARG D 1079 -19.24 -14.44 49.15
N LEU D 1080 -20.41 -14.19 49.71
CA LEU D 1080 -20.82 -12.87 50.17
C LEU D 1080 -19.99 -12.46 51.39
N LEU D 1081 -20.15 -11.20 51.80
CA LEU D 1081 -19.42 -10.65 52.94
C LEU D 1081 -20.28 -9.85 53.92
N VAL D 1082 -21.48 -9.43 53.54
CA VAL D 1082 -22.31 -8.66 54.47
C VAL D 1082 -22.86 -9.57 55.55
N GLY D 1083 -22.90 -9.05 56.77
CA GLY D 1083 -23.36 -9.86 57.89
C GLY D 1083 -24.83 -10.18 57.80
N GLU D 1084 -25.21 -11.30 58.41
CA GLU D 1084 -26.59 -11.77 58.40
C GLU D 1084 -27.38 -11.08 59.50
N GLY D 1085 -28.61 -10.71 59.17
CA GLY D 1085 -29.45 -9.99 60.13
C GLY D 1085 -28.83 -8.70 60.60
N ASP D 1086 -28.13 -8.01 59.70
CA ASP D 1086 -27.32 -6.85 60.06
C ASP D 1086 -27.76 -5.63 59.26
N HIS D 1087 -27.26 -4.48 59.71
CA HIS D 1087 -27.56 -3.21 59.07
C HIS D 1087 -26.96 -3.17 57.67
N VAL D 1088 -27.74 -2.66 56.72
CA VAL D 1088 -27.30 -2.45 55.34
C VAL D 1088 -27.57 -0.99 55.00
N GLU D 1089 -26.81 -0.48 54.05
CA GLU D 1089 -26.97 0.88 53.55
C GLU D 1089 -27.42 0.84 52.09
N VAL D 1090 -27.70 2.02 51.55
CA VAL D 1090 -28.27 2.11 50.21
C VAL D 1090 -27.22 1.73 49.17
N GLY D 1091 -26.00 2.24 49.32
CA GLY D 1091 -25.01 2.15 48.26
C GLY D 1091 -24.13 0.92 48.25
N GLN D 1092 -24.10 0.15 49.33
CA GLN D 1092 -23.17 -0.97 49.37
C GLN D 1092 -23.60 -2.07 48.38
N LYS D 1093 -22.63 -2.87 47.97
CA LYS D 1093 -22.84 -4.01 47.08
C LYS D 1093 -22.89 -5.28 47.92
N LEU D 1094 -23.85 -6.14 47.62
CA LEU D 1094 -24.12 -7.27 48.51
C LEU D 1094 -23.00 -8.29 48.50
N THR D 1095 -22.48 -8.63 47.30
CA THR D 1095 -21.47 -9.67 47.17
C THR D 1095 -20.40 -9.19 46.21
N VAL D 1096 -19.43 -10.07 45.96
CA VAL D 1096 -18.32 -9.75 45.07
C VAL D 1096 -18.76 -9.92 43.63
N GLY D 1097 -18.24 -9.07 42.76
CA GLY D 1097 -18.59 -9.12 41.35
C GLY D 1097 -18.30 -7.78 40.68
N ALA D 1098 -19.10 -7.49 39.65
CA ALA D 1098 -19.05 -6.21 38.94
C ALA D 1098 -20.46 -5.64 38.88
N THR D 1099 -20.61 -4.40 39.33
CA THR D 1099 -21.93 -3.80 39.42
C THR D 1099 -22.55 -3.63 38.04
N ASN D 1100 -23.86 -3.83 37.99
CA ASN D 1100 -24.61 -3.61 36.75
C ASN D 1100 -24.91 -2.12 36.61
N PRO D 1101 -24.44 -1.44 35.56
CA PRO D 1101 -24.64 0.03 35.50
C PRO D 1101 -26.10 0.45 35.54
N HIS D 1102 -27.01 -0.40 35.09
CA HIS D 1102 -28.41 0.01 34.98
C HIS D 1102 -29.00 0.39 36.34
N ASP D 1103 -28.78 -0.46 37.35
CA ASP D 1103 -29.32 -0.12 38.67
C ASP D 1103 -28.57 1.07 39.27
N VAL D 1104 -27.27 1.17 39.00
CA VAL D 1104 -26.50 2.31 39.50
C VAL D 1104 -27.11 3.60 38.98
N LEU D 1105 -27.58 3.60 37.73
CA LEU D 1105 -28.34 4.75 37.24
C LEU D 1105 -29.69 4.84 37.95
N ARG D 1106 -30.37 3.70 38.12
CA ARG D 1106 -31.77 3.74 38.54
C ARG D 1106 -31.93 4.29 39.96
N ILE D 1107 -31.19 3.76 40.92
CA ILE D 1107 -31.31 4.19 42.31
C ILE D 1107 -30.36 5.33 42.64
N LEU D 1108 -29.06 5.12 42.45
CA LEU D 1108 -28.09 6.11 42.95
C LEU D 1108 -28.27 7.45 42.26
N GLY D 1109 -28.06 7.51 40.95
CA GLY D 1109 -28.20 8.74 40.20
C GLY D 1109 -27.24 8.79 39.03
N GLN D 1110 -27.49 9.75 38.12
CA GLN D 1110 -26.66 9.88 36.94
C GLN D 1110 -25.21 10.17 37.30
N ARG D 1111 -24.98 11.00 38.31
CA ARG D 1111 -23.61 11.33 38.70
C ARG D 1111 -22.87 10.08 39.14
N ALA D 1112 -23.53 9.21 39.91
CA ALA D 1112 -22.87 8.00 40.39
C ALA D 1112 -22.48 7.10 39.24
N VAL D 1113 -23.35 6.92 38.26
CA VAL D 1113 -23.01 6.03 37.15
C VAL D 1113 -21.91 6.64 36.31
N GLN D 1114 -21.93 7.96 36.12
CA GLN D 1114 -20.85 8.60 35.39
C GLN D 1114 -19.51 8.35 36.07
N VAL D 1115 -19.45 8.58 37.38
CA VAL D 1115 -18.22 8.36 38.13
C VAL D 1115 -17.80 6.90 38.05
N HIS D 1116 -18.77 5.99 38.19
CA HIS D 1116 -18.46 4.57 38.18
C HIS D 1116 -17.89 4.12 36.85
N LEU D 1117 -18.53 4.51 35.74
CA LEU D 1117 -18.04 4.14 34.42
C LEU D 1117 -16.65 4.72 34.18
N VAL D 1118 -16.47 6.00 34.49
CA VAL D 1118 -15.18 6.63 34.24
C VAL D 1118 -14.10 5.93 35.05
N GLY D 1119 -14.37 5.64 36.32
CA GLY D 1119 -13.40 4.97 37.14
C GLY D 1119 -13.08 3.57 36.64
N GLU D 1120 -14.10 2.81 36.25
CA GLU D 1120 -13.87 1.44 35.79
C GLU D 1120 -13.00 1.43 34.54
N VAL D 1121 -13.38 2.20 33.53
CA VAL D 1121 -12.61 2.19 32.30
C VAL D 1121 -11.22 2.76 32.53
N GLN D 1122 -11.09 3.77 33.39
CA GLN D 1122 -9.78 4.34 33.66
C GLN D 1122 -8.87 3.33 34.35
N LYS D 1123 -9.40 2.57 35.30
CA LYS D 1123 -8.56 1.57 35.97
C LYS D 1123 -8.23 0.44 35.01
N VAL D 1124 -9.15 0.09 34.11
CA VAL D 1124 -8.85 -0.93 33.10
C VAL D 1124 -7.67 -0.48 32.26
N TYR D 1125 -7.67 0.78 31.82
CA TYR D 1125 -6.56 1.27 31.03
C TYR D 1125 -5.28 1.36 31.85
N ASN D 1126 -5.37 1.88 33.07
CA ASN D 1126 -4.19 2.03 33.93
C ASN D 1126 -3.62 0.68 34.33
N SER D 1127 -4.38 -0.40 34.20
CA SER D 1127 -3.84 -1.73 34.41
C SER D 1127 -2.59 -1.96 33.59
N GLN D 1128 -2.58 -1.45 32.34
CA GLN D 1128 -1.35 -1.48 31.55
C GLN D 1128 -0.44 -0.33 31.96
N GLY D 1129 -0.93 0.91 31.83
CA GLY D 1129 -0.10 2.08 32.02
C GLY D 1129 -0.45 3.22 31.08
N VAL D 1130 -1.26 2.94 30.06
CA VAL D 1130 -1.74 4.01 29.20
C VAL D 1130 -2.62 4.94 30.01
N SER D 1131 -2.64 6.21 29.62
CA SER D 1131 -3.40 7.24 30.32
C SER D 1131 -4.20 8.03 29.31
N ILE D 1132 -5.51 8.00 29.43
CA ILE D 1132 -6.42 8.76 28.59
C ILE D 1132 -7.11 9.79 29.46
N HIS D 1133 -7.05 11.06 29.05
CA HIS D 1133 -7.65 12.12 29.83
C HIS D 1133 -9.15 11.87 29.98
N ASP D 1134 -9.66 12.16 31.18
CA ASP D 1134 -11.02 11.79 31.53
C ASP D 1134 -12.06 12.46 30.66
N LYS D 1135 -11.74 13.58 30.01
CA LYS D 1135 -12.72 14.23 29.15
C LYS D 1135 -13.11 13.35 27.98
N HIS D 1136 -12.13 12.61 27.43
CA HIS D 1136 -12.42 11.75 26.30
C HIS D 1136 -13.47 10.71 26.65
N ILE D 1137 -13.32 10.07 27.83
CA ILE D 1137 -14.34 9.15 28.30
C ILE D 1137 -15.64 9.91 28.55
N GLU D 1138 -15.54 11.09 29.17
CA GLU D 1138 -16.72 11.81 29.60
C GLU D 1138 -17.64 12.14 28.44
N ILE D 1139 -17.06 12.46 27.28
CA ILE D 1139 -17.91 12.80 26.12
C ILE D 1139 -18.77 11.60 25.74
N ILE D 1140 -18.16 10.42 25.61
CA ILE D 1140 -18.92 9.23 25.24
C ILE D 1140 -19.96 8.92 26.30
N ILE D 1141 -19.58 9.02 27.58
CA ILE D 1141 -20.52 8.67 28.65
C ILE D 1141 -21.68 9.64 28.66
N ARG D 1142 -21.44 10.91 28.34
CA ARG D 1142 -22.56 11.82 28.16
C ARG D 1142 -23.43 11.36 27.00
N GLN D 1143 -22.80 10.85 25.93
CA GLN D 1143 -23.56 10.45 24.76
C GLN D 1143 -24.44 9.24 25.05
N MET D 1144 -23.99 8.36 25.95
CA MET D 1144 -24.77 7.17 26.25
C MET D 1144 -26.00 7.49 27.08
N LEU D 1145 -25.92 8.48 27.95
CA LEU D 1145 -27.00 8.83 28.86
C LEU D 1145 -28.01 9.79 28.25
N ARG D 1146 -27.86 10.13 26.96
CA ARG D 1146 -28.66 11.22 26.39
C ARG D 1146 -30.15 10.92 26.44
N ARG D 1147 -30.54 9.69 26.09
CA ARG D 1147 -31.96 9.38 26.03
C ARG D 1147 -32.55 9.25 27.43
N VAL D 1148 -33.87 9.08 27.47
CA VAL D 1148 -34.63 8.89 28.71
C VAL D 1148 -35.83 8.00 28.37
N THR D 1149 -36.24 7.16 29.32
CA THR D 1149 -37.38 6.27 29.10
C THR D 1149 -38.63 6.94 29.66
N ILE D 1150 -39.64 7.11 28.82
CA ILE D 1150 -40.85 7.80 29.25
C ILE D 1150 -41.73 6.81 29.99
N ILE D 1151 -42.32 7.27 31.10
CA ILE D 1151 -43.20 6.47 31.93
C ILE D 1151 -44.42 7.32 32.29
N GLU D 1152 -45.58 6.67 32.37
CA GLU D 1152 -46.85 7.36 32.61
C GLU D 1152 -47.10 8.39 31.51
N SER D 1153 -47.21 7.89 30.29
CA SER D 1153 -47.39 8.73 29.11
C SER D 1153 -48.88 9.05 28.91
N GLY D 1154 -49.46 9.65 29.96
CA GLY D 1154 -50.86 10.00 29.93
C GLY D 1154 -51.15 11.31 29.22
N ASP D 1155 -50.55 12.40 29.72
CA ASP D 1155 -50.85 13.73 29.20
C ASP D 1155 -50.01 14.07 27.98
N ALA D 1156 -48.77 13.57 27.91
CA ALA D 1156 -47.91 13.86 26.77
C ALA D 1156 -48.45 13.29 25.48
N GLU D 1157 -49.32 12.28 25.54
CA GLU D 1157 -50.09 11.70 24.45
C GLU D 1157 -49.27 10.77 23.57
N LEU D 1158 -47.96 10.64 23.79
CA LEU D 1158 -47.16 9.70 23.03
C LEU D 1158 -47.13 8.35 23.75
N LEU D 1159 -46.32 7.42 23.26
CA LEU D 1159 -46.31 6.09 23.84
C LEU D 1159 -45.58 6.11 25.20
N PRO D 1160 -45.89 5.18 26.10
CA PRO D 1160 -45.06 5.00 27.29
C PRO D 1160 -43.97 3.96 27.05
N GLY D 1161 -42.90 4.11 27.80
CA GLY D 1161 -41.83 3.12 27.81
C GLY D 1161 -41.11 2.97 26.48
N GLU D 1162 -40.71 4.08 25.87
CA GLU D 1162 -39.82 4.05 24.73
C GLU D 1162 -38.76 5.13 24.90
N LEU D 1163 -37.60 4.90 24.29
CA LEU D 1163 -36.51 5.86 24.37
C LEU D 1163 -36.92 7.18 23.71
N VAL D 1164 -36.54 8.29 24.35
CA VAL D 1164 -36.81 9.62 23.81
C VAL D 1164 -35.64 10.51 24.20
N GLU D 1165 -35.20 11.35 23.26
CA GLU D 1165 -34.06 12.21 23.54
C GLU D 1165 -34.41 13.21 24.63
N ARG D 1166 -33.39 13.59 25.42
CA ARG D 1166 -33.62 14.46 26.56
C ARG D 1166 -34.22 15.80 26.13
N THR D 1167 -33.69 16.39 25.06
CA THR D 1167 -34.19 17.68 24.61
C THR D 1167 -35.66 17.60 24.23
N LYS D 1168 -36.04 16.56 23.50
CA LYS D 1168 -37.44 16.39 23.12
C LYS D 1168 -38.30 16.22 24.36
N PHE D 1169 -37.82 15.43 25.34
CA PHE D 1169 -38.57 15.26 26.58
C PHE D 1169 -38.81 16.60 27.26
N GLU D 1170 -37.77 17.42 27.38
CA GLU D 1170 -37.92 18.71 28.03
C GLU D 1170 -38.88 19.60 27.27
N THR D 1171 -38.78 19.62 25.94
CA THR D 1171 -39.66 20.45 25.13
C THR D 1171 -41.11 20.03 25.29
N GLU D 1172 -41.36 18.72 25.26
CA GLU D 1172 -42.72 18.22 25.41
C GLU D 1172 -43.28 18.52 26.79
N ASN D 1173 -42.45 18.37 27.83
CA ASN D 1173 -42.89 18.69 29.18
C ASN D 1173 -43.25 20.18 29.28
N ARG D 1174 -42.41 21.04 28.72
CA ARG D 1174 -42.71 22.47 28.74
C ARG D 1174 -44.00 22.77 27.99
N ARG D 1175 -44.18 22.13 26.83
CA ARG D 1175 -45.39 22.37 26.05
C ARG D 1175 -46.63 21.95 26.82
N VAL D 1176 -46.60 20.77 27.44
CA VAL D 1176 -47.81 20.27 28.10
C VAL D 1176 -48.10 21.08 29.35
N VAL D 1177 -47.07 21.46 30.12
CA VAL D 1177 -47.34 22.27 31.30
C VAL D 1177 -47.85 23.65 30.90
N GLN D 1178 -47.36 24.20 29.79
CA GLN D 1178 -47.92 25.43 29.29
C GLN D 1178 -49.39 25.25 28.90
N GLU D 1179 -49.70 24.12 28.28
CA GLU D 1179 -51.08 23.81 27.90
C GLU D 1179 -51.97 23.54 29.10
N GLY D 1180 -51.40 23.36 30.30
CA GLY D 1180 -52.15 23.10 31.50
C GLY D 1180 -52.17 21.64 31.91
N GLY D 1181 -51.84 20.73 31.00
CA GLY D 1181 -51.80 19.32 31.36
C GLY D 1181 -50.56 18.99 32.17
N HIS D 1182 -50.71 18.06 33.11
CA HIS D 1182 -49.59 17.68 33.96
C HIS D 1182 -48.56 16.89 33.15
N PRO D 1183 -47.27 17.02 33.45
CA PRO D 1183 -46.25 16.37 32.62
C PRO D 1183 -46.29 14.87 32.74
N ALA D 1184 -45.91 14.20 31.65
CA ALA D 1184 -45.69 12.76 31.68
C ALA D 1184 -44.30 12.48 32.23
N SER D 1185 -44.18 11.42 33.03
CA SER D 1185 -42.95 11.18 33.76
C SER D 1185 -41.89 10.57 32.84
N GLY D 1186 -40.65 10.63 33.31
CA GLY D 1186 -39.55 10.00 32.62
C GLY D 1186 -38.46 9.62 33.60
N ARG D 1187 -37.70 8.59 33.24
CA ARG D 1187 -36.63 8.08 34.07
C ARG D 1187 -35.35 7.95 33.25
N PRO D 1188 -34.19 8.35 33.79
CA PRO D 1188 -32.95 8.19 33.03
C PRO D 1188 -32.69 6.73 32.68
N GLN D 1189 -32.16 6.51 31.48
CA GLN D 1189 -31.86 5.19 30.99
C GLN D 1189 -30.56 5.21 30.21
N LEU D 1190 -29.69 4.24 30.51
CA LEU D 1190 -28.41 4.10 29.84
C LEU D 1190 -28.49 2.93 28.87
N MET D 1191 -28.08 3.16 27.62
CA MET D 1191 -28.05 2.12 26.61
C MET D 1191 -26.73 2.21 25.85
N GLY D 1192 -26.29 1.06 25.34
CA GLY D 1192 -24.99 0.96 24.72
C GLY D 1192 -24.82 1.92 23.56
N ILE D 1193 -23.57 2.09 23.16
CA ILE D 1193 -23.27 2.99 22.05
C ILE D 1193 -23.95 2.52 20.77
N THR D 1194 -24.06 1.21 20.57
CA THR D 1194 -24.70 0.70 19.35
C THR D 1194 -26.15 1.15 19.26
N LYS D 1195 -26.93 0.90 20.32
CA LYS D 1195 -28.34 1.29 20.31
C LYS D 1195 -28.48 2.80 20.17
N ALA D 1196 -27.65 3.56 20.89
CA ALA D 1196 -27.73 5.01 20.79
C ALA D 1196 -27.48 5.48 19.37
N SER D 1197 -26.48 4.90 18.70
CA SER D 1197 -26.19 5.27 17.33
C SER D 1197 -27.36 4.92 16.41
N LEU D 1198 -27.91 3.72 16.56
CA LEU D 1198 -28.99 3.30 15.67
C LEU D 1198 -30.21 4.20 15.82
N ALA D 1199 -30.56 4.56 17.05
CA ALA D 1199 -31.73 5.41 17.30
C ALA D 1199 -31.31 6.88 17.24
N THR D 1200 -30.99 7.30 16.02
CA THR D 1200 -30.57 8.68 15.75
C THR D 1200 -31.52 9.32 14.75
N GLU D 1201 -31.51 10.65 14.73
CA GLU D 1201 -32.40 11.38 13.83
C GLU D 1201 -32.01 11.22 12.37
N SER D 1202 -30.71 11.23 12.08
CA SER D 1202 -30.22 11.19 10.71
C SER D 1202 -30.15 9.74 10.24
N TRP D 1203 -31.14 9.31 9.47
CA TRP D 1203 -31.14 7.94 8.97
C TRP D 1203 -29.93 7.63 8.11
N LEU D 1204 -29.37 8.65 7.46
CA LEU D 1204 -28.24 8.41 6.58
C LEU D 1204 -27.05 7.89 7.37
N SER D 1205 -26.77 8.50 8.52
CA SER D 1205 -25.69 8.01 9.36
C SER D 1205 -25.99 6.61 9.88
N ALA D 1206 -27.24 6.36 10.26
CA ALA D 1206 -27.61 5.03 10.72
C ALA D 1206 -27.45 4.01 9.60
N ALA D 1207 -27.84 4.39 8.39
CA ALA D 1207 -27.72 3.49 7.26
C ALA D 1207 -26.26 3.16 6.96
N SER D 1208 -25.38 4.15 7.09
CA SER D 1208 -23.96 3.89 6.87
C SER D 1208 -23.35 3.07 8.00
N PHE D 1209 -24.15 2.76 9.02
CA PHE D 1209 -23.67 1.95 10.14
C PHE D 1209 -23.87 0.46 9.88
N GLN D 1210 -23.75 -0.36 10.92
CA GLN D 1210 -23.84 -1.80 10.75
C GLN D 1210 -25.17 -2.26 10.18
N GLU D 1211 -26.26 -1.70 10.66
CA GLU D 1211 -27.55 -2.07 10.12
C GLU D 1211 -27.80 -1.24 8.87
N THR D 1212 -28.10 -1.92 7.77
CA THR D 1212 -28.36 -1.22 6.53
C THR D 1212 -29.65 -1.72 5.91
N THR D 1213 -30.37 -2.60 6.57
CA THR D 1213 -31.67 -3.02 6.08
C THR D 1213 -32.79 -2.50 6.99
N ARG D 1214 -32.72 -2.83 8.28
CA ARG D 1214 -33.79 -2.44 9.19
C ARG D 1214 -33.93 -0.92 9.24
N VAL D 1215 -32.81 -0.19 9.30
CA VAL D 1215 -32.88 1.25 9.43
C VAL D 1215 -33.49 1.87 8.19
N LEU D 1216 -33.08 1.41 7.01
CA LEU D 1216 -33.69 1.92 5.78
C LEU D 1216 -35.18 1.62 5.76
N THR D 1217 -35.56 0.40 6.15
CA THR D 1217 -36.97 0.02 6.11
C THR D 1217 -37.80 0.89 7.04
N ASP D 1218 -37.38 1.02 8.29
CA ASP D 1218 -38.17 1.78 9.25
C ASP D 1218 -38.16 3.27 8.93
N ALA D 1219 -37.05 3.80 8.40
CA ALA D 1219 -37.05 5.18 7.95
C ALA D 1219 -38.05 5.38 6.83
N ALA D 1220 -38.10 4.43 5.89
CA ALA D 1220 -39.07 4.52 4.81
C ALA D 1220 -40.49 4.50 5.35
N ILE D 1221 -40.77 3.63 6.31
CA ILE D 1221 -42.12 3.54 6.87
C ILE D 1221 -42.48 4.84 7.57
N ASN D 1222 -41.57 5.34 8.42
CA ASN D 1222 -41.82 6.57 9.15
C ASN D 1222 -41.79 7.79 8.25
N ALA D 1223 -41.10 7.72 7.12
CA ALA D 1223 -40.98 8.84 6.20
C ALA D 1223 -40.32 10.04 6.88
N LYS D 1224 -39.12 9.80 7.41
CA LYS D 1224 -38.37 10.83 8.12
C LYS D 1224 -37.33 11.45 7.21
N SER D 1225 -37.43 12.74 6.98
CA SER D 1225 -36.45 13.47 6.19
C SER D 1225 -35.21 13.71 7.04
N ASP D 1226 -34.07 13.29 6.54
CA ASP D 1226 -32.81 13.41 7.28
C ASP D 1226 -32.24 14.80 7.07
N SER D 1227 -32.27 15.62 8.12
CA SER D 1227 -31.55 16.89 8.09
C SER D 1227 -30.06 16.63 7.97
N LEU D 1228 -29.38 17.47 7.20
CA LEU D 1228 -27.99 17.22 6.87
C LEU D 1228 -27.02 17.68 7.96
N ILE D 1229 -27.51 17.98 9.16
CA ILE D 1229 -26.63 18.37 10.25
C ILE D 1229 -25.92 17.14 10.80
N GLY D 1230 -24.61 17.22 10.94
CA GLY D 1230 -23.79 16.11 11.38
C GLY D 1230 -22.57 15.98 10.50
N LEU D 1231 -21.75 14.95 10.71
CA LEU D 1231 -20.50 14.79 9.98
C LEU D 1231 -20.57 13.71 8.92
N LYS D 1232 -20.94 12.48 9.28
CA LYS D 1232 -20.90 11.39 8.31
C LYS D 1232 -21.88 11.65 7.16
N GLU D 1233 -23.09 12.10 7.47
CA GLU D 1233 -24.06 12.35 6.43
C GLU D 1233 -23.66 13.50 5.51
N ASN D 1234 -22.79 14.39 5.96
CA ASN D 1234 -22.21 15.39 5.08
C ASN D 1234 -20.92 14.91 4.43
N VAL D 1235 -20.42 13.74 4.80
CA VAL D 1235 -19.32 13.13 4.08
C VAL D 1235 -19.84 12.23 2.95
N ILE D 1236 -21.02 11.65 3.12
CA ILE D 1236 -21.64 10.91 2.02
C ILE D 1236 -21.91 11.84 0.85
N ILE D 1237 -22.57 12.97 1.13
CA ILE D 1237 -23.00 13.87 0.07
C ILE D 1237 -21.81 14.53 -0.61
N GLY D 1238 -20.64 14.55 0.03
CA GLY D 1238 -19.50 15.23 -0.51
C GLY D 1238 -19.42 16.70 -0.18
N LYS D 1239 -20.35 17.22 0.62
CA LYS D 1239 -20.34 18.62 1.01
C LYS D 1239 -19.29 18.84 2.09
N LEU D 1240 -19.29 20.04 2.66
CA LEU D 1240 -18.30 20.41 3.65
C LEU D 1240 -18.78 20.01 5.05
N ILE D 1241 -17.93 19.28 5.78
CA ILE D 1241 -18.34 18.81 7.11
C ILE D 1241 -18.50 20.02 8.04
N PRO D 1242 -19.59 20.14 8.79
CA PRO D 1242 -19.71 21.26 9.75
C PRO D 1242 -18.84 21.04 10.98
N ALA D 1243 -17.53 21.06 10.79
CA ALA D 1243 -16.59 20.86 11.89
C ALA D 1243 -15.26 21.46 11.48
N GLY D 1244 -14.86 22.52 12.15
CA GLY D 1244 -13.62 23.21 11.81
C GLY D 1244 -13.85 24.21 10.69
N THR D 1245 -13.03 24.12 9.65
CA THR D 1245 -13.06 25.11 8.58
C THR D 1245 -14.39 25.18 7.85
N GLY D 1246 -15.22 24.16 7.96
CA GLY D 1246 -16.49 24.14 7.26
C GLY D 1246 -17.61 24.92 7.90
N LEU D 1247 -17.40 25.49 9.09
CA LEU D 1247 -18.49 26.16 9.77
C LEU D 1247 -18.87 27.44 9.03
N SER D 1248 -20.11 27.88 9.25
CA SER D 1248 -20.62 29.05 8.56
C SER D 1248 -19.84 30.31 8.92
N ARG D 1249 -19.52 30.48 10.20
CA ARG D 1249 -18.94 31.75 10.65
C ARG D 1249 -17.54 31.96 10.08
N TYR D 1250 -16.76 30.89 9.93
CA TYR D 1250 -15.41 31.06 9.40
C TYR D 1250 -15.40 31.30 7.90
N ARG D 1251 -16.44 30.83 7.19
CA ARG D 1251 -16.39 30.79 5.74
C ARG D 1251 -17.05 31.99 5.07
N ASN D 1252 -17.73 32.85 5.81
CA ASN D 1252 -18.49 33.94 5.22
C ASN D 1252 -17.70 35.23 5.08
N ILE D 1253 -16.45 35.28 5.56
CA ILE D 1253 -15.70 36.53 5.60
C ILE D 1253 -15.37 37.00 4.19
N ARG D 1254 -14.95 38.25 4.08
CA ARG D 1254 -14.42 38.83 2.86
C ARG D 1254 -13.04 39.44 3.15
N VAL D 1255 -12.19 39.42 2.14
CA VAL D 1255 -10.80 39.82 2.27
C VAL D 1255 -10.54 41.01 1.36
N GLU D 1256 -10.11 42.13 1.95
CA GLU D 1256 -9.60 43.27 1.19
C GLU D 1256 -8.43 43.86 1.96
N PRO D 1257 -7.44 44.47 1.30
CA PRO D 1257 -6.41 45.18 2.07
C PRO D 1257 -6.89 46.52 2.61
N THR D 1258 -5.98 47.27 3.22
CA THR D 1258 -6.30 48.60 3.72
C THR D 1258 -6.05 49.66 2.65
N GLU D 1259 -6.69 50.82 2.82
CA GLU D 1259 -6.54 51.90 1.85
C GLU D 1259 -5.09 52.38 1.80
N GLU D 1260 -4.41 52.45 2.94
CA GLU D 1260 -3.03 52.92 2.95
C GLU D 1260 -2.12 52.00 2.15
N ALA D 1261 -2.46 50.71 2.08
CA ALA D 1261 -1.68 49.79 1.25
C ALA D 1261 -1.75 50.19 -0.21
N LYS D 1262 -2.96 50.52 -0.70
CA LYS D 1262 -3.09 51.02 -2.06
C LYS D 1262 -2.39 52.36 -2.22
N ALA D 1263 -2.44 53.20 -1.18
CA ALA D 1263 -1.79 54.50 -1.24
C ALA D 1263 -0.29 54.36 -1.45
N ALA D 1264 0.33 53.42 -0.73
CA ALA D 1264 1.77 53.21 -0.89
C ALA D 1264 2.10 52.76 -2.32
N MET D 1265 1.68 51.55 -2.68
CA MET D 1265 1.80 51.06 -4.06
C MET D 1265 0.41 50.85 -4.65
N GLU E 9 12.35 30.53 3.11
CA GLU E 9 12.64 29.54 2.03
C GLU E 9 12.14 28.15 2.44
N GLY E 10 11.01 28.12 3.15
CA GLY E 10 10.45 26.87 3.60
C GLY E 10 9.01 27.03 4.02
N ILE E 11 8.37 25.90 4.26
CA ILE E 11 6.98 25.90 4.69
C ILE E 11 6.85 26.57 6.06
N ILE E 12 7.79 26.29 6.98
CA ILE E 12 7.74 26.91 8.29
C ILE E 12 8.39 28.28 8.32
N ASN E 13 8.79 28.83 7.16
CA ASN E 13 9.46 30.12 7.16
C ASN E 13 8.61 31.23 7.79
N PRO E 14 7.32 31.36 7.50
CA PRO E 14 6.50 32.30 8.26
C PRO E 14 6.00 31.63 9.53
N PRO E 15 6.42 32.08 10.72
CA PRO E 15 5.95 31.42 11.94
C PRO E 15 4.46 31.62 12.13
N ILE E 16 3.86 30.74 12.93
CA ILE E 16 2.41 30.64 12.98
C ILE E 16 1.80 31.47 14.11
N ASP E 17 2.52 31.63 15.23
CA ASP E 17 1.93 32.25 16.42
C ASP E 17 1.49 33.68 16.14
N GLU E 18 2.30 34.44 15.40
CA GLU E 18 1.90 35.80 15.06
C GLU E 18 0.61 35.80 14.27
N LEU E 19 0.46 34.86 13.34
CA LEU E 19 -0.77 34.75 12.57
C LEU E 19 -1.95 34.41 13.48
N LEU E 20 -1.75 33.49 14.41
CA LEU E 20 -2.83 33.12 15.32
C LEU E 20 -3.30 34.32 16.12
N GLU E 21 -2.36 35.07 16.70
CA GLU E 21 -2.77 36.24 17.48
C GLU E 21 -3.33 37.34 16.58
N ALA E 22 -2.94 37.37 15.31
CA ALA E 22 -3.47 38.38 14.40
C ALA E 22 -4.91 38.09 14.03
N THR E 23 -5.25 36.81 13.83
CA THR E 23 -6.58 36.41 13.42
C THR E 23 -7.43 35.89 14.57
N ASP E 24 -6.80 35.57 15.72
CA ASP E 24 -7.46 35.23 16.98
C ASP E 24 -8.04 33.81 16.95
N SER E 25 -7.96 33.13 15.81
CA SER E 25 -8.38 31.73 15.72
C SER E 25 -7.40 31.01 14.79
N LYS E 26 -7.62 29.71 14.60
CA LYS E 26 -6.77 28.90 13.73
C LYS E 26 -7.46 28.53 12.44
N TYR E 27 -8.73 28.12 12.49
CA TYR E 27 -9.46 27.81 11.27
C TYR E 27 -9.80 29.09 10.51
N SER E 28 -10.12 30.15 11.25
CA SER E 28 -10.33 31.45 10.62
C SER E 28 -9.10 31.85 9.81
N LEU E 29 -7.91 31.60 10.36
CA LEU E 29 -6.69 31.99 9.67
C LEU E 29 -6.54 31.24 8.35
N VAL E 30 -6.81 29.94 8.34
CA VAL E 30 -6.60 29.17 7.11
C VAL E 30 -7.62 29.57 6.05
N ILE E 31 -8.89 29.76 6.46
CA ILE E 31 -9.88 30.15 5.45
C ILE E 31 -9.57 31.53 4.90
N TYR E 32 -9.13 32.45 5.75
CA TYR E 32 -8.82 33.80 5.32
C TYR E 32 -7.60 33.84 4.39
N ALA E 33 -6.55 33.12 4.77
CA ALA E 33 -5.40 33.00 3.88
C ALA E 33 -5.77 32.33 2.56
N ALA E 34 -6.67 31.36 2.60
CA ALA E 34 -7.07 30.68 1.37
C ALA E 34 -7.82 31.61 0.44
N LYS E 35 -8.71 32.43 0.99
CA LYS E 35 -9.38 33.44 0.15
C LYS E 35 -8.36 34.37 -0.49
N ARG E 36 -7.40 34.85 0.30
CA ARG E 36 -6.40 35.75 -0.27
C ARG E 36 -5.58 35.06 -1.36
N ALA E 37 -5.20 33.80 -1.13
CA ALA E 37 -4.39 33.07 -2.10
C ALA E 37 -5.18 32.84 -3.38
N ARG E 38 -6.47 32.55 -3.27
CA ARG E 38 -7.30 32.42 -4.45
C ARG E 38 -7.31 33.71 -5.24
N GLN E 39 -7.45 34.84 -4.54
CA GLN E 39 -7.48 36.12 -5.23
C GLN E 39 -6.17 36.37 -5.98
N ILE E 40 -5.03 36.12 -5.33
CA ILE E 40 -3.77 36.45 -5.99
C ILE E 40 -3.49 35.48 -7.14
N ASN E 41 -3.85 34.21 -7.00
CA ASN E 41 -3.72 33.30 -8.14
C ASN E 41 -4.57 33.77 -9.31
N ALA E 42 -5.81 34.16 -9.05
CA ALA E 42 -6.67 34.62 -10.14
C ALA E 42 -6.11 35.89 -10.78
N TYR E 43 -5.50 36.77 -9.97
CA TYR E 43 -4.89 37.97 -10.53
C TYR E 43 -3.72 37.61 -11.44
N TYR E 44 -2.84 36.73 -10.97
CA TYR E 44 -1.71 36.31 -11.79
C TYR E 44 -2.17 35.66 -13.09
N SER E 45 -3.38 35.11 -13.12
CA SER E 45 -3.96 34.52 -14.31
C SER E 45 -4.89 35.49 -15.05
N GLN E 46 -4.76 36.80 -14.80
CA GLN E 46 -5.57 37.77 -15.54
C GLN E 46 -5.23 37.71 -17.02
N LEU E 47 -3.95 37.75 -17.37
CA LEU E 47 -3.46 37.64 -18.75
C LEU E 47 -3.99 38.73 -19.67
N GLY E 48 -4.58 39.81 -19.13
CA GLY E 48 -4.84 40.99 -19.92
C GLY E 48 -6.11 41.76 -19.67
N GLU E 49 -7.13 41.17 -19.03
CA GLU E 49 -8.37 41.91 -18.86
C GLU E 49 -8.20 43.11 -17.93
N GLY E 50 -7.35 42.98 -16.91
CA GLY E 50 -7.09 44.10 -16.02
C GLY E 50 -8.30 44.58 -15.25
N LEU E 51 -9.07 43.66 -14.66
CA LEU E 51 -10.22 44.06 -13.87
C LEU E 51 -9.78 44.92 -12.69
N LEU E 52 -10.50 46.01 -12.46
CA LEU E 52 -10.11 46.97 -11.43
C LEU E 52 -10.24 46.38 -10.03
N GLU E 53 -11.26 45.56 -9.80
CA GLU E 53 -11.48 45.01 -8.46
C GLU E 53 -10.28 44.19 -7.99
N TYR E 54 -9.57 43.57 -8.91
CA TYR E 54 -8.47 42.69 -8.55
C TYR E 54 -7.27 43.49 -8.08
N VAL E 55 -6.49 42.91 -7.17
CA VAL E 55 -5.31 43.55 -6.61
C VAL E 55 -4.19 42.52 -6.57
N GLY E 56 -2.97 42.96 -6.90
CA GLY E 56 -1.84 42.07 -7.00
C GLY E 56 -1.17 41.83 -5.66
N PRO E 57 -0.03 41.16 -5.67
CA PRO E 57 0.71 40.94 -4.42
C PRO E 57 1.19 42.25 -3.82
N LEU E 58 0.86 42.47 -2.55
CA LEU E 58 1.29 43.69 -1.89
C LEU E 58 2.77 43.64 -1.53
N VAL E 59 3.27 42.48 -1.12
CA VAL E 59 4.68 42.31 -0.80
C VAL E 59 5.44 41.91 -2.05
N ASP E 60 6.76 42.07 -2.01
CA ASP E 60 7.58 41.73 -3.16
C ASP E 60 7.46 40.24 -3.46
N THR E 61 7.67 39.90 -4.73
CA THR E 61 7.40 38.55 -5.23
C THR E 61 8.59 38.05 -6.05
N HIS E 62 8.85 36.75 -5.96
CA HIS E 62 9.88 36.12 -6.75
C HIS E 62 9.39 35.89 -8.18
N VAL E 63 10.32 35.50 -9.05
CA VAL E 63 9.95 35.25 -10.45
C VAL E 63 9.00 34.08 -10.54
N HIS E 64 9.17 33.07 -9.67
CA HIS E 64 8.25 31.95 -9.56
C HIS E 64 7.89 31.80 -8.09
N GLU E 65 6.61 31.56 -7.82
CA GLU E 65 6.09 31.65 -6.47
C GLU E 65 4.80 30.87 -6.36
N LYS E 66 4.45 30.51 -5.13
CA LYS E 66 3.14 29.95 -4.81
C LYS E 66 2.29 31.03 -4.16
N PRO E 67 1.05 31.26 -4.61
CA PRO E 67 0.31 32.42 -4.08
C PRO E 67 0.06 32.35 -2.58
N LEU E 68 -0.12 31.15 -2.03
CA LEU E 68 -0.40 31.05 -0.61
C LEU E 68 0.76 31.57 0.23
N SER E 69 2.00 31.33 -0.19
CA SER E 69 3.13 31.88 0.54
C SER E 69 3.06 33.40 0.58
N ILE E 70 2.68 34.01 -0.53
CA ILE E 70 2.55 35.47 -0.56
C ILE E 70 1.42 35.92 0.36
N ALA E 71 0.29 35.22 0.32
CA ALA E 71 -0.83 35.59 1.19
C ALA E 71 -0.41 35.53 2.65
N LEU E 72 0.26 34.44 3.04
CA LEU E 72 0.71 34.28 4.41
C LEU E 72 1.73 35.35 4.79
N ARG E 73 2.63 35.70 3.86
CA ARG E 73 3.57 36.79 4.12
C ARG E 73 2.83 38.09 4.37
N GLU E 74 1.78 38.36 3.58
CA GLU E 74 0.99 39.57 3.79
C GLU E 74 0.32 39.56 5.15
N ILE E 75 -0.20 38.40 5.58
CA ILE E 75 -0.83 38.34 6.89
C ILE E 75 0.19 38.61 7.99
N ASN E 76 1.37 37.99 7.87
CA ASN E 76 2.41 38.20 8.87
C ASN E 76 2.80 39.67 8.94
N ALA E 77 2.95 40.31 7.79
CA ALA E 77 3.22 41.75 7.78
C ALA E 77 2.06 42.53 8.41
N GLY E 78 0.84 42.01 8.29
CA GLY E 78 -0.30 42.56 8.97
C GLY E 78 -1.07 43.62 8.21
N LEU E 79 -0.54 44.13 7.10
CA LEU E 79 -1.23 45.18 6.37
C LEU E 79 -2.60 44.71 5.88
N LEU E 80 -2.75 43.42 5.63
CA LEU E 80 -4.04 42.88 5.21
C LEU E 80 -4.97 42.78 6.40
N THR E 81 -6.26 43.01 6.14
CA THR E 81 -7.30 42.94 7.16
C THR E 81 -8.51 42.22 6.62
N SER E 82 -9.32 41.70 7.53
CA SER E 82 -10.55 40.99 7.18
C SER E 82 -11.72 41.50 8.01
N GLU E 83 -12.90 41.45 7.40
CA GLU E 83 -14.13 41.85 8.07
C GLU E 83 -15.20 40.83 7.71
N ALA E 84 -15.81 40.21 8.71
CA ALA E 84 -16.88 39.27 8.47
C ALA E 84 -18.15 39.98 8.05
N ILE E 85 -18.94 39.32 7.21
CA ILE E 85 -20.20 39.89 6.75
C ILE E 85 -21.27 39.69 7.81
N ALA F 231 -45.86 -23.98 1.83
CA ALA F 231 -45.11 -22.76 2.09
C ALA F 231 -43.86 -23.07 2.92
N THR F 232 -42.78 -23.37 2.22
CA THR F 232 -41.52 -23.72 2.86
C THR F 232 -40.38 -23.44 1.90
N ALA F 233 -39.17 -23.39 2.43
CA ALA F 233 -37.98 -23.26 1.59
C ALA F 233 -37.93 -24.41 0.58
N ASP F 234 -37.13 -24.21 -0.47
CA ASP F 234 -37.11 -25.15 -1.59
C ASP F 234 -38.53 -25.34 -2.11
N PRO F 235 -39.09 -24.34 -2.79
CA PRO F 235 -40.52 -24.38 -3.13
C PRO F 235 -40.94 -25.59 -3.95
N VAL F 236 -39.99 -26.28 -4.60
CA VAL F 236 -40.35 -27.43 -5.42
C VAL F 236 -40.96 -28.52 -4.57
N LYS F 237 -40.52 -28.65 -3.31
CA LYS F 237 -41.13 -29.63 -2.41
C LYS F 237 -42.60 -29.32 -2.19
N ASP F 238 -42.92 -28.04 -1.94
CA ASP F 238 -44.31 -27.66 -1.76
C ASP F 238 -45.09 -27.86 -3.05
N TYR F 239 -44.45 -27.67 -4.20
CA TYR F 239 -45.12 -27.96 -5.47
C TYR F 239 -45.46 -29.45 -5.60
N LEU F 240 -44.49 -30.31 -5.26
CA LEU F 240 -44.75 -31.75 -5.33
C LEU F 240 -45.87 -32.14 -4.40
N LYS F 241 -45.90 -31.59 -3.18
CA LYS F 241 -47.02 -31.86 -2.29
C LYS F 241 -48.32 -31.30 -2.88
N GLN F 242 -48.25 -30.15 -3.56
CA GLN F 242 -49.43 -29.57 -4.17
C GLN F 242 -49.99 -30.48 -5.26
N ILE F 243 -49.12 -31.23 -5.93
CA ILE F 243 -49.63 -32.30 -6.79
C ILE F 243 -50.47 -33.26 -5.98
N GLY F 244 -50.01 -33.58 -4.78
CA GLY F 244 -50.77 -34.39 -3.84
C GLY F 244 -51.08 -35.76 -4.40
N LYS F 245 -52.22 -36.29 -3.99
CA LYS F 245 -52.72 -37.58 -4.47
C LYS F 245 -53.89 -37.31 -5.41
N VAL F 246 -53.74 -37.70 -6.66
CA VAL F 246 -54.77 -37.52 -7.68
C VAL F 246 -54.95 -38.84 -8.41
N PRO F 247 -56.13 -39.14 -8.97
CA PRO F 247 -56.38 -40.47 -9.51
C PRO F 247 -55.71 -40.65 -10.86
N LEU F 248 -54.73 -41.56 -10.91
CA LEU F 248 -54.15 -41.96 -12.19
C LEU F 248 -55.21 -42.67 -13.02
N LEU F 249 -55.13 -42.50 -14.34
CA LEU F 249 -56.19 -42.90 -15.24
C LEU F 249 -55.79 -44.15 -16.02
N ASN F 250 -56.57 -45.21 -15.88
CA ASN F 250 -56.40 -46.41 -16.70
C ASN F 250 -57.22 -46.26 -18.00
N ALA F 251 -56.92 -47.15 -18.95
CA ALA F 251 -57.33 -46.98 -20.36
C ALA F 251 -58.76 -46.49 -20.49
N GLU F 252 -59.72 -47.28 -20.01
CA GLU F 252 -61.12 -46.91 -20.12
C GLU F 252 -61.40 -45.56 -19.47
N GLN F 253 -60.70 -45.24 -18.38
CA GLN F 253 -60.96 -43.97 -17.70
C GLN F 253 -60.64 -42.79 -18.61
N GLU F 254 -59.43 -42.76 -19.18
CA GLU F 254 -59.09 -41.59 -19.98
C GLU F 254 -59.80 -41.61 -21.33
N VAL F 255 -60.15 -42.78 -21.88
CA VAL F 255 -60.91 -42.74 -23.13
C VAL F 255 -62.31 -42.19 -22.89
N GLU F 256 -62.96 -42.57 -21.77
CA GLU F 256 -64.25 -41.98 -21.46
C GLU F 256 -64.12 -40.49 -21.14
N LEU F 257 -63.04 -40.12 -20.44
CA LEU F 257 -62.81 -38.71 -20.16
C LEU F 257 -62.68 -37.93 -21.45
N ALA F 258 -61.92 -38.45 -22.41
CA ALA F 258 -61.80 -37.80 -23.71
C ALA F 258 -63.13 -37.76 -24.44
N LYS F 259 -63.95 -38.80 -24.29
CA LYS F 259 -65.27 -38.81 -24.92
C LYS F 259 -66.10 -37.64 -24.44
N ARG F 260 -66.23 -37.47 -23.13
CA ARG F 260 -67.03 -36.34 -22.66
C ARG F 260 -66.29 -35.02 -22.82
N ILE F 261 -64.96 -35.04 -22.97
CA ILE F 261 -64.23 -33.84 -23.38
C ILE F 261 -64.73 -33.36 -24.74
N GLU F 262 -64.78 -34.26 -25.72
CA GLU F 262 -65.24 -33.85 -27.05
C GLU F 262 -66.73 -33.57 -27.05
N ALA F 263 -67.48 -34.21 -26.14
CA ALA F 263 -68.88 -33.84 -25.95
C ALA F 263 -69.01 -32.38 -25.54
N GLY F 264 -68.24 -31.97 -24.52
CA GLY F 264 -68.22 -30.58 -24.14
C GLY F 264 -67.69 -29.66 -25.23
N LEU F 265 -66.76 -30.18 -26.04
CA LEU F 265 -66.25 -29.40 -27.17
C LEU F 265 -67.38 -29.06 -28.14
N PHE F 266 -68.14 -30.07 -28.57
CA PHE F 266 -69.28 -29.77 -29.43
C PHE F 266 -70.32 -28.94 -28.72
N ALA F 267 -70.45 -29.09 -27.40
CA ALA F 267 -71.41 -28.27 -26.67
C ALA F 267 -71.06 -26.80 -26.77
N GLU F 268 -69.80 -26.46 -26.49
CA GLU F 268 -69.39 -25.06 -26.59
C GLU F 268 -69.38 -24.61 -28.05
N ASP F 269 -69.12 -25.51 -29.00
CA ASP F 269 -69.22 -25.15 -30.40
C ASP F 269 -70.63 -24.72 -30.75
N LYS F 270 -71.62 -25.53 -30.35
CA LYS F 270 -73.02 -25.20 -30.62
C LYS F 270 -73.40 -23.90 -29.93
N LEU F 271 -72.93 -23.70 -28.70
CA LEU F 271 -73.22 -22.45 -28.00
C LEU F 271 -72.63 -21.26 -28.74
N ALA F 272 -71.45 -21.44 -29.33
CA ALA F 272 -70.78 -20.34 -30.03
C ALA F 272 -71.56 -19.86 -31.25
N ASN F 273 -72.38 -20.71 -31.86
CA ASN F 273 -73.13 -20.31 -33.04
C ASN F 273 -74.16 -19.25 -32.70
N SER F 274 -74.44 -18.38 -33.67
CA SER F 274 -75.31 -17.24 -33.44
C SER F 274 -76.79 -17.61 -33.46
N ASP F 275 -77.17 -18.72 -34.09
CA ASP F 275 -78.57 -19.09 -34.16
C ASP F 275 -79.12 -19.33 -32.77
N LYS F 276 -80.39 -18.96 -32.57
CA LYS F 276 -81.00 -19.06 -31.25
C LYS F 276 -81.17 -20.51 -30.84
N LEU F 277 -80.81 -20.81 -29.60
CA LEU F 277 -81.04 -22.10 -28.97
C LEU F 277 -81.88 -21.91 -27.72
N ALA F 278 -82.59 -22.97 -27.33
CA ALA F 278 -83.42 -22.88 -26.14
C ALA F 278 -82.55 -22.62 -24.91
N PRO F 279 -83.04 -21.85 -23.94
CA PRO F 279 -82.19 -21.52 -22.78
C PRO F 279 -81.75 -22.74 -22.00
N LYS F 280 -82.67 -23.66 -21.72
CA LYS F 280 -82.32 -24.86 -20.96
C LYS F 280 -81.28 -25.70 -21.70
N LEU F 281 -81.43 -25.83 -23.02
CA LEU F 281 -80.45 -26.57 -23.80
C LEU F 281 -79.09 -25.88 -23.75
N LYS F 282 -79.09 -24.55 -23.81
CA LYS F 282 -77.82 -23.81 -23.74
C LYS F 282 -77.15 -24.03 -22.38
N ARG F 283 -77.93 -24.01 -21.31
CA ARG F 283 -77.36 -24.27 -19.99
C ARG F 283 -76.83 -25.69 -19.89
N GLU F 284 -77.54 -26.65 -20.48
CA GLU F 284 -77.04 -28.03 -20.49
C GLU F 284 -75.71 -28.13 -21.25
N LEU F 285 -75.61 -27.44 -22.39
CA LEU F 285 -74.37 -27.43 -23.14
C LEU F 285 -73.25 -26.81 -22.32
N GLU F 286 -73.54 -25.71 -21.63
CA GLU F 286 -72.54 -25.07 -20.78
C GLU F 286 -72.10 -26.00 -19.67
N ILE F 287 -73.05 -26.74 -19.08
CA ILE F 287 -72.71 -27.69 -18.02
C ILE F 287 -71.81 -28.80 -18.55
N ILE F 288 -72.12 -29.30 -19.74
CA ILE F 288 -71.28 -30.36 -20.32
C ILE F 288 -69.89 -29.83 -20.62
N ALA F 289 -69.81 -28.59 -21.11
CA ALA F 289 -68.50 -27.98 -21.34
C ALA F 289 -67.74 -27.80 -20.04
N GLU F 290 -68.44 -27.42 -18.97
CA GLU F 290 -67.80 -27.28 -17.67
C GLU F 290 -67.26 -28.62 -17.18
N ASP F 291 -68.04 -29.68 -17.35
CA ASP F 291 -67.57 -31.02 -16.98
C ASP F 291 -66.34 -31.41 -17.79
N GLY F 292 -66.35 -31.08 -19.08
CA GLY F 292 -65.16 -31.29 -19.89
C GLY F 292 -63.97 -30.52 -19.36
N ARG F 293 -64.19 -29.28 -18.92
CA ARG F 293 -63.10 -28.51 -18.34
C ARG F 293 -62.55 -29.19 -17.10
N ARG F 294 -63.45 -29.65 -16.22
CA ARG F 294 -63.03 -30.35 -15.01
C ARG F 294 -62.19 -31.57 -15.36
N ALA F 295 -62.63 -32.35 -16.34
CA ALA F 295 -61.86 -33.52 -16.75
C ALA F 295 -60.53 -33.10 -17.36
N LYS F 296 -60.49 -31.96 -18.03
CA LYS F 296 -59.22 -31.46 -18.54
C LYS F 296 -58.25 -31.25 -17.39
N ASN F 297 -58.68 -30.54 -16.35
CA ASN F 297 -57.77 -30.29 -15.22
C ASN F 297 -57.40 -31.59 -14.53
N HIS F 298 -58.33 -32.56 -14.50
CA HIS F 298 -57.99 -33.88 -14.00
C HIS F 298 -56.82 -34.48 -14.78
N LEU F 299 -56.88 -34.39 -16.11
CA LEU F 299 -55.80 -34.92 -16.93
C LEU F 299 -54.50 -34.18 -16.67
N LEU F 300 -54.55 -32.85 -16.55
CA LEU F 300 -53.32 -32.11 -16.32
C LEU F 300 -52.71 -32.47 -14.98
N GLU F 301 -53.52 -32.57 -13.93
CA GLU F 301 -52.96 -32.94 -12.63
C GLU F 301 -52.40 -34.36 -12.67
N ALA F 302 -53.04 -35.25 -13.42
CA ALA F 302 -52.51 -36.61 -13.56
C ALA F 302 -51.14 -36.59 -14.25
N ASN F 303 -51.00 -35.77 -15.29
CA ASN F 303 -49.76 -35.71 -16.07
C ASN F 303 -48.73 -34.76 -15.48
N LEU F 304 -49.06 -34.09 -14.37
CA LEU F 304 -48.07 -33.28 -13.68
C LEU F 304 -46.83 -34.10 -13.34
N ARG F 305 -47.03 -35.38 -13.01
CA ARG F 305 -45.91 -36.22 -12.61
C ARG F 305 -45.01 -36.51 -13.80
N LEU F 306 -45.60 -36.84 -14.96
CA LEU F 306 -44.81 -37.03 -16.17
C LEU F 306 -44.03 -35.77 -16.53
N VAL F 307 -44.68 -34.61 -16.45
CA VAL F 307 -43.99 -33.39 -16.89
C VAL F 307 -42.84 -33.07 -15.95
N VAL F 308 -43.01 -33.29 -14.64
CA VAL F 308 -41.90 -33.02 -13.75
C VAL F 308 -40.76 -34.02 -13.99
N SER F 309 -41.11 -35.26 -14.36
CA SER F 309 -40.06 -36.21 -14.73
C SER F 309 -39.28 -35.71 -15.95
N LEU F 310 -40.00 -35.26 -16.98
CA LEU F 310 -39.31 -34.75 -18.16
C LEU F 310 -38.56 -33.46 -17.87
N ALA F 311 -38.97 -32.71 -16.84
CA ALA F 311 -38.20 -31.55 -16.42
C ALA F 311 -36.90 -31.97 -15.74
N LYS F 312 -36.95 -33.02 -14.91
CA LYS F 312 -35.72 -33.66 -14.47
C LYS F 312 -34.82 -33.98 -15.65
N ARG F 313 -35.40 -34.53 -16.72
CA ARG F 313 -34.58 -35.03 -17.81
C ARG F 313 -33.74 -33.92 -18.46
N TYR F 314 -34.09 -32.65 -18.24
CA TYR F 314 -33.31 -31.53 -18.78
C TYR F 314 -32.92 -30.53 -17.70
N THR F 315 -32.85 -30.94 -16.44
CA THR F 315 -32.37 -30.05 -15.40
C THR F 315 -30.86 -29.87 -15.50
N GLY F 316 -30.36 -28.85 -14.80
CA GLY F 316 -28.93 -28.62 -14.71
C GLY F 316 -28.29 -28.07 -15.96
N ARG F 317 -29.00 -27.25 -16.73
CA ARG F 317 -28.48 -26.61 -17.94
C ARG F 317 -28.77 -25.11 -17.93
N GLY F 318 -28.57 -24.48 -16.78
CA GLY F 318 -28.71 -23.05 -16.66
C GLY F 318 -30.13 -22.55 -16.44
N MET F 319 -31.12 -23.43 -16.42
CA MET F 319 -32.50 -23.07 -16.16
C MET F 319 -32.94 -23.73 -14.86
N LEU F 320 -33.61 -22.96 -14.01
CA LEU F 320 -34.05 -23.49 -12.72
C LEU F 320 -35.07 -24.60 -12.91
N PHE F 321 -34.99 -25.59 -12.02
CA PHE F 321 -35.77 -26.82 -12.21
C PHE F 321 -37.26 -26.53 -12.24
N LEU F 322 -37.73 -25.69 -11.33
CA LEU F 322 -39.16 -25.37 -11.32
C LEU F 322 -39.56 -24.58 -12.56
N ASP F 323 -38.66 -23.75 -13.09
CA ASP F 323 -38.97 -23.05 -14.32
C ASP F 323 -39.10 -24.02 -15.49
N LEU F 324 -38.20 -25.01 -15.55
CA LEU F 324 -38.32 -26.05 -16.56
C LEU F 324 -39.63 -26.81 -16.40
N ILE F 325 -40.00 -27.11 -15.16
CA ILE F 325 -41.26 -27.80 -14.89
C ILE F 325 -42.42 -26.98 -15.43
N GLN F 326 -42.41 -25.67 -15.19
CA GLN F 326 -43.50 -24.83 -15.64
C GLN F 326 -43.57 -24.75 -17.16
N GLU F 327 -42.41 -24.64 -17.81
CA GLU F 327 -42.40 -24.60 -19.27
C GLU F 327 -42.90 -25.92 -19.87
N GLY F 328 -42.46 -27.04 -19.29
CA GLY F 328 -43.00 -28.32 -19.71
C GLY F 328 -44.49 -28.41 -19.49
N ASN F 329 -44.98 -27.78 -18.43
CA ASN F 329 -46.42 -27.77 -18.18
C ASN F 329 -47.15 -26.98 -19.27
N LEU F 330 -46.53 -25.91 -19.75
CA LEU F 330 -47.08 -25.20 -20.90
C LEU F 330 -47.16 -26.12 -22.11
N GLY F 331 -46.09 -26.87 -22.36
CA GLY F 331 -46.13 -27.87 -23.42
C GLY F 331 -47.21 -28.90 -23.20
N LEU F 332 -47.47 -29.25 -21.94
CA LEU F 332 -48.49 -30.23 -21.59
C LEU F 332 -49.88 -29.72 -21.93
N ILE F 333 -50.17 -28.47 -21.58
CA ILE F 333 -51.49 -27.93 -21.89
C ILE F 333 -51.66 -27.85 -23.40
N ARG F 334 -50.58 -27.53 -24.13
CA ARG F 334 -50.65 -27.62 -25.58
C ARG F 334 -51.00 -29.04 -26.02
N ALA F 335 -50.28 -30.03 -25.50
CA ALA F 335 -50.47 -31.40 -25.95
C ALA F 335 -51.89 -31.88 -25.71
N VAL F 336 -52.43 -31.64 -24.51
CA VAL F 336 -53.82 -32.03 -24.23
C VAL F 336 -54.77 -31.28 -25.15
N GLU F 337 -54.45 -30.02 -25.46
CA GLU F 337 -55.27 -29.30 -26.43
C GLU F 337 -55.18 -29.91 -27.82
N LYS F 338 -54.21 -30.79 -28.07
CA LYS F 338 -54.03 -31.44 -29.36
C LYS F 338 -54.07 -32.96 -29.26
N PHE F 339 -54.76 -33.51 -28.27
CA PHE F 339 -54.81 -34.96 -28.03
C PHE F 339 -56.25 -35.43 -28.02
N ASP F 340 -56.47 -36.63 -28.57
CA ASP F 340 -57.78 -37.26 -28.54
C ASP F 340 -57.59 -38.76 -28.73
N TYR F 341 -58.65 -39.52 -28.44
CA TYR F 341 -58.59 -40.98 -28.49
C TYR F 341 -58.48 -41.53 -29.92
N THR F 342 -58.64 -40.68 -30.93
CA THR F 342 -58.56 -41.16 -32.31
C THR F 342 -57.23 -41.85 -32.58
N LYS F 343 -56.19 -41.47 -31.85
CA LYS F 343 -54.93 -42.20 -31.88
C LYS F 343 -55.07 -43.43 -30.98
N GLY F 344 -54.67 -44.59 -31.49
CA GLY F 344 -54.76 -45.82 -30.73
C GLY F 344 -53.60 -46.01 -29.79
N TYR F 345 -53.29 -44.98 -29.00
CA TYR F 345 -52.12 -45.00 -28.12
C TYR F 345 -52.47 -44.29 -26.82
N LYS F 346 -51.68 -44.57 -25.79
CA LYS F 346 -51.85 -43.88 -24.52
C LYS F 346 -51.45 -42.42 -24.64
N PHE F 347 -52.02 -41.59 -23.75
CA PHE F 347 -51.68 -40.17 -23.76
C PHE F 347 -50.23 -39.95 -23.38
N SER F 348 -49.66 -40.84 -22.57
CA SER F 348 -48.28 -40.67 -22.12
C SER F 348 -47.30 -40.65 -23.29
N THR F 349 -47.44 -41.56 -24.25
CA THR F 349 -46.56 -41.59 -25.40
C THR F 349 -46.68 -40.32 -26.25
N TYR F 350 -47.92 -39.86 -26.48
CA TYR F 350 -48.11 -38.68 -27.32
C TYR F 350 -47.61 -37.42 -26.64
N ALA F 351 -47.84 -37.29 -25.33
CA ALA F 351 -47.54 -36.04 -24.64
C ALA F 351 -46.04 -35.75 -24.65
N THR F 352 -45.21 -36.76 -24.41
CA THR F 352 -43.80 -36.53 -24.15
C THR F 352 -43.12 -35.77 -25.28
N TRP F 353 -43.59 -35.96 -26.52
CA TRP F 353 -43.03 -35.19 -27.63
C TRP F 353 -43.26 -33.70 -27.42
N TRP F 354 -44.49 -33.31 -27.10
CA TRP F 354 -44.78 -31.90 -26.89
C TRP F 354 -44.09 -31.37 -25.64
N ILE F 355 -43.98 -32.20 -24.60
CA ILE F 355 -43.29 -31.77 -23.39
C ILE F 355 -41.84 -31.45 -23.70
N ARG F 356 -41.15 -32.39 -24.37
CA ARG F 356 -39.77 -32.15 -24.75
C ARG F 356 -39.65 -30.94 -25.66
N GLN F 357 -40.61 -30.76 -26.57
CA GLN F 357 -40.60 -29.61 -27.46
C GLN F 357 -40.64 -28.31 -26.69
N ALA F 358 -41.61 -28.16 -25.78
CA ALA F 358 -41.72 -26.94 -25.02
C ALA F 358 -40.48 -26.72 -24.16
N ILE F 359 -39.98 -27.78 -23.52
CA ILE F 359 -38.83 -27.63 -22.64
C ILE F 359 -37.60 -27.20 -23.43
N THR F 360 -37.36 -27.81 -24.59
CA THR F 360 -36.15 -27.45 -25.34
C THR F 360 -36.30 -26.06 -25.95
N ARG F 361 -37.51 -25.68 -26.37
CA ARG F 361 -37.73 -24.32 -26.85
C ARG F 361 -37.41 -23.32 -25.74
N ALA F 362 -37.89 -23.57 -24.54
CA ALA F 362 -37.63 -22.68 -23.42
C ALA F 362 -36.13 -22.62 -23.12
N MET F 363 -35.46 -23.77 -23.13
CA MET F 363 -34.03 -23.78 -22.83
C MET F 363 -33.26 -22.99 -23.87
N ALA F 364 -33.62 -23.15 -25.15
CA ALA F 364 -32.96 -22.41 -26.21
C ALA F 364 -33.20 -20.91 -26.10
N ASP F 365 -34.42 -20.51 -25.77
CA ASP F 365 -34.80 -19.10 -25.84
C ASP F 365 -34.60 -18.34 -24.53
N GLN F 366 -34.29 -19.02 -23.42
CA GLN F 366 -34.22 -18.35 -22.13
C GLN F 366 -33.09 -18.80 -21.23
N ALA F 367 -32.21 -19.70 -21.68
CA ALA F 367 -31.17 -20.21 -20.79
C ALA F 367 -29.94 -19.31 -20.74
N ARG F 368 -29.46 -18.85 -21.89
CA ARG F 368 -28.20 -18.15 -21.99
C ARG F 368 -28.41 -16.65 -21.80
N THR F 369 -27.41 -16.00 -21.18
CA THR F 369 -27.49 -14.57 -20.94
C THR F 369 -27.59 -13.80 -22.25
N ILE F 370 -26.73 -14.14 -23.20
CA ILE F 370 -26.79 -13.55 -24.54
C ILE F 370 -27.64 -14.49 -25.40
N ARG F 371 -28.83 -14.04 -25.77
CA ARG F 371 -29.78 -14.91 -26.45
C ARG F 371 -29.20 -15.44 -27.74
N ILE F 372 -29.42 -16.72 -27.99
CA ILE F 372 -28.95 -17.40 -29.19
C ILE F 372 -30.18 -17.88 -29.96
N PRO F 373 -30.26 -17.66 -31.27
CA PRO F 373 -31.42 -18.17 -32.01
C PRO F 373 -31.50 -19.69 -31.97
N VAL F 374 -32.73 -20.17 -32.11
CA VAL F 374 -33.00 -21.60 -31.90
C VAL F 374 -32.18 -22.45 -32.87
N HIS F 375 -31.98 -21.97 -34.09
CA HIS F 375 -31.30 -22.80 -35.08
C HIS F 375 -29.78 -22.69 -34.93
N MET F 376 -29.27 -21.53 -34.52
CA MET F 376 -27.92 -21.52 -33.94
C MET F 376 -27.84 -22.43 -32.73
N VAL F 377 -28.90 -22.50 -31.92
CA VAL F 377 -28.85 -23.35 -30.73
C VAL F 377 -28.66 -24.81 -31.13
N GLU F 378 -29.46 -25.27 -32.10
CA GLU F 378 -29.29 -26.66 -32.53
C GLU F 378 -27.97 -26.86 -33.25
N VAL F 379 -27.47 -25.85 -33.97
CA VAL F 379 -26.17 -25.98 -34.60
C VAL F 379 -25.08 -26.19 -33.54
N ILE F 380 -25.10 -25.36 -32.49
CA ILE F 380 -24.05 -25.44 -31.48
C ILE F 380 -24.17 -26.73 -30.69
N ASN F 381 -25.38 -27.13 -30.32
CA ASN F 381 -25.49 -28.37 -29.55
C ASN F 381 -25.13 -29.58 -30.41
N LYS F 382 -25.46 -29.55 -31.71
CA LYS F 382 -25.06 -30.62 -32.60
C LYS F 382 -23.54 -30.70 -32.70
N LEU F 383 -22.88 -29.56 -32.93
CA LEU F 383 -21.43 -29.60 -33.07
C LEU F 383 -20.78 -30.01 -31.75
N ALA F 384 -21.35 -29.57 -30.62
CA ALA F 384 -20.80 -29.96 -29.33
C ALA F 384 -20.91 -31.45 -29.09
N ARG F 385 -22.10 -32.02 -29.32
CA ARG F 385 -22.29 -33.44 -29.05
C ARG F 385 -21.47 -34.30 -30.02
N VAL F 386 -21.42 -33.92 -31.29
CA VAL F 386 -20.62 -34.70 -32.23
C VAL F 386 -19.15 -34.58 -31.87
N GLN F 387 -18.69 -33.39 -31.47
CA GLN F 387 -17.30 -33.25 -31.04
C GLN F 387 -17.00 -34.11 -29.81
N ARG F 388 -17.97 -34.20 -28.90
CA ARG F 388 -17.80 -35.11 -27.77
C ARG F 388 -17.65 -36.54 -28.25
N GLN F 389 -18.43 -36.92 -29.27
CA GLN F 389 -18.28 -38.25 -29.85
C GLN F 389 -16.89 -38.42 -30.48
N MET F 390 -16.38 -37.38 -31.14
CA MET F 390 -15.04 -37.44 -31.70
C MET F 390 -13.98 -37.65 -30.61
N LEU F 391 -14.11 -36.93 -29.50
CA LEU F 391 -13.18 -37.12 -28.40
C LEU F 391 -13.30 -38.53 -27.83
N GLN F 392 -14.53 -39.03 -27.73
CA GLN F 392 -14.75 -40.37 -27.19
C GLN F 392 -14.15 -41.43 -28.09
N ASP F 393 -14.28 -41.27 -29.41
CA ASP F 393 -13.74 -42.25 -30.36
C ASP F 393 -12.22 -42.15 -30.44
N LEU F 394 -11.72 -40.99 -30.86
CA LEU F 394 -10.30 -40.84 -31.12
C LEU F 394 -9.49 -40.67 -29.84
N GLY F 395 -10.15 -40.39 -28.72
CA GLY F 395 -9.46 -40.25 -27.46
C GLY F 395 -8.54 -39.06 -27.39
N ARG F 396 -8.73 -38.08 -28.27
CA ARG F 396 -7.85 -36.92 -28.35
C ARG F 396 -8.66 -35.77 -28.92
N GLU F 397 -8.26 -34.55 -28.58
CA GLU F 397 -8.94 -33.36 -29.08
C GLU F 397 -8.89 -33.35 -30.60
N PRO F 398 -10.03 -33.38 -31.29
CA PRO F 398 -9.99 -33.37 -32.76
C PRO F 398 -9.49 -32.05 -33.31
N THR F 399 -8.84 -32.14 -34.48
CA THR F 399 -8.39 -30.93 -35.16
C THR F 399 -9.57 -30.20 -35.78
N PRO F 400 -9.51 -28.87 -35.88
CA PRO F 400 -10.69 -28.13 -36.38
C PRO F 400 -11.13 -28.52 -37.77
N GLU F 401 -10.20 -28.87 -38.68
CA GLU F 401 -10.61 -29.24 -40.02
C GLU F 401 -11.41 -30.54 -40.04
N GLU F 402 -10.99 -31.52 -39.25
CA GLU F 402 -11.71 -32.78 -39.17
C GLU F 402 -13.12 -32.54 -38.63
N LEU F 403 -13.25 -31.70 -37.60
CA LEU F 403 -14.56 -31.32 -37.10
C LEU F 403 -15.37 -30.62 -38.17
N ALA F 404 -14.75 -29.75 -38.95
CA ALA F 404 -15.47 -29.00 -39.97
C ALA F 404 -16.06 -29.95 -41.02
N LYS F 405 -15.25 -30.91 -41.47
CA LYS F 405 -15.77 -31.85 -42.47
C LYS F 405 -16.84 -32.75 -41.86
N GLU F 406 -16.68 -33.16 -40.60
CA GLU F 406 -17.72 -33.97 -39.96
C GLU F 406 -19.03 -33.21 -39.86
N LEU F 407 -18.97 -31.94 -39.45
CA LEU F 407 -20.16 -31.10 -39.46
C LEU F 407 -20.66 -30.81 -40.86
N ASP F 408 -19.82 -31.02 -41.88
CA ASP F 408 -20.06 -30.77 -43.29
C ASP F 408 -19.98 -29.28 -43.63
N MET F 409 -19.81 -28.39 -42.66
CA MET F 409 -19.61 -26.98 -42.91
C MET F 409 -18.12 -26.68 -43.01
N THR F 410 -17.79 -25.43 -43.33
CA THR F 410 -16.40 -25.01 -43.47
C THR F 410 -15.84 -24.58 -42.11
N PRO F 411 -14.52 -24.49 -41.98
CA PRO F 411 -13.93 -24.16 -40.67
C PRO F 411 -14.36 -22.81 -40.12
N GLU F 412 -14.63 -21.82 -40.99
CA GLU F 412 -14.97 -20.50 -40.47
C GLU F 412 -16.28 -20.54 -39.70
N LYS F 413 -17.25 -21.33 -40.17
CA LYS F 413 -18.48 -21.52 -39.41
C LYS F 413 -18.21 -22.25 -38.11
N VAL F 414 -17.28 -23.21 -38.11
CA VAL F 414 -16.93 -23.91 -36.89
C VAL F 414 -16.44 -22.93 -35.85
N ILE F 415 -15.49 -22.08 -36.23
CA ILE F 415 -14.96 -21.09 -35.29
C ILE F 415 -16.05 -20.12 -34.86
N GLU F 416 -16.90 -19.71 -35.81
CA GLU F 416 -17.97 -18.77 -35.49
C GLU F 416 -18.87 -19.32 -34.41
N VAL F 417 -19.40 -20.52 -34.60
CA VAL F 417 -20.33 -21.09 -33.63
C VAL F 417 -19.59 -21.41 -32.32
N GLN F 418 -18.33 -21.84 -32.41
CA GLN F 418 -17.56 -22.10 -31.20
C GLN F 418 -17.46 -20.85 -30.35
N LYS F 419 -17.16 -19.72 -30.97
CA LYS F 419 -17.08 -18.46 -30.23
C LYS F 419 -18.45 -17.99 -29.76
N TYR F 420 -19.50 -18.27 -30.54
CA TYR F 420 -20.85 -17.86 -30.14
C TYR F 420 -21.43 -18.73 -29.04
N GLY F 421 -20.84 -19.89 -28.78
CA GLY F 421 -21.38 -20.82 -27.80
C GLY F 421 -20.74 -20.71 -26.42
N ARG F 422 -20.52 -19.48 -25.95
CA ARG F 422 -19.94 -19.23 -24.65
C ARG F 422 -20.97 -18.67 -23.69
N GLU F 423 -20.55 -18.42 -22.45
CA GLU F 423 -21.39 -17.85 -21.42
C GLU F 423 -20.62 -16.78 -20.64
N PRO F 424 -21.28 -15.71 -20.18
CA PRO F 424 -20.54 -14.67 -19.45
C PRO F 424 -20.02 -15.16 -18.12
N ILE F 425 -18.97 -14.50 -17.65
CA ILE F 425 -18.41 -14.70 -16.31
C ILE F 425 -18.86 -13.53 -15.44
N SER F 426 -19.31 -13.82 -14.23
CA SER F 426 -19.88 -12.78 -13.37
C SER F 426 -18.78 -11.92 -12.78
N LEU F 427 -18.97 -10.60 -12.82
CA LEU F 427 -18.03 -9.69 -12.18
C LEU F 427 -17.95 -9.94 -10.69
N HIS F 428 -19.10 -10.12 -10.05
CA HIS F 428 -19.16 -10.27 -8.60
C HIS F 428 -18.71 -11.68 -8.20
N THR F 429 -17.43 -11.92 -8.41
CA THR F 429 -16.83 -13.21 -8.06
C THR F 429 -15.57 -12.82 -7.32
N PRO F 430 -15.15 -13.63 -6.34
CA PRO F 430 -13.87 -13.24 -5.73
C PRO F 430 -12.76 -13.31 -6.75
N LEU F 431 -11.86 -12.34 -6.72
CA LEU F 431 -10.71 -12.36 -7.62
C LEU F 431 -9.90 -13.58 -7.30
N GLY F 432 -9.78 -13.89 -6.01
CA GLY F 432 -9.03 -15.04 -5.57
C GLY F 432 -7.64 -14.64 -5.16
N GLU F 433 -7.19 -13.47 -5.61
CA GLU F 433 -5.91 -12.97 -5.12
C GLU F 433 -6.17 -12.66 -3.67
N ASP F 434 -7.31 -12.07 -3.39
CA ASP F 434 -7.71 -11.78 -2.01
C ASP F 434 -9.21 -11.99 -1.92
N GLY F 435 -9.70 -12.36 -0.74
CA GLY F 435 -11.12 -12.58 -0.58
C GLY F 435 -11.94 -11.34 -0.80
N ASP F 436 -11.49 -10.20 -0.29
CA ASP F 436 -12.22 -8.95 -0.43
C ASP F 436 -12.36 -8.50 -1.88
N SER F 437 -11.30 -8.64 -2.66
CA SER F 437 -11.33 -8.18 -4.05
C SER F 437 -12.30 -8.94 -4.92
N GLU F 438 -12.95 -8.23 -5.84
CA GLU F 438 -13.89 -8.87 -6.76
C GLU F 438 -13.50 -8.48 -8.18
N PHE F 439 -13.89 -9.31 -9.16
CA PHE F 439 -13.49 -9.04 -10.54
C PHE F 439 -14.01 -7.72 -11.11
N GLY F 440 -15.23 -7.31 -10.73
CA GLY F 440 -15.76 -6.08 -11.28
C GLY F 440 -15.02 -4.83 -10.87
N ASP F 441 -13.94 -4.96 -10.09
CA ASP F 441 -13.18 -3.82 -9.59
C ASP F 441 -11.75 -3.85 -10.09
N LEU F 442 -11.52 -4.47 -11.24
CA LEU F 442 -10.18 -4.61 -11.79
C LEU F 442 -10.09 -4.37 -13.29
N ILE F 443 -11.21 -4.12 -13.97
CA ILE F 443 -11.23 -3.94 -15.41
C ILE F 443 -11.65 -2.52 -15.73
N GLU F 444 -10.84 -1.83 -16.53
CA GLU F 444 -11.01 -0.41 -16.72
C GLU F 444 -11.98 -0.14 -17.87
N ASP F 445 -12.59 1.04 -17.84
CA ASP F 445 -13.61 1.40 -18.82
C ASP F 445 -12.98 2.21 -19.94
N SER F 446 -13.72 2.29 -21.05
CA SER F 446 -13.30 3.09 -22.20
C SER F 446 -14.06 4.39 -22.32
N GLU F 447 -15.25 4.48 -21.70
CA GLU F 447 -16.06 5.69 -21.81
C GLU F 447 -15.51 6.85 -20.99
N ALA F 448 -14.58 6.61 -20.08
CA ALA F 448 -14.03 7.69 -19.28
C ALA F 448 -13.30 8.68 -20.17
N VAL F 449 -13.49 9.97 -19.88
CA VAL F 449 -12.74 11.02 -20.56
C VAL F 449 -11.39 11.18 -19.85
N VAL F 450 -10.32 10.75 -20.51
CA VAL F 450 -8.99 10.87 -19.93
C VAL F 450 -8.71 12.35 -19.76
N PRO F 451 -8.42 12.84 -18.55
CA PRO F 451 -8.20 14.29 -18.40
C PRO F 451 -7.10 14.84 -19.30
N ALA F 452 -6.02 14.09 -19.49
CA ALA F 452 -4.93 14.57 -20.34
C ALA F 452 -5.41 14.76 -21.77
N ASP F 453 -6.19 13.81 -22.29
CA ASP F 453 -6.65 13.92 -23.67
C ASP F 453 -7.65 15.06 -23.81
N ALA F 454 -8.56 15.21 -22.84
CA ALA F 454 -9.55 16.29 -22.92
C ALA F 454 -8.86 17.65 -22.88
N VAL F 455 -7.89 17.82 -21.99
CA VAL F 455 -7.23 19.11 -21.87
C VAL F 455 -6.36 19.39 -23.09
N SER F 456 -5.72 18.35 -23.63
CA SER F 456 -4.95 18.54 -24.86
C SER F 456 -5.86 18.94 -26.01
N PHE F 457 -7.04 18.33 -26.10
CA PHE F 457 -7.99 18.71 -27.15
C PHE F 457 -8.45 20.15 -26.97
N THR F 458 -8.71 20.57 -25.74
CA THR F 458 -9.12 21.96 -25.53
C THR F 458 -8.00 22.93 -25.92
N LEU F 459 -6.76 22.60 -25.55
CA LEU F 459 -5.63 23.45 -25.93
C LEU F 459 -5.47 23.49 -27.44
N LEU F 460 -5.68 22.36 -28.12
CA LEU F 460 -5.65 22.35 -29.58
C LEU F 460 -6.73 23.25 -30.14
N GLN F 461 -7.93 23.19 -29.58
CA GLN F 461 -9.02 24.06 -30.04
C GLN F 461 -8.61 25.52 -29.92
N GLU F 462 -8.07 25.90 -28.77
CA GLU F 462 -7.72 27.30 -28.54
C GLU F 462 -6.61 27.73 -29.49
N GLN F 463 -5.57 26.91 -29.61
CA GLN F 463 -4.45 27.27 -30.48
C GLN F 463 -4.90 27.37 -31.94
N LEU F 464 -5.72 26.42 -32.40
CA LEU F 464 -6.19 26.47 -33.78
C LEU F 464 -7.05 27.71 -34.02
N HIS F 465 -7.96 28.01 -33.09
CA HIS F 465 -8.82 29.18 -33.26
C HIS F 465 -7.99 30.45 -33.31
N SER F 466 -6.96 30.54 -32.46
CA SER F 466 -6.05 31.68 -32.52
C SER F 466 -5.35 31.75 -33.87
N VAL F 467 -4.91 30.60 -34.39
CA VAL F 467 -4.22 30.59 -35.67
C VAL F 467 -5.13 31.11 -36.78
N LEU F 468 -6.39 30.68 -36.78
CA LEU F 468 -7.34 31.23 -37.77
C LEU F 468 -7.54 32.72 -37.55
N ASP F 469 -7.61 33.15 -36.29
CA ASP F 469 -7.71 34.58 -36.02
C ASP F 469 -6.53 35.34 -36.59
N THR F 470 -5.37 34.68 -36.71
CA THR F 470 -4.24 35.30 -37.39
C THR F 470 -4.59 35.57 -38.85
N LEU F 471 -5.29 34.63 -39.50
CA LEU F 471 -5.71 34.80 -40.87
C LEU F 471 -6.74 35.92 -40.98
N SER F 472 -7.00 36.33 -42.23
CA SER F 472 -8.01 37.35 -42.47
C SER F 472 -9.39 36.85 -42.03
N GLU F 473 -10.28 37.80 -41.77
CA GLU F 473 -11.60 37.46 -41.26
C GLU F 473 -12.35 36.54 -42.22
N ARG F 474 -12.44 36.94 -43.49
CA ARG F 474 -13.15 36.14 -44.47
C ARG F 474 -12.49 34.78 -44.66
N GLU F 475 -11.16 34.76 -44.76
CA GLU F 475 -10.44 33.50 -45.00
C GLU F 475 -10.64 32.55 -43.82
N ALA F 476 -10.47 33.07 -42.60
CA ALA F 476 -10.67 32.24 -41.41
C ALA F 476 -12.10 31.72 -41.34
N GLY F 477 -13.07 32.58 -41.62
CA GLY F 477 -14.46 32.15 -41.58
C GLY F 477 -14.74 31.05 -42.58
N VAL F 478 -14.29 31.23 -43.83
CA VAL F 478 -14.62 30.25 -44.86
C VAL F 478 -13.95 28.92 -44.56
N VAL F 479 -12.69 28.93 -44.10
CA VAL F 479 -12.06 27.66 -43.77
C VAL F 479 -12.76 27.02 -42.58
N SER F 480 -13.23 27.83 -41.63
CA SER F 480 -13.95 27.29 -40.47
C SER F 480 -15.21 26.56 -40.91
N MET F 481 -16.01 27.19 -41.78
CA MET F 481 -17.20 26.50 -42.27
C MET F 481 -16.84 25.28 -43.11
N ARG F 482 -15.79 25.38 -43.93
CA ARG F 482 -15.37 24.23 -44.71
C ARG F 482 -14.99 23.05 -43.83
N PHE F 483 -14.48 23.33 -42.63
CA PHE F 483 -14.10 22.27 -41.69
C PHE F 483 -14.91 22.32 -40.40
N GLY F 484 -15.94 23.16 -40.33
CA GLY F 484 -16.91 23.09 -39.25
C GLY F 484 -16.35 23.26 -37.86
N LEU F 485 -15.40 24.18 -37.69
CA LEU F 485 -14.93 24.47 -36.34
C LEU F 485 -16.03 25.08 -35.49
N THR F 486 -16.94 25.86 -36.09
CA THR F 486 -18.04 26.46 -35.36
C THR F 486 -19.18 25.48 -35.10
N ASP F 487 -19.46 24.61 -36.07
CA ASP F 487 -20.55 23.64 -35.96
C ASP F 487 -20.05 22.28 -36.43
N GLY F 488 -20.56 21.22 -35.79
CA GLY F 488 -20.05 19.88 -36.02
C GLY F 488 -20.16 19.39 -37.44
N GLN F 489 -20.98 20.03 -38.27
CA GLN F 489 -21.14 19.66 -39.67
C GLN F 489 -20.37 20.64 -40.54
N PRO F 490 -19.25 20.25 -41.16
CA PRO F 490 -18.62 21.14 -42.14
C PRO F 490 -19.48 21.26 -43.39
N LYS F 491 -19.38 22.43 -44.03
CA LYS F 491 -20.18 22.74 -45.22
C LYS F 491 -19.32 22.62 -46.47
N THR F 492 -19.91 22.03 -47.51
CA THR F 492 -19.23 21.93 -48.79
C THR F 492 -18.95 23.33 -49.32
N LEU F 493 -18.06 23.41 -50.31
CA LEU F 493 -17.65 24.71 -50.85
C LEU F 493 -18.85 25.46 -51.39
N ASP F 494 -19.67 24.81 -52.22
CA ASP F 494 -20.92 25.42 -52.65
C ASP F 494 -21.82 25.71 -51.47
N GLU F 495 -21.84 24.82 -50.48
CA GLU F 495 -22.66 25.04 -49.29
C GLU F 495 -22.23 26.30 -48.55
N ILE F 496 -20.96 26.68 -48.64
CA ILE F 496 -20.53 27.93 -48.04
C ILE F 496 -20.93 29.12 -48.90
N GLY F 497 -21.18 28.89 -50.19
CA GLY F 497 -21.44 29.98 -51.11
C GLY F 497 -22.89 30.43 -51.15
N LYS F 498 -23.62 30.29 -50.05
CA LYS F 498 -24.97 30.78 -49.92
C LYS F 498 -25.10 31.88 -48.88
N VAL F 499 -24.67 31.62 -47.64
CA VAL F 499 -24.69 32.65 -46.61
C VAL F 499 -23.65 33.73 -46.89
N TYR F 500 -22.48 33.36 -47.42
CA TYR F 500 -21.41 34.32 -47.66
C TYR F 500 -21.61 35.09 -48.96
N GLY F 501 -22.38 34.54 -49.90
CA GLY F 501 -22.65 35.21 -51.16
C GLY F 501 -21.57 35.07 -52.21
N VAL F 502 -20.78 34.00 -52.17
CA VAL F 502 -19.72 33.75 -53.14
C VAL F 502 -20.07 32.50 -53.93
N THR F 503 -19.49 32.40 -55.13
CA THR F 503 -19.75 31.27 -56.00
C THR F 503 -18.90 30.07 -55.60
N ARG F 504 -19.41 28.88 -55.93
CA ARG F 504 -18.75 27.63 -55.52
C ARG F 504 -17.30 27.57 -56.00
N GLU F 505 -17.01 28.05 -57.20
CA GLU F 505 -15.63 28.11 -57.65
C GLU F 505 -14.85 29.23 -56.98
N ARG F 506 -15.49 30.37 -56.71
CA ARG F 506 -14.82 31.45 -55.98
C ARG F 506 -14.48 31.02 -54.56
N ILE F 507 -15.46 30.48 -53.84
CA ILE F 507 -15.21 29.98 -52.49
C ILE F 507 -14.18 28.86 -52.54
N ARG F 508 -14.24 28.00 -53.57
CA ARG F 508 -13.22 26.96 -53.72
C ARG F 508 -11.83 27.57 -53.82
N GLN F 509 -11.70 28.62 -54.63
CA GLN F 509 -10.40 29.26 -54.83
C GLN F 509 -9.87 29.81 -53.51
N ILE F 510 -10.74 30.45 -52.72
CA ILE F 510 -10.27 30.92 -51.40
C ILE F 510 -10.04 29.77 -50.43
N GLU F 511 -10.74 28.66 -50.59
CA GLU F 511 -10.45 27.51 -49.73
C GLU F 511 -9.04 27.01 -50.04
N SER F 512 -8.69 26.98 -51.31
CA SER F 512 -7.34 26.58 -51.69
C SER F 512 -6.38 27.61 -51.12
N LYS F 513 -6.76 28.87 -51.18
CA LYS F 513 -5.92 29.91 -50.63
C LYS F 513 -5.74 29.78 -49.12
N THR F 514 -6.81 29.44 -48.39
CA THR F 514 -6.64 29.24 -46.96
C THR F 514 -5.73 28.06 -46.68
N MET F 515 -5.90 26.95 -47.39
CA MET F 515 -5.11 25.78 -47.08
C MET F 515 -3.63 26.08 -47.34
N SER F 516 -3.33 26.82 -48.40
CA SER F 516 -1.96 27.22 -48.65
C SER F 516 -1.41 28.05 -47.49
N LYS F 517 -2.13 29.10 -47.09
CA LYS F 517 -1.63 30.05 -46.10
C LYS F 517 -1.34 29.35 -44.78
N LEU F 518 -2.25 28.47 -44.35
CA LEU F 518 -2.00 27.70 -43.13
C LEU F 518 -0.90 26.66 -43.33
N ARG F 519 -0.46 26.44 -44.57
CA ARG F 519 0.63 25.51 -44.84
C ARG F 519 2.01 26.16 -44.83
N HIS F 520 2.10 27.49 -44.84
CA HIS F 520 3.42 28.10 -44.69
C HIS F 520 4.02 27.76 -43.34
N PRO F 521 5.35 27.70 -43.23
CA PRO F 521 5.96 27.30 -41.95
C PRO F 521 5.64 28.23 -40.80
N SER F 522 5.21 29.47 -41.08
CA SER F 522 4.81 30.39 -40.02
C SER F 522 3.75 29.76 -39.13
N ARG F 523 2.55 29.54 -39.67
CA ARG F 523 1.44 28.93 -38.94
C ARG F 523 1.44 27.42 -39.12
N SER F 524 2.57 26.79 -38.81
CA SER F 524 2.68 25.33 -38.83
C SER F 524 3.48 24.77 -37.67
N GLN F 525 4.37 25.55 -37.05
CA GLN F 525 5.17 25.03 -35.95
C GLN F 525 4.29 24.64 -34.77
N VAL F 526 3.28 25.46 -34.47
CA VAL F 526 2.45 25.22 -33.30
C VAL F 526 1.61 23.95 -33.48
N LEU F 527 1.03 23.78 -34.67
CA LEU F 527 0.07 22.69 -34.86
C LEU F 527 0.72 21.36 -35.23
N ARG F 528 2.01 21.36 -35.58
CA ARG F 528 2.68 20.09 -35.87
C ARG F 528 2.67 19.17 -34.66
N ASP F 529 3.05 19.69 -33.48
CA ASP F 529 3.12 18.87 -32.29
C ASP F 529 1.77 18.32 -31.83
N TYR F 530 0.69 19.09 -31.94
CA TYR F 530 -0.63 18.60 -31.57
C TYR F 530 -1.17 17.50 -32.47
N LEU F 531 -0.59 17.32 -33.65
CA LEU F 531 -1.03 16.30 -34.61
C LEU F 531 -2.51 16.48 -34.94
N PRO G 26 19.70 44.87 -61.11
CA PRO G 26 19.08 45.73 -60.09
C PRO G 26 17.60 45.45 -59.90
N PRO G 27 17.25 44.46 -59.08
CA PRO G 27 15.83 44.17 -58.83
C PRO G 27 15.12 45.37 -58.23
N VAL G 28 13.84 45.50 -58.58
CA VAL G 28 13.00 46.60 -58.12
C VAL G 28 11.98 46.05 -57.14
N LYS G 29 11.58 46.90 -56.18
CA LYS G 29 10.66 46.46 -55.14
C LYS G 29 9.31 46.08 -55.74
N GLY G 30 8.83 46.85 -56.73
CA GLY G 30 7.55 46.59 -57.32
C GLY G 30 7.60 45.49 -58.36
N ARG G 31 6.43 45.23 -58.95
CA ARG G 31 6.32 44.21 -59.99
C ARG G 31 7.19 44.58 -61.18
N ALA G 32 7.94 43.62 -61.69
CA ALA G 32 8.80 43.85 -62.84
C ALA G 32 7.97 44.08 -64.10
N THR G 33 8.41 45.02 -64.92
CA THR G 33 7.76 45.32 -66.19
C THR G 33 8.83 45.52 -67.25
N ARG G 34 8.40 45.47 -68.51
CA ARG G 34 9.36 45.55 -69.61
C ARG G 34 10.12 46.86 -69.60
N GLN G 35 9.52 47.94 -69.11
CA GLN G 35 10.22 49.21 -69.04
C GLN G 35 11.32 49.18 -67.98
N ARG G 36 10.99 48.65 -66.79
CA ARG G 36 11.99 48.50 -65.74
C ARG G 36 13.11 47.56 -66.18
N ALA G 37 12.75 46.45 -66.83
CA ALA G 37 13.76 45.53 -67.33
C ALA G 37 14.63 46.20 -68.39
N ALA G 38 14.03 47.01 -69.26
CA ALA G 38 14.79 47.68 -70.30
C ALA G 38 15.78 48.68 -69.72
N VAL G 39 15.34 49.48 -68.75
CA VAL G 39 16.26 50.45 -68.15
C VAL G 39 17.35 49.74 -67.37
N SER G 40 17.02 48.63 -66.71
CA SER G 40 18.06 47.86 -66.02
C SER G 40 19.07 47.30 -67.01
N ALA G 41 18.59 46.80 -68.16
CA ALA G 41 19.49 46.30 -69.19
C ALA G 41 20.38 47.41 -69.72
N ALA G 42 19.82 48.60 -69.91
CA ALA G 42 20.63 49.74 -70.35
C ALA G 42 21.68 50.10 -69.30
N LEU G 43 21.30 50.07 -68.03
CA LEU G 43 22.24 50.41 -66.96
C LEU G 43 23.40 49.43 -66.93
N GLN G 44 23.10 48.13 -66.97
CA GLN G 44 24.17 47.14 -66.92
C GLN G 44 24.94 47.05 -68.23
N GLU G 45 24.36 47.53 -69.33
CA GLU G 45 25.04 47.46 -70.63
C GLU G 45 26.29 48.34 -70.65
N VAL G 46 26.20 49.53 -70.10
CA VAL G 46 27.29 50.50 -70.13
C VAL G 46 27.95 50.57 -68.77
N GLU G 47 29.09 51.26 -68.71
CA GLU G 47 29.86 51.41 -67.49
C GLU G 47 30.19 52.85 -67.13
N GLU G 48 30.00 53.81 -68.04
CA GLU G 48 30.29 55.19 -67.75
C GLU G 48 29.11 55.85 -67.01
N PHE G 49 29.37 57.01 -66.43
CA PHE G 49 28.34 57.78 -65.75
C PHE G 49 27.48 58.53 -66.75
N ARG G 50 26.18 58.54 -66.48
CA ARG G 50 25.22 59.17 -67.38
C ARG G 50 23.97 59.55 -66.59
N SER G 51 23.29 60.59 -67.05
CA SER G 51 22.10 61.10 -66.39
C SER G 51 20.85 60.49 -67.03
N ALA G 52 19.69 60.95 -66.55
CA ALA G 52 18.42 60.41 -67.06
C ALA G 52 18.24 60.73 -68.53
N GLN G 53 18.64 61.93 -68.96
CA GLN G 53 18.43 62.33 -70.35
C GLN G 53 19.23 61.46 -71.32
N GLU G 54 20.49 61.16 -70.98
CA GLU G 54 21.33 60.39 -71.90
C GLU G 54 20.85 58.94 -71.99
N LEU G 55 20.52 58.33 -70.86
CA LEU G 55 19.99 56.97 -70.92
C LEU G 55 18.65 56.93 -71.64
N HIS G 56 17.82 57.96 -71.46
CA HIS G 56 16.57 58.04 -72.22
C HIS G 56 16.86 58.12 -73.72
N ASP G 57 17.86 58.92 -74.10
CA ASP G 57 18.21 59.04 -75.51
C ASP G 57 18.64 57.69 -76.09
N MET G 58 19.53 56.98 -75.39
CA MET G 58 20.02 55.72 -75.93
C MET G 58 18.90 54.68 -76.01
N LEU G 59 18.06 54.60 -74.97
CA LEU G 59 17.00 53.59 -74.99
C LEU G 59 15.97 53.89 -76.07
N LYS G 60 15.68 55.17 -76.32
CA LYS G 60 14.76 55.49 -77.42
C LYS G 60 15.41 55.18 -78.76
N HIS G 61 16.71 55.40 -78.88
CA HIS G 61 17.38 55.17 -80.16
C HIS G 61 17.45 53.68 -80.48
N LYS G 62 17.71 52.83 -79.48
CA LYS G 62 17.78 51.39 -79.74
C LYS G 62 16.40 50.74 -79.84
N GLY G 63 15.33 51.47 -79.53
CA GLY G 63 13.98 50.97 -79.74
C GLY G 63 13.26 50.50 -78.49
N ASP G 64 13.39 51.26 -77.40
CA ASP G 64 12.68 50.94 -76.16
C ASP G 64 11.37 51.71 -76.03
N ALA G 65 11.37 53.00 -76.38
CA ALA G 65 10.18 53.84 -76.29
C ALA G 65 9.66 53.89 -74.85
N VAL G 66 10.49 54.45 -73.98
CA VAL G 66 10.21 54.52 -72.55
C VAL G 66 10.25 55.99 -72.14
N GLY G 67 9.47 56.32 -71.12
CA GLY G 67 9.28 57.71 -70.71
C GLY G 67 10.44 58.30 -69.92
N LEU G 68 10.54 59.63 -69.96
CA LEU G 68 11.53 60.34 -69.17
C LEU G 68 11.24 60.25 -67.68
N THR G 69 10.00 60.55 -67.29
CA THR G 69 9.65 60.50 -65.88
C THR G 69 9.69 59.06 -65.37
N THR G 70 9.37 58.10 -66.23
CA THR G 70 9.44 56.69 -65.82
C THR G 70 10.87 56.30 -65.48
N VAL G 71 11.83 56.64 -66.34
CA VAL G 71 13.22 56.30 -66.04
C VAL G 71 13.71 57.09 -64.83
N TYR G 72 13.25 58.35 -64.69
CA TYR G 72 13.61 59.14 -63.52
C TYR G 72 13.16 58.46 -62.23
N ARG G 73 11.90 58.00 -62.22
CA ARG G 73 11.37 57.32 -61.03
C ARG G 73 12.11 56.01 -60.79
N THR G 74 12.41 55.27 -61.85
CA THR G 74 13.10 53.99 -61.68
C THR G 74 14.49 54.20 -61.08
N LEU G 75 15.22 55.21 -61.55
CA LEU G 75 16.55 55.43 -61.02
C LEU G 75 16.49 56.04 -59.62
N GLN G 76 15.44 56.81 -59.31
CA GLN G 76 15.24 57.26 -57.93
C GLN G 76 15.06 56.06 -57.00
N SER G 77 14.20 55.11 -57.41
CA SER G 77 14.00 53.91 -56.60
C SER G 77 15.27 53.10 -56.47
N LEU G 78 16.03 52.97 -57.57
CA LEU G 78 17.27 52.20 -57.54
C LEU G 78 18.29 52.84 -56.60
N ALA G 79 18.41 54.18 -56.67
CA ALA G 79 19.31 54.88 -55.76
C ALA G 79 18.87 54.73 -54.31
N ASP G 80 17.55 54.75 -54.07
CA ASP G 80 17.06 54.47 -52.72
C ASP G 80 17.46 53.08 -52.27
N ALA G 81 17.38 52.10 -53.19
CA ALA G 81 17.86 50.75 -52.88
C ALA G 81 19.37 50.66 -52.89
N GLY G 82 20.06 51.58 -53.56
CA GLY G 82 21.51 51.59 -53.59
C GLY G 82 22.14 50.68 -54.63
N GLU G 83 21.33 50.09 -55.53
CA GLU G 83 21.90 49.21 -56.53
C GLU G 83 22.81 49.96 -57.51
N VAL G 84 22.54 51.24 -57.73
CA VAL G 84 23.37 52.08 -58.58
C VAL G 84 24.05 53.13 -57.72
N ASP G 85 25.00 53.85 -58.32
CA ASP G 85 25.77 54.89 -57.65
C ASP G 85 25.54 56.22 -58.35
N VAL G 86 25.44 57.28 -57.55
CA VAL G 86 25.07 58.60 -58.02
C VAL G 86 26.28 59.53 -57.89
N LEU G 87 26.29 60.58 -58.71
CA LEU G 87 27.37 61.55 -58.67
C LEU G 87 26.88 62.87 -59.26
N ARG G 88 26.95 63.94 -58.48
CA ARG G 88 26.56 65.27 -58.96
C ARG G 88 27.72 65.87 -59.74
N THR G 89 27.47 66.20 -61.01
CA THR G 89 28.51 66.76 -61.86
C THR G 89 28.80 68.21 -61.45
N ALA G 90 29.71 68.84 -62.21
CA ALA G 90 30.09 70.22 -61.90
C ALA G 90 28.89 71.16 -62.02
N GLU G 91 28.09 71.00 -63.06
CA GLU G 91 26.90 71.84 -63.20
C GLU G 91 25.93 71.61 -62.06
N GLY G 92 25.73 70.34 -61.66
CA GLY G 92 24.84 70.00 -60.57
C GLY G 92 23.99 68.78 -60.84
N GLU G 93 23.78 68.47 -62.13
CA GLU G 93 22.92 67.35 -62.47
C GLU G 93 23.54 66.03 -62.04
N SER G 94 22.68 65.12 -61.59
CA SER G 94 23.11 63.83 -61.08
C SER G 94 23.26 62.84 -62.24
N VAL G 95 24.41 62.17 -62.29
CA VAL G 95 24.66 61.08 -63.22
C VAL G 95 24.71 59.78 -62.42
N TYR G 96 24.44 58.68 -63.12
CA TYR G 96 24.22 57.39 -62.47
C TYR G 96 25.08 56.34 -63.15
N ARG G 97 25.53 55.36 -62.35
CA ARG G 97 26.35 54.27 -62.88
C ARG G 97 26.07 53.02 -62.06
N ARG G 98 25.76 51.92 -62.77
CA ARG G 98 25.57 50.62 -62.14
C ARG G 98 26.96 50.02 -61.91
N CYS G 99 27.51 50.23 -60.72
CA CYS G 99 28.85 49.75 -60.40
C CYS G 99 28.83 48.27 -60.06
N SER G 100 29.85 47.56 -60.53
CA SER G 100 29.91 46.11 -60.31
C SER G 100 30.06 45.78 -58.83
N THR G 101 30.93 46.52 -58.14
CA THR G 101 31.21 46.23 -56.73
C THR G 101 30.16 46.88 -55.84
N GLY G 102 29.60 46.08 -54.93
CA GLY G 102 28.54 46.55 -54.06
C GLY G 102 28.97 47.08 -52.71
N ASP G 103 30.20 46.81 -52.30
CA ASP G 103 30.67 47.28 -51.00
C ASP G 103 30.97 48.78 -51.05
N HIS G 104 31.45 49.32 -49.94
CA HIS G 104 31.84 50.72 -49.90
C HIS G 104 33.05 50.94 -50.80
N HIS G 105 33.00 52.00 -51.60
CA HIS G 105 34.04 52.28 -52.58
C HIS G 105 33.90 53.72 -53.05
N HIS G 106 34.93 54.19 -53.75
CA HIS G 106 34.93 55.50 -54.39
C HIS G 106 35.27 55.32 -55.86
N HIS G 107 35.00 56.36 -56.65
CA HIS G 107 35.18 56.31 -58.09
C HIS G 107 36.10 57.44 -58.54
N LEU G 108 37.11 57.09 -59.34
CA LEU G 108 37.93 58.07 -60.05
C LEU G 108 37.36 58.21 -61.45
N VAL G 109 36.96 59.44 -61.80
CA VAL G 109 36.20 59.70 -63.03
C VAL G 109 36.96 60.72 -63.86
N CYS G 110 37.06 60.46 -65.16
CA CYS G 110 37.60 61.40 -66.13
C CYS G 110 36.44 62.01 -66.90
N ARG G 111 36.32 63.35 -66.84
CA ARG G 111 35.20 64.01 -67.51
C ARG G 111 35.31 63.90 -69.02
N ALA G 112 36.54 63.91 -69.56
CA ALA G 112 36.70 63.80 -71.01
C ALA G 112 36.24 62.45 -71.52
N CYS G 113 36.50 61.37 -70.78
CA CYS G 113 36.16 60.02 -71.19
C CYS G 113 34.86 59.50 -70.57
N GLY G 114 34.59 59.87 -69.32
CA GLY G 114 33.47 59.31 -68.60
C GLY G 114 33.73 57.98 -67.93
N LYS G 115 34.92 57.41 -68.11
CA LYS G 115 35.26 56.15 -67.47
C LYS G 115 35.36 56.33 -65.97
N ALA G 116 34.93 55.31 -65.22
CA ALA G 116 35.01 55.30 -63.77
C ALA G 116 35.86 54.13 -63.33
N VAL G 117 36.80 54.39 -62.43
CA VAL G 117 37.69 53.37 -61.87
C VAL G 117 37.37 53.22 -60.40
N GLU G 118 37.13 51.99 -59.96
CA GLU G 118 36.75 51.71 -58.58
C GLU G 118 38.01 51.74 -57.72
N VAL G 119 38.14 52.76 -56.88
CA VAL G 119 39.26 52.91 -55.96
C VAL G 119 38.71 53.02 -54.56
N GLU G 120 39.27 52.25 -53.63
CA GLU G 120 38.88 52.26 -52.23
C GLU G 120 40.13 52.34 -51.37
N GLY G 121 40.07 53.18 -50.33
CA GLY G 121 41.17 53.37 -49.43
C GLY G 121 40.71 53.55 -47.99
N PRO G 122 41.25 52.76 -47.05
CA PRO G 122 40.88 52.98 -45.65
C PRO G 122 41.50 54.23 -45.05
N ALA G 123 42.44 54.88 -45.73
CA ALA G 123 43.06 56.09 -45.17
C ALA G 123 42.03 57.21 -45.02
N VAL G 124 41.22 57.43 -46.06
CA VAL G 124 40.20 58.47 -45.97
C VAL G 124 39.16 58.11 -44.90
N GLU G 125 38.83 56.83 -44.78
CA GLU G 125 37.86 56.41 -43.77
C GLU G 125 38.38 56.67 -42.37
N LYS G 126 39.65 56.32 -42.10
CA LYS G 126 40.19 56.54 -40.77
C LYS G 126 40.35 58.03 -40.48
N TRP G 127 40.75 58.81 -41.48
CA TRP G 127 40.83 60.25 -41.28
C TRP G 127 39.46 60.83 -40.94
N ALA G 128 38.43 60.43 -41.67
CA ALA G 128 37.09 60.92 -41.40
C ALA G 128 36.61 60.52 -40.01
N GLU G 129 36.85 59.26 -39.62
CA GLU G 129 36.42 58.81 -38.30
C GLU G 129 37.16 59.56 -37.21
N ALA G 130 38.47 59.79 -37.39
CA ALA G 130 39.26 60.48 -36.37
C ALA G 130 38.80 61.92 -36.21
N ILE G 131 38.59 62.63 -37.32
CA ILE G 131 38.16 64.03 -37.21
C ILE G 131 36.75 64.12 -36.65
N ALA G 132 35.88 63.17 -37.01
CA ALA G 132 34.54 63.16 -36.44
C ALA G 132 34.59 62.93 -34.93
N ALA G 133 35.42 61.99 -34.48
CA ALA G 133 35.53 61.71 -33.05
C ALA G 133 36.11 62.90 -32.30
N GLU G 134 37.14 63.54 -32.86
CA GLU G 134 37.76 64.67 -32.18
C GLU G 134 36.78 65.83 -32.04
N HIS G 135 35.98 66.08 -33.07
CA HIS G 135 34.97 67.13 -33.03
C HIS G 135 33.71 66.70 -32.29
N GLY G 136 33.59 65.42 -31.90
CA GLY G 136 32.42 64.97 -31.19
C GLY G 136 31.19 64.79 -32.04
N TYR G 137 31.35 64.69 -33.36
CA TYR G 137 30.21 64.52 -34.25
C TYR G 137 29.66 63.10 -34.14
N VAL G 138 28.34 62.98 -34.24
CA VAL G 138 27.69 61.69 -34.01
C VAL G 138 27.91 60.76 -35.19
N ASN G 139 27.56 61.21 -36.40
CA ASN G 139 27.64 60.42 -37.60
C ASN G 139 28.43 61.15 -38.67
N VAL G 140 29.06 60.39 -39.55
CA VAL G 140 29.87 60.91 -40.65
C VAL G 140 29.35 60.31 -41.95
N ALA G 141 29.09 61.17 -42.93
CA ALA G 141 28.65 60.76 -44.27
C ALA G 141 29.57 61.46 -45.27
N HIS G 142 30.66 60.80 -45.62
CA HIS G 142 31.70 61.44 -46.44
C HIS G 142 31.28 61.46 -47.91
N THR G 143 31.55 62.59 -48.57
CA THR G 143 31.31 62.77 -50.00
C THR G 143 32.67 63.08 -50.64
N VAL G 144 33.30 62.06 -51.23
CA VAL G 144 34.64 62.17 -51.77
C VAL G 144 34.60 61.81 -53.25
N GLU G 145 35.23 62.66 -54.07
CA GLU G 145 35.33 62.40 -55.50
C GLU G 145 36.63 62.99 -56.01
N ILE G 146 37.26 62.31 -56.96
CA ILE G 146 38.50 62.75 -57.59
C ILE G 146 38.26 62.84 -59.09
N PHE G 147 38.47 64.03 -59.65
CA PHE G 147 38.31 64.29 -61.07
C PHE G 147 39.68 64.50 -61.70
N GLY G 148 39.94 63.81 -62.81
CA GLY G 148 41.22 63.90 -63.48
C GLY G 148 41.13 63.68 -64.97
N THR G 149 42.29 63.53 -65.62
CA THR G 149 42.37 63.30 -67.05
C THR G 149 43.31 62.14 -67.32
N CYS G 150 42.95 61.30 -68.28
CA CYS G 150 43.80 60.17 -68.65
C CYS G 150 45.05 60.64 -69.36
N ALA G 151 46.06 59.76 -69.39
CA ALA G 151 47.28 60.06 -70.15
C ALA G 151 46.96 60.20 -71.64
N ASP G 152 46.07 59.36 -72.15
CA ASP G 152 45.66 59.46 -73.55
C ASP G 152 44.96 60.78 -73.84
N CYS G 153 44.26 61.34 -72.84
CA CYS G 153 43.57 62.61 -73.06
C CYS G 153 44.56 63.71 -73.39
N ALA G 154 45.68 63.78 -72.65
CA ALA G 154 46.70 64.79 -72.93
C ALA G 154 47.30 64.57 -74.31
N GLY G 155 47.59 63.31 -74.67
CA GLY G 155 48.15 63.04 -75.97
C GLY G 155 47.16 63.31 -77.09
N ALA G 156 47.70 63.60 -78.27
CA ALA G 156 46.89 63.91 -79.45
C ALA G 156 47.34 63.05 -80.63
N PRO H 26 38.57 91.21 -48.91
CA PRO H 26 38.30 90.53 -50.18
C PRO H 26 38.27 91.48 -51.38
N PRO H 27 39.45 91.88 -51.86
CA PRO H 27 39.50 92.78 -53.02
C PRO H 27 38.85 92.14 -54.24
N VAL H 28 38.20 92.98 -55.04
CA VAL H 28 37.49 92.55 -56.25
C VAL H 28 38.22 93.13 -57.46
N LYS H 29 38.34 92.33 -58.52
CA LYS H 29 39.05 92.75 -59.71
C LYS H 29 38.43 94.00 -60.33
N GLY H 30 37.12 94.18 -60.19
CA GLY H 30 36.46 95.34 -60.74
C GLY H 30 36.79 96.61 -59.98
N ARG H 31 36.31 97.73 -60.51
CA ARG H 31 36.56 99.02 -59.89
C ARG H 31 35.88 99.12 -58.54
N ALA H 32 36.43 99.97 -57.68
CA ALA H 32 35.88 100.16 -56.35
C ALA H 32 34.49 100.76 -56.44
N THR H 33 33.52 100.09 -55.84
CA THR H 33 32.14 100.56 -55.83
C THR H 33 31.46 100.05 -54.56
N ARG H 34 30.36 100.70 -54.19
CA ARG H 34 29.69 100.37 -52.95
C ARG H 34 29.09 98.96 -52.98
N GLN H 35 28.72 98.47 -54.16
CA GLN H 35 28.14 97.13 -54.24
C GLN H 35 29.14 96.07 -53.81
N ARG H 36 30.34 96.10 -54.39
CA ARG H 36 31.34 95.09 -54.06
C ARG H 36 31.75 95.18 -52.60
N ALA H 37 31.97 96.40 -52.10
CA ALA H 37 32.35 96.56 -50.70
C ALA H 37 31.25 96.06 -49.77
N ALA H 38 29.99 96.37 -50.08
CA ALA H 38 28.88 95.95 -49.23
C ALA H 38 28.76 94.43 -49.20
N VAL H 39 28.82 93.79 -50.37
CA VAL H 39 28.68 92.33 -50.39
C VAL H 39 29.87 91.66 -49.71
N SER H 40 31.08 92.19 -49.91
CA SER H 40 32.24 91.62 -49.26
C SER H 40 32.15 91.76 -47.74
N ALA H 41 31.71 92.92 -47.25
CA ALA H 41 31.56 93.10 -45.81
C ALA H 41 30.49 92.18 -45.25
N ALA H 42 29.37 92.03 -45.96
CA ALA H 42 28.31 91.14 -45.49
C ALA H 42 28.81 89.69 -45.44
N LEU H 43 29.56 89.28 -46.45
CA LEU H 43 30.12 87.92 -46.44
C LEU H 43 31.10 87.75 -45.28
N GLN H 44 31.92 88.77 -45.01
CA GLN H 44 32.87 88.69 -43.91
C GLN H 44 32.14 88.58 -42.57
N GLU H 45 31.03 89.31 -42.42
CA GLU H 45 30.30 89.28 -41.15
C GLU H 45 29.77 87.88 -40.84
N VAL H 46 29.23 87.19 -41.84
CA VAL H 46 28.67 85.86 -41.66
C VAL H 46 29.78 84.83 -41.83
N GLU H 47 29.72 83.77 -41.01
CA GLU H 47 30.71 82.71 -41.03
C GLU H 47 30.05 81.35 -41.28
N GLU H 48 28.94 81.34 -42.00
CA GLU H 48 28.16 80.14 -42.28
C GLU H 48 27.94 80.02 -43.78
N PHE H 49 28.06 78.79 -44.29
CA PHE H 49 27.74 78.54 -45.69
C PHE H 49 26.27 78.88 -45.95
N ARG H 50 26.04 79.69 -46.98
CA ARG H 50 24.69 80.16 -47.29
C ARG H 50 24.56 80.33 -48.79
N SER H 51 23.32 80.21 -49.27
CA SER H 51 23.03 80.32 -50.69
C SER H 51 22.96 81.78 -51.12
N ALA H 52 22.90 81.98 -52.44
CA ALA H 52 22.83 83.34 -52.98
C ALA H 52 21.55 84.05 -52.54
N GLN H 53 20.42 83.34 -52.56
CA GLN H 53 19.15 83.94 -52.17
C GLN H 53 19.17 84.35 -50.71
N GLU H 54 19.72 83.50 -49.84
CA GLU H 54 19.81 83.83 -48.42
C GLU H 54 20.68 85.06 -48.21
N LEU H 55 21.81 85.14 -48.92
CA LEU H 55 22.68 86.31 -48.80
C LEU H 55 21.97 87.56 -49.28
N HIS H 56 21.23 87.46 -50.39
CA HIS H 56 20.48 88.61 -50.89
C HIS H 56 19.44 89.07 -49.89
N ASP H 57 18.72 88.12 -49.28
CA ASP H 57 17.71 88.48 -48.29
C ASP H 57 18.34 89.15 -47.07
N MET H 58 19.47 88.61 -46.60
CA MET H 58 20.13 89.20 -45.44
C MET H 58 20.64 90.60 -45.76
N LEU H 59 21.19 90.79 -46.96
CA LEU H 59 21.65 92.12 -47.37
C LEU H 59 20.49 93.10 -47.47
N LYS H 60 19.36 92.65 -48.01
CA LYS H 60 18.18 93.52 -48.07
C LYS H 60 17.73 93.91 -46.67
N HIS H 61 17.70 92.95 -45.74
CA HIS H 61 17.31 93.25 -44.38
C HIS H 61 18.28 94.22 -43.72
N LYS H 62 19.58 94.09 -44.01
CA LYS H 62 20.57 95.00 -43.48
C LYS H 62 20.48 96.40 -44.08
N GLY H 63 19.74 96.58 -45.17
CA GLY H 63 19.56 97.86 -45.79
C GLY H 63 20.48 98.16 -46.96
N ASP H 64 21.21 97.15 -47.46
CA ASP H 64 22.10 97.39 -48.59
C ASP H 64 21.31 97.75 -49.85
N ALA H 65 20.17 97.10 -50.06
CA ALA H 65 19.37 97.30 -51.26
C ALA H 65 20.18 96.99 -52.52
N VAL H 66 20.72 95.76 -52.56
CA VAL H 66 21.60 95.32 -53.63
C VAL H 66 20.91 94.20 -54.40
N GLY H 67 21.19 94.13 -55.70
CA GLY H 67 20.50 93.19 -56.56
C GLY H 67 20.93 91.76 -56.37
N LEU H 68 20.02 90.85 -56.75
CA LEU H 68 20.32 89.42 -56.68
C LEU H 68 21.27 89.00 -57.80
N THR H 69 21.04 89.51 -59.00
CA THR H 69 21.98 89.25 -60.09
C THR H 69 23.35 89.81 -59.78
N THR H 70 23.40 90.97 -59.12
CA THR H 70 24.67 91.53 -58.69
C THR H 70 25.35 90.60 -57.69
N VAL H 71 24.57 90.05 -56.76
CA VAL H 71 25.12 89.11 -55.78
C VAL H 71 25.72 87.91 -56.51
N TYR H 72 24.98 87.36 -57.47
CA TYR H 72 25.47 86.20 -58.21
C TYR H 72 26.76 86.51 -58.96
N ARG H 73 26.78 87.65 -59.67
CA ARG H 73 27.96 87.99 -60.47
C ARG H 73 29.17 88.24 -59.59
N THR H 74 29.01 89.02 -58.53
CA THR H 74 30.13 89.31 -57.63
C THR H 74 30.61 88.04 -56.94
N LEU H 75 29.68 87.17 -56.55
CA LEU H 75 30.06 85.92 -55.90
C LEU H 75 30.83 85.02 -56.84
N GLN H 76 30.40 84.93 -58.10
CA GLN H 76 31.14 84.15 -59.09
C GLN H 76 32.54 84.73 -59.30
N SER H 77 32.64 86.06 -59.37
CA SER H 77 33.94 86.69 -59.52
C SER H 77 34.86 86.36 -58.34
N LEU H 78 34.31 86.43 -57.13
CA LEU H 78 35.10 86.11 -55.93
C LEU H 78 35.53 84.65 -55.94
N ALA H 79 34.63 83.74 -56.34
CA ALA H 79 34.98 82.33 -56.41
C ALA H 79 36.09 82.09 -57.42
N ASP H 80 36.02 82.76 -58.58
CA ASP H 80 37.09 82.66 -59.55
C ASP H 80 38.39 83.24 -59.00
N ALA H 81 38.29 84.26 -58.15
CA ALA H 81 39.48 84.85 -57.55
C ALA H 81 40.10 83.95 -56.49
N GLY H 82 39.35 82.99 -55.96
CA GLY H 82 39.86 82.08 -54.95
C GLY H 82 39.81 82.60 -53.53
N GLU H 83 39.26 83.79 -53.30
CA GLU H 83 39.19 84.35 -51.96
C GLU H 83 38.05 83.77 -51.13
N VAL H 84 37.18 82.96 -51.73
CA VAL H 84 36.02 82.39 -51.04
C VAL H 84 35.98 80.89 -51.32
N ASP H 85 35.23 80.18 -50.47
CA ASP H 85 35.09 78.73 -50.54
C ASP H 85 33.67 78.40 -50.98
N VAL H 86 33.55 77.56 -52.00
CA VAL H 86 32.25 77.17 -52.55
C VAL H 86 31.90 75.78 -52.06
N LEU H 87 30.63 75.42 -52.17
CA LEU H 87 30.17 74.08 -51.83
C LEU H 87 28.82 73.87 -52.51
N ARG H 88 28.54 72.61 -52.86
CA ARG H 88 27.30 72.24 -53.50
C ARG H 88 26.40 71.53 -52.50
N THR H 89 25.16 72.00 -52.39
CA THR H 89 24.21 71.38 -51.48
C THR H 89 23.79 70.01 -52.00
N ALA H 90 23.24 69.20 -51.11
CA ALA H 90 22.82 67.85 -51.49
C ALA H 90 21.71 67.89 -52.53
N GLU H 91 20.74 68.78 -52.34
CA GLU H 91 19.59 68.82 -53.25
C GLU H 91 19.92 69.47 -54.58
N GLY H 92 20.97 70.29 -54.65
CA GLY H 92 21.40 70.88 -55.91
C GLY H 92 21.87 72.31 -55.82
N GLU H 93 21.39 73.07 -54.84
CA GLU H 93 21.79 74.46 -54.71
C GLU H 93 23.24 74.56 -54.28
N SER H 94 23.77 75.78 -54.28
CA SER H 94 25.16 76.06 -53.94
C SER H 94 25.21 77.01 -52.75
N VAL H 95 26.10 76.73 -51.81
CA VAL H 95 26.35 77.59 -50.66
C VAL H 95 27.81 78.03 -50.71
N TYR H 96 28.10 79.13 -50.04
CA TYR H 96 29.42 79.74 -50.10
C TYR H 96 29.77 80.34 -48.74
N ARG H 97 31.06 80.29 -48.40
CA ARG H 97 31.53 80.73 -47.10
C ARG H 97 32.94 81.29 -47.24
N ARG H 98 33.29 82.19 -46.32
CA ARG H 98 34.62 82.79 -46.28
C ARG H 98 35.41 82.18 -45.13
N CYS H 99 36.61 81.66 -45.44
CA CYS H 99 37.51 81.08 -44.46
C CYS H 99 38.78 81.92 -44.40
N SER H 100 39.23 82.21 -43.18
CA SER H 100 40.40 83.07 -43.01
C SER H 100 41.65 82.46 -43.64
N THR H 101 41.84 81.15 -43.45
CA THR H 101 43.04 80.50 -43.97
C THR H 101 43.04 80.53 -45.50
N GLY H 102 44.18 80.90 -46.07
CA GLY H 102 44.35 80.91 -47.50
C GLY H 102 44.84 79.58 -48.05
N ASP H 103 45.40 78.75 -47.17
CA ASP H 103 45.90 77.45 -47.60
C ASP H 103 44.75 76.52 -47.95
N HIS H 104 45.07 75.49 -48.75
CA HIS H 104 44.06 74.51 -49.14
C HIS H 104 43.57 73.75 -47.91
N HIS H 105 42.26 73.52 -47.86
CA HIS H 105 41.65 72.84 -46.73
C HIS H 105 40.33 72.24 -47.17
N HIS H 106 39.83 71.31 -46.35
CA HIS H 106 38.54 70.65 -46.56
C HIS H 106 37.58 71.08 -45.47
N HIS H 107 36.29 70.77 -45.67
CA HIS H 107 35.23 71.30 -44.83
C HIS H 107 34.36 70.18 -44.26
N LEU H 108 34.03 70.32 -42.99
CA LEU H 108 32.98 69.53 -42.32
C LEU H 108 31.80 70.46 -42.10
N VAL H 109 30.65 70.13 -42.69
CA VAL H 109 29.47 70.99 -42.68
C VAL H 109 28.31 70.21 -42.08
N CYS H 110 27.69 70.76 -41.05
CA CYS H 110 26.51 70.16 -40.43
C CYS H 110 25.28 70.67 -41.18
N ARG H 111 24.55 69.76 -41.81
CA ARG H 111 23.36 70.16 -42.57
C ARG H 111 22.27 70.69 -41.65
N ALA H 112 22.15 70.11 -40.45
CA ALA H 112 21.10 70.53 -39.53
C ALA H 112 21.26 71.99 -39.12
N CYS H 113 22.49 72.39 -38.78
CA CYS H 113 22.78 73.76 -38.35
C CYS H 113 23.38 74.63 -39.44
N GLY H 114 24.05 74.04 -40.41
CA GLY H 114 24.72 74.80 -41.46
C GLY H 114 26.12 75.27 -41.10
N LYS H 115 26.57 75.05 -39.86
CA LYS H 115 27.90 75.47 -39.46
C LYS H 115 28.95 74.64 -40.17
N ALA H 116 30.04 75.30 -40.58
CA ALA H 116 31.13 74.65 -41.29
C ALA H 116 32.45 74.92 -40.58
N VAL H 117 33.29 73.88 -40.49
CA VAL H 117 34.61 73.98 -39.89
C VAL H 117 35.64 73.44 -40.87
N GLU H 118 36.76 74.15 -40.98
CA GLU H 118 37.82 73.80 -41.92
C GLU H 118 38.89 72.97 -41.23
N VAL H 119 39.36 71.93 -41.93
CA VAL H 119 40.42 71.05 -41.45
C VAL H 119 41.35 70.74 -42.62
N GLU H 120 42.44 70.04 -42.31
CA GLU H 120 43.38 69.61 -43.33
C GLU H 120 44.10 68.37 -42.84
N GLY H 121 44.12 67.32 -43.68
CA GLY H 121 44.81 66.10 -43.37
C GLY H 121 45.64 65.62 -44.55
N PRO H 122 46.91 65.28 -44.32
CA PRO H 122 47.76 64.86 -45.46
C PRO H 122 47.30 63.57 -46.12
N ALA H 123 46.54 62.73 -45.42
CA ALA H 123 46.23 61.39 -45.92
C ALA H 123 45.48 61.46 -47.25
N VAL H 124 44.52 62.37 -47.37
CA VAL H 124 43.77 62.50 -48.62
C VAL H 124 44.71 62.89 -49.76
N GLU H 125 45.63 63.80 -49.48
CA GLU H 125 46.57 64.22 -50.53
C GLU H 125 47.48 63.08 -50.95
N LYS H 126 47.99 62.32 -49.98
CA LYS H 126 48.87 61.20 -50.33
C LYS H 126 48.11 60.14 -51.12
N TRP H 127 46.87 59.84 -50.73
CA TRP H 127 46.08 58.86 -51.46
C TRP H 127 45.80 59.34 -52.88
N ALA H 128 45.45 60.62 -53.04
CA ALA H 128 45.20 61.14 -54.38
C ALA H 128 46.46 61.07 -55.25
N GLU H 129 47.61 61.43 -54.68
CA GLU H 129 48.86 61.36 -55.44
C GLU H 129 49.18 59.93 -55.83
N ALA H 130 49.00 58.99 -54.90
CA ALA H 130 49.29 57.58 -55.20
C ALA H 130 48.36 57.07 -56.30
N ILE H 131 47.07 57.41 -56.22
CA ILE H 131 46.12 56.96 -57.24
C ILE H 131 46.48 57.55 -58.60
N ALA H 132 46.82 58.84 -58.63
CA ALA H 132 47.18 59.47 -59.90
C ALA H 132 48.44 58.84 -60.49
N ALA H 133 49.44 58.56 -59.65
CA ALA H 133 50.66 57.92 -60.14
C ALA H 133 50.38 56.51 -60.66
N GLU H 134 49.57 55.74 -59.93
CA GLU H 134 49.28 54.37 -60.33
C GLU H 134 48.51 54.33 -61.65
N HIS H 135 47.51 55.19 -61.80
CA HIS H 135 46.66 55.20 -62.97
C HIS H 135 47.19 56.07 -64.10
N GLY H 136 48.30 56.79 -63.88
CA GLY H 136 48.90 57.58 -64.93
C GLY H 136 48.18 58.86 -65.27
N TYR H 137 47.22 59.29 -64.45
CA TYR H 137 46.50 60.52 -64.72
C TYR H 137 47.46 61.71 -64.67
N VAL H 138 47.34 62.59 -65.65
CA VAL H 138 48.25 63.74 -65.74
C VAL H 138 48.02 64.69 -64.57
N ASN H 139 46.80 65.22 -64.46
CA ASN H 139 46.42 66.11 -63.38
C ASN H 139 45.07 65.68 -62.81
N VAL H 140 44.91 65.89 -61.51
CA VAL H 140 43.69 65.51 -60.80
C VAL H 140 43.24 66.68 -59.93
N ALA H 141 41.92 66.73 -59.69
CA ALA H 141 41.31 67.72 -58.83
C ALA H 141 40.35 67.00 -57.90
N HIS H 142 40.70 66.95 -56.61
CA HIS H 142 39.94 66.17 -55.64
C HIS H 142 39.06 67.10 -54.82
N THR H 143 37.79 66.71 -54.66
CA THR H 143 36.84 67.44 -53.83
C THR H 143 36.49 66.56 -52.64
N VAL H 144 36.73 67.07 -51.44
CA VAL H 144 36.45 66.35 -50.19
C VAL H 144 35.72 67.34 -49.28
N GLU H 145 34.39 67.30 -49.31
CA GLU H 145 33.55 68.04 -48.38
C GLU H 145 32.64 67.05 -47.70
N ILE H 146 32.64 67.02 -46.37
CA ILE H 146 32.00 65.95 -45.61
C ILE H 146 30.95 66.56 -44.69
N PHE H 147 29.96 65.73 -44.34
CA PHE H 147 28.79 66.17 -43.60
C PHE H 147 28.57 65.28 -42.39
N GLY H 148 28.14 65.89 -41.29
CA GLY H 148 27.81 65.17 -40.07
C GLY H 148 27.14 66.08 -39.05
N THR H 149 26.30 65.51 -38.20
CA THR H 149 25.60 66.28 -37.20
C THR H 149 26.48 66.52 -35.99
N CYS H 150 26.46 67.76 -35.47
CA CYS H 150 27.27 68.14 -34.34
C CYS H 150 26.52 67.87 -33.03
N ALA H 151 27.18 68.16 -31.91
CA ALA H 151 26.68 67.76 -30.61
C ALA H 151 25.34 68.42 -30.27
N ASP H 152 25.21 69.72 -30.56
CA ASP H 152 24.02 70.45 -30.11
C ASP H 152 22.75 69.95 -30.80
N CYS H 153 22.88 69.24 -31.92
CA CYS H 153 21.72 68.65 -32.55
C CYS H 153 21.04 67.64 -31.63
N ALA H 154 21.83 66.78 -31.00
CA ALA H 154 21.26 65.81 -30.07
C ALA H 154 20.70 66.49 -28.83
N GLY H 155 21.39 67.50 -28.33
CA GLY H 155 20.92 68.19 -27.13
C GLY H 155 19.58 68.86 -27.37
N ALA H 156 18.72 68.78 -26.35
CA ALA H 156 17.38 69.37 -26.42
C ALA H 156 17.15 70.28 -25.23
N ALA K 248 41.50 38.39 -18.80
CA ALA K 248 40.84 39.34 -17.86
C ALA K 248 41.52 40.70 -17.87
N LEU K 249 42.77 40.74 -18.31
CA LEU K 249 43.51 42.00 -18.36
C LEU K 249 42.84 42.96 -19.35
N PRO K 250 42.63 44.22 -18.99
CA PRO K 250 42.06 45.16 -19.97
C PRO K 250 43.07 45.51 -21.05
N ILE K 251 42.54 45.88 -22.22
CA ILE K 251 43.41 46.28 -23.32
C ILE K 251 44.21 47.54 -22.98
N GLU K 252 43.70 48.39 -22.09
CA GLU K 252 44.40 49.62 -21.75
C GLU K 252 45.78 49.32 -21.17
N GLU K 253 45.90 48.24 -20.39
CA GLU K 253 47.18 47.88 -19.81
C GLU K 253 48.18 47.40 -20.85
N LEU K 254 47.73 47.07 -22.06
CA LEU K 254 48.65 46.65 -23.11
C LEU K 254 49.53 47.79 -23.62
N GLU K 255 49.22 49.03 -23.24
CA GLU K 255 49.99 50.20 -23.69
C GLU K 255 50.00 50.29 -25.22
N LEU K 256 48.88 49.93 -25.84
CA LEU K 256 48.76 50.05 -27.29
C LEU K 256 48.65 51.52 -27.69
N THR K 257 48.84 51.77 -28.98
CA THR K 257 48.71 53.12 -29.49
C THR K 257 47.29 53.63 -29.32
N VAL K 258 47.15 54.96 -29.33
CA VAL K 258 45.84 55.57 -29.17
C VAL K 258 44.90 55.11 -30.28
N ARG K 259 45.41 55.10 -31.52
CA ARG K 259 44.59 54.67 -32.65
C ARG K 259 44.09 53.24 -32.45
N SER K 260 45.00 52.31 -32.16
CA SER K 260 44.60 50.90 -32.02
C SER K 260 43.68 50.71 -30.83
N TYR K 261 43.95 51.41 -29.72
CA TYR K 261 43.08 51.30 -28.55
C TYR K 261 41.66 51.77 -28.88
N ASN K 262 41.55 52.91 -29.57
CA ASN K 262 40.23 53.39 -29.98
C ASN K 262 39.55 52.40 -30.92
N CYS K 263 40.32 51.82 -31.86
CA CYS K 263 39.76 50.84 -32.77
C CYS K 263 39.17 49.66 -32.03
N LEU K 264 39.92 49.12 -31.08
CA LEU K 264 39.43 47.96 -30.32
C LEU K 264 38.25 48.34 -29.45
N LYS K 265 38.27 49.54 -28.86
CA LYS K 265 37.17 49.96 -28.00
C LYS K 265 35.88 50.11 -28.80
N ARG K 266 35.96 50.68 -30.00
CA ARG K 266 34.76 50.91 -30.80
C ARG K 266 34.08 49.61 -31.21
N GLU K 267 34.83 48.50 -31.27
CA GLU K 267 34.27 47.21 -31.65
C GLU K 267 33.83 46.37 -30.46
N GLY K 268 33.87 46.93 -29.24
CA GLY K 268 33.47 46.19 -28.06
C GLY K 268 34.55 45.34 -27.44
N ILE K 269 35.79 45.44 -27.91
CA ILE K 269 36.90 44.67 -27.37
C ILE K 269 37.50 45.47 -26.22
N HIS K 270 37.30 44.99 -25.00
CA HIS K 270 37.76 45.68 -23.80
C HIS K 270 38.72 44.86 -22.95
N SER K 271 38.96 43.59 -23.28
CA SER K 271 39.83 42.73 -22.50
C SER K 271 40.74 41.95 -23.43
N VAL K 272 41.84 41.45 -22.86
CA VAL K 272 42.80 40.68 -23.67
C VAL K 272 42.16 39.40 -24.19
N GLY K 273 41.27 38.79 -23.39
CA GLY K 273 40.61 37.58 -23.84
C GLY K 273 39.76 37.81 -25.08
N GLU K 274 38.99 38.90 -25.10
CA GLU K 274 38.18 39.22 -26.26
C GLU K 274 39.07 39.48 -27.48
N LEU K 275 40.19 40.19 -27.30
CA LEU K 275 41.10 40.44 -28.41
C LEU K 275 41.68 39.15 -28.95
N VAL K 276 42.06 38.23 -28.06
CA VAL K 276 42.60 36.94 -28.50
C VAL K 276 41.54 36.14 -29.23
N ALA K 277 40.28 36.24 -28.78
CA ALA K 277 39.20 35.50 -29.43
C ALA K 277 39.01 35.94 -30.88
N ARG K 278 39.28 37.21 -31.18
CA ARG K 278 39.14 37.72 -32.54
C ARG K 278 40.33 37.29 -33.40
N SER K 279 40.03 36.89 -34.63
CA SER K 279 41.06 36.47 -35.57
C SER K 279 41.68 37.67 -36.27
N GLU K 280 42.78 37.42 -36.97
CA GLU K 280 43.44 38.49 -37.72
C GLU K 280 42.55 39.02 -38.83
N ALA K 281 41.80 38.13 -39.49
CA ALA K 281 40.89 38.57 -40.54
C ALA K 281 39.82 39.49 -39.98
N ASP K 282 39.28 39.17 -38.81
CA ASP K 282 38.30 40.04 -38.17
C ASP K 282 38.90 41.41 -37.85
N LEU K 283 40.14 41.42 -37.33
CA LEU K 283 40.79 42.69 -37.03
C LEU K 283 41.01 43.52 -38.29
N LEU K 284 41.37 42.86 -39.39
CA LEU K 284 41.55 43.57 -40.66
C LEU K 284 40.23 44.20 -41.11
N ASP K 285 39.13 43.48 -40.95
CA ASP K 285 37.83 43.99 -41.39
C ASP K 285 37.38 45.20 -40.57
N ILE K 286 37.94 45.40 -39.38
CA ILE K 286 37.61 46.59 -38.60
C ILE K 286 38.02 47.83 -39.39
N ARG K 287 37.13 48.83 -39.42
CA ARG K 287 37.48 50.09 -40.04
C ARG K 287 38.68 50.70 -39.34
N ASN K 288 39.37 51.61 -40.05
CA ASN K 288 40.53 52.34 -39.55
C ASN K 288 41.50 51.47 -38.76
N PHE K 289 41.70 50.23 -39.21
CA PHE K 289 42.66 49.30 -38.61
C PHE K 289 43.63 48.86 -39.70
N GLY K 290 44.89 49.27 -39.56
CA GLY K 290 45.92 48.96 -40.53
C GLY K 290 46.80 47.81 -40.09
N ALA K 291 47.80 47.51 -40.94
CA ALA K 291 48.73 46.44 -40.63
C ALA K 291 49.61 46.77 -39.44
N LYS K 292 49.91 48.07 -39.23
CA LYS K 292 50.74 48.46 -38.09
C LYS K 292 50.05 48.12 -36.77
N SER K 293 48.75 48.39 -36.68
CA SER K 293 48.02 48.06 -35.46
C SER K 293 48.00 46.55 -35.23
N ILE K 294 47.82 45.77 -36.29
CA ILE K 294 47.81 44.32 -36.15
C ILE K 294 49.17 43.83 -35.67
N ASP K 295 50.25 44.38 -36.24
CA ASP K 295 51.60 43.98 -35.81
C ASP K 295 51.83 44.35 -34.36
N GLU K 296 51.40 45.53 -33.94
CA GLU K 296 51.55 45.93 -32.55
C GLU K 296 50.78 45.00 -31.61
N VAL K 297 49.55 44.64 -32.00
CA VAL K 297 48.75 43.74 -31.19
C VAL K 297 49.42 42.38 -31.10
N LYS K 298 49.94 41.87 -32.22
CA LYS K 298 50.60 40.58 -32.21
C LYS K 298 51.83 40.60 -31.31
N ALA K 299 52.64 41.65 -31.41
CA ALA K 299 53.83 41.75 -30.56
C ALA K 299 53.46 41.82 -29.09
N LYS K 300 52.43 42.62 -28.77
CA LYS K 300 52.00 42.72 -27.37
C LYS K 300 51.50 41.39 -26.85
N LEU K 301 50.71 40.68 -27.66
CA LEU K 301 50.21 39.37 -27.24
C LEU K 301 51.34 38.39 -27.04
N ALA K 302 52.35 38.41 -27.93
CA ALA K 302 53.54 37.60 -27.74
C ALA K 302 54.35 38.05 -26.53
N GLY K 303 54.11 39.26 -26.02
CA GLY K 303 54.81 39.70 -24.83
C GLY K 303 54.57 38.78 -23.64
N MET K 304 53.32 38.41 -23.40
CA MET K 304 53.01 37.46 -22.35
C MET K 304 53.08 36.03 -22.89
MG MG L . 6.40 -2.86 10.49
ZN ZN M . -32.46 5.65 -35.30
ZN ZN N . -20.91 24.47 28.72
ZN ZN O . 40.07 60.35 -70.21
ZN ZN P . 31.33 51.25 -58.15
ZN ZN Q . 34.58 55.80 -48.43
ZN ZN R . 24.32 70.70 -35.99
ZN ZN S . 37.39 77.28 -45.80
ZN ZN T . 43.05 67.84 -50.13
#